data_8K95
#
_entry.id   8K95
#
_cell.length_a   1.00
_cell.length_b   1.00
_cell.length_c   1.00
_cell.angle_alpha   90.00
_cell.angle_beta   90.00
_cell.angle_gamma   90.00
#
_symmetry.space_group_name_H-M   'P 1'
#
loop_
_entity.id
_entity.type
_entity.pdbx_description
1 polymer 'endopeptidase La'
2 non-polymer Monothiophosphate
#
_entity_poly.entity_id   1
_entity_poly.type   'polypeptide(L)'
_entity_poly.pdbx_seq_one_letter_code
;MRLSYEALEWRTPIENSTEPVSLPPPPPFFGQERAREALELAIRGGFHAYLVGPPSLGKHEALLAYLSTQSVETPPDLLY
VPLSERKVAVLTLPSGQEIHLAEAVEGLLLEVNRLDELFRQGSFLREKTQLEARFKEAREQQLEALRREAQEAGFALSTN
GERLELTGPGPVPAELSARLEEVTLGSLAASAELEVALRRLRRDWALHYLNNRFEPLFQRFPQARAYLEALRARLARYAE
TGEPLDPAQWRPNLLTSSSSGTPPPIVYEPYATAPRLFGRLDYLVDRGVWSTNVSLIRPGAVHRAQGGYLILDALSLKRE
GTWEAFKRALRNGQVEPVTEPQAPAGLEVEPFPIQMQVILVGTPEAFEGLEEDPAFSELFRIRAEFSPTLPASPENCTAL
GGWLLAQGFQLTQGGLTRLYDEARRMAEQRDRMDARLVEIRALAEEAAVLGGGLLTAESVEQAIAAREHRSFLSEEEFLR
AVQEGVIRLRTTGRAVGEVNSLVVVEAAPYWGRPARLTARAAPGRDHLISIDREAGLGGQIFHKAVLTLAGYLRSRYIEH
GSLPVTISLAFEQNYVSIEGDSAGLAELVAALSAIGNLPLRQDLAVTGAVDQTGKVLAVGAINAKVEGFFRVCKALGLSG
TQGVILPEANLANLTLRAEVLEAVRAGQFHIYAVETAEQALEILAGARMEGFRGLQEKIRAGLEAFARLEEGHDKEDREK
LAAALEHHHHHH
;
_entity_poly.pdbx_strand_id   A,B,C,D,E,F
#
loop_
_chem_comp.id
_chem_comp.type
_chem_comp.name
_chem_comp.formula
TS6 non-polymer Monothiophosphate 'H3 O3 P S'
#
# COMPACT_ATOMS: atom_id res chain seq x y z
N MET A 1 -34.76 -56.48 -16.30
CA MET A 1 -34.35 -57.87 -16.42
C MET A 1 -32.91 -58.04 -15.96
N ARG A 2 -32.61 -59.17 -15.33
CA ARG A 2 -31.26 -59.47 -14.87
C ARG A 2 -30.37 -59.70 -16.08
N LEU A 3 -29.46 -58.77 -16.34
CA LEU A 3 -28.61 -58.86 -17.52
C LEU A 3 -27.67 -60.05 -17.41
N SER A 4 -27.32 -60.62 -18.56
CA SER A 4 -26.46 -61.78 -18.63
C SER A 4 -25.05 -61.37 -19.04
N TYR A 5 -24.13 -62.34 -19.02
CA TYR A 5 -22.75 -62.07 -19.38
C TYR A 5 -22.64 -61.62 -20.82
N GLU A 6 -23.38 -62.27 -21.72
CA GLU A 6 -23.35 -61.88 -23.13
C GLU A 6 -23.92 -60.48 -23.32
N ALA A 7 -24.94 -60.13 -22.53
CA ALA A 7 -25.53 -58.80 -22.63
C ALA A 7 -24.61 -57.72 -22.09
N LEU A 8 -23.64 -58.09 -21.27
CA LEU A 8 -22.72 -57.13 -20.66
C LEU A 8 -21.33 -57.16 -21.28
N GLU A 9 -21.00 -58.20 -22.04
CA GLU A 9 -19.70 -58.26 -22.70
C GLU A 9 -19.61 -57.19 -23.78
N TRP A 10 -18.54 -56.41 -23.73
CA TRP A 10 -18.37 -55.29 -24.64
C TRP A 10 -16.96 -55.29 -25.22
N ARG A 11 -16.05 -55.97 -24.55
CA ARG A 11 -14.68 -56.06 -25.02
C ARG A 11 -14.62 -56.96 -26.25
N THR A 12 -13.95 -56.48 -27.28
CA THR A 12 -13.79 -57.27 -28.50
C THR A 12 -12.90 -58.48 -28.23
N PRO A 13 -13.27 -59.66 -28.72
CA PRO A 13 -12.46 -60.85 -28.45
C PRO A 13 -11.13 -60.80 -29.19
N ILE A 14 -10.15 -61.50 -28.63
CA ILE A 14 -8.81 -61.58 -29.20
C ILE A 14 -8.59 -62.98 -29.74
N GLU A 15 -7.87 -63.05 -30.87
CA GLU A 15 -7.62 -64.32 -31.53
C GLU A 15 -6.13 -64.47 -31.86
N ASN A 16 -5.41 -63.35 -31.88
CA ASN A 16 -3.98 -63.36 -32.17
C ASN A 16 -3.28 -62.22 -31.45
N SER A 17 -2.75 -62.49 -30.27
CA SER A 17 -1.99 -61.51 -29.51
C SER A 17 -0.50 -61.62 -29.72
N THR A 18 -0.05 -62.62 -30.48
CA THR A 18 1.37 -62.85 -30.71
C THR A 18 1.82 -62.45 -32.10
N GLU A 19 0.91 -61.88 -32.91
CA GLU A 19 1.24 -61.51 -34.28
C GLU A 19 1.32 -59.99 -34.38
N PRO A 20 2.49 -59.42 -34.62
CA PRO A 20 2.58 -57.97 -34.78
C PRO A 20 1.77 -57.51 -35.97
N VAL A 21 1.21 -56.30 -35.85
CA VAL A 21 0.31 -55.76 -36.85
C VAL A 21 0.96 -54.54 -37.49
N SER A 22 0.84 -54.45 -38.80
CA SER A 22 1.30 -53.31 -39.57
C SER A 22 0.12 -52.57 -40.17
N LEU A 23 0.03 -51.27 -39.88
CA LEU A 23 -1.12 -50.50 -40.31
C LEU A 23 -0.64 -49.22 -40.96
N PRO A 24 -1.25 -48.80 -42.06
CA PRO A 24 -0.91 -47.50 -42.65
C PRO A 24 -1.29 -46.38 -41.70
N PRO A 25 -0.49 -45.32 -41.65
CA PRO A 25 -0.81 -44.19 -40.77
C PRO A 25 -2.14 -43.56 -41.15
N PRO A 26 -2.94 -43.17 -40.18
CA PRO A 26 -4.19 -42.48 -40.47
C PRO A 26 -3.92 -41.06 -40.92
N PRO A 27 -4.84 -40.46 -41.68
CA PRO A 27 -4.71 -39.05 -42.03
C PRO A 27 -4.90 -38.19 -40.80
N PRO A 28 -4.36 -36.97 -40.80
CA PRO A 28 -4.59 -36.05 -39.67
C PRO A 28 -6.08 -35.83 -39.45
N PHE A 29 -6.46 -35.72 -38.18
CA PHE A 29 -7.86 -35.52 -37.78
C PHE A 29 -8.74 -36.68 -38.23
N PHE A 30 -8.35 -37.91 -37.92
CA PHE A 30 -9.19 -39.07 -38.22
C PHE A 30 -10.23 -39.16 -37.12
N GLY A 31 -11.50 -39.22 -37.51
CA GLY A 31 -12.57 -39.14 -36.54
C GLY A 31 -12.86 -37.74 -36.06
N GLN A 32 -12.06 -36.76 -36.47
CA GLN A 32 -12.28 -35.35 -36.16
C GLN A 32 -12.57 -34.57 -37.44
N GLU A 33 -13.45 -35.12 -38.27
CA GLU A 33 -13.73 -34.54 -39.58
C GLU A 33 -14.20 -33.09 -39.47
N ARG A 34 -15.17 -32.83 -38.59
CA ARG A 34 -15.77 -31.49 -38.50
C ARG A 34 -14.69 -30.42 -38.40
N ALA A 35 -13.73 -30.62 -37.50
CA ALA A 35 -12.61 -29.69 -37.40
C ALA A 35 -11.77 -29.68 -38.67
N ARG A 36 -11.67 -30.82 -39.36
CA ARG A 36 -10.85 -30.87 -40.57
C ARG A 36 -11.45 -30.00 -41.67
N GLU A 37 -12.74 -30.14 -41.94
CA GLU A 37 -13.37 -29.27 -42.93
C GLU A 37 -13.43 -27.83 -42.46
N ALA A 38 -13.56 -27.59 -41.15
CA ALA A 38 -13.50 -26.22 -40.66
C ALA A 38 -12.15 -25.58 -40.98
N LEU A 39 -11.06 -26.31 -40.73
CA LEU A 39 -9.74 -25.81 -41.08
C LEU A 39 -9.57 -25.67 -42.58
N GLU A 40 -10.11 -26.60 -43.36
CA GLU A 40 -10.00 -26.51 -44.80
C GLU A 40 -10.66 -25.25 -45.33
N LEU A 41 -11.88 -24.96 -44.86
CA LEU A 41 -12.57 -23.77 -45.33
C LEU A 41 -11.92 -22.51 -44.80
N ALA A 42 -11.39 -22.54 -43.58
CA ALA A 42 -10.64 -21.39 -43.07
C ALA A 42 -9.39 -21.12 -43.88
N ILE A 43 -8.67 -22.16 -44.29
CA ILE A 43 -7.50 -22.00 -45.14
C ILE A 43 -7.89 -21.45 -46.50
N ARG A 44 -8.94 -22.02 -47.10
CA ARG A 44 -9.35 -21.57 -48.44
C ARG A 44 -9.80 -20.10 -48.40
N GLY A 45 -10.56 -19.72 -47.38
CA GLY A 45 -10.95 -18.34 -47.22
C GLY A 45 -9.94 -17.45 -46.54
N GLY A 46 -8.86 -18.03 -46.01
CA GLY A 46 -7.85 -17.26 -45.32
C GLY A 46 -8.29 -16.73 -43.97
N PHE A 47 -9.42 -17.18 -43.45
CA PHE A 47 -9.94 -16.69 -42.19
C PHE A 47 -9.12 -17.22 -41.02
N HIS A 48 -9.16 -16.49 -39.92
CA HIS A 48 -8.55 -16.92 -38.68
C HIS A 48 -9.51 -17.85 -37.94
N ALA A 49 -9.04 -19.03 -37.59
CA ALA A 49 -9.85 -20.02 -36.90
C ALA A 49 -9.24 -20.32 -35.53
N TYR A 50 -9.99 -21.04 -34.70
CA TYR A 50 -9.48 -21.48 -33.41
C TYR A 50 -10.08 -22.84 -33.09
N LEU A 51 -9.21 -23.77 -32.70
CA LEU A 51 -9.61 -25.14 -32.41
C LEU A 51 -10.17 -25.22 -31.01
N VAL A 52 -11.33 -25.86 -30.87
CA VAL A 52 -12.01 -26.00 -29.59
C VAL A 52 -12.06 -27.48 -29.25
N GLY A 53 -11.59 -27.84 -28.07
CA GLY A 53 -11.63 -29.24 -27.64
C GLY A 53 -11.04 -29.43 -26.25
N PRO A 54 -11.44 -30.48 -25.50
CA PRO A 54 -10.85 -30.77 -24.20
C PRO A 54 -9.37 -31.12 -24.34
N PRO A 55 -8.52 -30.89 -23.32
CA PRO A 55 -7.09 -31.14 -23.45
C PRO A 55 -6.78 -32.63 -23.62
N SER A 56 -5.62 -32.96 -24.20
CA SER A 56 -5.18 -34.37 -24.41
C SER A 56 -5.79 -34.94 -25.69
N LEU A 57 -6.55 -34.14 -26.44
CA LEU A 57 -7.10 -34.60 -27.74
C LEU A 57 -5.95 -34.76 -28.73
N GLY A 58 -4.81 -34.10 -28.49
CA GLY A 58 -3.71 -34.13 -29.47
C GLY A 58 -3.96 -33.16 -30.60
N LYS A 59 -4.79 -32.15 -30.35
CA LYS A 59 -5.15 -31.17 -31.41
C LYS A 59 -3.88 -30.46 -31.90
N HIS A 60 -2.97 -30.11 -30.98
CA HIS A 60 -1.76 -29.34 -31.38
C HIS A 60 -0.89 -30.12 -32.37
N GLU A 61 -0.68 -31.42 -32.15
CA GLU A 61 0.27 -32.13 -33.05
C GLU A 61 -0.43 -32.54 -34.34
N ALA A 62 -1.66 -33.04 -34.28
CA ALA A 62 -2.37 -33.34 -35.51
C ALA A 62 -2.45 -32.12 -36.42
N LEU A 63 -2.61 -30.93 -35.83
CA LEU A 63 -2.69 -29.72 -36.62
C LEU A 63 -1.40 -29.46 -37.37
N LEU A 64 -0.25 -29.64 -36.70
CA LEU A 64 1.02 -29.44 -37.36
C LEU A 64 1.23 -30.43 -38.49
N ALA A 65 0.87 -31.70 -38.27
CA ALA A 65 0.99 -32.70 -39.32
C ALA A 65 0.09 -32.37 -40.49
N TYR A 66 -1.11 -31.88 -40.22
CA TYR A 66 -2.04 -31.53 -41.31
C TYR A 66 -1.53 -30.34 -42.10
N LEU A 67 -1.11 -29.26 -41.43
CA LEU A 67 -0.61 -28.10 -42.14
C LEU A 67 0.71 -28.37 -42.83
N SER A 68 1.46 -29.38 -42.38
CA SER A 68 2.66 -29.79 -43.13
C SER A 68 2.30 -30.42 -44.46
N THR A 69 1.10 -30.98 -44.59
CA THR A 69 0.63 -31.54 -45.85
C THR A 69 -0.11 -30.48 -46.67
N GLN A 70 -0.40 -29.33 -46.07
CA GLN A 70 -1.08 -28.24 -46.74
C GLN A 70 -0.12 -27.55 -47.69
N SER A 71 -0.68 -27.05 -48.80
CA SER A 71 0.11 -26.37 -49.83
C SER A 71 -0.30 -24.91 -49.88
N VAL A 72 0.70 -24.02 -49.86
CA VAL A 72 0.49 -22.60 -49.99
C VAL A 72 1.54 -22.05 -50.94
N GLU A 73 1.23 -20.91 -51.57
CA GLU A 73 2.21 -20.24 -52.40
C GLU A 73 3.37 -19.76 -51.54
N THR A 74 4.53 -19.60 -52.19
CA THR A 74 5.73 -19.19 -51.47
C THR A 74 5.53 -17.81 -50.85
N PRO A 75 5.88 -17.63 -49.59
CA PRO A 75 5.68 -16.34 -48.93
C PRO A 75 6.66 -15.31 -49.44
N PRO A 76 6.22 -14.07 -49.66
CA PRO A 76 7.14 -13.01 -50.03
C PRO A 76 8.06 -12.67 -48.86
N ASP A 77 9.27 -12.21 -49.19
CA ASP A 77 10.24 -11.84 -48.17
C ASP A 77 9.92 -10.44 -47.64
N LEU A 78 9.44 -10.38 -46.41
CA LEU A 78 9.18 -9.11 -45.75
C LEU A 78 10.27 -8.86 -44.71
N LEU A 79 10.88 -7.67 -44.76
CA LEU A 79 11.99 -7.38 -43.86
C LEU A 79 12.02 -5.90 -43.55
N TYR A 80 12.97 -5.52 -42.71
CA TYR A 80 13.17 -4.13 -42.31
C TYR A 80 14.42 -3.59 -42.99
N VAL A 81 14.30 -2.41 -43.59
CA VAL A 81 15.45 -1.73 -44.19
C VAL A 81 15.55 -0.32 -43.63
N PRO A 82 16.71 0.11 -43.18
CA PRO A 82 16.84 1.48 -42.64
C PRO A 82 16.97 2.50 -43.76
N LEU A 83 15.91 3.27 -43.98
CA LEU A 83 16.00 4.37 -44.95
C LEU A 83 17.00 5.42 -44.49
N SER A 84 16.99 5.74 -43.21
CA SER A 84 17.99 6.61 -42.60
C SER A 84 18.60 5.88 -41.42
N GLU A 85 19.48 6.58 -40.69
CA GLU A 85 20.09 5.98 -39.50
C GLU A 85 19.04 5.73 -38.42
N ARG A 86 18.02 6.59 -38.33
CA ARG A 86 16.98 6.44 -37.32
C ARG A 86 15.64 6.02 -37.89
N LYS A 87 15.47 6.02 -39.21
CA LYS A 87 14.21 5.65 -39.82
C LYS A 87 14.33 4.27 -40.45
N VAL A 88 13.38 3.39 -40.15
CA VAL A 88 13.36 2.02 -40.66
C VAL A 88 12.01 1.79 -41.31
N ALA A 89 12.02 1.32 -42.55
CA ALA A 89 10.81 1.03 -43.30
C ALA A 89 10.71 -0.47 -43.58
N VAL A 90 9.56 -0.87 -44.11
CA VAL A 90 9.26 -2.26 -44.44
C VAL A 90 9.51 -2.47 -45.92
N LEU A 91 10.30 -3.49 -46.25
CA LEU A 91 10.60 -3.84 -47.63
C LEU A 91 10.02 -5.21 -47.95
N THR A 92 9.37 -5.30 -49.11
CA THR A 92 8.79 -6.54 -49.60
C THR A 92 9.51 -6.93 -50.88
N LEU A 93 9.98 -8.16 -50.94
CA LEU A 93 10.76 -8.69 -52.04
C LEU A 93 10.20 -10.04 -52.45
N PRO A 94 10.46 -10.47 -53.68
CA PRO A 94 10.11 -11.84 -54.06
C PRO A 94 10.88 -12.85 -53.22
N SER A 95 10.33 -14.06 -53.15
CA SER A 95 10.88 -15.11 -52.30
C SER A 95 12.27 -15.49 -52.79
N GLY A 96 13.25 -15.44 -51.88
CA GLY A 96 14.62 -15.78 -52.19
C GLY A 96 15.49 -14.63 -52.62
N GLN A 97 14.96 -13.41 -52.66
CA GLN A 97 15.72 -12.27 -53.13
C GLN A 97 16.34 -11.44 -52.00
N GLU A 98 15.97 -11.70 -50.76
CA GLU A 98 16.48 -10.89 -49.66
C GLU A 98 17.95 -11.12 -49.39
N ILE A 99 18.45 -12.35 -49.63
CA ILE A 99 19.86 -12.63 -49.40
C ILE A 99 20.73 -11.93 -50.45
N HIS A 100 20.29 -11.94 -51.71
CA HIS A 100 21.02 -11.25 -52.76
C HIS A 100 21.05 -9.75 -52.50
N LEU A 101 19.91 -9.19 -52.08
CA LEU A 101 19.89 -7.77 -51.73
C LEU A 101 20.79 -7.49 -50.52
N ALA A 102 20.84 -8.41 -49.56
CA ALA A 102 21.69 -8.22 -48.39
C ALA A 102 23.17 -8.17 -48.79
N GLU A 103 23.60 -9.12 -49.63
CA GLU A 103 25.00 -9.11 -50.05
C GLU A 103 25.30 -7.91 -50.94
N ALA A 104 24.35 -7.49 -51.77
CA ALA A 104 24.55 -6.27 -52.57
C ALA A 104 24.68 -5.06 -51.67
N VAL A 105 23.88 -4.99 -50.61
CA VAL A 105 23.95 -3.87 -49.67
C VAL A 105 25.28 -3.87 -48.95
N GLU A 106 25.77 -5.04 -48.57
CA GLU A 106 27.09 -5.13 -47.95
C GLU A 106 28.18 -4.65 -48.91
N GLY A 107 28.08 -5.03 -50.19
CA GLY A 107 29.03 -4.53 -51.17
C GLY A 107 28.99 -3.02 -51.32
N LEU A 108 27.78 -2.45 -51.38
CA LEU A 108 27.67 -0.99 -51.47
C LEU A 108 28.22 -0.32 -50.23
N LEU A 109 28.00 -0.92 -49.06
CA LEU A 109 28.54 -0.37 -47.83
C LEU A 109 30.08 -0.37 -47.85
N LEU A 110 30.68 -1.46 -48.36
CA LEU A 110 32.13 -1.50 -48.43
C LEU A 110 32.68 -0.68 -49.59
N GLU A 111 31.84 -0.23 -50.51
CA GLU A 111 32.32 0.64 -51.58
C GLU A 111 32.87 1.98 -51.09
N VAL A 112 32.81 2.27 -49.79
CA VAL A 112 33.41 3.51 -49.30
C VAL A 112 34.91 3.50 -49.52
N ASN A 113 35.56 2.34 -49.32
CA ASN A 113 36.99 2.24 -49.59
C ASN A 113 37.29 2.41 -51.07
N ARG A 114 36.43 1.86 -51.93
CA ARG A 114 36.61 2.05 -53.37
C ARG A 114 36.49 3.53 -53.74
N LEU A 115 35.53 4.23 -53.14
CA LEU A 115 35.41 5.67 -53.37
C LEU A 115 36.65 6.41 -52.90
N ASP A 116 37.17 6.05 -51.73
CA ASP A 116 38.38 6.69 -51.21
C ASP A 116 39.56 6.47 -52.15
N GLU A 117 39.72 5.24 -52.65
CA GLU A 117 40.81 4.97 -53.59
C GLU A 117 40.60 5.71 -54.90
N LEU A 118 39.36 5.89 -55.32
CA LEU A 118 39.08 6.70 -56.51
C LEU A 118 39.46 8.15 -56.29
N PHE A 119 39.28 8.65 -55.06
CA PHE A 119 39.71 10.00 -54.73
C PHE A 119 41.22 10.18 -54.79
N ARG A 120 41.98 9.10 -54.83
CA ARG A 120 43.44 9.18 -54.94
C ARG A 120 43.94 8.96 -56.36
N GLN A 121 43.06 8.88 -57.35
CA GLN A 121 43.49 8.65 -58.72
C GLN A 121 44.04 9.93 -59.35
N GLY A 122 44.65 9.77 -60.51
CA GLY A 122 45.30 10.86 -61.21
C GLY A 122 44.37 11.96 -61.69
N SER A 123 43.25 11.58 -62.29
CA SER A 123 42.31 12.58 -62.81
C SER A 123 41.70 13.41 -61.68
N PHE A 124 41.38 12.75 -60.56
CA PHE A 124 40.84 13.46 -59.40
C PHE A 124 41.77 14.60 -58.98
N LEU A 125 43.05 14.28 -58.76
CA LEU A 125 43.98 15.28 -58.27
C LEU A 125 44.36 16.28 -59.36
N ARG A 126 44.34 15.86 -60.62
CA ARG A 126 44.55 16.80 -61.72
C ARG A 126 43.47 17.87 -61.72
N GLU A 127 42.20 17.48 -61.66
CA GLU A 127 41.13 18.48 -61.65
C GLU A 127 41.11 19.26 -60.35
N LYS A 128 41.50 18.62 -59.24
CA LYS A 128 41.59 19.31 -57.97
C LYS A 128 42.64 20.42 -58.01
N THR A 129 43.81 20.11 -58.58
CA THR A 129 44.85 21.13 -58.73
C THR A 129 44.42 22.21 -59.71
N GLN A 130 43.69 21.84 -60.76
CA GLN A 130 43.17 22.84 -61.68
C GLN A 130 42.23 23.81 -60.98
N LEU A 131 41.31 23.28 -60.16
CA LEU A 131 40.38 24.12 -59.43
C LEU A 131 41.10 25.01 -58.42
N GLU A 132 42.07 24.43 -57.71
CA GLU A 132 42.84 25.21 -56.74
C GLU A 132 43.63 26.32 -57.43
N ALA A 133 44.24 26.00 -58.57
CA ALA A 133 44.98 27.01 -59.33
C ALA A 133 44.07 28.12 -59.83
N ARG A 134 42.86 27.76 -60.28
CA ARG A 134 41.91 28.78 -60.74
C ARG A 134 41.51 29.72 -59.60
N PHE A 135 41.14 29.15 -58.45
CA PHE A 135 40.75 29.98 -57.32
C PHE A 135 41.91 30.84 -56.84
N LYS A 136 43.11 30.26 -56.75
CA LYS A 136 44.28 31.00 -56.32
C LYS A 136 44.64 32.11 -57.31
N GLU A 137 44.48 31.85 -58.61
CA GLU A 137 44.75 32.87 -59.61
C GLU A 137 43.76 34.03 -59.50
N ALA A 138 42.48 33.72 -59.28
CA ALA A 138 41.49 34.79 -59.08
C ALA A 138 41.81 35.61 -57.84
N ARG A 139 42.14 34.93 -56.74
CA ARG A 139 42.46 35.63 -55.51
C ARG A 139 43.72 36.49 -55.67
N GLU A 140 44.73 35.97 -56.38
CA GLU A 140 45.95 36.73 -56.60
C GLU A 140 45.71 37.91 -57.52
N GLN A 141 44.81 37.77 -58.49
CA GLN A 141 44.44 38.92 -59.33
C GLN A 141 43.76 39.99 -58.50
N GLN A 142 42.87 39.60 -57.59
CA GLN A 142 42.26 40.58 -56.69
C GLN A 142 43.32 41.26 -55.82
N LEU A 143 44.27 40.46 -55.31
CA LEU A 143 45.34 41.02 -54.49
C LEU A 143 46.19 42.00 -55.28
N GLU A 144 46.50 41.68 -56.54
CA GLU A 144 47.27 42.58 -57.39
C GLU A 144 46.50 43.85 -57.68
N ALA A 145 45.18 43.77 -57.89
CA ALA A 145 44.38 44.97 -58.08
C ALA A 145 44.42 45.85 -56.84
N LEU A 146 44.29 45.24 -55.65
CA LEU A 146 44.37 46.02 -54.42
C LEU A 146 45.75 46.66 -54.26
N ARG A 147 46.81 45.91 -54.59
CA ARG A 147 48.16 46.46 -54.49
C ARG A 147 48.36 47.62 -55.44
N ARG A 148 47.84 47.51 -56.67
CA ARG A 148 47.92 48.62 -57.62
C ARG A 148 47.17 49.84 -57.11
N GLU A 149 45.97 49.64 -56.56
CA GLU A 149 45.22 50.76 -56.01
C GLU A 149 45.96 51.41 -54.85
N ALA A 150 46.55 50.62 -53.97
CA ALA A 150 47.31 51.16 -52.85
C ALA A 150 48.53 51.94 -53.33
N GLN A 151 49.25 51.39 -54.31
CA GLN A 151 50.42 52.08 -54.86
C GLN A 151 50.04 53.36 -55.58
N GLU A 152 48.83 53.44 -56.13
CA GLU A 152 48.35 54.70 -56.66
C GLU A 152 48.22 55.75 -55.58
N ALA A 153 47.76 55.35 -54.39
CA ALA A 153 47.62 56.25 -53.25
C ALA A 153 48.89 56.35 -52.41
N GLY A 154 49.91 55.55 -52.72
CA GLY A 154 51.17 55.61 -51.99
C GLY A 154 51.28 54.67 -50.81
N PHE A 155 50.38 53.70 -50.69
CA PHE A 155 50.42 52.72 -49.62
C PHE A 155 50.91 51.38 -50.15
N ALA A 156 51.46 50.56 -49.25
CA ALA A 156 51.96 49.24 -49.59
C ALA A 156 51.03 48.18 -49.03
N LEU A 157 50.75 47.15 -49.83
CA LEU A 157 49.86 46.07 -49.44
C LEU A 157 50.68 44.96 -48.81
N SER A 158 50.49 44.74 -47.51
CA SER A 158 51.19 43.69 -46.78
C SER A 158 50.20 42.56 -46.47
N THR A 159 50.48 41.37 -46.98
CA THR A 159 49.62 40.22 -46.75
C THR A 159 50.12 39.43 -45.55
N ASN A 160 49.20 39.14 -44.63
CA ASN A 160 49.52 38.34 -43.43
C ASN A 160 48.79 37.02 -43.50
N GLY A 161 48.77 36.42 -44.68
CA GLY A 161 47.98 35.22 -44.92
C GLY A 161 46.66 35.56 -45.61
N GLU A 162 45.55 35.19 -44.99
CA GLU A 162 44.24 35.56 -45.51
C GLU A 162 43.91 37.03 -45.23
N ARG A 163 44.49 37.60 -44.18
CA ARG A 163 44.25 39.00 -43.84
C ARG A 163 45.25 39.90 -44.56
N LEU A 164 44.88 41.17 -44.70
CA LEU A 164 45.68 42.15 -45.41
C LEU A 164 45.77 43.43 -44.59
N GLU A 165 46.86 44.17 -44.81
CA GLU A 165 47.07 45.45 -44.17
C GLU A 165 47.67 46.42 -45.17
N LEU A 166 47.53 47.71 -44.86
CA LEU A 166 48.11 48.77 -45.66
C LEU A 166 49.13 49.53 -44.82
N THR A 167 50.38 49.54 -45.30
CA THR A 167 51.48 50.19 -44.60
C THR A 167 51.84 51.49 -45.32
N GLY A 168 51.93 52.57 -44.55
CA GLY A 168 52.27 53.86 -45.09
C GLY A 168 52.21 54.95 -44.03
N PRO A 169 52.51 56.19 -44.41
CA PRO A 169 52.47 57.29 -43.44
C PRO A 169 51.06 57.62 -42.99
N GLY A 170 50.74 57.29 -41.74
CA GLY A 170 49.45 57.62 -41.18
C GLY A 170 48.37 56.62 -41.54
N PRO A 171 47.21 56.74 -40.91
CA PRO A 171 46.08 55.86 -41.24
C PRO A 171 45.62 56.07 -42.68
N VAL A 172 45.12 55.00 -43.27
CA VAL A 172 44.63 55.04 -44.65
C VAL A 172 43.30 55.79 -44.68
N PRO A 173 42.91 56.38 -45.81
CA PRO A 173 41.59 57.01 -45.90
C PRO A 173 40.47 56.03 -45.64
N ALA A 174 39.25 56.55 -45.44
CA ALA A 174 38.10 55.68 -45.20
C ALA A 174 37.84 54.77 -46.39
N GLU A 175 37.94 55.31 -47.60
CA GLU A 175 37.75 54.49 -48.80
C GLU A 175 38.86 53.47 -48.97
N LEU A 176 40.11 53.84 -48.68
CA LEU A 176 41.20 52.86 -48.78
C LEU A 176 41.03 51.73 -47.79
N SER A 177 40.66 52.05 -46.55
CA SER A 177 40.39 51.03 -45.54
C SER A 177 39.22 50.16 -45.93
N ALA A 178 38.16 50.76 -46.49
CA ALA A 178 37.02 49.99 -46.96
C ALA A 178 37.43 49.02 -48.07
N ARG A 179 38.19 49.51 -49.05
CA ARG A 179 38.66 48.65 -50.14
C ARG A 179 39.51 47.51 -49.61
N LEU A 180 40.38 47.81 -48.64
CA LEU A 180 41.15 46.78 -47.98
C LEU A 180 40.26 45.73 -47.34
N GLU A 181 39.21 46.18 -46.65
CA GLU A 181 38.29 45.26 -45.97
C GLU A 181 37.54 44.38 -46.96
N GLU A 182 36.99 44.93 -48.05
CA GLU A 182 36.28 44.07 -49.00
C GLU A 182 37.23 43.13 -49.74
N VAL A 183 38.48 43.55 -49.98
CA VAL A 183 39.42 42.61 -50.60
C VAL A 183 39.76 41.48 -49.64
N THR A 184 39.96 41.79 -48.36
CA THR A 184 40.23 40.73 -47.38
C THR A 184 39.03 39.79 -47.26
N LEU A 185 37.82 40.36 -47.22
CA LEU A 185 36.62 39.53 -47.14
C LEU A 185 36.47 38.65 -48.38
N GLY A 186 36.79 39.20 -49.56
CA GLY A 186 36.75 38.39 -50.77
C GLY A 186 37.79 37.28 -50.77
N SER A 187 38.97 37.54 -50.22
CA SER A 187 39.97 36.47 -50.09
C SER A 187 39.47 35.36 -49.16
N LEU A 188 38.86 35.74 -48.04
CA LEU A 188 38.29 34.75 -47.12
C LEU A 188 37.19 33.95 -47.82
N ALA A 189 36.33 34.65 -48.56
CA ALA A 189 35.25 33.99 -49.27
C ALA A 189 35.80 33.07 -50.36
N ALA A 190 36.88 33.47 -51.02
CA ALA A 190 37.52 32.62 -52.01
C ALA A 190 38.07 31.35 -51.39
N SER A 191 38.70 31.47 -50.21
CA SER A 191 39.19 30.28 -49.52
C SER A 191 38.04 29.35 -49.14
N ALA A 192 36.96 29.90 -48.57
CA ALA A 192 35.82 29.08 -48.21
C ALA A 192 35.18 28.44 -49.43
N GLU A 193 35.11 29.20 -50.54
CA GLU A 193 34.56 28.68 -51.77
C GLU A 193 35.41 27.56 -52.34
N LEU A 194 36.74 27.69 -52.26
CA LEU A 194 37.61 26.60 -52.68
C LEU A 194 37.37 25.35 -51.85
N GLU A 195 37.23 25.51 -50.53
CA GLU A 195 36.99 24.35 -49.67
C GLU A 195 35.67 23.67 -50.03
N VAL A 196 34.59 24.45 -50.09
CA VAL A 196 33.28 23.88 -50.40
C VAL A 196 33.25 23.34 -51.82
N ALA A 197 34.08 23.89 -52.72
CA ALA A 197 34.12 23.41 -54.09
C ALA A 197 34.83 22.07 -54.19
N LEU A 198 35.91 21.90 -53.43
CA LEU A 198 36.53 20.57 -53.35
C LEU A 198 35.55 19.55 -52.77
N ARG A 199 34.83 19.94 -51.72
CA ARG A 199 33.83 19.03 -51.16
C ARG A 199 32.74 18.69 -52.16
N ARG A 200 32.25 19.70 -52.89
CA ARG A 200 31.19 19.47 -53.88
C ARG A 200 31.70 18.61 -55.03
N LEU A 201 32.94 18.82 -55.46
CA LEU A 201 33.52 17.97 -56.50
C LEU A 201 33.61 16.53 -56.04
N ARG A 202 34.05 16.31 -54.78
CA ARG A 202 34.09 14.95 -54.25
C ARG A 202 32.71 14.32 -54.24
N ARG A 203 31.71 15.07 -53.77
CA ARG A 203 30.35 14.53 -53.73
C ARG A 203 29.83 14.21 -55.13
N ASP A 204 30.06 15.12 -56.08
CA ASP A 204 29.56 14.93 -57.44
C ASP A 204 30.20 13.72 -58.09
N TRP A 205 31.52 13.55 -57.92
CA TRP A 205 32.19 12.41 -58.52
C TRP A 205 31.82 11.12 -57.82
N ALA A 206 31.57 11.17 -56.51
CA ALA A 206 31.06 10.00 -55.81
C ALA A 206 29.70 9.60 -56.34
N LEU A 207 28.82 10.59 -56.56
CA LEU A 207 27.51 10.30 -57.12
C LEU A 207 27.62 9.72 -58.53
N HIS A 208 28.51 10.27 -59.34
CA HIS A 208 28.72 9.77 -60.69
C HIS A 208 29.23 8.33 -60.67
N TYR A 209 30.16 8.03 -59.79
CA TYR A 209 30.69 6.67 -59.69
C TYR A 209 29.62 5.71 -59.18
N LEU A 210 28.84 6.12 -58.18
CA LEU A 210 27.81 5.26 -57.61
C LEU A 210 26.64 5.03 -58.55
N ASN A 211 26.35 5.97 -59.46
CA ASN A 211 25.29 5.74 -60.42
C ASN A 211 25.52 4.45 -61.19
N ASN A 212 26.63 4.39 -61.96
CA ASN A 212 26.92 3.23 -62.78
C ASN A 212 26.99 1.93 -62.00
N ARG A 213 27.29 1.99 -60.70
CA ARG A 213 27.22 0.81 -59.86
C ARG A 213 25.82 0.51 -59.36
N PHE A 214 24.90 1.48 -59.43
CA PHE A 214 23.55 1.30 -58.92
C PHE A 214 22.51 0.94 -59.98
N GLU A 215 22.66 1.40 -61.23
CA GLU A 215 21.64 1.02 -62.23
C GLU A 215 21.52 -0.49 -62.41
N PRO A 216 22.60 -1.27 -62.47
CA PRO A 216 22.41 -2.73 -62.48
C PRO A 216 21.64 -3.24 -61.27
N LEU A 217 21.91 -2.68 -60.09
CA LEU A 217 21.13 -3.03 -58.91
C LEU A 217 19.74 -2.41 -58.93
N PHE A 218 19.59 -1.26 -59.60
CA PHE A 218 18.26 -0.71 -59.80
C PHE A 218 17.38 -1.64 -60.61
N GLN A 219 17.95 -2.26 -61.65
CA GLN A 219 17.19 -3.21 -62.45
C GLN A 219 17.05 -4.56 -61.74
N ARG A 220 18.06 -4.96 -60.96
CA ARG A 220 18.02 -6.28 -60.33
C ARG A 220 16.93 -6.37 -59.27
N PHE A 221 16.76 -5.32 -58.47
CA PHE A 221 15.74 -5.30 -57.41
C PHE A 221 14.82 -4.11 -57.63
N PRO A 222 13.76 -4.29 -58.41
CA PRO A 222 12.84 -3.16 -58.66
C PRO A 222 12.17 -2.63 -57.41
N GLN A 223 11.96 -3.47 -56.40
CA GLN A 223 11.20 -3.05 -55.23
C GLN A 223 12.05 -2.27 -54.24
N ALA A 224 13.37 -2.28 -54.40
CA ALA A 224 14.28 -1.70 -53.43
C ALA A 224 14.77 -0.31 -53.83
N ARG A 225 13.93 0.52 -54.46
CA ARG A 225 14.39 1.82 -54.92
C ARG A 225 14.65 2.77 -53.76
N ALA A 226 13.71 2.86 -52.82
CA ALA A 226 13.85 3.83 -51.74
C ALA A 226 15.09 3.56 -50.91
N TYR A 227 15.27 2.31 -50.47
CA TYR A 227 16.37 1.97 -49.59
C TYR A 227 17.72 2.12 -50.29
N LEU A 228 17.82 1.63 -51.53
CA LEU A 228 19.08 1.72 -52.25
C LEU A 228 19.44 3.16 -52.57
N GLU A 229 18.44 3.96 -52.97
CA GLU A 229 18.70 5.36 -53.25
C GLU A 229 19.10 6.11 -51.99
N ALA A 230 18.47 5.78 -50.86
CA ALA A 230 18.86 6.40 -49.60
C ALA A 230 20.29 6.03 -49.22
N LEU A 231 20.66 4.77 -49.45
CA LEU A 231 22.03 4.35 -49.18
C LEU A 231 23.03 5.09 -50.07
N ARG A 232 22.69 5.24 -51.35
CA ARG A 232 23.58 5.97 -52.26
C ARG A 232 23.70 7.43 -51.86
N ALA A 233 22.59 8.04 -51.45
CA ALA A 233 22.64 9.41 -50.94
C ALA A 233 23.50 9.52 -49.68
N ARG A 234 23.41 8.55 -48.78
CA ARG A 234 24.27 8.53 -47.60
C ARG A 234 25.74 8.38 -47.96
N LEU A 235 26.07 7.54 -48.93
CA LEU A 235 27.46 7.42 -49.37
C LEU A 235 27.95 8.73 -49.99
N ALA A 236 27.11 9.39 -50.78
CA ALA A 236 27.48 10.68 -51.33
C ALA A 236 27.70 11.71 -50.22
N ARG A 237 26.84 11.70 -49.20
CA ARG A 237 27.02 12.59 -48.06
C ARG A 237 28.32 12.32 -47.33
N TYR A 238 28.65 11.04 -47.14
CA TYR A 238 29.92 10.66 -46.54
C TYR A 238 31.09 11.17 -47.38
N ALA A 239 30.94 11.17 -48.71
CA ALA A 239 32.01 11.64 -49.58
C ALA A 239 32.30 13.12 -49.36
N GLU A 240 31.27 13.94 -49.19
CA GLU A 240 31.45 15.38 -49.00
C GLU A 240 31.55 15.76 -47.52
N THR A 241 30.53 15.45 -46.74
CA THR A 241 30.52 15.87 -45.33
C THR A 241 31.61 15.16 -44.54
N GLY A 242 31.96 13.93 -44.92
CA GLY A 242 32.95 13.18 -44.18
C GLY A 242 32.51 12.81 -42.78
N GLU A 243 31.21 12.74 -42.55
CA GLU A 243 30.70 12.37 -41.24
C GLU A 243 31.06 10.92 -40.93
N PRO A 244 31.18 10.57 -39.64
CA PRO A 244 31.45 9.17 -39.28
C PRO A 244 30.37 8.24 -39.80
N LEU A 245 30.76 7.07 -40.29
CA LEU A 245 29.82 6.11 -40.84
C LEU A 245 29.82 4.87 -39.98
N ASP A 246 28.64 4.48 -39.52
CA ASP A 246 28.47 3.26 -38.74
C ASP A 246 27.73 2.24 -39.59
N PRO A 247 28.42 1.26 -40.17
CA PRO A 247 27.74 0.26 -40.99
C PRO A 247 26.78 -0.64 -40.22
N ALA A 248 26.87 -0.68 -38.90
CA ALA A 248 25.98 -1.48 -38.07
C ALA A 248 24.58 -0.90 -38.02
N GLN A 249 24.40 0.35 -38.42
CA GLN A 249 23.10 0.99 -38.46
C GLN A 249 22.46 0.92 -39.86
N TRP A 250 23.09 0.20 -40.79
CA TRP A 250 22.56 0.14 -42.15
C TRP A 250 22.48 -1.27 -42.71
N ARG A 251 22.53 -2.30 -41.87
CA ARG A 251 22.31 -3.65 -42.36
C ARG A 251 20.87 -3.82 -42.83
N PRO A 252 20.64 -4.62 -43.86
CA PRO A 252 19.27 -5.06 -44.17
C PRO A 252 18.84 -6.08 -43.13
N ASN A 253 17.96 -5.67 -42.23
CA ASN A 253 17.58 -6.50 -41.09
C ASN A 253 16.63 -7.59 -41.58
N LEU A 254 17.20 -8.71 -42.02
CA LEU A 254 16.40 -9.85 -42.48
C LEU A 254 15.72 -10.48 -41.27
N LEU A 255 14.48 -10.06 -41.01
CA LEU A 255 13.70 -10.61 -39.91
C LEU A 255 13.10 -11.97 -40.27
N THR A 256 13.20 -12.39 -41.52
CA THR A 256 12.63 -13.65 -41.97
C THR A 256 13.68 -14.43 -42.74
N SER A 257 13.29 -15.62 -43.20
CA SER A 257 14.14 -16.46 -44.02
C SER A 257 13.35 -16.91 -45.24
N SER A 258 14.07 -17.19 -46.32
CA SER A 258 13.44 -17.59 -47.58
C SER A 258 12.75 -18.93 -47.39
N SER A 259 11.42 -18.92 -47.45
CA SER A 259 10.62 -20.13 -47.28
C SER A 259 10.00 -20.53 -48.62
N SER A 260 10.12 -21.81 -48.94
CA SER A 260 9.61 -22.34 -50.20
C SER A 260 8.08 -22.46 -50.19
N GLY A 261 7.45 -22.39 -49.03
CA GLY A 261 6.02 -22.58 -48.93
C GLY A 261 5.57 -24.02 -48.87
N THR A 262 6.50 -24.97 -48.98
CA THR A 262 6.20 -26.39 -48.92
C THR A 262 7.30 -27.09 -48.14
N PRO A 263 7.10 -27.36 -46.84
CA PRO A 263 5.90 -27.03 -46.08
C PRO A 263 5.77 -25.55 -45.76
N PRO A 264 4.54 -25.09 -45.52
CA PRO A 264 4.30 -23.68 -45.21
C PRO A 264 5.01 -23.28 -43.93
N PRO A 265 5.38 -22.00 -43.80
CA PRO A 265 6.01 -21.55 -42.54
C PRO A 265 5.03 -21.66 -41.38
N ILE A 266 5.35 -22.55 -40.43
CA ILE A 266 4.50 -22.85 -39.30
C ILE A 266 5.24 -22.44 -38.04
N VAL A 267 4.66 -21.53 -37.26
CA VAL A 267 5.30 -21.16 -35.96
C VAL A 267 4.26 -21.29 -34.85
N TYR A 268 4.62 -21.98 -33.76
CA TYR A 268 3.70 -22.13 -32.60
C TYR A 268 4.39 -21.57 -31.36
N GLU A 269 3.69 -20.73 -30.60
CA GLU A 269 4.27 -20.25 -29.32
C GLU A 269 3.66 -21.06 -28.19
N PRO A 270 4.47 -21.78 -27.37
CA PRO A 270 3.92 -22.49 -26.23
C PRO A 270 3.31 -21.42 -25.33
N TYR A 271 4.01 -20.29 -25.16
CA TYR A 271 3.43 -19.15 -24.41
C TYR A 271 3.72 -17.90 -25.26
N ALA A 272 2.77 -16.98 -25.36
CA ALA A 272 2.98 -15.82 -26.20
C ALA A 272 2.83 -14.54 -25.39
N THR A 273 3.81 -13.65 -25.50
CA THR A 273 3.76 -12.32 -24.94
C THR A 273 4.07 -11.31 -26.02
N ALA A 274 3.94 -10.03 -25.68
CA ALA A 274 4.24 -8.97 -26.63
C ALA A 274 5.68 -9.03 -27.15
N PRO A 275 6.72 -9.13 -26.32
CA PRO A 275 8.08 -9.24 -26.88
C PRO A 275 8.28 -10.50 -27.71
N ARG A 276 7.63 -11.60 -27.34
CA ARG A 276 7.79 -12.84 -28.11
C ARG A 276 7.03 -12.78 -29.42
N LEU A 277 5.83 -12.19 -29.42
CA LEU A 277 5.02 -12.15 -30.63
C LEU A 277 5.48 -11.07 -31.58
N PHE A 278 5.44 -9.81 -31.14
CA PHE A 278 5.71 -8.68 -32.00
C PHE A 278 7.20 -8.38 -32.13
N GLY A 279 8.05 -9.13 -31.43
CA GLY A 279 9.46 -8.83 -31.39
C GLY A 279 9.75 -7.70 -30.42
N ARG A 280 11.05 -7.44 -30.24
CA ARG A 280 11.50 -6.39 -29.35
C ARG A 280 12.73 -5.73 -29.95
N LEU A 281 13.01 -4.51 -29.50
CA LEU A 281 14.19 -3.78 -29.91
C LEU A 281 15.19 -3.80 -28.76
N ASP A 282 16.38 -4.31 -29.05
CA ASP A 282 17.44 -4.41 -28.05
C ASP A 282 18.21 -3.11 -27.95
N TYR A 283 18.91 -2.95 -26.83
CA TYR A 283 19.73 -1.77 -26.57
C TYR A 283 21.05 -2.22 -25.98
N LEU A 284 22.09 -1.42 -26.18
CA LEU A 284 23.39 -1.70 -25.61
C LEU A 284 23.82 -0.53 -24.72
N VAL A 285 24.51 -0.87 -23.63
CA VAL A 285 24.98 0.09 -22.65
C VAL A 285 26.49 0.18 -22.76
N ASP A 286 26.99 1.35 -23.10
CA ASP A 286 28.42 1.63 -23.19
C ASP A 286 28.77 2.51 -21.98
N ARG A 287 29.27 1.86 -20.92
CA ARG A 287 29.72 2.52 -19.70
C ARG A 287 28.61 3.35 -19.05
N GLY A 288 27.36 3.09 -19.43
CA GLY A 288 26.24 3.82 -18.88
C GLY A 288 25.43 4.57 -19.93
N VAL A 289 25.87 4.50 -21.17
CA VAL A 289 25.23 5.22 -22.28
C VAL A 289 24.35 4.25 -23.05
N TRP A 290 23.07 4.61 -23.21
CA TRP A 290 22.11 3.77 -23.93
C TRP A 290 22.21 4.04 -25.43
N SER A 291 22.23 2.96 -26.21
CA SER A 291 22.32 3.08 -27.66
C SER A 291 21.56 1.95 -28.33
N THR A 292 21.23 2.16 -29.61
CA THR A 292 20.47 1.20 -30.39
C THR A 292 20.72 1.45 -31.87
N ASN A 293 20.37 0.46 -32.68
CA ASN A 293 20.52 0.55 -34.13
C ASN A 293 19.39 -0.22 -34.80
N VAL A 294 19.51 -0.35 -36.13
CA VAL A 294 18.48 -1.01 -36.92
C VAL A 294 18.44 -2.51 -36.64
N SER A 295 19.59 -3.14 -36.45
CA SER A 295 19.67 -4.60 -36.39
C SER A 295 19.46 -5.15 -34.99
N LEU A 296 19.20 -4.30 -34.01
CA LEU A 296 18.91 -4.74 -32.66
C LEU A 296 17.47 -5.19 -32.48
N ILE A 297 16.64 -5.03 -33.51
CA ILE A 297 15.27 -5.54 -33.48
C ILE A 297 15.30 -7.04 -33.72
N ARG A 298 14.72 -7.79 -32.79
CA ARG A 298 14.72 -9.24 -32.91
C ARG A 298 13.37 -9.73 -33.42
N PRO A 299 13.35 -10.54 -34.47
CA PRO A 299 12.08 -11.02 -35.02
C PRO A 299 11.33 -11.86 -34.00
N GLY A 300 10.01 -11.69 -34.00
CA GLY A 300 9.14 -12.41 -33.11
C GLY A 300 8.36 -13.50 -33.82
N ALA A 301 7.34 -14.01 -33.12
CA ALA A 301 6.44 -15.00 -33.72
C ALA A 301 5.67 -14.40 -34.88
N VAL A 302 5.33 -13.12 -34.81
CA VAL A 302 4.61 -12.46 -35.89
C VAL A 302 5.44 -12.47 -37.16
N HIS A 303 6.72 -12.12 -37.05
CA HIS A 303 7.55 -11.99 -38.24
C HIS A 303 7.92 -13.35 -38.80
N ARG A 304 8.24 -14.31 -37.93
CA ARG A 304 8.68 -15.61 -38.38
C ARG A 304 7.58 -16.42 -39.06
N ALA A 305 6.32 -16.07 -38.81
CA ALA A 305 5.18 -16.79 -39.39
C ALA A 305 4.62 -16.10 -40.63
N GLN A 306 5.30 -15.08 -41.12
CA GLN A 306 4.81 -14.29 -42.25
C GLN A 306 4.57 -15.19 -43.45
N GLY A 307 3.41 -15.02 -44.10
CA GLY A 307 3.07 -15.83 -45.25
C GLY A 307 2.61 -17.23 -44.91
N GLY A 308 2.38 -17.51 -43.64
CA GLY A 308 1.98 -18.84 -43.23
C GLY A 308 0.96 -18.85 -42.11
N TYR A 309 1.14 -19.75 -41.14
CA TYR A 309 0.20 -19.90 -40.05
C TYR A 309 0.92 -19.72 -38.73
N LEU A 310 0.29 -18.98 -37.82
CA LEU A 310 0.79 -18.76 -36.47
C LEU A 310 -0.18 -19.42 -35.49
N ILE A 311 0.25 -20.50 -34.86
CA ILE A 311 -0.57 -21.23 -33.92
C ILE A 311 -0.28 -20.69 -32.52
N LEU A 312 -1.32 -20.18 -31.85
CA LEU A 312 -1.10 -19.54 -30.52
C LEU A 312 -1.91 -20.21 -29.42
N ASP A 313 -1.28 -20.52 -28.30
CA ASP A 313 -2.03 -21.08 -27.14
C ASP A 313 -2.92 -19.97 -26.59
N ALA A 314 -4.14 -20.29 -26.17
CA ALA A 314 -5.09 -19.24 -25.72
C ALA A 314 -4.94 -19.03 -24.21
N LEU A 315 -4.88 -20.11 -23.43
CA LEU A 315 -4.60 -19.99 -22.00
C LEU A 315 -3.41 -19.07 -21.76
N SER A 316 -2.40 -19.13 -22.61
CA SER A 316 -1.27 -18.21 -22.46
C SER A 316 -1.66 -16.78 -22.78
N LEU A 317 -2.51 -16.58 -23.79
CA LEU A 317 -2.95 -15.23 -24.14
C LEU A 317 -3.73 -14.59 -23.00
N LYS A 318 -4.62 -15.35 -22.36
CA LYS A 318 -5.38 -14.82 -21.24
C LYS A 318 -4.57 -14.73 -19.96
N ARG A 319 -3.63 -15.66 -19.76
CA ARG A 319 -2.87 -15.69 -18.51
C ARG A 319 -1.89 -14.54 -18.44
N GLU A 320 -1.20 -14.25 -19.53
CA GLU A 320 -0.16 -13.22 -19.54
C GLU A 320 -0.68 -11.86 -19.97
N GLY A 321 -1.98 -11.71 -20.16
CA GLY A 321 -2.54 -10.43 -20.55
C GLY A 321 -2.09 -9.95 -21.91
N THR A 322 -1.79 -10.88 -22.81
CA THR A 322 -1.35 -10.52 -24.15
C THR A 322 -2.53 -10.34 -25.10
N TRP A 323 -3.74 -10.70 -24.66
CA TRP A 323 -4.90 -10.67 -25.55
C TRP A 323 -5.19 -9.28 -26.07
N GLU A 324 -5.05 -8.25 -25.23
CA GLU A 324 -5.37 -6.90 -25.66
C GLU A 324 -4.45 -6.44 -26.79
N ALA A 325 -3.14 -6.59 -26.59
CA ALA A 325 -2.19 -6.15 -27.61
C ALA A 325 -2.32 -6.96 -28.89
N PHE A 326 -2.48 -8.28 -28.77
CA PHE A 326 -2.63 -9.11 -29.96
C PHE A 326 -3.91 -8.78 -30.72
N LYS A 327 -5.01 -8.57 -29.99
CA LYS A 327 -6.27 -8.19 -30.62
C LYS A 327 -6.14 -6.86 -31.34
N ARG A 328 -5.49 -5.89 -30.68
CA ARG A 328 -5.30 -4.58 -31.32
C ARG A 328 -4.44 -4.71 -32.57
N ALA A 329 -3.38 -5.52 -32.50
CA ALA A 329 -2.50 -5.68 -33.66
C ALA A 329 -3.23 -6.34 -34.82
N LEU A 330 -4.04 -7.37 -34.54
CA LEU A 330 -4.81 -8.00 -35.60
C LEU A 330 -5.83 -7.03 -36.18
N ARG A 331 -6.50 -6.24 -35.32
CA ARG A 331 -7.49 -5.29 -35.81
C ARG A 331 -6.85 -4.24 -36.69
N ASN A 332 -5.69 -3.72 -36.29
CA ASN A 332 -4.97 -2.75 -37.11
C ASN A 332 -4.40 -3.39 -38.37
N GLY A 333 -4.06 -4.68 -38.31
CA GLY A 333 -3.46 -5.37 -39.43
C GLY A 333 -1.96 -5.22 -39.51
N GLN A 334 -1.36 -4.36 -38.68
CA GLN A 334 0.08 -4.18 -38.62
C GLN A 334 0.48 -4.00 -37.17
N VAL A 335 1.76 -4.22 -36.89
CA VAL A 335 2.26 -4.10 -35.52
C VAL A 335 3.73 -3.72 -35.58
N GLU A 336 4.17 -2.95 -34.59
CA GLU A 336 5.56 -2.59 -34.41
C GLU A 336 6.15 -3.33 -33.21
N PRO A 337 7.45 -3.63 -33.24
CA PRO A 337 8.06 -4.29 -32.09
C PRO A 337 8.02 -3.40 -30.85
N VAL A 338 7.93 -4.07 -29.69
CA VAL A 338 7.79 -3.35 -28.42
C VAL A 338 9.05 -2.57 -28.11
N THR A 339 8.89 -1.50 -27.35
CA THR A 339 10.00 -0.63 -26.94
C THR A 339 9.89 -0.32 -25.46
N GLU A 340 10.97 0.18 -24.88
CA GLU A 340 11.06 0.51 -23.47
C GLU A 340 11.48 1.95 -23.27
N PRO A 341 11.12 2.56 -22.13
CA PRO A 341 11.48 3.97 -21.89
C PRO A 341 12.96 4.18 -21.63
N GLN A 342 13.74 3.09 -21.62
CA GLN A 342 15.19 3.17 -21.55
C GLN A 342 15.82 3.55 -22.88
N ALA A 343 15.04 3.57 -23.96
CA ALA A 343 15.56 3.92 -25.26
C ALA A 343 16.02 5.38 -25.27
N PRO A 344 17.18 5.67 -25.86
CA PRO A 344 17.65 7.05 -25.92
C PRO A 344 16.87 7.94 -26.87
N ALA A 345 16.58 7.48 -28.09
CA ALA A 345 15.75 8.24 -29.01
C ALA A 345 14.71 7.35 -29.67
N GLY A 346 14.95 6.05 -29.68
CA GLY A 346 14.06 5.13 -30.37
C GLY A 346 14.31 5.14 -31.87
N LEU A 347 13.53 4.30 -32.56
CA LEU A 347 13.61 4.17 -34.01
C LEU A 347 12.23 4.35 -34.61
N GLU A 348 12.17 5.08 -35.73
CA GLU A 348 10.93 5.32 -36.45
C GLU A 348 10.68 4.15 -37.41
N VAL A 349 10.32 3.00 -36.80
CA VAL A 349 10.12 1.78 -37.57
C VAL A 349 8.68 1.71 -38.06
N GLU A 350 8.51 1.47 -39.35
CA GLU A 350 7.19 1.27 -39.91
C GLU A 350 6.58 -0.02 -39.37
N PRO A 351 5.28 -0.01 -39.10
CA PRO A 351 4.62 -1.24 -38.61
C PRO A 351 4.77 -2.38 -39.61
N PHE A 352 4.95 -3.58 -39.08
CA PHE A 352 5.17 -4.75 -39.92
C PHE A 352 3.83 -5.29 -40.41
N PRO A 353 3.62 -5.45 -41.72
CA PRO A 353 2.35 -6.00 -42.21
C PRO A 353 2.12 -7.40 -41.68
N ILE A 354 0.86 -7.72 -41.45
CA ILE A 354 0.44 -9.02 -40.93
C ILE A 354 -0.24 -9.78 -42.05
N GLN A 355 0.35 -10.92 -42.43
CA GLN A 355 -0.21 -11.78 -43.46
C GLN A 355 -0.52 -13.18 -42.95
N MET A 356 -0.49 -13.39 -41.64
CA MET A 356 -0.67 -14.73 -41.09
C MET A 356 -2.14 -15.12 -41.05
N GLN A 357 -2.37 -16.41 -40.85
CA GLN A 357 -3.68 -16.93 -40.48
C GLN A 357 -3.58 -17.42 -39.05
N VAL A 358 -4.03 -16.59 -38.11
CA VAL A 358 -3.91 -16.89 -36.69
C VAL A 358 -4.83 -18.06 -36.37
N ILE A 359 -4.23 -19.15 -35.88
CA ILE A 359 -4.95 -20.38 -35.58
C ILE A 359 -4.79 -20.62 -34.08
N LEU A 360 -5.76 -20.11 -33.31
CA LEU A 360 -5.78 -20.28 -31.84
C LEU A 360 -6.04 -21.75 -31.54
N VAL A 361 -5.51 -22.27 -30.44
CA VAL A 361 -5.84 -23.68 -30.03
C VAL A 361 -6.10 -23.63 -28.53
N GLY A 362 -7.11 -24.34 -28.04
CA GLY A 362 -7.30 -24.36 -26.58
C GLY A 362 -8.57 -25.05 -26.13
N THR A 363 -8.97 -24.80 -24.90
CA THR A 363 -10.15 -25.45 -24.33
C THR A 363 -11.40 -24.61 -24.61
N PRO A 364 -12.57 -25.25 -24.63
CA PRO A 364 -13.80 -24.46 -24.83
C PRO A 364 -13.98 -23.35 -23.81
N GLU A 365 -13.63 -23.60 -22.54
CA GLU A 365 -13.77 -22.56 -21.53
C GLU A 365 -12.72 -21.47 -21.69
N ALA A 366 -11.63 -21.76 -22.40
CA ALA A 366 -10.61 -20.74 -22.63
C ALA A 366 -11.12 -19.64 -23.55
N PHE A 367 -12.05 -19.97 -24.44
CA PHE A 367 -12.59 -18.98 -25.36
C PHE A 367 -13.77 -18.22 -24.80
N GLU A 368 -14.22 -18.56 -23.59
CA GLU A 368 -15.31 -17.81 -22.98
C GLU A 368 -14.90 -16.37 -22.71
N GLY A 369 -13.69 -16.16 -22.21
CA GLY A 369 -13.19 -14.82 -21.99
C GLY A 369 -12.77 -14.08 -23.23
N LEU A 370 -12.45 -14.81 -24.31
CA LEU A 370 -12.07 -14.19 -25.57
C LEU A 370 -13.24 -13.90 -26.48
N GLU A 371 -14.40 -14.50 -26.22
CA GLU A 371 -15.60 -14.28 -27.02
C GLU A 371 -16.42 -13.10 -26.52
N GLU A 372 -15.94 -12.40 -25.49
CA GLU A 372 -16.61 -11.22 -24.97
C GLU A 372 -16.48 -10.02 -25.90
N ASP A 373 -15.54 -10.04 -26.83
CA ASP A 373 -15.37 -8.94 -27.77
C ASP A 373 -15.94 -9.31 -29.12
N PRO A 374 -16.63 -8.36 -29.79
CA PRO A 374 -17.17 -8.64 -31.11
C PRO A 374 -16.12 -8.80 -32.19
N ALA A 375 -14.92 -8.26 -32.00
CA ALA A 375 -13.86 -8.45 -32.97
C ALA A 375 -13.38 -9.89 -33.00
N PHE A 376 -13.52 -10.61 -31.88
CA PHE A 376 -13.16 -12.03 -31.88
C PHE A 376 -14.03 -12.81 -32.85
N SER A 377 -15.34 -12.57 -32.84
CA SER A 377 -16.22 -13.18 -33.81
C SER A 377 -15.96 -12.69 -35.23
N GLU A 378 -15.41 -11.48 -35.38
CA GLU A 378 -15.07 -10.95 -36.68
C GLU A 378 -13.73 -11.46 -37.18
N LEU A 379 -12.67 -11.31 -36.38
CA LEU A 379 -11.36 -11.84 -36.74
C LEU A 379 -11.39 -13.37 -36.83
N PHE A 380 -12.07 -14.01 -35.88
CA PHE A 380 -12.19 -15.46 -35.88
C PHE A 380 -13.65 -15.81 -36.14
N ARG A 381 -13.99 -16.06 -37.40
CA ARG A 381 -15.34 -16.45 -37.78
C ARG A 381 -15.53 -17.97 -37.82
N ILE A 382 -14.48 -18.74 -37.58
CA ILE A 382 -14.51 -20.18 -37.80
C ILE A 382 -14.39 -20.89 -36.46
N ARG A 383 -15.30 -21.83 -36.22
CA ARG A 383 -15.30 -22.66 -35.01
C ARG A 383 -14.76 -24.03 -35.38
N ALA A 384 -13.55 -24.35 -34.89
CA ALA A 384 -12.95 -25.67 -35.14
C ALA A 384 -13.19 -26.53 -33.90
N GLU A 385 -14.42 -26.99 -33.77
CA GLU A 385 -14.81 -27.83 -32.64
C GLU A 385 -14.26 -29.24 -32.81
N PHE A 386 -14.02 -29.90 -31.68
CA PHE A 386 -13.55 -31.28 -31.67
C PHE A 386 -14.54 -32.16 -30.93
N SER A 387 -14.76 -33.36 -31.44
CA SER A 387 -15.58 -34.35 -30.75
C SER A 387 -14.70 -35.10 -29.76
N PRO A 388 -14.97 -34.98 -28.45
CA PRO A 388 -14.17 -35.71 -27.46
C PRO A 388 -14.26 -37.23 -27.55
N THR A 389 -15.10 -37.76 -28.44
CA THR A 389 -15.21 -39.18 -28.65
C THR A 389 -15.17 -39.47 -30.14
N LEU A 390 -14.94 -40.73 -30.47
CA LEU A 390 -14.88 -41.20 -31.84
C LEU A 390 -15.82 -42.39 -31.99
N PRO A 391 -16.41 -42.58 -33.16
CA PRO A 391 -17.27 -43.75 -33.37
C PRO A 391 -16.45 -45.03 -33.24
N ALA A 392 -16.85 -45.88 -32.28
CA ALA A 392 -16.17 -47.13 -32.03
C ALA A 392 -16.45 -48.07 -33.19
N SER A 393 -15.50 -48.17 -34.11
CA SER A 393 -15.68 -48.95 -35.33
C SER A 393 -14.31 -49.52 -35.72
N PRO A 394 -14.29 -50.65 -36.42
CA PRO A 394 -13.01 -51.26 -36.79
C PRO A 394 -12.11 -50.33 -37.59
N GLU A 395 -12.67 -49.47 -38.45
CA GLU A 395 -11.83 -48.53 -39.17
C GLU A 395 -11.19 -47.52 -38.21
N ASN A 396 -11.93 -47.06 -37.21
CA ASN A 396 -11.35 -46.17 -36.21
C ASN A 396 -10.29 -46.89 -35.38
N CYS A 397 -10.53 -48.17 -35.05
CA CYS A 397 -9.54 -48.94 -34.32
C CYS A 397 -8.26 -49.08 -35.13
N THR A 398 -8.38 -49.37 -36.42
CA THR A 398 -7.19 -49.50 -37.26
C THR A 398 -6.48 -48.16 -37.42
N ALA A 399 -7.25 -47.07 -37.50
CA ALA A 399 -6.64 -45.75 -37.57
C ALA A 399 -5.86 -45.44 -36.30
N LEU A 400 -6.42 -45.77 -35.14
CA LEU A 400 -5.70 -45.57 -33.88
C LEU A 400 -4.44 -46.44 -33.83
N GLY A 401 -4.54 -47.68 -34.29
CA GLY A 401 -3.36 -48.54 -34.29
C GLY A 401 -2.27 -48.02 -35.19
N GLY A 402 -2.63 -47.56 -36.39
CA GLY A 402 -1.65 -46.97 -37.28
C GLY A 402 -1.04 -45.70 -36.69
N TRP A 403 -1.86 -44.90 -36.01
CA TRP A 403 -1.34 -43.71 -35.36
C TRP A 403 -0.33 -44.07 -34.28
N LEU A 404 -0.63 -45.09 -33.49
CA LEU A 404 0.30 -45.52 -32.44
C LEU A 404 1.59 -46.05 -33.05
N LEU A 405 1.48 -46.82 -34.14
CA LEU A 405 2.68 -47.28 -34.82
C LEU A 405 3.50 -46.12 -35.35
N ALA A 406 2.84 -45.08 -35.84
CA ALA A 406 3.55 -43.88 -36.27
C ALA A 406 4.25 -43.22 -35.09
N GLN A 407 3.61 -43.21 -33.93
CA GLN A 407 4.24 -42.67 -32.73
C GLN A 407 5.44 -43.48 -32.27
N GLY A 408 5.63 -44.68 -32.80
CA GLY A 408 6.77 -45.50 -32.48
C GLY A 408 6.52 -46.67 -31.54
N PHE A 409 5.31 -47.21 -31.51
CA PHE A 409 4.97 -48.31 -30.62
C PHE A 409 4.77 -49.57 -31.44
N GLN A 410 5.31 -50.68 -30.96
CA GLN A 410 5.17 -51.98 -31.62
C GLN A 410 3.99 -52.69 -30.97
N LEU A 411 2.85 -52.69 -31.67
CA LEU A 411 1.62 -53.26 -31.16
C LEU A 411 1.38 -54.65 -31.74
N THR A 412 0.69 -55.47 -30.96
CA THR A 412 0.12 -56.71 -31.45
C THR A 412 -1.38 -56.53 -31.60
N GLN A 413 -2.02 -57.47 -32.30
CA GLN A 413 -3.46 -57.36 -32.52
C GLN A 413 -4.21 -57.41 -31.19
N GLY A 414 -3.82 -58.32 -30.31
CA GLY A 414 -4.45 -58.38 -29.00
C GLY A 414 -4.23 -57.09 -28.20
N GLY A 415 -3.01 -56.57 -28.22
CA GLY A 415 -2.75 -55.32 -27.54
C GLY A 415 -3.53 -54.16 -28.13
N LEU A 416 -3.64 -54.13 -29.46
CA LEU A 416 -4.43 -53.08 -30.10
C LEU A 416 -5.90 -53.17 -29.70
N THR A 417 -6.44 -54.38 -29.65
CA THR A 417 -7.83 -54.54 -29.22
C THR A 417 -8.00 -54.12 -27.77
N ARG A 418 -7.03 -54.44 -26.92
CA ARG A 418 -7.10 -54.02 -25.52
C ARG A 418 -7.08 -52.51 -25.40
N LEU A 419 -6.20 -51.84 -26.15
CA LEU A 419 -6.17 -50.39 -26.13
C LEU A 419 -7.47 -49.80 -26.65
N TYR A 420 -8.04 -50.43 -27.68
CA TYR A 420 -9.31 -49.96 -28.23
C TYR A 420 -10.42 -50.07 -27.20
N ASP A 421 -10.49 -51.20 -26.49
CA ASP A 421 -11.48 -51.37 -25.44
C ASP A 421 -11.28 -50.36 -24.33
N GLU A 422 -10.02 -50.12 -23.96
CA GLU A 422 -9.76 -49.16 -22.90
C GLU A 422 -10.11 -47.73 -23.32
N ALA A 423 -9.89 -47.40 -24.59
CA ALA A 423 -10.32 -46.10 -25.08
C ALA A 423 -11.84 -45.97 -25.03
N ARG A 424 -12.54 -47.04 -25.40
CA ARG A 424 -14.00 -47.03 -25.27
C ARG A 424 -14.41 -46.81 -23.81
N ARG A 425 -13.77 -47.51 -22.89
CA ARG A 425 -14.11 -47.36 -21.49
C ARG A 425 -13.83 -45.95 -20.98
N MET A 426 -12.69 -45.37 -21.40
CA MET A 426 -12.39 -43.99 -21.04
C MET A 426 -13.45 -43.05 -21.58
N ALA A 427 -13.97 -43.36 -22.77
CA ALA A 427 -15.07 -42.57 -23.30
C ALA A 427 -16.36 -42.76 -22.51
N GLU A 428 -16.40 -43.76 -21.63
CA GLU A 428 -17.56 -44.10 -20.82
C GLU A 428 -18.76 -44.51 -21.66
N GLN A 429 -18.54 -44.90 -22.92
CA GLN A 429 -19.62 -45.31 -23.79
C GLN A 429 -19.20 -46.55 -24.55
N ARG A 430 -20.10 -47.53 -24.61
CA ARG A 430 -19.77 -48.81 -25.22
C ARG A 430 -19.50 -48.66 -26.71
N ASP A 431 -20.24 -47.79 -27.39
CA ASP A 431 -20.16 -47.65 -28.83
C ASP A 431 -19.32 -46.45 -29.26
N ARG A 432 -18.55 -45.86 -28.35
CA ARG A 432 -17.67 -44.75 -28.66
C ARG A 432 -16.33 -44.95 -27.97
N MET A 433 -15.26 -44.59 -28.65
CA MET A 433 -13.94 -44.61 -28.02
C MET A 433 -13.53 -43.19 -27.64
N ASP A 434 -12.57 -43.10 -26.73
CA ASP A 434 -12.04 -41.79 -26.34
C ASP A 434 -11.22 -41.20 -27.47
N ALA A 435 -11.43 -39.92 -27.76
CA ALA A 435 -10.68 -39.22 -28.79
C ALA A 435 -9.42 -38.57 -28.25
N ARG A 436 -9.17 -38.67 -26.95
CA ARG A 436 -7.98 -38.08 -26.34
C ARG A 436 -6.79 -38.98 -26.67
N LEU A 437 -6.18 -38.70 -27.83
CA LEU A 437 -5.08 -39.61 -28.29
C LEU A 437 -3.83 -39.48 -27.43
N VAL A 438 -3.68 -38.36 -26.71
CA VAL A 438 -2.51 -38.20 -25.81
C VAL A 438 -2.65 -39.19 -24.65
N GLU A 439 -3.86 -39.34 -24.12
CA GLU A 439 -4.09 -40.25 -22.98
C GLU A 439 -3.80 -41.69 -23.44
N ILE A 440 -4.31 -42.06 -24.62
CA ILE A 440 -4.07 -43.39 -25.15
C ILE A 440 -2.58 -43.60 -25.38
N ARG A 441 -1.89 -42.55 -25.85
CA ARG A 441 -0.45 -42.64 -26.06
C ARG A 441 0.28 -42.84 -24.74
N ALA A 442 -0.13 -42.13 -23.69
CA ALA A 442 0.51 -42.31 -22.39
C ALA A 442 0.30 -43.73 -21.87
N LEU A 443 -0.92 -44.25 -21.98
CA LEU A 443 -1.16 -45.62 -21.55
C LEU A 443 -0.37 -46.60 -22.40
N ALA A 444 -0.19 -46.29 -23.69
CA ALA A 444 0.62 -47.12 -24.55
C ALA A 444 2.08 -47.11 -24.10
N GLU A 445 2.58 -45.95 -23.68
CA GLU A 445 3.94 -45.86 -23.17
C GLU A 445 4.11 -46.72 -21.94
N GLU A 446 3.16 -46.63 -21.01
CA GLU A 446 3.24 -47.46 -19.81
C GLU A 446 3.16 -48.95 -20.15
N ALA A 447 2.29 -49.32 -21.07
CA ALA A 447 2.18 -50.72 -21.48
C ALA A 447 3.46 -51.21 -22.13
N ALA A 448 4.08 -50.38 -22.98
CA ALA A 448 5.33 -50.77 -23.61
C ALA A 448 6.44 -50.94 -22.59
N VAL A 449 6.50 -50.05 -21.60
CA VAL A 449 7.50 -50.17 -20.56
C VAL A 449 7.29 -51.46 -19.77
N LEU A 450 6.04 -51.77 -19.43
CA LEU A 450 5.76 -53.02 -18.74
C LEU A 450 5.94 -54.24 -19.62
N GLY A 451 5.96 -54.08 -20.94
CA GLY A 451 6.09 -55.21 -21.83
C GLY A 451 7.39 -55.22 -22.60
N GLY A 452 8.30 -54.30 -22.25
CA GLY A 452 9.56 -54.23 -22.94
C GLY A 452 9.50 -53.63 -24.32
N GLY A 453 8.47 -52.84 -24.62
CA GLY A 453 8.31 -52.21 -25.92
C GLY A 453 7.28 -52.86 -26.81
N LEU A 454 6.86 -54.09 -26.52
CA LEU A 454 5.82 -54.77 -27.28
C LEU A 454 4.52 -54.69 -26.49
N LEU A 455 3.51 -54.07 -27.09
CA LEU A 455 2.24 -53.82 -26.43
C LEU A 455 1.32 -55.01 -26.68
N THR A 456 1.57 -56.09 -25.96
CA THR A 456 0.68 -57.24 -26.02
C THR A 456 -0.54 -56.99 -25.15
N ALA A 457 -1.53 -57.87 -25.29
CA ALA A 457 -2.75 -57.74 -24.50
C ALA A 457 -2.44 -57.83 -23.01
N GLU A 458 -1.54 -58.73 -22.63
CA GLU A 458 -1.15 -58.83 -21.23
C GLU A 458 -0.48 -57.56 -20.75
N SER A 459 0.39 -56.97 -21.58
CA SER A 459 1.06 -55.74 -21.19
C SER A 459 0.07 -54.60 -20.99
N VAL A 460 -0.90 -54.47 -21.91
CA VAL A 460 -1.88 -53.39 -21.78
C VAL A 460 -2.76 -53.62 -20.57
N GLU A 461 -3.16 -54.87 -20.31
CA GLU A 461 -3.96 -55.16 -19.12
C GLU A 461 -3.21 -54.81 -17.85
N GLN A 462 -1.92 -55.17 -17.79
CA GLN A 462 -1.13 -54.83 -16.62
C GLN A 462 -0.95 -53.32 -16.50
N ALA A 463 -0.83 -52.62 -17.63
CA ALA A 463 -0.71 -51.16 -17.57
C ALA A 463 -1.97 -50.52 -17.02
N ILE A 464 -3.14 -51.00 -17.46
CA ILE A 464 -4.40 -50.47 -16.96
C ILE A 464 -4.56 -50.79 -15.47
N ALA A 465 -4.21 -52.01 -15.07
CA ALA A 465 -4.28 -52.38 -13.66
C ALA A 465 -3.35 -51.52 -12.83
N ALA A 466 -2.14 -51.26 -13.33
CA ALA A 466 -1.20 -50.40 -12.61
C ALA A 466 -1.71 -48.98 -12.51
N ARG A 467 -2.34 -48.48 -13.58
CA ARG A 467 -2.91 -47.14 -13.52
C ARG A 467 -4.01 -47.06 -12.47
N GLU A 468 -4.84 -48.10 -12.38
CA GLU A 468 -5.85 -48.12 -11.33
C GLU A 468 -5.21 -48.21 -9.95
N HIS A 469 -4.19 -49.04 -9.81
CA HIS A 469 -3.59 -49.31 -8.50
C HIS A 469 -2.81 -48.13 -7.97
N ARG A 470 -2.16 -47.36 -8.85
CA ARG A 470 -1.37 -46.22 -8.39
C ARG A 470 -2.20 -45.13 -7.77
N SER A 471 -3.50 -45.08 -8.07
CA SER A 471 -4.39 -44.08 -7.49
C SER A 471 -5.49 -44.74 -6.68
N PHE A 472 -5.25 -45.93 -6.17
CA PHE A 472 -6.25 -46.73 -5.49
C PHE A 472 -6.22 -46.55 -3.98
N LEU A 473 -5.39 -45.64 -3.47
CA LEU A 473 -5.18 -45.55 -2.03
C LEU A 473 -6.47 -45.21 -1.30
N SER A 474 -7.22 -44.25 -1.82
CA SER A 474 -8.44 -43.83 -1.15
C SER A 474 -9.43 -44.98 -1.04
N GLU A 475 -9.59 -45.76 -2.11
CA GLU A 475 -10.48 -46.90 -2.04
C GLU A 475 -9.93 -48.01 -1.17
N GLU A 476 -8.61 -48.16 -1.11
CA GLU A 476 -8.04 -49.14 -0.19
C GLU A 476 -8.37 -48.80 1.24
N GLU A 477 -8.24 -47.52 1.61
CA GLU A 477 -8.58 -47.11 2.97
C GLU A 477 -10.05 -47.37 3.26
N PHE A 478 -10.93 -47.06 2.31
CA PHE A 478 -12.35 -47.31 2.51
C PHE A 478 -12.64 -48.79 2.67
N LEU A 479 -11.98 -49.64 1.89
CA LEU A 479 -12.22 -51.08 1.99
C LEU A 479 -11.72 -51.62 3.32
N ARG A 480 -10.57 -51.14 3.79
CA ARG A 480 -10.09 -51.56 5.11
C ARG A 480 -11.06 -51.11 6.19
N ALA A 481 -11.60 -49.90 6.06
CA ALA A 481 -12.58 -49.43 7.04
C ALA A 481 -13.82 -50.30 7.02
N VAL A 482 -14.27 -50.70 5.84
CA VAL A 482 -15.46 -51.54 5.73
C VAL A 482 -15.20 -52.91 6.35
N GLN A 483 -14.07 -53.52 6.02
CA GLN A 483 -13.78 -54.86 6.54
C GLN A 483 -13.61 -54.83 8.06
N GLU A 484 -12.89 -53.83 8.58
CA GLU A 484 -12.65 -53.76 10.02
C GLU A 484 -13.95 -53.46 10.77
N GLY A 485 -14.86 -52.73 10.14
CA GLY A 485 -16.12 -52.38 10.75
C GLY A 485 -16.26 -50.90 11.07
N VAL A 486 -15.27 -50.06 10.74
CA VAL A 486 -15.39 -48.64 11.03
C VAL A 486 -16.55 -48.04 10.26
N ILE A 487 -16.67 -48.40 8.98
CA ILE A 487 -17.84 -48.05 8.19
C ILE A 487 -18.62 -49.33 7.95
N ARG A 488 -19.82 -49.40 8.51
CA ARG A 488 -20.65 -50.59 8.42
C ARG A 488 -21.62 -50.45 7.26
N LEU A 489 -21.55 -51.39 6.33
CA LEU A 489 -22.48 -51.45 5.20
C LEU A 489 -23.11 -52.83 5.18
N ARG A 490 -24.41 -52.88 4.97
CA ARG A 490 -25.12 -54.14 4.86
C ARG A 490 -25.12 -54.60 3.41
N THR A 491 -24.47 -55.72 3.16
CA THR A 491 -24.50 -56.35 1.85
C THR A 491 -25.31 -57.63 1.84
N THR A 492 -25.93 -57.98 2.97
CA THR A 492 -26.76 -59.17 3.09
C THR A 492 -28.00 -58.84 3.89
N GLY A 493 -29.05 -59.64 3.69
CA GLY A 493 -30.29 -59.43 4.41
C GLY A 493 -31.08 -58.27 3.86
N ARG A 494 -32.10 -57.89 4.62
CA ARG A 494 -33.01 -56.82 4.23
C ARG A 494 -33.07 -55.76 5.33
N ALA A 495 -33.33 -54.52 4.91
CA ALA A 495 -33.44 -53.40 5.83
C ALA A 495 -34.62 -52.55 5.41
N VAL A 496 -35.26 -51.90 6.37
CA VAL A 496 -36.48 -51.13 6.12
C VAL A 496 -36.10 -49.68 5.91
N GLY A 497 -36.36 -49.17 4.71
CA GLY A 497 -36.06 -47.80 4.39
C GLY A 497 -34.60 -47.49 4.18
N GLU A 498 -33.74 -48.51 4.22
CA GLU A 498 -32.31 -48.33 4.11
C GLU A 498 -31.86 -48.90 2.77
N VAL A 499 -31.08 -48.12 2.02
CA VAL A 499 -30.69 -48.52 0.67
C VAL A 499 -29.20 -48.28 0.53
N ASN A 500 -28.59 -48.95 -0.45
CA ASN A 500 -27.17 -48.80 -0.73
C ASN A 500 -27.03 -47.99 -2.01
N SER A 501 -26.98 -46.67 -1.88
CA SER A 501 -26.74 -45.84 -3.04
C SER A 501 -25.29 -46.01 -3.49
N LEU A 502 -25.01 -45.58 -4.72
CA LEU A 502 -23.66 -45.57 -5.25
C LEU A 502 -23.30 -44.14 -5.60
N VAL A 503 -22.22 -43.63 -5.01
CA VAL A 503 -21.89 -42.22 -5.19
C VAL A 503 -20.42 -42.08 -5.56
N VAL A 504 -20.12 -40.96 -6.22
CA VAL A 504 -18.77 -40.58 -6.59
C VAL A 504 -18.24 -39.66 -5.50
N VAL A 505 -17.08 -40.00 -4.95
CA VAL A 505 -16.52 -39.26 -3.82
C VAL A 505 -15.73 -38.06 -4.31
N GLU A 506 -15.66 -37.01 -3.50
CA GLU A 506 -14.83 -35.86 -3.80
C GLU A 506 -13.36 -36.09 -3.45
N ALA A 507 -13.07 -37.10 -2.63
CA ALA A 507 -11.69 -37.51 -2.44
C ALA A 507 -11.11 -38.12 -3.70
N ALA A 508 -11.93 -38.78 -4.51
CA ALA A 508 -11.50 -39.33 -5.78
C ALA A 508 -12.68 -39.35 -6.74
N PRO A 509 -12.82 -38.33 -7.59
CA PRO A 509 -13.94 -38.29 -8.54
C PRO A 509 -13.91 -39.43 -9.54
N TYR A 510 -12.77 -40.07 -9.72
CA TYR A 510 -12.59 -41.23 -10.58
C TYR A 510 -12.81 -42.54 -9.85
N TRP A 511 -13.25 -42.51 -8.59
CA TRP A 511 -13.67 -43.70 -7.86
C TRP A 511 -15.08 -43.51 -7.34
N GLY A 512 -15.91 -44.52 -7.56
CA GLY A 512 -17.24 -44.58 -6.99
C GLY A 512 -17.31 -45.65 -5.94
N ARG A 513 -18.21 -45.46 -4.97
CA ARG A 513 -18.31 -46.40 -3.86
C ARG A 513 -19.71 -46.32 -3.27
N PRO A 514 -20.14 -47.37 -2.58
CA PRO A 514 -21.48 -47.34 -1.98
C PRO A 514 -21.54 -46.43 -0.78
N ALA A 515 -22.76 -45.96 -0.51
CA ALA A 515 -23.06 -45.15 0.65
C ALA A 515 -24.45 -45.55 1.14
N ARG A 516 -24.56 -45.80 2.43
CA ARG A 516 -25.83 -46.25 3.00
C ARG A 516 -26.74 -45.05 3.15
N LEU A 517 -27.81 -45.01 2.36
CA LEU A 517 -28.75 -43.91 2.38
C LEU A 517 -29.97 -44.30 3.22
N THR A 518 -30.41 -43.36 4.05
CA THR A 518 -31.49 -43.56 5.00
C THR A 518 -32.63 -42.61 4.67
N ALA A 519 -33.84 -43.14 4.70
CA ALA A 519 -35.04 -42.32 4.59
C ALA A 519 -35.91 -42.60 5.81
N ARG A 520 -36.36 -41.53 6.46
CA ARG A 520 -37.20 -41.64 7.64
C ARG A 520 -38.48 -40.86 7.41
N ALA A 521 -39.62 -41.51 7.68
CA ALA A 521 -40.93 -40.93 7.38
C ALA A 521 -41.61 -40.48 8.66
N ALA A 522 -42.07 -39.23 8.68
CA ALA A 522 -42.95 -38.78 9.75
C ALA A 522 -44.07 -37.96 9.14
N PRO A 523 -45.23 -37.88 9.78
CA PRO A 523 -46.27 -36.98 9.29
C PRO A 523 -45.84 -35.53 9.46
N GLY A 524 -46.31 -34.68 8.55
CA GLY A 524 -45.90 -33.30 8.55
C GLY A 524 -46.44 -32.61 7.32
N ARG A 525 -45.83 -31.48 7.00
CA ARG A 525 -46.23 -30.73 5.81
C ARG A 525 -45.74 -31.46 4.57
N ASP A 526 -46.09 -30.95 3.40
CA ASP A 526 -45.70 -31.57 2.14
C ASP A 526 -44.21 -31.48 1.87
N HIS A 527 -43.49 -30.67 2.64
CA HIS A 527 -42.09 -30.42 2.39
C HIS A 527 -41.24 -31.68 2.55
N LEU A 528 -40.21 -31.78 1.72
CA LEU A 528 -39.30 -32.92 1.69
C LEU A 528 -37.94 -32.46 2.17
N ILE A 529 -37.32 -33.26 3.03
CA ILE A 529 -36.06 -32.88 3.66
C ILE A 529 -34.93 -33.73 3.09
N SER A 530 -34.00 -33.08 2.40
CA SER A 530 -32.77 -33.69 1.91
C SER A 530 -31.63 -33.12 2.76
N ILE A 531 -31.19 -33.89 3.75
CA ILE A 531 -30.31 -33.36 4.80
C ILE A 531 -29.05 -32.76 4.19
N ASP A 532 -28.40 -33.48 3.26
CA ASP A 532 -27.22 -32.93 2.64
C ASP A 532 -27.51 -31.69 1.80
N ARG A 533 -28.71 -31.60 1.24
CA ARG A 533 -29.11 -30.41 0.50
C ARG A 533 -29.81 -29.37 1.36
N GLU A 534 -30.08 -29.69 2.63
CA GLU A 534 -30.68 -28.75 3.57
C GLU A 534 -29.66 -28.25 4.60
N ALA A 535 -28.38 -28.51 4.36
CA ALA A 535 -27.31 -28.12 5.26
C ALA A 535 -26.48 -27.03 4.58
N GLY A 536 -26.20 -25.96 5.30
CA GLY A 536 -25.48 -24.84 4.71
C GLY A 536 -26.40 -23.88 4.01
N LEU A 537 -27.36 -23.31 4.76
CA LEU A 537 -28.36 -22.39 4.22
C LEU A 537 -29.18 -23.06 3.12
N GLY A 538 -29.82 -24.17 3.44
CA GLY A 538 -30.66 -24.86 2.50
C GLY A 538 -32.10 -24.95 2.96
N GLY A 539 -32.39 -24.41 4.15
CA GLY A 539 -33.72 -24.44 4.71
C GLY A 539 -34.68 -23.52 3.99
N GLN A 540 -34.14 -22.48 3.33
CA GLN A 540 -34.93 -21.58 2.52
C GLN A 540 -34.61 -21.68 1.04
N ILE A 541 -33.57 -22.43 0.67
CA ILE A 541 -33.20 -22.62 -0.73
C ILE A 541 -33.67 -24.01 -1.16
N PHE A 542 -34.53 -24.05 -2.17
CA PHE A 542 -35.10 -25.29 -2.66
C PHE A 542 -34.35 -25.75 -3.91
N HIS A 543 -33.74 -26.92 -3.82
CA HIS A 543 -33.09 -27.53 -4.97
C HIS A 543 -34.09 -28.38 -5.73
N LYS A 544 -33.91 -28.44 -7.05
CA LYS A 544 -34.96 -29.01 -7.89
C LYS A 544 -35.03 -30.53 -7.76
N ALA A 545 -34.00 -31.16 -7.20
CA ALA A 545 -34.07 -32.60 -6.96
C ALA A 545 -35.11 -32.92 -5.89
N VAL A 546 -35.12 -32.14 -4.81
CA VAL A 546 -36.12 -32.31 -3.77
C VAL A 546 -37.52 -32.06 -4.33
N LEU A 547 -37.66 -31.02 -5.14
CA LEU A 547 -38.94 -30.72 -5.77
C LEU A 547 -39.38 -31.86 -6.69
N THR A 548 -38.44 -32.43 -7.43
CA THR A 548 -38.76 -33.55 -8.32
C THR A 548 -39.25 -34.75 -7.53
N LEU A 549 -38.55 -35.11 -6.46
CA LEU A 549 -38.98 -36.23 -5.64
C LEU A 549 -40.36 -35.98 -5.04
N ALA A 550 -40.57 -34.77 -4.51
CA ALA A 550 -41.86 -34.44 -3.91
C ALA A 550 -42.97 -34.47 -4.95
N GLY A 551 -42.70 -33.98 -6.15
CA GLY A 551 -43.71 -33.99 -7.20
C GLY A 551 -44.07 -35.39 -7.63
N TYR A 552 -43.07 -36.26 -7.75
CA TYR A 552 -43.36 -37.66 -8.07
C TYR A 552 -44.20 -38.30 -6.97
N LEU A 553 -43.84 -38.04 -5.71
CA LEU A 553 -44.61 -38.61 -4.61
C LEU A 553 -46.05 -38.12 -4.63
N ARG A 554 -46.26 -36.83 -4.91
CA ARG A 554 -47.60 -36.27 -4.88
C ARG A 554 -48.44 -36.78 -6.04
N SER A 555 -47.89 -36.77 -7.26
CA SER A 555 -48.69 -37.13 -8.42
C SER A 555 -48.89 -38.64 -8.52
N ARG A 556 -47.89 -39.42 -8.12
CA ARG A 556 -47.99 -40.87 -8.24
C ARG A 556 -49.09 -41.43 -7.35
N TYR A 557 -49.21 -40.93 -6.12
CA TYR A 557 -50.24 -41.38 -5.20
C TYR A 557 -51.13 -40.20 -4.84
N ILE A 558 -52.42 -40.32 -5.17
CA ILE A 558 -53.40 -39.26 -4.95
C ILE A 558 -54.56 -39.84 -4.15
N GLU A 559 -54.49 -39.69 -2.83
CA GLU A 559 -55.59 -40.06 -1.95
C GLU A 559 -55.89 -38.91 -1.00
N HIS A 560 -55.10 -37.84 -1.12
CA HIS A 560 -55.32 -36.60 -0.37
C HIS A 560 -54.85 -35.44 -1.23
N GLY A 561 -55.32 -34.25 -0.87
CA GLY A 561 -54.86 -33.05 -1.53
C GLY A 561 -53.50 -32.57 -1.11
N SER A 562 -52.99 -33.07 0.01
CA SER A 562 -51.66 -32.75 0.51
C SER A 562 -50.98 -34.02 0.96
N LEU A 563 -49.68 -34.12 0.71
CA LEU A 563 -48.93 -35.30 1.10
C LEU A 563 -48.76 -35.31 2.62
N PRO A 564 -49.23 -36.33 3.32
CA PRO A 564 -49.27 -36.25 4.78
C PRO A 564 -47.97 -36.69 5.43
N VAL A 565 -46.89 -36.76 4.66
CA VAL A 565 -45.62 -37.27 5.17
C VAL A 565 -44.48 -36.37 4.71
N THR A 566 -43.57 -36.11 5.64
CA THR A 566 -42.27 -35.53 5.34
C THR A 566 -41.21 -36.61 5.51
N ILE A 567 -40.32 -36.72 4.52
CA ILE A 567 -39.26 -37.72 4.49
C ILE A 567 -37.94 -37.01 4.73
N SER A 568 -37.18 -37.50 5.70
CA SER A 568 -35.82 -37.06 5.93
C SER A 568 -34.89 -38.00 5.17
N LEU A 569 -34.11 -37.44 4.26
CA LEU A 569 -33.20 -38.20 3.40
C LEU A 569 -31.77 -37.88 3.79
N ALA A 570 -30.99 -38.92 4.09
CA ALA A 570 -29.62 -38.71 4.54
C ALA A 570 -28.69 -39.73 3.91
N PHE A 571 -27.43 -39.34 3.77
CA PHE A 571 -26.34 -40.27 3.57
C PHE A 571 -25.62 -40.45 4.89
N GLU A 572 -25.67 -41.66 5.44
CA GLU A 572 -24.75 -42.00 6.51
C GLU A 572 -23.32 -41.89 5.98
N GLN A 573 -22.42 -41.42 6.84
CA GLN A 573 -21.05 -41.02 6.48
C GLN A 573 -21.08 -39.72 5.68
N ASN A 574 -20.05 -38.88 5.85
CA ASN A 574 -20.08 -37.52 5.34
C ASN A 574 -19.14 -37.31 4.15
N TYR A 575 -18.66 -38.38 3.54
CA TYR A 575 -17.81 -38.26 2.36
C TYR A 575 -18.60 -38.17 1.07
N VAL A 576 -19.92 -38.23 1.14
CA VAL A 576 -20.76 -38.30 -0.04
C VAL A 576 -21.01 -36.91 -0.57
N SER A 577 -20.58 -36.67 -1.81
CA SER A 577 -20.94 -35.43 -2.48
C SER A 577 -22.33 -35.56 -3.09
N ILE A 578 -23.15 -34.53 -2.90
CA ILE A 578 -24.52 -34.54 -3.38
C ILE A 578 -24.71 -33.34 -4.29
N GLU A 579 -25.45 -33.54 -5.38
CA GLU A 579 -25.65 -32.49 -6.36
C GLU A 579 -26.99 -31.82 -6.17
N GLY A 580 -27.06 -30.56 -6.57
CA GLY A 580 -28.31 -29.81 -6.53
C GLY A 580 -29.02 -29.89 -7.86
N ASP A 581 -28.61 -30.85 -8.69
CA ASP A 581 -29.21 -31.01 -10.01
C ASP A 581 -29.53 -32.46 -10.35
N SER A 582 -29.41 -33.40 -9.42
CA SER A 582 -29.76 -34.78 -9.67
C SER A 582 -30.57 -35.32 -8.50
N ALA A 583 -31.61 -36.09 -8.84
CA ALA A 583 -32.46 -36.73 -7.83
C ALA A 583 -32.32 -38.23 -8.01
N GLY A 584 -31.56 -38.86 -7.13
CA GLY A 584 -31.23 -40.26 -7.28
C GLY A 584 -32.39 -41.22 -7.14
N LEU A 585 -32.34 -42.33 -7.86
CA LEU A 585 -33.33 -43.38 -7.69
C LEU A 585 -33.26 -43.98 -6.30
N ALA A 586 -32.07 -44.02 -5.71
CA ALA A 586 -31.92 -44.58 -4.37
C ALA A 586 -32.74 -43.79 -3.36
N GLU A 587 -32.71 -42.47 -3.46
CA GLU A 587 -33.52 -41.66 -2.56
C GLU A 587 -34.99 -41.99 -2.69
N LEU A 588 -35.47 -42.13 -3.94
CA LEU A 588 -36.89 -42.40 -4.16
C LEU A 588 -37.29 -43.76 -3.61
N VAL A 589 -36.49 -44.80 -3.89
CA VAL A 589 -36.85 -46.12 -3.42
C VAL A 589 -36.77 -46.21 -1.90
N ALA A 590 -35.78 -45.54 -1.30
CA ALA A 590 -35.69 -45.52 0.14
C ALA A 590 -36.88 -44.80 0.76
N ALA A 591 -37.27 -43.67 0.18
CA ALA A 591 -38.42 -42.94 0.70
C ALA A 591 -39.69 -43.77 0.61
N LEU A 592 -39.91 -44.43 -0.53
CA LEU A 592 -41.09 -45.26 -0.69
C LEU A 592 -41.09 -46.43 0.28
N SER A 593 -39.94 -47.06 0.47
CA SER A 593 -39.85 -48.17 1.42
C SER A 593 -40.14 -47.69 2.84
N ALA A 594 -39.58 -46.54 3.22
CA ALA A 594 -39.82 -46.01 4.55
C ALA A 594 -41.29 -45.67 4.75
N ILE A 595 -41.93 -45.11 3.72
CA ILE A 595 -43.36 -44.81 3.81
C ILE A 595 -44.16 -46.08 4.00
N GLY A 596 -43.89 -47.08 3.17
CA GLY A 596 -44.66 -48.30 3.20
C GLY A 596 -44.17 -49.39 4.12
N ASN A 597 -43.11 -49.14 4.89
CA ASN A 597 -42.49 -50.16 5.73
C ASN A 597 -42.11 -51.40 4.92
N LEU A 598 -41.51 -51.19 3.76
CA LEU A 598 -41.05 -52.21 2.83
C LEU A 598 -39.60 -52.59 3.12
N PRO A 599 -39.33 -53.84 3.46
CA PRO A 599 -37.94 -54.24 3.68
C PRO A 599 -37.22 -54.52 2.36
N LEU A 600 -36.32 -53.61 1.97
CA LEU A 600 -35.57 -53.77 0.74
C LEU A 600 -34.36 -54.66 0.96
N ARG A 601 -33.97 -55.37 -0.09
CA ARG A 601 -32.78 -56.18 -0.04
C ARG A 601 -31.55 -55.30 0.06
N GLN A 602 -30.65 -55.63 0.97
CA GLN A 602 -29.37 -54.94 1.06
C GLN A 602 -28.33 -55.57 0.14
N ASP A 603 -28.67 -56.68 -0.51
CA ASP A 603 -27.77 -57.28 -1.49
C ASP A 603 -27.51 -56.34 -2.65
N LEU A 604 -28.56 -55.66 -3.11
CA LEU A 604 -28.51 -54.91 -4.36
C LEU A 604 -28.33 -53.43 -4.08
N ALA A 605 -27.32 -52.83 -4.69
CA ALA A 605 -27.15 -51.39 -4.66
C ALA A 605 -28.07 -50.76 -5.69
N VAL A 606 -28.45 -49.50 -5.43
CA VAL A 606 -29.38 -48.77 -6.29
C VAL A 606 -28.70 -47.47 -6.72
N THR A 607 -28.73 -47.20 -8.01
CA THR A 607 -28.12 -45.99 -8.54
C THR A 607 -28.90 -45.51 -9.74
N GLY A 608 -28.69 -44.25 -10.10
CA GLY A 608 -29.37 -43.64 -11.22
C GLY A 608 -30.30 -42.54 -10.80
N ALA A 609 -30.51 -41.56 -11.68
CA ALA A 609 -31.41 -40.47 -11.38
C ALA A 609 -32.82 -40.81 -11.85
N VAL A 610 -33.80 -40.10 -11.30
CA VAL A 610 -35.20 -40.30 -11.64
C VAL A 610 -35.86 -38.94 -11.75
N ASP A 611 -36.89 -38.88 -12.58
CA ASP A 611 -37.67 -37.66 -12.78
C ASP A 611 -38.98 -37.76 -11.99
N GLN A 612 -39.77 -36.68 -12.04
CA GLN A 612 -41.02 -36.63 -11.30
C GLN A 612 -42.12 -37.45 -11.97
N THR A 613 -41.77 -38.26 -12.97
CA THR A 613 -42.72 -39.15 -13.62
C THR A 613 -42.45 -40.61 -13.31
N GLY A 614 -41.21 -40.95 -12.97
CA GLY A 614 -40.87 -42.31 -12.61
C GLY A 614 -39.82 -42.91 -13.53
N LYS A 615 -39.48 -42.20 -14.60
CA LYS A 615 -38.53 -42.69 -15.58
C LYS A 615 -37.12 -42.60 -15.01
N VAL A 616 -36.41 -43.72 -14.99
CA VAL A 616 -35.05 -43.74 -14.48
C VAL A 616 -34.13 -43.11 -15.52
N LEU A 617 -33.36 -42.12 -15.09
CA LEU A 617 -32.50 -41.36 -15.98
C LEU A 617 -31.06 -41.86 -15.90
N ALA A 618 -30.35 -41.72 -17.02
CA ALA A 618 -28.95 -42.12 -17.08
C ALA A 618 -28.09 -41.18 -16.23
N VAL A 619 -27.04 -41.75 -15.65
CA VAL A 619 -26.11 -40.99 -14.82
C VAL A 619 -24.68 -41.30 -15.28
N GLY A 620 -23.80 -40.32 -15.15
CA GLY A 620 -22.43 -40.50 -15.56
C GLY A 620 -21.65 -41.38 -14.62
N ALA A 621 -20.53 -41.89 -15.12
CA ALA A 621 -19.61 -42.74 -14.36
C ALA A 621 -20.31 -43.95 -13.76
N ILE A 622 -21.20 -44.59 -14.52
CA ILE A 622 -21.88 -45.77 -14.01
C ILE A 622 -20.88 -46.90 -13.78
N ASN A 623 -19.85 -46.98 -14.63
CA ASN A 623 -18.79 -47.94 -14.40
C ASN A 623 -18.23 -47.82 -13.00
N ALA A 624 -17.65 -46.66 -12.67
CA ALA A 624 -16.97 -46.49 -11.40
C ALA A 624 -17.85 -46.92 -10.24
N LYS A 625 -19.14 -46.57 -10.28
CA LYS A 625 -20.05 -46.98 -9.22
C LYS A 625 -20.19 -48.50 -9.17
N VAL A 626 -20.34 -49.15 -10.33
CA VAL A 626 -20.55 -50.59 -10.34
C VAL A 626 -19.32 -51.32 -9.82
N GLU A 627 -18.13 -50.94 -10.32
CA GLU A 627 -16.92 -51.56 -9.81
C GLU A 627 -16.69 -51.27 -8.34
N GLY A 628 -17.06 -50.07 -7.87
CA GLY A 628 -16.90 -49.79 -6.44
C GLY A 628 -17.75 -50.69 -5.59
N PHE A 629 -19.03 -50.85 -5.95
CA PHE A 629 -19.88 -51.74 -5.18
C PHE A 629 -19.40 -53.18 -5.29
N PHE A 630 -18.88 -53.57 -6.46
CA PHE A 630 -18.38 -54.92 -6.58
C PHE A 630 -17.17 -55.14 -5.67
N ARG A 631 -16.28 -54.15 -5.59
CA ARG A 631 -15.14 -54.28 -4.69
C ARG A 631 -15.59 -54.39 -3.24
N VAL A 632 -16.58 -53.59 -2.86
CA VAL A 632 -17.08 -53.65 -1.48
C VAL A 632 -17.66 -55.02 -1.19
N CYS A 633 -18.44 -55.56 -2.13
CA CYS A 633 -19.01 -56.89 -1.93
C CYS A 633 -17.93 -57.96 -1.88
N LYS A 634 -16.92 -57.86 -2.75
CA LYS A 634 -15.90 -58.89 -2.83
C LYS A 634 -15.01 -58.88 -1.59
N ALA A 635 -14.73 -57.69 -1.06
CA ALA A 635 -13.95 -57.60 0.17
C ALA A 635 -14.67 -58.26 1.32
N LEU A 636 -15.98 -58.07 1.42
CA LEU A 636 -16.80 -58.75 2.40
C LEU A 636 -17.16 -60.16 1.99
N GLY A 637 -16.80 -60.58 0.78
CA GLY A 637 -17.11 -61.91 0.30
C GLY A 637 -18.44 -61.94 -0.43
N LEU A 638 -18.43 -62.43 -1.65
CA LEU A 638 -19.66 -62.53 -2.44
C LEU A 638 -20.53 -63.68 -1.94
N SER A 639 -21.81 -63.60 -2.25
CA SER A 639 -22.75 -64.64 -1.89
C SER A 639 -23.61 -65.11 -3.05
N GLY A 640 -23.36 -64.66 -4.28
CA GLY A 640 -24.19 -65.03 -5.39
C GLY A 640 -25.48 -64.25 -5.46
N THR A 641 -25.67 -63.29 -4.57
CA THR A 641 -26.88 -62.48 -4.54
C THR A 641 -26.63 -60.99 -4.67
N GLN A 642 -25.43 -60.50 -4.40
CA GLN A 642 -25.16 -59.08 -4.50
C GLN A 642 -25.25 -58.63 -5.95
N GLY A 643 -25.72 -57.41 -6.16
CA GLY A 643 -25.90 -56.90 -7.51
C GLY A 643 -26.13 -55.41 -7.47
N VAL A 644 -26.30 -54.84 -8.65
CA VAL A 644 -26.47 -53.40 -8.81
C VAL A 644 -27.70 -53.17 -9.69
N ILE A 645 -28.57 -52.25 -9.26
CA ILE A 645 -29.72 -51.82 -10.04
C ILE A 645 -29.36 -50.48 -10.65
N LEU A 646 -29.23 -50.45 -11.97
CA LEU A 646 -28.77 -49.28 -12.70
C LEU A 646 -29.72 -49.00 -13.86
N PRO A 647 -29.79 -47.75 -14.32
CA PRO A 647 -30.76 -47.40 -15.36
C PRO A 647 -30.53 -48.16 -16.64
N GLU A 648 -31.63 -48.49 -17.31
CA GLU A 648 -31.55 -49.08 -18.65
C GLU A 648 -30.87 -48.14 -19.63
N ALA A 649 -30.96 -46.83 -19.42
CA ALA A 649 -30.34 -45.89 -20.34
C ALA A 649 -28.82 -45.92 -20.28
N ASN A 650 -28.26 -46.55 -19.26
CA ASN A 650 -26.82 -46.57 -19.07
C ASN A 650 -26.15 -47.82 -19.65
N LEU A 651 -26.90 -48.73 -20.25
CA LEU A 651 -26.28 -49.92 -20.84
C LEU A 651 -25.34 -49.57 -21.98
N ALA A 652 -25.62 -48.48 -22.70
CA ALA A 652 -24.66 -47.98 -23.68
C ALA A 652 -23.44 -47.37 -23.03
N ASN A 653 -23.50 -47.04 -21.74
CA ASN A 653 -22.37 -46.48 -21.02
C ASN A 653 -21.62 -47.51 -20.20
N LEU A 654 -22.18 -48.70 -20.02
CA LEU A 654 -21.51 -49.71 -19.21
C LEU A 654 -20.30 -50.27 -19.93
N THR A 655 -19.13 -50.08 -19.33
CA THR A 655 -17.91 -50.73 -19.77
C THR A 655 -17.26 -51.30 -18.52
N LEU A 656 -17.66 -52.52 -18.16
CA LEU A 656 -17.28 -53.08 -16.87
C LEU A 656 -15.90 -53.70 -16.93
N ARG A 657 -15.25 -53.75 -15.76
CA ARG A 657 -13.93 -54.34 -15.66
C ARG A 657 -14.02 -55.85 -15.87
N ALA A 658 -12.87 -56.47 -16.17
CA ALA A 658 -12.86 -57.90 -16.47
C ALA A 658 -13.35 -58.72 -15.30
N GLU A 659 -12.95 -58.37 -14.07
CA GLU A 659 -13.35 -59.15 -12.91
C GLU A 659 -14.86 -59.09 -12.69
N VAL A 660 -15.46 -57.92 -12.90
CA VAL A 660 -16.91 -57.80 -12.76
C VAL A 660 -17.62 -58.69 -13.77
N LEU A 661 -17.14 -58.68 -15.01
CA LEU A 661 -17.74 -59.52 -16.04
C LEU A 661 -17.58 -61.00 -15.71
N GLU A 662 -16.42 -61.39 -15.19
CA GLU A 662 -16.21 -62.77 -14.78
C GLU A 662 -17.18 -63.16 -13.67
N ALA A 663 -17.39 -62.26 -12.71
CA ALA A 663 -18.34 -62.53 -11.63
C ALA A 663 -19.76 -62.68 -12.17
N VAL A 664 -20.13 -61.81 -13.11
CA VAL A 664 -21.47 -61.89 -13.70
C VAL A 664 -21.65 -63.21 -14.44
N ARG A 665 -20.64 -63.61 -15.21
CA ARG A 665 -20.70 -64.89 -15.91
C ARG A 665 -20.80 -66.04 -14.94
N ALA A 666 -20.07 -65.96 -13.82
CA ALA A 666 -20.12 -67.01 -12.81
C ALA A 666 -21.40 -66.99 -11.99
N GLY A 667 -22.24 -65.97 -12.15
CA GLY A 667 -23.46 -65.89 -11.40
C GLY A 667 -23.30 -65.41 -9.97
N GLN A 668 -22.10 -65.02 -9.57
CA GLN A 668 -21.84 -64.48 -8.25
C GLN A 668 -22.14 -63.00 -8.16
N PHE A 669 -22.53 -62.39 -9.28
CA PHE A 669 -22.85 -60.97 -9.31
C PHE A 669 -23.96 -60.76 -10.34
N HIS A 670 -24.78 -59.75 -10.11
CA HIS A 670 -25.94 -59.49 -10.94
C HIS A 670 -25.99 -58.01 -11.30
N ILE A 671 -26.47 -57.71 -12.51
CA ILE A 671 -26.69 -56.34 -12.94
C ILE A 671 -28.14 -56.22 -13.34
N TYR A 672 -28.86 -55.30 -12.71
CA TYR A 672 -30.27 -55.09 -12.97
C TYR A 672 -30.44 -53.75 -13.67
N ALA A 673 -31.03 -53.78 -14.86
CA ALA A 673 -31.30 -52.58 -15.62
C ALA A 673 -32.80 -52.34 -15.67
N VAL A 674 -33.23 -51.17 -15.21
CA VAL A 674 -34.65 -50.87 -15.08
C VAL A 674 -34.94 -49.54 -15.76
N GLU A 675 -36.20 -49.35 -16.15
CA GLU A 675 -36.64 -48.12 -16.79
C GLU A 675 -37.53 -47.27 -15.91
N THR A 676 -38.24 -47.87 -14.95
CA THR A 676 -39.12 -47.13 -14.07
C THR A 676 -38.77 -47.45 -12.63
N ALA A 677 -38.99 -46.48 -11.75
CA ALA A 677 -38.70 -46.68 -10.33
C ALA A 677 -39.49 -47.84 -9.77
N GLU A 678 -40.68 -48.10 -10.31
CA GLU A 678 -41.48 -49.22 -9.83
C GLU A 678 -40.78 -50.54 -10.08
N GLN A 679 -40.12 -50.69 -11.23
CA GLN A 679 -39.38 -51.91 -11.51
C GLN A 679 -38.27 -52.13 -10.49
N ALA A 680 -37.48 -51.09 -10.23
CA ALA A 680 -36.39 -51.23 -9.28
C ALA A 680 -36.89 -51.54 -7.88
N LEU A 681 -37.99 -50.89 -7.47
CA LEU A 681 -38.52 -51.13 -6.14
C LEU A 681 -39.10 -52.54 -6.03
N GLU A 682 -39.72 -53.02 -7.11
CA GLU A 682 -40.19 -54.40 -7.13
C GLU A 682 -39.03 -55.38 -6.97
N ILE A 683 -37.92 -55.11 -7.67
CA ILE A 683 -36.75 -55.96 -7.53
C ILE A 683 -36.21 -55.92 -6.11
N LEU A 684 -36.15 -54.73 -5.52
CA LEU A 684 -35.60 -54.58 -4.17
C LEU A 684 -36.45 -55.32 -3.15
N ALA A 685 -37.75 -55.08 -3.15
CA ALA A 685 -38.62 -55.68 -2.15
C ALA A 685 -38.99 -57.13 -2.48
N GLY A 686 -38.69 -57.59 -3.68
CA GLY A 686 -39.06 -58.94 -4.06
C GLY A 686 -40.54 -59.18 -4.14
N ALA A 687 -41.30 -58.20 -4.62
CA ALA A 687 -42.75 -58.33 -4.72
C ALA A 687 -43.24 -57.41 -5.83
N ARG A 688 -44.49 -57.63 -6.25
CA ARG A 688 -45.05 -56.88 -7.36
C ARG A 688 -46.02 -55.80 -6.87
N MET A 689 -46.12 -54.72 -7.65
CA MET A 689 -47.09 -53.68 -7.36
C MET A 689 -48.52 -54.20 -7.44
N GLU A 690 -48.81 -55.00 -8.45
CA GLU A 690 -50.19 -55.36 -8.77
C GLU A 690 -50.78 -56.29 -7.71
N GLY A 691 -52.11 -56.25 -7.60
CA GLY A 691 -52.83 -57.15 -6.73
C GLY A 691 -52.79 -56.70 -5.28
N PHE A 692 -53.49 -57.47 -4.43
CA PHE A 692 -53.46 -57.21 -3.01
C PHE A 692 -52.12 -57.64 -2.43
N ARG A 693 -51.91 -57.35 -1.15
CA ARG A 693 -50.61 -57.45 -0.45
C ARG A 693 -49.45 -56.98 -1.33
N GLY A 694 -49.74 -56.03 -2.23
CA GLY A 694 -48.72 -55.48 -3.09
C GLY A 694 -48.10 -54.22 -2.55
N LEU A 695 -47.00 -53.82 -3.18
CA LEU A 695 -46.20 -52.70 -2.65
C LEU A 695 -46.95 -51.38 -2.75
N GLN A 696 -47.69 -51.17 -3.84
CA GLN A 696 -48.34 -49.88 -4.05
C GLN A 696 -49.36 -49.59 -2.96
N GLU A 697 -50.23 -50.55 -2.66
CA GLU A 697 -51.23 -50.28 -1.64
C GLU A 697 -50.62 -50.31 -0.25
N LYS A 698 -49.47 -50.96 -0.08
CA LYS A 698 -48.73 -50.82 1.16
C LYS A 698 -48.27 -49.37 1.36
N ILE A 699 -47.74 -48.76 0.30
CA ILE A 699 -47.35 -47.36 0.38
C ILE A 699 -48.56 -46.48 0.63
N ARG A 700 -49.68 -46.76 -0.04
CA ARG A 700 -50.89 -45.98 0.19
C ARG A 700 -51.40 -46.16 1.62
N ALA A 701 -51.28 -47.36 2.17
CA ALA A 701 -51.69 -47.59 3.56
C ALA A 701 -50.79 -46.82 4.52
N GLY A 702 -49.50 -46.76 4.24
CA GLY A 702 -48.61 -45.94 5.06
C GLY A 702 -48.97 -44.47 5.00
N LEU A 703 -49.25 -43.97 3.80
CA LEU A 703 -49.68 -42.59 3.66
C LEU A 703 -50.98 -42.33 4.41
N GLU A 704 -51.92 -43.27 4.32
CA GLU A 704 -53.19 -43.13 5.02
C GLU A 704 -52.99 -43.16 6.53
N ALA A 705 -52.06 -43.97 7.00
CA ALA A 705 -51.75 -43.99 8.44
C ALA A 705 -51.18 -42.67 8.89
N PHE A 706 -50.29 -42.08 8.10
CA PHE A 706 -49.74 -40.76 8.46
C PHE A 706 -50.84 -39.71 8.44
N ALA A 707 -51.73 -39.75 7.46
CA ALA A 707 -52.85 -38.81 7.42
C ALA A 707 -53.75 -38.99 8.63
N ARG A 708 -53.99 -40.24 9.03
CA ARG A 708 -54.81 -40.51 10.21
C ARG A 708 -54.15 -39.99 11.47
N LEU A 709 -52.82 -40.10 11.56
CA LEU A 709 -52.12 -39.55 12.72
C LEU A 709 -52.24 -38.03 12.75
N GLU A 710 -52.11 -37.38 11.59
CA GLU A 710 -52.30 -35.93 11.54
C GLU A 710 -53.71 -35.55 11.95
N GLU A 711 -54.70 -36.29 11.47
CA GLU A 711 -56.10 -35.99 11.81
C GLU A 711 -56.35 -36.21 13.30
N GLY A 712 -55.75 -37.24 13.88
CA GLY A 712 -55.86 -37.45 15.31
C GLY A 712 -55.25 -36.31 16.10
N HIS A 713 -54.09 -35.82 15.66
CA HIS A 713 -53.51 -34.65 16.31
C HIS A 713 -54.42 -33.43 16.18
N ASP A 714 -55.04 -33.24 15.02
CA ASP A 714 -55.93 -32.10 14.82
C ASP A 714 -57.15 -32.19 15.73
N LYS A 715 -57.77 -33.37 15.83
CA LYS A 715 -58.93 -33.52 16.69
C LYS A 715 -58.55 -33.47 18.16
N GLU A 716 -57.32 -33.86 18.50
CA GLU A 716 -56.81 -33.64 19.85
C GLU A 716 -56.71 -32.15 20.15
N ASP A 717 -56.17 -31.38 19.20
CA ASP A 717 -56.06 -29.93 19.40
C ASP A 717 -57.43 -29.29 19.53
N ARG A 718 -58.40 -29.75 18.74
CA ARG A 718 -59.76 -29.20 18.82
C ARG A 718 -60.48 -29.68 20.08
N GLU A 719 -60.67 -30.98 20.20
CA GLU A 719 -61.39 -31.54 21.34
C GLU A 719 -60.44 -31.86 22.49
N MET B 1 -22.58 -54.23 25.04
CA MET B 1 -22.01 -55.22 25.96
C MET B 1 -20.70 -54.72 26.55
N ARG B 2 -20.44 -55.05 27.81
CA ARG B 2 -19.24 -54.60 28.49
C ARG B 2 -18.06 -55.37 27.94
N LEU B 3 -17.21 -54.68 27.20
CA LEU B 3 -16.06 -55.32 26.57
C LEU B 3 -15.09 -55.84 27.62
N SER B 4 -14.63 -57.07 27.43
CA SER B 4 -13.71 -57.68 28.36
C SER B 4 -12.29 -57.16 28.12
N TYR B 5 -11.41 -57.45 29.07
CA TYR B 5 -10.02 -57.01 28.95
C TYR B 5 -9.36 -57.61 27.72
N GLU B 6 -9.48 -58.92 27.54
CA GLU B 6 -8.83 -59.56 26.42
C GLU B 6 -9.46 -59.15 25.09
N ALA B 7 -10.72 -58.73 25.12
CA ALA B 7 -11.30 -58.14 23.92
C ALA B 7 -10.81 -56.73 23.68
N LEU B 8 -10.20 -56.09 24.67
CA LEU B 8 -9.67 -54.75 24.55
C LEU B 8 -8.16 -54.70 24.45
N GLU B 9 -7.48 -55.78 24.81
CA GLU B 9 -6.02 -55.81 24.81
C GLU B 9 -5.51 -55.84 23.39
N TRP B 10 -4.66 -54.87 23.06
CA TRP B 10 -4.11 -54.75 21.71
C TRP B 10 -2.60 -54.86 21.66
N ARG B 11 -1.90 -54.62 22.77
CA ARG B 11 -0.45 -54.63 22.76
C ARG B 11 0.06 -56.04 22.52
N THR B 12 1.00 -56.16 21.59
CA THR B 12 1.58 -57.47 21.33
C THR B 12 2.40 -57.92 22.53
N PRO B 13 2.19 -59.14 23.02
CA PRO B 13 2.87 -59.58 24.23
C PRO B 13 4.37 -59.72 24.03
N ILE B 14 5.11 -59.59 25.13
CA ILE B 14 6.55 -59.73 25.13
C ILE B 14 6.93 -60.87 26.06
N GLU B 15 7.84 -61.72 25.60
CA GLU B 15 8.41 -62.77 26.44
C GLU B 15 9.89 -62.55 26.70
N ASN B 16 10.52 -61.59 26.04
CA ASN B 16 11.92 -61.28 26.23
C ASN B 16 12.16 -59.84 25.81
N SER B 17 12.75 -59.06 26.71
CA SER B 17 12.95 -57.64 26.46
C SER B 17 14.41 -57.27 26.68
N THR B 18 15.18 -58.19 27.23
CA THR B 18 16.60 -57.98 27.49
C THR B 18 17.47 -58.49 26.34
N GLU B 19 16.86 -58.94 25.26
CA GLU B 19 17.59 -59.56 24.15
C GLU B 19 17.79 -58.54 23.04
N PRO B 20 19.02 -58.12 22.76
CA PRO B 20 19.25 -57.22 21.63
C PRO B 20 18.84 -57.89 20.34
N VAL B 21 18.32 -57.09 19.40
CA VAL B 21 17.79 -57.61 18.16
C VAL B 21 18.69 -57.17 17.02
N SER B 22 18.95 -58.10 16.10
CA SER B 22 19.71 -57.83 14.90
C SER B 22 18.86 -58.23 13.71
N LEU B 23 18.41 -57.25 12.95
CA LEU B 23 17.55 -57.53 11.81
C LEU B 23 18.12 -56.88 10.56
N PRO B 24 18.14 -57.58 9.43
CA PRO B 24 18.64 -56.99 8.19
C PRO B 24 17.83 -55.77 7.83
N PRO B 25 18.46 -54.75 7.25
CA PRO B 25 17.73 -53.56 6.85
C PRO B 25 16.61 -53.91 5.88
N PRO B 26 15.42 -53.35 6.08
CA PRO B 26 14.33 -53.61 5.17
C PRO B 26 14.57 -52.94 3.84
N PRO B 27 13.98 -53.45 2.75
CA PRO B 27 14.14 -52.77 1.47
C PRO B 27 13.42 -51.43 1.50
N PRO B 28 13.87 -50.46 0.70
CA PRO B 28 13.22 -49.15 0.70
C PRO B 28 11.75 -49.28 0.34
N PHE B 29 10.94 -48.38 0.89
CA PHE B 29 9.50 -48.40 0.72
C PHE B 29 8.90 -49.69 1.23
N PHE B 30 9.32 -50.17 2.40
CA PHE B 30 8.73 -51.36 2.96
C PHE B 30 7.29 -51.05 3.35
N GLY B 31 6.37 -51.94 3.03
CA GLY B 31 4.97 -51.65 3.24
C GLY B 31 4.44 -50.53 2.39
N GLN B 32 5.20 -50.11 1.38
CA GLN B 32 4.80 -49.06 0.46
C GLN B 32 4.84 -49.60 -0.96
N GLU B 33 4.24 -50.77 -1.14
CA GLU B 33 4.33 -51.47 -2.41
C GLU B 33 3.77 -50.62 -3.55
N ARG B 34 2.68 -49.90 -3.31
CA ARG B 34 2.13 -49.03 -4.34
C ARG B 34 3.15 -48.00 -4.77
N ALA B 35 3.74 -47.29 -3.81
CA ALA B 35 4.71 -46.26 -4.16
C ALA B 35 5.95 -46.87 -4.81
N ARG B 36 6.41 -48.01 -4.31
CA ARG B 36 7.60 -48.63 -4.88
C ARG B 36 7.37 -49.03 -6.34
N GLU B 37 6.23 -49.67 -6.62
CA GLU B 37 5.95 -50.08 -7.98
C GLU B 37 5.76 -48.87 -8.89
N ALA B 38 5.09 -47.83 -8.41
CA ALA B 38 4.95 -46.62 -9.20
C ALA B 38 6.31 -46.02 -9.52
N LEU B 39 7.21 -46.02 -8.55
CA LEU B 39 8.54 -45.47 -8.78
C LEU B 39 9.34 -46.31 -9.75
N GLU B 40 9.22 -47.65 -9.65
CA GLU B 40 9.89 -48.50 -10.62
C GLU B 40 9.38 -48.24 -12.03
N LEU B 41 8.07 -48.10 -12.18
CA LEU B 41 7.52 -47.79 -13.49
C LEU B 41 8.04 -46.46 -14.01
N ALA B 42 8.06 -45.44 -13.14
CA ALA B 42 8.54 -44.13 -13.58
C ALA B 42 10.00 -44.17 -13.98
N ILE B 43 10.82 -44.90 -13.23
CA ILE B 43 12.24 -44.99 -13.52
C ILE B 43 12.50 -45.73 -14.82
N ARG B 44 11.88 -46.91 -15.00
CA ARG B 44 12.11 -47.64 -16.24
C ARG B 44 11.57 -46.87 -17.44
N GLY B 45 10.40 -46.25 -17.30
CA GLY B 45 9.82 -45.52 -18.40
C GLY B 45 10.34 -44.13 -18.61
N GLY B 46 11.14 -43.61 -17.69
CA GLY B 46 11.62 -42.25 -17.82
C GLY B 46 10.52 -41.21 -17.71
N PHE B 47 9.40 -41.56 -17.08
CA PHE B 47 8.30 -40.65 -16.89
C PHE B 47 8.52 -39.80 -15.65
N HIS B 48 8.03 -38.57 -15.70
CA HIS B 48 8.05 -37.73 -14.52
C HIS B 48 6.98 -38.20 -13.56
N ALA B 49 7.36 -38.38 -12.31
CA ALA B 49 6.47 -38.86 -11.26
C ALA B 49 6.39 -37.83 -10.14
N TYR B 50 5.54 -38.12 -9.17
CA TYR B 50 5.43 -37.26 -8.00
C TYR B 50 4.99 -38.10 -6.82
N LEU B 51 5.75 -38.03 -5.73
CA LEU B 51 5.47 -38.80 -4.53
C LEU B 51 4.47 -38.05 -3.67
N VAL B 52 3.41 -38.74 -3.28
CA VAL B 52 2.33 -38.15 -2.50
C VAL B 52 2.23 -38.91 -1.20
N GLY B 53 2.14 -38.16 -0.10
CA GLY B 53 2.00 -38.81 1.22
C GLY B 53 1.96 -37.80 2.33
N PRO B 54 1.34 -38.11 3.49
CA PRO B 54 1.30 -37.19 4.62
C PRO B 54 2.72 -36.87 5.09
N PRO B 55 2.97 -35.68 5.68
CA PRO B 55 4.33 -35.30 6.06
C PRO B 55 4.92 -36.22 7.12
N SER B 56 6.25 -36.37 7.13
CA SER B 56 6.95 -37.23 8.13
C SER B 56 6.86 -38.71 7.77
N LEU B 57 6.50 -39.04 6.53
CA LEU B 57 6.49 -40.47 6.10
C LEU B 57 7.93 -40.87 5.76
N GLY B 58 8.86 -39.92 5.79
CA GLY B 58 10.25 -40.22 5.37
C GLY B 58 10.33 -40.43 3.88
N LYS B 59 9.44 -39.78 3.11
CA LYS B 59 9.39 -40.02 1.65
C LYS B 59 10.72 -39.62 1.03
N HIS B 60 11.26 -38.45 1.40
CA HIS B 60 12.52 -37.97 0.78
C HIS B 60 13.65 -38.93 1.14
N GLU B 61 13.71 -39.38 2.39
CA GLU B 61 14.82 -40.25 2.85
C GLU B 61 14.82 -41.58 2.09
N ALA B 62 13.64 -42.18 1.88
CA ALA B 62 13.65 -43.53 1.25
C ALA B 62 13.71 -43.33 -0.26
N LEU B 63 13.24 -42.20 -0.77
CA LEU B 63 13.38 -41.99 -2.20
C LEU B 63 14.84 -41.87 -2.60
N LEU B 64 15.61 -41.05 -1.90
CA LEU B 64 17.02 -40.90 -2.24
C LEU B 64 17.77 -42.20 -2.03
N ALA B 65 17.42 -42.94 -0.98
CA ALA B 65 18.05 -44.24 -0.77
C ALA B 65 17.74 -45.19 -1.91
N TYR B 66 16.50 -45.20 -2.38
CA TYR B 66 16.15 -46.08 -3.49
C TYR B 66 16.85 -45.68 -4.78
N LEU B 67 16.90 -44.39 -5.07
CA LEU B 67 17.52 -43.94 -6.31
C LEU B 67 19.01 -44.20 -6.34
N SER B 68 19.67 -44.24 -5.18
CA SER B 68 21.09 -44.56 -5.16
C SER B 68 21.36 -45.98 -5.61
N THR B 69 20.43 -46.89 -5.40
CA THR B 69 20.57 -48.25 -5.89
C THR B 69 20.39 -48.35 -7.40
N GLN B 70 19.66 -47.43 -8.00
CA GLN B 70 19.45 -47.46 -9.44
C GLN B 70 20.76 -47.29 -10.17
N SER B 71 20.88 -47.93 -11.33
CA SER B 71 22.02 -47.79 -12.21
C SER B 71 21.51 -47.40 -13.59
N VAL B 72 22.04 -46.32 -14.13
CA VAL B 72 21.60 -45.80 -15.41
C VAL B 72 22.79 -45.77 -16.35
N GLU B 73 22.51 -45.76 -17.65
CA GLU B 73 23.56 -45.57 -18.64
C GLU B 73 24.28 -44.25 -18.37
N THR B 74 25.60 -44.28 -18.54
CA THR B 74 26.41 -43.14 -18.15
C THR B 74 25.98 -41.87 -18.90
N PRO B 75 25.68 -40.79 -18.20
CA PRO B 75 25.19 -39.59 -18.87
C PRO B 75 26.23 -39.00 -19.79
N PRO B 76 25.81 -38.44 -20.92
CA PRO B 76 26.74 -37.66 -21.74
C PRO B 76 27.16 -36.40 -21.01
N ASP B 77 28.37 -35.95 -21.29
CA ASP B 77 28.92 -34.76 -20.64
C ASP B 77 28.37 -33.52 -21.35
N LEU B 78 27.59 -32.72 -20.63
CA LEU B 78 27.03 -31.51 -21.19
C LEU B 78 27.77 -30.30 -20.62
N LEU B 79 28.12 -29.36 -21.51
CA LEU B 79 28.87 -28.19 -21.08
C LEU B 79 28.50 -27.00 -21.95
N TYR B 80 28.86 -25.82 -21.47
CA TYR B 80 28.71 -24.59 -22.25
C TYR B 80 30.05 -24.27 -22.90
N VAL B 81 30.02 -23.97 -24.19
CA VAL B 81 31.21 -23.56 -24.93
C VAL B 81 30.91 -22.21 -25.57
N PRO B 82 31.81 -21.25 -25.48
CA PRO B 82 31.55 -19.93 -26.09
C PRO B 82 31.89 -19.93 -27.57
N LEU B 83 30.85 -19.84 -28.41
CA LEU B 83 31.10 -19.66 -29.84
C LEU B 83 31.62 -18.27 -30.14
N SER B 84 31.17 -17.27 -29.39
CA SER B 84 31.68 -15.92 -29.50
C SER B 84 31.58 -15.29 -28.11
N GLU B 85 31.72 -13.96 -28.05
CA GLU B 85 31.57 -13.26 -26.79
C GLU B 85 30.12 -13.32 -26.32
N ARG B 86 29.18 -13.05 -27.22
CA ARG B 86 27.78 -13.01 -26.83
C ARG B 86 27.15 -14.40 -26.89
N LYS B 87 27.56 -15.22 -27.85
CA LYS B 87 26.91 -16.50 -28.11
C LYS B 87 27.59 -17.59 -27.29
N VAL B 88 26.81 -18.28 -26.46
CA VAL B 88 27.28 -19.42 -25.70
C VAL B 88 26.41 -20.61 -26.10
N ALA B 89 27.02 -21.63 -26.68
CA ALA B 89 26.31 -22.79 -27.16
C ALA B 89 26.49 -23.96 -26.19
N VAL B 90 25.67 -24.98 -26.39
CA VAL B 90 25.68 -26.16 -25.52
C VAL B 90 26.30 -27.31 -26.30
N LEU B 91 27.28 -27.96 -25.69
CA LEU B 91 28.00 -29.06 -26.31
C LEU B 91 27.77 -30.34 -25.51
N THR B 92 27.53 -31.42 -26.24
CA THR B 92 27.38 -32.75 -25.66
C THR B 92 28.56 -33.60 -26.11
N LEU B 93 29.16 -34.32 -25.18
CA LEU B 93 30.33 -35.15 -25.42
C LEU B 93 30.12 -36.52 -24.82
N PRO B 94 30.86 -37.52 -25.27
CA PRO B 94 30.84 -38.81 -24.57
C PRO B 94 31.33 -38.65 -23.14
N SER B 95 30.85 -39.49 -22.23
CA SER B 95 31.13 -39.31 -20.81
C SER B 95 32.62 -39.35 -20.54
N GLY B 96 33.08 -38.39 -19.73
CA GLY B 96 34.46 -38.30 -19.34
C GLY B 96 35.35 -37.48 -20.24
N GLN B 97 34.84 -36.99 -21.37
CA GLN B 97 35.68 -36.26 -22.31
C GLN B 97 35.69 -34.76 -22.06
N GLU B 98 34.88 -34.26 -21.12
CA GLU B 98 34.84 -32.82 -20.90
C GLU B 98 36.13 -32.31 -20.25
N ILE B 99 36.76 -33.12 -19.41
CA ILE B 99 38.04 -32.70 -18.82
C ILE B 99 39.12 -32.65 -19.88
N HIS B 100 39.12 -33.63 -20.79
CA HIS B 100 40.09 -33.63 -21.88
C HIS B 100 39.85 -32.45 -22.82
N LEU B 101 38.59 -32.12 -23.07
CA LEU B 101 38.31 -30.91 -23.85
C LEU B 101 38.81 -29.67 -23.14
N ALA B 102 38.64 -29.64 -21.81
CA ALA B 102 39.13 -28.48 -21.05
C ALA B 102 40.63 -28.34 -21.16
N GLU B 103 41.37 -29.44 -21.03
CA GLU B 103 42.83 -29.34 -21.13
C GLU B 103 43.26 -29.02 -22.56
N ALA B 104 42.55 -29.54 -23.56
CA ALA B 104 42.87 -29.18 -24.93
C ALA B 104 42.64 -27.70 -25.20
N VAL B 105 41.56 -27.15 -24.63
CA VAL B 105 41.30 -25.73 -24.79
C VAL B 105 42.36 -24.91 -24.06
N GLU B 106 42.84 -25.41 -22.92
CA GLU B 106 43.94 -24.74 -22.23
C GLU B 106 45.19 -24.72 -23.11
N GLY B 107 45.49 -25.84 -23.76
CA GLY B 107 46.62 -25.86 -24.68
C GLY B 107 46.44 -24.91 -25.85
N LEU B 108 45.24 -24.87 -26.42
CA LEU B 108 44.98 -23.97 -27.53
C LEU B 108 45.08 -22.51 -27.09
N LEU B 109 44.71 -22.23 -25.84
CA LEU B 109 44.89 -20.89 -25.30
C LEU B 109 46.37 -20.55 -25.16
N LEU B 110 47.16 -21.51 -24.69
CA LEU B 110 48.60 -21.32 -24.63
C LEU B 110 49.24 -21.17 -26.00
N GLU B 111 48.58 -21.67 -27.05
CA GLU B 111 49.10 -21.57 -28.41
C GLU B 111 49.36 -20.13 -28.86
N VAL B 112 48.96 -19.13 -28.08
CA VAL B 112 49.30 -17.75 -28.44
C VAL B 112 50.82 -17.56 -28.42
N ASN B 113 51.49 -18.23 -27.49
CA ASN B 113 52.95 -18.20 -27.47
C ASN B 113 53.53 -18.85 -28.71
N ARG B 114 52.93 -19.95 -29.16
CA ARG B 114 53.38 -20.58 -30.39
C ARG B 114 53.18 -19.66 -31.58
N LEU B 115 52.06 -18.95 -31.62
CA LEU B 115 51.82 -17.98 -32.69
C LEU B 115 52.86 -16.87 -32.66
N ASP B 116 53.18 -16.36 -31.47
CA ASP B 116 54.18 -15.31 -31.36
C ASP B 116 55.54 -15.81 -31.82
N GLU B 117 55.89 -17.05 -31.45
CA GLU B 117 57.17 -17.62 -31.86
C GLU B 117 57.22 -17.86 -33.36
N LEU B 118 56.09 -18.22 -33.97
CA LEU B 118 56.07 -18.46 -35.40
C LEU B 118 56.47 -17.22 -36.19
N PHE B 119 55.96 -16.05 -35.79
CA PHE B 119 56.36 -14.80 -36.43
C PHE B 119 57.82 -14.47 -36.18
N ARG B 120 58.45 -15.07 -35.18
CA ARG B 120 59.87 -14.89 -34.93
C ARG B 120 60.72 -15.94 -35.62
N GLN B 121 60.11 -16.86 -36.36
CA GLN B 121 60.85 -17.92 -37.03
C GLN B 121 61.42 -17.42 -38.35
N GLY B 122 62.01 -18.32 -39.11
CA GLY B 122 62.66 -17.97 -40.35
C GLY B 122 61.70 -17.61 -41.47
N SER B 123 60.89 -18.59 -41.89
CA SER B 123 60.14 -18.46 -43.14
C SER B 123 59.17 -17.29 -43.11
N PHE B 124 58.51 -17.07 -41.96
CA PHE B 124 57.57 -15.97 -41.88
C PHE B 124 58.27 -14.63 -42.11
N LEU B 125 59.43 -14.44 -41.49
CA LEU B 125 60.17 -13.21 -41.69
C LEU B 125 60.71 -13.11 -43.11
N ARG B 126 61.20 -14.23 -43.66
CA ARG B 126 61.54 -14.29 -45.08
C ARG B 126 60.45 -13.67 -45.93
N GLU B 127 59.23 -14.22 -45.84
CA GLU B 127 58.16 -13.82 -46.73
C GLU B 127 57.64 -12.42 -46.42
N LYS B 128 57.59 -12.06 -45.13
CA LYS B 128 57.17 -10.72 -44.76
C LYS B 128 58.11 -9.67 -45.31
N THR B 129 59.41 -9.88 -45.16
CA THR B 129 60.38 -8.95 -45.73
C THR B 129 60.33 -8.95 -47.25
N GLN B 130 60.07 -10.11 -47.87
CA GLN B 130 59.96 -10.13 -49.32
C GLN B 130 58.78 -9.30 -49.81
N LEU B 131 57.62 -9.42 -49.16
CA LEU B 131 56.46 -8.64 -49.58
C LEU B 131 56.65 -7.16 -49.30
N GLU B 132 57.24 -6.83 -48.14
CA GLU B 132 57.53 -5.43 -47.85
C GLU B 132 58.50 -4.86 -48.86
N ALA B 133 59.52 -5.62 -49.24
CA ALA B 133 60.48 -5.18 -50.24
C ALA B 133 59.82 -5.01 -51.59
N ARG B 134 58.88 -5.89 -51.95
CA ARG B 134 58.19 -5.75 -53.22
C ARG B 134 57.36 -4.46 -53.25
N PHE B 135 56.60 -4.20 -52.20
CA PHE B 135 55.77 -2.99 -52.19
C PHE B 135 56.64 -1.73 -52.11
N LYS B 136 57.74 -1.80 -51.34
CA LYS B 136 58.67 -0.70 -51.30
C LYS B 136 59.34 -0.47 -52.64
N GLU B 137 59.61 -1.54 -53.39
CA GLU B 137 60.15 -1.40 -54.73
C GLU B 137 59.16 -0.74 -55.66
N ALA B 138 57.88 -1.09 -55.54
CA ALA B 138 56.85 -0.40 -56.31
C ALA B 138 56.81 1.09 -55.97
N ARG B 139 56.87 1.42 -54.68
CA ARG B 139 56.87 2.82 -54.27
C ARG B 139 58.12 3.54 -54.78
N GLU B 140 59.28 2.87 -54.74
CA GLU B 140 60.50 3.47 -55.25
C GLU B 140 60.44 3.67 -56.75
N GLN B 141 59.81 2.74 -57.47
CA GLN B 141 59.62 2.93 -58.91
C GLN B 141 58.74 4.13 -59.19
N GLN B 142 57.67 4.30 -58.40
CA GLN B 142 56.83 5.49 -58.54
C GLN B 142 57.63 6.76 -58.27
N LEU B 143 58.43 6.76 -57.20
CA LEU B 143 59.23 7.93 -56.86
C LEU B 143 60.25 8.25 -57.94
N GLU B 144 60.89 7.22 -58.48
CA GLU B 144 61.87 7.42 -59.55
C GLU B 144 61.20 7.91 -60.83
N ALA B 145 60.01 7.43 -61.14
CA ALA B 145 59.27 7.95 -62.29
C ALA B 145 58.94 9.43 -62.10
N LEU B 146 58.50 9.80 -60.89
CA LEU B 146 58.21 11.21 -60.63
C LEU B 146 59.46 12.06 -60.73
N ARG B 147 60.59 11.57 -60.21
CA ARG B 147 61.84 12.32 -60.29
C ARG B 147 62.31 12.47 -61.73
N ARG B 148 62.17 11.42 -62.53
CA ARG B 148 62.52 11.49 -63.94
C ARG B 148 61.63 12.49 -64.67
N GLU B 149 60.34 12.50 -64.36
CA GLU B 149 59.44 13.49 -64.94
C GLU B 149 59.83 14.90 -64.53
N ALA B 150 60.22 15.10 -63.28
CA ALA B 150 60.63 16.42 -62.80
C ALA B 150 61.91 16.89 -63.50
N GLN B 151 62.91 16.01 -63.60
CA GLN B 151 64.18 16.41 -64.20
C GLN B 151 64.07 16.56 -65.72
N GLU B 152 63.16 15.83 -66.36
CA GLU B 152 62.95 16.02 -67.80
C GLU B 152 62.40 17.42 -68.09
N ALA B 153 61.55 17.92 -67.21
CA ALA B 153 61.02 19.28 -67.33
C ALA B 153 61.92 20.32 -66.69
N GLY B 154 63.08 19.92 -66.15
CA GLY B 154 63.99 20.86 -65.54
C GLY B 154 63.70 21.17 -64.09
N PHE B 155 62.92 20.34 -63.42
CA PHE B 155 62.57 20.55 -62.02
C PHE B 155 63.26 19.54 -61.13
N ALA B 156 63.33 19.87 -59.85
CA ALA B 156 63.92 19.02 -58.83
C ALA B 156 62.80 18.48 -57.94
N LEU B 157 62.85 17.17 -57.66
CA LEU B 157 61.88 16.52 -56.80
C LEU B 157 62.51 16.35 -55.43
N SER B 158 62.08 17.18 -54.47
CA SER B 158 62.67 17.19 -53.14
C SER B 158 61.81 16.36 -52.19
N THR B 159 62.38 15.32 -51.61
CA THR B 159 61.68 14.48 -50.65
C THR B 159 61.92 14.99 -49.24
N ASN B 160 60.83 15.41 -48.58
CA ASN B 160 60.91 15.94 -47.22
C ASN B 160 60.33 14.96 -46.22
N GLY B 161 60.61 13.68 -46.41
CA GLY B 161 60.06 12.63 -45.56
C GLY B 161 58.98 11.85 -46.29
N GLU B 162 57.79 11.76 -45.68
CA GLU B 162 56.67 11.13 -46.34
C GLU B 162 56.18 11.96 -47.52
N ARG B 163 56.31 13.29 -47.42
CA ARG B 163 55.83 14.21 -48.43
C ARG B 163 56.95 14.57 -49.40
N LEU B 164 56.56 15.00 -50.60
CA LEU B 164 57.49 15.43 -51.63
C LEU B 164 57.02 16.76 -52.19
N GLU B 165 57.98 17.51 -52.73
CA GLU B 165 57.69 18.82 -53.33
C GLU B 165 58.48 18.95 -54.64
N LEU B 166 58.07 19.92 -55.44
CA LEU B 166 58.73 20.22 -56.71
C LEU B 166 59.32 21.62 -56.64
N THR B 167 60.63 21.71 -56.77
CA THR B 167 61.36 22.97 -56.69
C THR B 167 62.02 23.24 -58.04
N GLY B 168 61.75 24.41 -58.61
CA GLY B 168 62.31 24.78 -59.89
C GLY B 168 62.34 26.28 -60.08
N PRO B 169 62.34 26.72 -61.34
CA PRO B 169 62.33 28.16 -61.65
C PRO B 169 60.95 28.78 -61.43
N GLY B 170 60.55 28.86 -60.16
CA GLY B 170 59.25 29.33 -59.80
C GLY B 170 58.26 28.17 -59.69
N PRO B 171 56.97 28.49 -59.64
CA PRO B 171 55.95 27.44 -59.59
C PRO B 171 56.02 26.53 -60.80
N VAL B 172 55.78 25.24 -60.58
CA VAL B 172 55.80 24.24 -61.63
C VAL B 172 54.44 24.21 -62.31
N PRO B 173 54.32 23.66 -63.52
CA PRO B 173 52.99 23.51 -64.14
C PRO B 173 52.04 22.68 -63.28
N ALA B 174 50.74 22.94 -63.42
CA ALA B 174 49.76 22.30 -62.56
C ALA B 174 49.75 20.79 -62.73
N GLU B 175 50.13 20.30 -63.92
CA GLU B 175 50.23 18.86 -64.12
C GLU B 175 51.33 18.25 -63.26
N LEU B 176 52.46 18.95 -63.11
CA LEU B 176 53.52 18.46 -62.23
C LEU B 176 53.05 18.41 -60.78
N SER B 177 52.30 19.42 -60.34
CA SER B 177 51.76 19.41 -58.98
C SER B 177 50.74 18.28 -58.81
N ALA B 178 49.93 18.02 -59.83
CA ALA B 178 48.98 16.92 -59.77
C ALA B 178 49.69 15.58 -59.66
N ARG B 179 50.75 15.40 -60.44
CA ARG B 179 51.54 14.17 -60.33
C ARG B 179 52.20 14.05 -58.95
N LEU B 180 52.67 15.17 -58.41
CA LEU B 180 53.27 15.17 -57.08
C LEU B 180 52.26 14.72 -56.02
N GLU B 181 51.05 15.31 -56.06
CA GLU B 181 50.01 14.91 -55.12
C GLU B 181 49.60 13.46 -55.33
N GLU B 182 49.57 13.02 -56.58
CA GLU B 182 49.27 11.62 -56.88
C GLU B 182 50.28 10.70 -56.22
N VAL B 183 51.56 11.01 -56.34
CA VAL B 183 52.59 10.16 -55.76
C VAL B 183 52.53 10.19 -54.24
N THR B 184 52.24 11.37 -53.66
CA THR B 184 52.12 11.46 -52.21
C THR B 184 50.97 10.59 -51.70
N LEU B 185 49.79 10.74 -52.30
CA LEU B 185 48.64 9.93 -51.88
C LEU B 185 48.87 8.46 -52.16
N GLY B 186 49.58 8.14 -53.24
CA GLY B 186 49.91 6.76 -53.52
C GLY B 186 50.84 6.16 -52.48
N SER B 187 51.79 6.96 -52.00
CA SER B 187 52.67 6.50 -50.92
C SER B 187 51.88 6.25 -49.63
N LEU B 188 50.95 7.15 -49.32
CA LEU B 188 50.11 6.93 -48.13
C LEU B 188 49.27 5.66 -48.27
N ALA B 189 48.65 5.48 -49.45
CA ALA B 189 47.87 4.28 -49.69
C ALA B 189 48.74 3.04 -49.68
N ALA B 190 49.99 3.15 -50.14
CA ALA B 190 50.92 2.02 -50.09
C ALA B 190 51.26 1.65 -48.65
N SER B 191 51.40 2.65 -47.78
CA SER B 191 51.63 2.36 -46.37
C SER B 191 50.43 1.63 -45.76
N ALA B 192 49.22 2.13 -46.03
CA ALA B 192 48.03 1.46 -45.52
C ALA B 192 47.92 0.04 -46.08
N GLU B 193 48.28 -0.13 -47.36
CA GLU B 193 48.27 -1.43 -48.00
C GLU B 193 49.29 -2.38 -47.37
N LEU B 194 50.47 -1.85 -47.03
CA LEU B 194 51.44 -2.65 -46.28
C LEU B 194 50.85 -3.13 -44.96
N GLU B 195 50.17 -2.23 -44.24
CA GLU B 195 49.58 -2.63 -42.97
C GLU B 195 48.56 -3.75 -43.15
N VAL B 196 47.63 -3.57 -44.09
CA VAL B 196 46.59 -4.58 -44.27
C VAL B 196 47.17 -5.87 -44.80
N ALA B 197 48.19 -5.79 -45.67
CA ALA B 197 48.82 -6.99 -46.21
C ALA B 197 49.55 -7.76 -45.12
N LEU B 198 50.24 -7.06 -44.22
CA LEU B 198 50.89 -7.73 -43.11
C LEU B 198 49.84 -8.39 -42.21
N ARG B 199 48.73 -7.71 -41.96
CA ARG B 199 47.69 -8.30 -41.13
C ARG B 199 47.11 -9.56 -41.76
N ARG B 200 46.81 -9.52 -43.06
CA ARG B 200 46.25 -10.70 -43.71
C ARG B 200 47.27 -11.82 -43.81
N LEU B 201 48.55 -11.48 -44.00
CA LEU B 201 49.59 -12.50 -44.00
C LEU B 201 49.70 -13.16 -42.63
N ARG B 202 49.63 -12.37 -41.56
CA ARG B 202 49.65 -12.94 -40.22
C ARG B 202 48.46 -13.87 -40.01
N ARG B 203 47.28 -13.45 -40.47
CA ARG B 203 46.11 -14.31 -40.35
C ARG B 203 46.31 -15.61 -41.11
N ASP B 204 46.83 -15.53 -42.34
CA ASP B 204 47.01 -16.72 -43.16
C ASP B 204 48.03 -17.67 -42.53
N TRP B 205 49.16 -17.13 -42.06
CA TRP B 205 50.16 -17.96 -41.41
C TRP B 205 49.61 -18.59 -40.14
N ALA B 206 48.86 -17.82 -39.35
CA ALA B 206 48.28 -18.37 -38.13
C ALA B 206 47.31 -19.50 -38.44
N LEU B 207 46.46 -19.30 -39.45
CA LEU B 207 45.51 -20.34 -39.82
C LEU B 207 46.22 -21.59 -40.32
N HIS B 208 47.26 -21.41 -41.15
CA HIS B 208 48.00 -22.56 -41.65
C HIS B 208 48.66 -23.34 -40.53
N TYR B 209 49.25 -22.62 -39.56
CA TYR B 209 49.87 -23.29 -38.44
C TYR B 209 48.83 -23.98 -37.56
N LEU B 210 47.69 -23.32 -37.33
CA LEU B 210 46.68 -23.86 -36.42
C LEU B 210 45.89 -25.00 -37.01
N ASN B 211 45.87 -25.14 -38.33
CA ASN B 211 45.14 -26.27 -38.92
C ASN B 211 45.69 -27.60 -38.43
N ASN B 212 47.02 -27.75 -38.46
CA ASN B 212 47.65 -28.99 -38.02
C ASN B 212 47.54 -29.20 -36.52
N ARG B 213 47.54 -28.12 -35.73
CA ARG B 213 47.38 -28.24 -34.29
C ARG B 213 45.93 -28.49 -33.88
N PHE B 214 44.98 -28.13 -34.73
CA PHE B 214 43.57 -28.30 -34.44
C PHE B 214 43.00 -29.62 -34.96
N GLU B 215 43.59 -30.18 -36.02
CA GLU B 215 43.05 -31.43 -36.55
C GLU B 215 43.01 -32.57 -35.54
N PRO B 216 43.99 -32.78 -34.65
CA PRO B 216 43.82 -33.86 -33.66
C PRO B 216 42.62 -33.64 -32.77
N LEU B 217 42.34 -32.38 -32.41
CA LEU B 217 41.17 -32.07 -31.61
C LEU B 217 39.89 -32.13 -32.43
N PHE B 218 39.97 -31.82 -33.72
CA PHE B 218 38.82 -32.00 -34.60
C PHE B 218 38.42 -33.47 -34.66
N GLN B 219 39.40 -34.38 -34.80
CA GLN B 219 39.06 -35.79 -34.88
C GLN B 219 38.70 -36.36 -33.52
N ARG B 220 39.32 -35.85 -32.45
CA ARG B 220 39.08 -36.41 -31.12
C ARG B 220 37.83 -35.83 -30.48
N PHE B 221 37.41 -34.65 -30.93
CA PHE B 221 36.18 -34.01 -30.46
C PHE B 221 35.33 -33.63 -31.66
N PRO B 222 34.73 -34.62 -32.34
CA PRO B 222 33.88 -34.29 -33.49
C PRO B 222 32.72 -33.39 -33.12
N GLN B 223 32.14 -33.59 -31.93
CA GLN B 223 31.01 -32.76 -31.52
C GLN B 223 31.42 -31.29 -31.42
N ALA B 224 32.71 -31.01 -31.32
CA ALA B 224 33.22 -29.66 -31.21
C ALA B 224 33.74 -29.10 -32.53
N ARG B 225 33.49 -29.78 -33.66
CA ARG B 225 33.92 -29.25 -34.96
C ARG B 225 33.62 -27.77 -35.09
N ALA B 226 32.40 -27.35 -34.74
CA ALA B 226 32.08 -25.93 -34.81
C ALA B 226 32.86 -25.16 -33.75
N TYR B 227 32.76 -25.58 -32.50
CA TYR B 227 33.30 -24.78 -31.40
C TYR B 227 34.78 -24.50 -31.58
N LEU B 228 35.56 -25.56 -31.77
CA LEU B 228 36.99 -25.40 -31.99
C LEU B 228 37.26 -24.42 -33.12
N GLU B 229 36.53 -24.57 -34.23
CA GLU B 229 36.70 -23.67 -35.36
C GLU B 229 36.47 -22.22 -34.93
N ALA B 230 35.38 -21.97 -34.20
CA ALA B 230 35.15 -20.62 -33.68
C ALA B 230 36.32 -20.20 -32.81
N LEU B 231 36.76 -21.09 -31.92
CA LEU B 231 37.94 -20.81 -31.11
C LEU B 231 39.14 -20.56 -32.00
N ARG B 232 39.31 -21.37 -33.04
CA ARG B 232 40.38 -21.13 -33.99
C ARG B 232 40.22 -19.77 -34.65
N ALA B 233 38.98 -19.41 -35.01
CA ALA B 233 38.72 -18.09 -35.57
C ALA B 233 39.08 -16.98 -34.59
N ARG B 234 39.03 -17.26 -33.29
CA ARG B 234 39.47 -16.26 -32.32
C ARG B 234 40.97 -16.13 -32.29
N LEU B 235 41.70 -17.21 -32.56
CA LEU B 235 43.16 -17.12 -32.54
C LEU B 235 43.69 -16.34 -33.73
N ALA B 236 43.15 -16.61 -34.93
CA ALA B 236 43.65 -15.96 -36.12
C ALA B 236 43.46 -14.45 -36.06
N ARG B 237 42.28 -14.00 -35.62
CA ARG B 237 42.06 -12.56 -35.48
C ARG B 237 43.00 -11.97 -34.44
N TYR B 238 43.43 -12.79 -33.48
CA TYR B 238 44.42 -12.35 -32.51
C TYR B 238 45.69 -11.87 -33.19
N ALA B 239 46.05 -12.48 -34.32
CA ALA B 239 47.22 -12.05 -35.06
C ALA B 239 46.94 -10.75 -35.81
N GLU B 240 45.68 -10.52 -36.21
CA GLU B 240 45.36 -9.37 -37.04
C GLU B 240 45.06 -8.13 -36.21
N THR B 241 44.02 -8.19 -35.39
CA THR B 241 43.59 -6.99 -34.67
C THR B 241 44.53 -6.66 -33.51
N GLY B 242 45.36 -7.61 -33.10
CA GLY B 242 46.18 -7.41 -31.92
C GLY B 242 45.36 -7.32 -30.66
N GLU B 243 44.08 -7.68 -30.72
CA GLU B 243 43.17 -7.64 -29.58
C GLU B 243 43.54 -8.75 -28.61
N PRO B 244 43.80 -8.42 -27.34
CA PRO B 244 44.20 -9.46 -26.38
C PRO B 244 43.11 -10.52 -26.21
N LEU B 245 43.55 -11.75 -26.05
CA LEU B 245 42.63 -12.87 -25.88
C LEU B 245 42.28 -13.05 -24.41
N ASP B 246 40.98 -13.11 -24.12
CA ASP B 246 40.57 -13.32 -22.74
C ASP B 246 40.37 -14.80 -22.45
N PRO B 247 41.22 -15.38 -21.60
CA PRO B 247 41.08 -16.81 -21.30
C PRO B 247 39.76 -17.16 -20.65
N ALA B 248 39.18 -16.27 -19.86
CA ALA B 248 37.92 -16.57 -19.19
C ALA B 248 36.75 -16.65 -20.18
N GLN B 249 36.79 -15.84 -21.24
CA GLN B 249 35.70 -15.81 -22.21
C GLN B 249 35.77 -16.94 -23.22
N TRP B 250 36.83 -17.75 -23.21
CA TRP B 250 36.98 -18.83 -24.16
C TRP B 250 37.40 -20.11 -23.46
N ARG B 251 36.91 -20.29 -22.25
CA ARG B 251 37.11 -21.51 -21.49
C ARG B 251 35.80 -22.27 -21.36
N PRO B 252 35.76 -23.55 -21.69
CA PRO B 252 34.49 -24.28 -21.65
C PRO B 252 34.01 -24.47 -20.22
N ASN B 253 32.81 -23.96 -19.95
CA ASN B 253 32.23 -24.04 -18.61
C ASN B 253 31.74 -25.45 -18.38
N LEU B 254 32.59 -26.28 -17.76
CA LEU B 254 32.18 -27.63 -17.37
C LEU B 254 31.20 -27.49 -16.21
N LEU B 255 29.90 -27.58 -16.52
CA LEU B 255 28.88 -27.33 -15.52
C LEU B 255 28.95 -28.36 -14.39
N THR B 256 29.10 -29.63 -14.75
CA THR B 256 29.12 -30.70 -13.77
C THR B 256 30.09 -31.78 -14.23
N SER B 257 30.83 -32.33 -13.27
CA SER B 257 31.79 -33.38 -13.54
C SER B 257 31.08 -34.61 -14.10
N SER B 258 31.78 -35.33 -14.98
CA SER B 258 31.22 -36.52 -15.60
C SER B 258 30.84 -37.54 -14.55
N SER B 259 29.61 -38.05 -14.65
CA SER B 259 29.11 -39.02 -13.69
C SER B 259 29.18 -40.42 -14.27
N SER B 260 29.57 -41.37 -13.42
CA SER B 260 29.66 -42.75 -13.86
C SER B 260 28.28 -43.37 -14.10
N GLY B 261 27.22 -42.72 -13.62
CA GLY B 261 25.88 -43.24 -13.77
C GLY B 261 25.47 -44.27 -12.76
N THR B 262 26.34 -44.62 -11.83
CA THR B 262 26.02 -45.62 -10.83
C THR B 262 26.70 -45.27 -9.50
N PRO B 263 26.00 -44.60 -8.58
CA PRO B 263 24.62 -44.12 -8.68
C PRO B 263 24.47 -42.96 -9.65
N PRO B 264 23.27 -42.79 -10.19
CA PRO B 264 23.04 -41.72 -11.17
C PRO B 264 23.03 -40.36 -10.47
N PRO B 265 23.13 -39.27 -11.23
CA PRO B 265 23.00 -37.95 -10.61
C PRO B 265 21.69 -37.80 -9.88
N ILE B 266 21.76 -37.63 -8.56
CA ILE B 266 20.58 -37.50 -7.72
C ILE B 266 20.66 -36.12 -7.08
N VAL B 267 19.83 -35.18 -7.53
CA VAL B 267 19.97 -33.82 -6.94
C VAL B 267 18.60 -33.41 -6.40
N TYR B 268 18.56 -32.96 -5.15
CA TYR B 268 17.28 -32.54 -4.51
C TYR B 268 17.39 -31.08 -4.11
N GLU B 269 16.40 -30.25 -4.49
CA GLU B 269 16.43 -28.84 -4.05
C GLU B 269 15.39 -28.64 -2.95
N PRO B 270 15.80 -28.51 -1.67
CA PRO B 270 14.85 -28.20 -0.60
C PRO B 270 14.31 -26.78 -0.85
N TYR B 271 15.19 -25.87 -1.29
CA TYR B 271 14.79 -24.47 -1.58
C TYR B 271 14.83 -24.29 -3.09
N ALA B 272 13.68 -24.42 -3.76
CA ALA B 272 13.68 -24.37 -5.22
C ALA B 272 13.31 -22.97 -5.66
N THR B 273 14.30 -22.22 -6.12
CA THR B 273 14.10 -20.90 -6.68
C THR B 273 14.69 -20.89 -8.08
N ALA B 274 14.17 -20.02 -8.93
CA ALA B 274 14.63 -19.98 -10.32
C ALA B 274 16.14 -19.89 -10.46
N PRO B 275 16.85 -19.03 -9.72
CA PRO B 275 18.33 -19.08 -9.78
C PRO B 275 18.89 -20.42 -9.35
N ARG B 276 18.27 -21.09 -8.39
CA ARG B 276 18.79 -22.38 -7.95
C ARG B 276 18.34 -23.51 -8.84
N LEU B 277 17.16 -23.39 -9.45
CA LEU B 277 16.67 -24.46 -10.32
C LEU B 277 17.35 -24.41 -11.68
N PHE B 278 17.19 -23.31 -12.40
CA PHE B 278 17.68 -23.19 -13.76
C PHE B 278 19.14 -22.77 -13.82
N GLY B 279 19.76 -22.47 -12.69
CA GLY B 279 21.03 -21.80 -12.68
C GLY B 279 20.87 -20.30 -12.87
N ARG B 280 22.00 -19.60 -12.85
CA ARG B 280 21.99 -18.16 -13.05
C ARG B 280 23.25 -17.77 -13.79
N LEU B 281 23.28 -16.51 -14.23
CA LEU B 281 24.43 -15.92 -14.88
C LEU B 281 24.93 -14.78 -13.99
N ASP B 282 26.20 -14.85 -13.61
CA ASP B 282 26.80 -13.82 -12.77
C ASP B 282 27.35 -12.69 -13.63
N TYR B 283 27.73 -11.60 -12.97
CA TYR B 283 28.26 -10.44 -13.66
C TYR B 283 29.36 -9.79 -12.84
N LEU B 284 30.05 -8.85 -13.47
CA LEU B 284 31.06 -8.03 -12.84
C LEU B 284 30.71 -6.57 -13.03
N VAL B 285 31.00 -5.75 -12.02
CA VAL B 285 30.81 -4.32 -12.07
C VAL B 285 32.17 -3.66 -11.89
N ASP B 286 32.62 -2.95 -12.91
CA ASP B 286 33.92 -2.27 -12.93
C ASP B 286 33.66 -0.78 -13.08
N ARG B 287 33.71 -0.05 -11.96
CA ARG B 287 33.44 1.38 -11.93
C ARG B 287 32.08 1.72 -12.53
N GLY B 288 31.07 0.90 -12.25
CA GLY B 288 29.76 1.10 -12.82
C GLY B 288 29.55 0.50 -14.19
N VAL B 289 30.59 -0.11 -14.78
CA VAL B 289 30.46 -0.77 -16.07
C VAL B 289 30.05 -2.21 -15.82
N TRP B 290 28.97 -2.63 -16.46
CA TRP B 290 28.37 -3.93 -16.19
C TRP B 290 28.78 -4.92 -17.27
N SER B 291 29.37 -6.05 -16.87
CA SER B 291 29.91 -6.98 -17.84
C SER B 291 29.65 -8.41 -17.39
N THR B 292 29.88 -9.35 -18.31
CA THR B 292 29.71 -10.77 -18.04
C THR B 292 30.48 -11.57 -19.07
N ASN B 293 30.67 -12.86 -18.78
CA ASN B 293 31.32 -13.77 -19.70
C ASN B 293 30.74 -15.17 -19.53
N VAL B 294 31.32 -16.12 -20.26
CA VAL B 294 30.84 -17.50 -20.22
C VAL B 294 31.10 -18.19 -18.89
N SER B 295 32.14 -17.80 -18.17
CA SER B 295 32.52 -18.49 -16.94
C SER B 295 31.67 -18.07 -15.75
N LEU B 296 30.82 -17.06 -15.91
CA LEU B 296 29.95 -16.61 -14.83
C LEU B 296 28.62 -17.34 -14.82
N ILE B 297 28.46 -18.36 -15.64
CA ILE B 297 27.27 -19.20 -15.59
C ILE B 297 27.38 -20.16 -14.43
N ARG B 298 26.50 -19.99 -13.44
CA ARG B 298 26.49 -20.87 -12.29
C ARG B 298 25.55 -22.04 -12.52
N PRO B 299 26.06 -23.27 -12.48
CA PRO B 299 25.18 -24.43 -12.65
C PRO B 299 24.09 -24.45 -11.59
N GLY B 300 22.89 -24.83 -12.01
CA GLY B 300 21.76 -24.92 -11.12
C GLY B 300 21.35 -26.37 -10.88
N ALA B 301 20.13 -26.53 -10.37
CA ALA B 301 19.61 -27.87 -10.15
C ALA B 301 19.50 -28.65 -11.45
N VAL B 302 19.05 -27.99 -12.52
CA VAL B 302 18.89 -28.67 -13.80
C VAL B 302 20.22 -29.22 -14.29
N HIS B 303 21.28 -28.42 -14.17
CA HIS B 303 22.57 -28.82 -14.72
C HIS B 303 23.17 -29.98 -13.94
N ARG B 304 23.06 -29.97 -12.61
CA ARG B 304 23.62 -31.04 -11.82
C ARG B 304 22.83 -32.33 -11.93
N ALA B 305 21.57 -32.26 -12.35
CA ALA B 305 20.71 -33.43 -12.43
C ALA B 305 20.64 -34.00 -13.84
N GLN B 306 21.49 -33.52 -14.74
CA GLN B 306 21.48 -33.98 -16.13
C GLN B 306 21.77 -35.47 -16.17
N GLY B 307 20.93 -36.22 -16.87
CA GLY B 307 21.10 -37.65 -16.97
C GLY B 307 20.69 -38.43 -15.74
N GLY B 308 20.07 -37.76 -14.77
CA GLY B 308 19.67 -38.43 -13.54
C GLY B 308 18.28 -38.07 -13.09
N TYR B 309 18.11 -37.83 -11.80
CA TYR B 309 16.82 -37.49 -11.22
C TYR B 309 16.92 -36.20 -10.44
N LEU B 310 15.90 -35.37 -10.54
CA LEU B 310 15.82 -34.10 -9.82
C LEU B 310 14.59 -34.12 -8.94
N ILE B 311 14.80 -34.24 -7.62
CA ILE B 311 13.72 -34.31 -6.66
C ILE B 311 13.42 -32.90 -6.16
N LEU B 312 12.16 -32.50 -6.24
CA LEU B 312 11.79 -31.11 -5.85
C LEU B 312 10.65 -31.12 -4.84
N ASP B 313 10.70 -30.24 -3.84
CA ASP B 313 9.53 -30.09 -2.95
C ASP B 313 8.45 -29.41 -3.78
N ALA B 314 7.18 -29.74 -3.56
CA ALA B 314 6.13 -29.01 -4.30
C ALA B 314 5.86 -27.70 -3.56
N LEU B 315 5.93 -27.74 -2.23
CA LEU B 315 5.75 -26.55 -1.41
C LEU B 315 6.69 -25.44 -1.85
N SER B 316 7.95 -25.77 -2.10
CA SER B 316 8.89 -24.75 -2.55
C SER B 316 8.50 -24.17 -3.90
N LEU B 317 8.07 -25.02 -4.83
CA LEU B 317 7.67 -24.52 -6.15
C LEU B 317 6.46 -23.61 -6.05
N LYS B 318 5.45 -24.02 -5.30
CA LYS B 318 4.22 -23.24 -5.22
C LYS B 318 4.39 -21.97 -4.41
N ARG B 319 5.18 -22.03 -3.34
CA ARG B 319 5.35 -20.86 -2.48
C ARG B 319 6.09 -19.74 -3.21
N GLU B 320 7.11 -20.08 -3.97
CA GLU B 320 7.90 -19.09 -4.68
C GLU B 320 7.36 -18.78 -6.07
N GLY B 321 6.25 -19.37 -6.46
CA GLY B 321 5.68 -19.09 -7.77
C GLY B 321 6.55 -19.56 -8.91
N THR B 322 7.59 -20.33 -8.61
CA THR B 322 8.48 -20.83 -9.64
C THR B 322 7.85 -21.97 -10.42
N TRP B 323 6.68 -22.45 -9.98
CA TRP B 323 6.05 -23.59 -10.63
C TRP B 323 5.74 -23.29 -12.09
N GLU B 324 5.31 -22.06 -12.39
CA GLU B 324 4.95 -21.73 -13.77
C GLU B 324 6.16 -21.82 -14.68
N ALA B 325 7.27 -21.20 -14.28
CA ALA B 325 8.48 -21.23 -15.09
C ALA B 325 9.01 -22.65 -15.23
N PHE B 326 8.93 -23.41 -14.14
CA PHE B 326 9.44 -24.81 -14.15
C PHE B 326 8.58 -25.63 -15.11
N LYS B 327 7.27 -25.46 -15.05
CA LYS B 327 6.35 -26.25 -15.91
C LYS B 327 6.67 -25.93 -17.37
N ARG B 328 6.86 -24.66 -17.68
CA ARG B 328 7.15 -24.25 -19.08
C ARG B 328 8.47 -24.88 -19.52
N ALA B 329 9.46 -24.87 -18.64
CA ALA B 329 10.79 -25.42 -19.00
C ALA B 329 10.66 -26.91 -19.30
N LEU B 330 9.89 -27.64 -18.49
CA LEU B 330 9.77 -29.11 -18.67
C LEU B 330 9.10 -29.39 -20.03
N ARG B 331 8.05 -28.64 -20.35
CA ARG B 331 7.35 -28.83 -21.64
C ARG B 331 8.30 -28.45 -22.79
N ASN B 332 9.07 -27.38 -22.60
CA ASN B 332 10.01 -26.91 -23.66
C ASN B 332 11.21 -27.85 -23.76
N GLY B 333 11.40 -28.74 -22.76
CA GLY B 333 12.57 -29.61 -22.76
C GLY B 333 13.87 -28.83 -22.76
N GLN B 334 13.82 -27.49 -22.79
CA GLN B 334 15.08 -26.77 -22.68
C GLN B 334 14.87 -25.58 -21.75
N VAL B 335 15.96 -25.10 -21.16
CA VAL B 335 15.86 -23.96 -20.25
C VAL B 335 17.19 -23.22 -20.26
N GLU B 336 17.10 -21.89 -20.13
CA GLU B 336 18.20 -20.95 -20.02
C GLU B 336 18.34 -20.46 -18.58
N PRO B 337 19.57 -20.27 -18.11
CA PRO B 337 19.77 -19.71 -16.77
C PRO B 337 19.19 -18.31 -16.67
N VAL B 338 18.69 -17.98 -15.47
CA VAL B 338 18.01 -16.70 -15.28
C VAL B 338 19.02 -15.56 -15.35
N THR B 339 18.55 -14.41 -15.82
CA THR B 339 19.35 -13.20 -15.92
C THR B 339 18.52 -12.02 -15.45
N GLU B 340 18.99 -11.34 -14.39
CA GLU B 340 18.22 -10.19 -13.96
C GLU B 340 18.37 -9.04 -14.96
N PRO B 341 17.32 -8.23 -15.13
CA PRO B 341 17.36 -7.21 -16.19
C PRO B 341 18.15 -5.97 -15.83
N GLN B 342 19.45 -6.14 -15.60
CA GLN B 342 20.34 -5.02 -15.38
C GLN B 342 21.62 -5.21 -16.18
N ALA B 343 21.72 -6.34 -16.87
CA ALA B 343 22.83 -6.57 -17.77
C ALA B 343 22.74 -5.65 -18.98
N PRO B 344 23.87 -5.25 -19.54
CA PRO B 344 23.84 -4.38 -20.73
C PRO B 344 23.23 -5.08 -21.93
N ALA B 345 23.79 -6.22 -22.31
CA ALA B 345 23.22 -7.03 -23.37
C ALA B 345 23.22 -8.50 -22.96
N GLY B 346 23.85 -8.80 -21.82
CA GLY B 346 23.96 -10.16 -21.34
C GLY B 346 24.64 -11.07 -22.35
N LEU B 347 24.30 -12.35 -22.29
CA LEU B 347 24.80 -13.34 -23.23
C LEU B 347 23.63 -14.08 -23.87
N GLU B 348 23.76 -14.33 -25.17
CA GLU B 348 22.74 -15.12 -25.88
C GLU B 348 23.02 -16.61 -25.65
N VAL B 349 22.59 -17.06 -24.48
CA VAL B 349 22.86 -18.42 -24.03
C VAL B 349 21.86 -19.38 -24.69
N GLU B 350 22.39 -20.43 -25.30
CA GLU B 350 21.51 -21.49 -25.81
C GLU B 350 20.89 -22.24 -24.63
N PRO B 351 19.59 -22.48 -24.64
CA PRO B 351 18.94 -23.16 -23.51
C PRO B 351 19.54 -24.54 -23.25
N PHE B 352 19.66 -24.88 -21.98
CA PHE B 352 20.28 -26.13 -21.59
C PHE B 352 19.31 -27.29 -21.80
N PRO B 353 19.72 -28.36 -22.48
CA PRO B 353 18.84 -29.52 -22.64
C PRO B 353 18.55 -30.15 -21.30
N ILE B 354 17.36 -30.73 -21.19
CA ILE B 354 16.92 -31.42 -19.98
C ILE B 354 16.84 -32.91 -20.27
N GLN B 355 17.61 -33.69 -19.53
CA GLN B 355 17.59 -35.14 -19.67
C GLN B 355 17.22 -35.83 -18.38
N MET B 356 16.71 -35.10 -17.39
CA MET B 356 16.40 -35.64 -16.08
C MET B 356 15.05 -36.32 -16.06
N GLN B 357 14.73 -36.90 -14.91
CA GLN B 357 13.37 -37.35 -14.59
C GLN B 357 12.96 -36.64 -13.31
N VAL B 358 12.16 -35.59 -13.45
CA VAL B 358 11.74 -34.79 -12.30
C VAL B 358 10.80 -35.61 -11.45
N ILE B 359 11.04 -35.62 -10.14
CA ILE B 359 10.22 -36.36 -9.19
C ILE B 359 9.80 -35.37 -8.11
N LEU B 360 8.55 -34.91 -8.12
CA LEU B 360 8.17 -33.87 -7.11
C LEU B 360 7.56 -34.57 -5.89
N VAL B 361 8.03 -34.25 -4.69
CA VAL B 361 7.52 -34.95 -3.46
C VAL B 361 6.77 -33.94 -2.60
N GLY B 362 5.50 -34.20 -2.30
CA GLY B 362 4.74 -33.31 -1.41
C GLY B 362 3.58 -33.98 -0.70
N THR B 363 2.93 -33.25 0.22
CA THR B 363 1.74 -33.74 0.91
C THR B 363 0.58 -33.83 -0.06
N PRO B 364 -0.40 -34.70 0.23
CA PRO B 364 -1.53 -34.81 -0.70
C PRO B 364 -2.25 -33.51 -0.91
N GLU B 365 -2.40 -32.70 0.14
CA GLU B 365 -3.08 -31.42 -0.01
C GLU B 365 -2.21 -30.39 -0.70
N ALA B 366 -0.92 -30.67 -0.85
CA ALA B 366 -0.05 -29.75 -1.58
C ALA B 366 -0.24 -29.87 -3.08
N PHE B 367 -0.68 -31.03 -3.55
CA PHE B 367 -0.73 -31.28 -4.99
C PHE B 367 -2.04 -30.86 -5.63
N GLU B 368 -3.04 -30.43 -4.86
CA GLU B 368 -4.19 -29.80 -5.47
C GLU B 368 -3.78 -28.53 -6.20
N GLY B 369 -2.93 -27.72 -5.57
CA GLY B 369 -2.49 -26.47 -6.17
C GLY B 369 -1.73 -26.62 -7.47
N LEU B 370 -1.28 -27.83 -7.79
CA LEU B 370 -0.57 -28.08 -9.02
C LEU B 370 -1.29 -29.00 -9.99
N GLU B 371 -2.47 -29.52 -9.62
CA GLU B 371 -3.17 -30.46 -10.49
C GLU B 371 -4.38 -29.84 -11.18
N GLU B 372 -4.53 -28.52 -11.15
CA GLU B 372 -5.52 -27.86 -11.99
C GLU B 372 -5.03 -27.66 -13.42
N ASP B 373 -3.74 -27.87 -13.66
CA ASP B 373 -3.18 -27.66 -14.98
C ASP B 373 -3.23 -28.94 -15.78
N PRO B 374 -3.80 -28.90 -16.99
CA PRO B 374 -3.78 -30.10 -17.85
C PRO B 374 -2.37 -30.57 -18.16
N ALA B 375 -1.39 -29.66 -18.19
CA ALA B 375 -0.02 -30.05 -18.43
C ALA B 375 0.53 -30.91 -17.30
N PHE B 376 0.07 -30.70 -16.07
CA PHE B 376 0.57 -31.48 -14.95
C PHE B 376 0.27 -32.96 -15.14
N SER B 377 -0.95 -33.28 -15.59
CA SER B 377 -1.24 -34.70 -15.89
C SER B 377 -0.35 -35.13 -17.06
N GLU B 378 -0.16 -34.24 -18.04
CA GLU B 378 0.67 -34.55 -19.23
C GLU B 378 2.13 -34.76 -18.80
N LEU B 379 2.65 -33.97 -17.86
CA LEU B 379 4.08 -34.08 -17.48
C LEU B 379 4.23 -35.18 -16.44
N PHE B 380 3.76 -34.92 -15.22
CA PHE B 380 3.91 -35.88 -14.13
C PHE B 380 2.73 -36.84 -14.23
N ARG B 381 2.99 -38.03 -14.75
CA ARG B 381 1.90 -38.95 -15.00
C ARG B 381 1.93 -40.19 -14.13
N ILE B 382 2.99 -40.41 -13.38
CA ILE B 382 3.06 -41.52 -12.42
C ILE B 382 2.84 -40.94 -11.04
N ARG B 383 1.84 -41.46 -10.33
CA ARG B 383 1.55 -41.04 -8.97
C ARG B 383 2.01 -42.12 -8.00
N ALA B 384 3.10 -41.85 -7.30
CA ALA B 384 3.60 -42.76 -6.26
C ALA B 384 3.06 -42.26 -4.93
N GLU B 385 1.83 -42.65 -4.62
CA GLU B 385 1.19 -42.20 -3.40
C GLU B 385 1.56 -43.11 -2.24
N PHE B 386 1.92 -42.49 -1.12
CA PHE B 386 2.35 -43.21 0.07
C PHE B 386 1.18 -43.48 0.98
N SER B 387 1.01 -44.73 1.35
CA SER B 387 -0.03 -45.04 2.31
C SER B 387 0.38 -44.55 3.70
N PRO B 388 -0.44 -43.73 4.35
CA PRO B 388 -0.09 -43.21 5.67
C PRO B 388 -0.11 -44.25 6.77
N THR B 389 -0.42 -45.50 6.46
CA THR B 389 -0.38 -46.60 7.42
C THR B 389 0.21 -47.82 6.75
N LEU B 390 0.66 -48.76 7.56
CA LEU B 390 1.18 -50.03 7.08
C LEU B 390 0.44 -51.16 7.78
N PRO B 391 0.29 -52.30 7.11
CA PRO B 391 -0.34 -53.44 7.76
C PRO B 391 0.47 -53.89 8.96
N ALA B 392 -0.13 -53.80 10.14
CA ALA B 392 0.56 -54.15 11.38
C ALA B 392 0.71 -55.66 11.44
N SER B 393 1.83 -56.16 10.95
CA SER B 393 2.11 -57.58 10.92
C SER B 393 3.53 -57.80 11.44
N PRO B 394 3.81 -58.99 11.98
CA PRO B 394 5.18 -59.23 12.49
C PRO B 394 6.25 -59.04 11.44
N GLU B 395 5.92 -59.26 10.16
CA GLU B 395 6.84 -58.90 9.10
C GLU B 395 7.11 -57.40 9.09
N ASN B 396 6.06 -56.59 9.26
CA ASN B 396 6.26 -55.16 9.29
C ASN B 396 6.95 -54.72 10.58
N CYS B 397 6.68 -55.40 11.69
CA CYS B 397 7.41 -55.10 12.91
C CYS B 397 8.89 -55.37 12.75
N THR B 398 9.23 -56.50 12.12
CA THR B 398 10.63 -56.80 11.86
C THR B 398 11.23 -55.79 10.90
N ALA B 399 10.47 -55.36 9.89
CA ALA B 399 10.97 -54.34 8.97
C ALA B 399 11.26 -53.05 9.71
N LEU B 400 10.37 -52.63 10.61
CA LEU B 400 10.60 -51.42 11.38
C LEU B 400 11.83 -51.57 12.27
N GLY B 401 12.00 -52.74 12.88
CA GLY B 401 13.17 -52.96 13.71
C GLY B 401 14.46 -52.87 12.90
N GLY B 402 14.47 -53.49 11.74
CA GLY B 402 15.64 -53.39 10.88
C GLY B 402 15.90 -51.97 10.44
N TRP B 403 14.83 -51.22 10.13
CA TRP B 403 15.00 -49.83 9.75
C TRP B 403 15.61 -49.01 10.87
N LEU B 404 15.12 -49.21 12.10
CA LEU B 404 15.67 -48.47 13.22
C LEU B 404 17.13 -48.84 13.46
N LEU B 405 17.46 -50.13 13.32
CA LEU B 405 18.85 -50.55 13.48
C LEU B 405 19.73 -49.91 12.41
N ALA B 406 19.22 -49.82 11.18
CA ALA B 406 19.95 -49.10 10.15
C ALA B 406 20.10 -47.62 10.50
N GLN B 407 19.14 -47.05 11.21
CA GLN B 407 19.24 -45.68 11.66
C GLN B 407 20.26 -45.49 12.78
N GLY B 408 20.75 -46.57 13.36
CA GLY B 408 21.77 -46.49 14.39
C GLY B 408 21.30 -46.69 15.81
N PHE B 409 20.06 -47.09 16.03
CA PHE B 409 19.54 -47.31 17.37
C PHE B 409 19.85 -48.72 17.82
N GLN B 410 20.06 -48.88 19.12
CA GLN B 410 20.28 -50.19 19.74
C GLN B 410 18.97 -50.63 20.36
N LEU B 411 18.24 -51.48 19.66
CA LEU B 411 16.93 -51.92 20.10
C LEU B 411 17.05 -53.21 20.90
N THR B 412 15.99 -53.50 21.63
CA THR B 412 15.75 -54.80 22.23
C THR B 412 14.42 -55.32 21.72
N GLN B 413 14.16 -56.61 21.91
CA GLN B 413 12.89 -57.17 21.48
C GLN B 413 11.72 -56.47 22.15
N GLY B 414 11.83 -56.24 23.45
CA GLY B 414 10.78 -55.50 24.14
C GLY B 414 10.65 -54.08 23.64
N GLY B 415 11.79 -53.40 23.44
CA GLY B 415 11.74 -52.04 22.95
C GLY B 415 11.17 -51.94 21.54
N LEU B 416 11.59 -52.84 20.66
CA LEU B 416 11.04 -52.85 19.32
C LEU B 416 9.54 -53.13 19.35
N THR B 417 9.13 -54.08 20.18
CA THR B 417 7.70 -54.36 20.30
C THR B 417 6.95 -53.14 20.80
N ARG B 418 7.52 -52.41 21.75
CA ARG B 418 6.83 -51.25 22.29
C ARG B 418 6.75 -50.13 21.27
N LEU B 419 7.81 -49.95 20.46
CA LEU B 419 7.73 -48.97 19.38
C LEU B 419 6.69 -49.37 18.35
N TYR B 420 6.61 -50.66 18.04
CA TYR B 420 5.61 -51.13 17.07
C TYR B 420 4.20 -50.89 17.61
N ASP B 421 3.98 -51.18 18.89
CA ASP B 421 2.69 -50.92 19.51
C ASP B 421 2.38 -49.43 19.51
N GLU B 422 3.37 -48.60 19.78
CA GLU B 422 3.14 -47.16 19.75
C GLU B 422 2.86 -46.67 18.35
N ALA B 423 3.48 -47.28 17.34
CA ALA B 423 3.17 -46.93 15.96
C ALA B 423 1.74 -47.25 15.64
N ARG B 424 1.26 -48.42 16.10
CA ARG B 424 -0.16 -48.73 15.95
C ARG B 424 -1.03 -47.71 16.68
N ARG B 425 -0.60 -47.31 17.87
CA ARG B 425 -1.33 -46.33 18.67
C ARG B 425 -1.44 -45.00 17.94
N MET B 426 -0.35 -44.58 17.28
CA MET B 426 -0.35 -43.33 16.54
C MET B 426 -1.35 -43.38 15.39
N ALA B 427 -1.42 -44.51 14.70
CA ALA B 427 -2.38 -44.66 13.63
C ALA B 427 -3.80 -44.78 14.14
N GLU B 428 -3.99 -44.97 15.44
CA GLU B 428 -5.32 -45.14 16.04
C GLU B 428 -6.07 -46.29 15.39
N GLN B 429 -5.35 -47.30 14.92
CA GLN B 429 -5.96 -48.48 14.36
C GLN B 429 -5.26 -49.69 14.92
N ARG B 430 -6.02 -50.68 15.36
CA ARG B 430 -5.43 -51.84 16.00
C ARG B 430 -4.62 -52.67 15.02
N ASP B 431 -5.04 -52.69 13.75
CA ASP B 431 -4.42 -53.56 12.76
C ASP B 431 -3.48 -52.83 11.82
N ARG B 432 -3.22 -51.54 12.02
CA ARG B 432 -2.36 -50.78 11.14
C ARG B 432 -1.38 -49.97 11.98
N MET B 433 -0.11 -49.99 11.61
CA MET B 433 0.82 -49.08 12.27
C MET B 433 0.90 -47.79 11.48
N ASP B 434 1.30 -46.72 12.17
CA ASP B 434 1.56 -45.47 11.49
C ASP B 434 2.78 -45.63 10.59
N ALA B 435 2.65 -45.18 9.35
CA ALA B 435 3.75 -45.26 8.39
C ALA B 435 4.70 -44.09 8.49
N ARG B 436 4.48 -43.18 9.44
CA ARG B 436 5.35 -42.02 9.58
C ARG B 436 6.65 -42.43 10.24
N LEU B 437 7.60 -42.92 9.45
CA LEU B 437 8.85 -43.45 10.06
C LEU B 437 9.69 -42.30 10.62
N VAL B 438 9.46 -41.08 10.16
CA VAL B 438 10.19 -39.92 10.76
C VAL B 438 9.72 -39.74 12.21
N GLU B 439 8.41 -39.84 12.45
CA GLU B 439 7.87 -39.61 13.81
C GLU B 439 8.26 -40.78 14.71
N ILE B 440 8.32 -41.99 14.17
CA ILE B 440 8.76 -43.11 14.99
C ILE B 440 10.24 -42.97 15.32
N ARG B 441 11.05 -42.52 14.36
CA ARG B 441 12.47 -42.34 14.66
C ARG B 441 12.68 -41.19 15.62
N ALA B 442 11.89 -40.12 15.51
CA ALA B 442 11.99 -39.03 16.46
C ALA B 442 11.66 -39.51 17.87
N LEU B 443 10.65 -40.35 18.00
CA LEU B 443 10.32 -40.92 19.29
C LEU B 443 11.41 -41.87 19.77
N ALA B 444 12.02 -42.60 18.84
CA ALA B 444 13.10 -43.52 19.21
C ALA B 444 14.30 -42.76 19.73
N GLU B 445 14.57 -41.58 19.18
CA GLU B 445 15.67 -40.76 19.68
C GLU B 445 15.45 -40.39 21.14
N GLU B 446 14.24 -39.92 21.45
CA GLU B 446 13.91 -39.57 22.82
C GLU B 446 13.98 -40.78 23.74
N ALA B 447 13.54 -41.94 23.25
CA ALA B 447 13.67 -43.15 24.05
C ALA B 447 15.13 -43.49 24.30
N ALA B 448 15.98 -43.33 23.29
CA ALA B 448 17.40 -43.62 23.44
C ALA B 448 18.04 -42.71 24.47
N VAL B 449 17.67 -41.44 24.46
CA VAL B 449 18.24 -40.51 25.42
C VAL B 449 17.87 -40.91 26.84
N LEU B 450 16.60 -41.26 27.07
CA LEU B 450 16.16 -41.66 28.40
C LEU B 450 16.66 -43.04 28.80
N GLY B 451 17.15 -43.83 27.86
CA GLY B 451 17.64 -45.15 28.17
C GLY B 451 19.15 -45.22 28.12
N GLY B 452 19.78 -44.13 27.74
CA GLY B 452 21.22 -44.07 27.62
C GLY B 452 21.75 -44.54 26.28
N GLY B 453 20.89 -45.04 25.40
CA GLY B 453 21.32 -45.53 24.11
C GLY B 453 20.61 -46.81 23.73
N LEU B 454 20.18 -47.56 24.72
CA LEU B 454 19.46 -48.81 24.50
C LEU B 454 17.96 -48.55 24.62
N LEU B 455 17.21 -48.97 23.60
CA LEU B 455 15.77 -48.74 23.55
C LEU B 455 15.10 -49.96 24.17
N THR B 456 15.15 -50.06 25.48
CA THR B 456 14.43 -51.12 26.16
C THR B 456 12.97 -50.73 26.30
N ALA B 457 12.14 -51.72 26.69
CA ALA B 457 10.72 -51.46 26.83
C ALA B 457 10.46 -50.34 27.81
N GLU B 458 11.19 -50.35 28.93
CA GLU B 458 11.06 -49.27 29.90
C GLU B 458 11.48 -47.93 29.31
N SER B 459 12.52 -47.93 28.47
CA SER B 459 12.94 -46.70 27.83
C SER B 459 11.84 -46.13 26.93
N VAL B 460 11.21 -46.99 26.14
CA VAL B 460 10.15 -46.50 25.26
C VAL B 460 8.94 -46.07 26.07
N GLU B 461 8.62 -46.78 27.15
CA GLU B 461 7.52 -46.35 28.01
C GLU B 461 7.80 -44.98 28.60
N GLN B 462 9.04 -44.76 29.05
CA GLN B 462 9.39 -43.45 29.58
C GLN B 462 9.29 -42.38 28.50
N ALA B 463 9.71 -42.71 27.28
CA ALA B 463 9.62 -41.74 26.20
C ALA B 463 8.17 -41.38 25.91
N ILE B 464 7.28 -42.37 25.87
CA ILE B 464 5.87 -42.10 25.64
C ILE B 464 5.29 -41.26 26.76
N ALA B 465 5.60 -41.63 28.01
CA ALA B 465 5.05 -40.91 29.14
C ALA B 465 5.50 -39.47 29.16
N ALA B 466 6.79 -39.24 28.88
CA ALA B 466 7.30 -37.88 28.83
C ALA B 466 6.68 -37.11 27.67
N ARG B 467 6.55 -37.75 26.51
CA ARG B 467 5.99 -37.07 25.35
C ARG B 467 4.56 -36.64 25.60
N GLU B 468 3.77 -37.50 26.26
CA GLU B 468 2.41 -37.11 26.62
C GLU B 468 2.40 -36.08 27.72
N HIS B 469 3.33 -36.18 28.67
CA HIS B 469 3.36 -35.29 29.81
C HIS B 469 3.84 -33.90 29.45
N ARG B 470 4.67 -33.77 28.42
CA ARG B 470 5.17 -32.45 28.04
C ARG B 470 4.08 -31.58 27.42
N SER B 471 3.03 -32.19 26.87
CA SER B 471 1.92 -31.45 26.32
C SER B 471 0.66 -31.61 27.16
N PHE B 472 0.84 -31.95 28.43
CA PHE B 472 -0.25 -32.26 29.35
C PHE B 472 -0.69 -31.06 30.17
N LEU B 473 -0.14 -29.87 29.89
CA LEU B 473 -0.41 -28.72 30.75
C LEU B 473 -1.90 -28.38 30.78
N SER B 474 -2.52 -28.30 29.60
CA SER B 474 -3.93 -27.92 29.56
C SER B 474 -4.79 -28.94 30.28
N GLU B 475 -4.52 -30.23 30.08
CA GLU B 475 -5.29 -31.23 30.76
C GLU B 475 -5.01 -31.23 32.25
N GLU B 476 -3.78 -30.88 32.66
CA GLU B 476 -3.49 -30.75 34.08
C GLU B 476 -4.31 -29.63 34.70
N GLU B 477 -4.42 -28.50 34.01
CA GLU B 477 -5.28 -27.43 34.49
C GLU B 477 -6.73 -27.87 34.56
N PHE B 478 -7.18 -28.61 33.56
CA PHE B 478 -8.56 -29.07 33.56
C PHE B 478 -8.83 -30.01 34.73
N LEU B 479 -7.89 -30.92 35.01
CA LEU B 479 -8.07 -31.82 36.14
C LEU B 479 -8.04 -31.08 37.46
N ARG B 480 -7.17 -30.08 37.61
CA ARG B 480 -7.20 -29.28 38.83
C ARG B 480 -8.52 -28.56 38.97
N ALA B 481 -9.06 -28.04 37.86
CA ALA B 481 -10.36 -27.38 37.90
C ALA B 481 -11.44 -28.35 38.34
N VAL B 482 -11.41 -29.57 37.82
CA VAL B 482 -12.43 -30.55 38.17
C VAL B 482 -12.33 -30.91 39.65
N GLN B 483 -11.11 -31.19 40.13
CA GLN B 483 -10.95 -31.59 41.52
C GLN B 483 -11.33 -30.45 42.46
N GLU B 484 -10.88 -29.23 42.17
CA GLU B 484 -11.18 -28.10 43.04
C GLU B 484 -12.67 -27.80 43.07
N GLY B 485 -13.35 -28.04 41.95
CA GLY B 485 -14.78 -27.80 41.86
C GLY B 485 -15.16 -26.70 40.90
N VAL B 486 -14.19 -26.06 40.25
CA VAL B 486 -14.52 -24.97 39.33
C VAL B 486 -15.37 -25.50 38.17
N ILE B 487 -15.02 -26.67 37.65
CA ILE B 487 -15.82 -27.34 36.63
C ILE B 487 -16.51 -28.52 37.30
N ARG B 488 -17.83 -28.44 37.39
CA ARG B 488 -18.62 -29.47 38.05
C ARG B 488 -18.92 -30.56 37.05
N LEU B 489 -18.42 -31.77 37.29
CA LEU B 489 -18.81 -32.93 36.52
C LEU B 489 -19.33 -33.99 37.47
N ARG B 490 -20.40 -34.66 37.07
CA ARG B 490 -20.94 -35.79 37.80
C ARG B 490 -20.37 -37.06 37.21
N THR B 491 -19.63 -37.82 38.03
CA THR B 491 -19.13 -39.11 37.63
C THR B 491 -19.74 -40.22 38.47
N THR B 492 -20.74 -39.89 39.28
CA THR B 492 -21.46 -40.87 40.09
C THR B 492 -22.93 -40.53 40.07
N GLY B 493 -23.77 -41.52 40.34
CA GLY B 493 -25.19 -41.24 40.44
C GLY B 493 -25.82 -41.02 39.08
N ARG B 494 -27.07 -40.57 39.13
CA ARG B 494 -27.89 -40.39 37.94
C ARG B 494 -28.43 -38.97 37.88
N ALA B 495 -28.63 -38.51 36.66
CA ALA B 495 -29.19 -37.19 36.41
C ALA B 495 -30.15 -37.29 35.24
N VAL B 496 -31.15 -36.43 35.21
CA VAL B 496 -32.21 -36.49 34.21
C VAL B 496 -31.85 -35.58 33.06
N GLY B 497 -31.81 -36.15 31.85
CA GLY B 497 -31.58 -35.34 30.67
C GLY B 497 -30.20 -34.73 30.57
N GLU B 498 -29.23 -35.25 31.30
CA GLU B 498 -27.89 -34.71 31.31
C GLU B 498 -26.89 -35.86 31.30
N VAL B 499 -25.91 -35.78 30.40
CA VAL B 499 -25.01 -36.90 30.16
C VAL B 499 -23.58 -36.36 30.08
N ASN B 500 -22.61 -37.25 30.15
CA ASN B 500 -21.20 -36.90 30.04
C ASN B 500 -20.74 -37.21 28.62
N SER B 501 -20.91 -36.25 27.73
CA SER B 501 -20.36 -36.42 26.40
C SER B 501 -18.84 -36.40 26.48
N LEU B 502 -18.19 -36.82 25.41
CA LEU B 502 -16.74 -36.80 25.34
C LEU B 502 -16.34 -35.99 24.12
N VAL B 503 -15.51 -34.97 24.32
CA VAL B 503 -15.18 -34.07 23.24
C VAL B 503 -13.67 -33.88 23.17
N VAL B 504 -13.20 -33.59 21.97
CA VAL B 504 -11.79 -33.29 21.73
C VAL B 504 -11.66 -31.77 21.65
N VAL B 505 -10.97 -31.19 22.63
CA VAL B 505 -10.83 -29.75 22.67
C VAL B 505 -9.95 -29.29 21.53
N GLU B 506 -10.36 -28.20 20.88
CA GLU B 506 -9.61 -27.66 19.76
C GLU B 506 -8.50 -26.73 20.19
N ALA B 507 -8.47 -26.35 21.46
CA ALA B 507 -7.33 -25.65 22.03
C ALA B 507 -6.17 -26.60 22.33
N ALA B 508 -6.41 -27.90 22.21
CA ALA B 508 -5.43 -28.95 22.38
C ALA B 508 -5.96 -30.19 21.68
N PRO B 509 -5.83 -30.28 20.37
CA PRO B 509 -6.51 -31.34 19.62
C PRO B 509 -5.98 -32.73 19.95
N TYR B 510 -4.91 -32.78 20.72
CA TYR B 510 -4.32 -34.04 21.15
C TYR B 510 -5.02 -34.62 22.37
N TRP B 511 -5.93 -33.89 22.99
CA TRP B 511 -6.52 -34.30 24.25
C TRP B 511 -8.04 -34.35 24.13
N GLY B 512 -8.62 -35.37 24.74
CA GLY B 512 -10.07 -35.47 24.87
C GLY B 512 -10.44 -35.34 26.33
N ARG B 513 -11.65 -34.88 26.59
CA ARG B 513 -12.11 -34.68 27.95
C ARG B 513 -13.62 -34.70 27.97
N PRO B 514 -14.23 -35.00 29.11
CA PRO B 514 -15.69 -35.03 29.18
C PRO B 514 -16.29 -33.65 29.21
N ALA B 515 -17.54 -33.58 28.79
CA ALA B 515 -18.32 -32.36 28.77
C ALA B 515 -19.72 -32.66 29.25
N ARG B 516 -20.20 -31.89 30.21
CA ARG B 516 -21.53 -32.14 30.78
C ARG B 516 -22.56 -31.60 29.81
N LEU B 517 -23.10 -32.48 28.97
CA LEU B 517 -24.08 -32.09 27.98
C LEU B 517 -25.47 -32.13 28.59
N THR B 518 -26.23 -31.05 28.42
CA THR B 518 -27.54 -30.91 29.02
C THR B 518 -28.58 -30.75 27.92
N ALA B 519 -29.62 -31.58 27.97
CA ALA B 519 -30.74 -31.46 27.06
C ALA B 519 -31.99 -31.18 27.87
N ARG B 520 -32.75 -30.17 27.45
CA ARG B 520 -33.98 -29.77 28.13
C ARG B 520 -35.10 -29.80 27.13
N ALA B 521 -36.22 -30.40 27.50
CA ALA B 521 -37.36 -30.57 26.62
C ALA B 521 -38.53 -29.74 27.11
N ALA B 522 -39.10 -28.94 26.21
CA ALA B 522 -40.25 -28.12 26.55
C ALA B 522 -41.32 -28.30 25.48
N PRO B 523 -42.59 -28.08 25.80
CA PRO B 523 -43.62 -28.17 24.77
C PRO B 523 -43.45 -27.06 23.76
N GLY B 524 -43.85 -27.33 22.51
CA GLY B 524 -43.73 -26.35 21.47
C GLY B 524 -43.73 -26.95 20.09
N ARG B 525 -43.03 -26.31 19.16
CA ARG B 525 -42.98 -26.77 17.79
C ARG B 525 -42.15 -28.06 17.73
N ASP B 526 -41.95 -28.59 16.53
CA ASP B 526 -41.16 -29.80 16.38
C ASP B 526 -39.66 -29.52 16.29
N HIS B 527 -39.26 -28.26 16.33
CA HIS B 527 -37.88 -27.90 16.06
C HIS B 527 -36.99 -28.26 17.23
N LEU B 528 -35.77 -28.71 16.91
CA LEU B 528 -34.74 -29.05 17.89
C LEU B 528 -33.68 -27.96 17.85
N ILE B 529 -33.33 -27.44 19.02
CA ILE B 529 -32.37 -26.35 19.13
C ILE B 529 -31.05 -26.89 19.65
N SER B 530 -29.99 -26.73 18.88
CA SER B 530 -28.64 -27.06 19.31
C SER B 530 -27.94 -25.74 19.57
N ILE B 531 -27.88 -25.35 20.85
CA ILE B 531 -27.42 -24.01 21.21
C ILE B 531 -26.00 -23.78 20.73
N ASP B 532 -25.15 -24.79 20.83
CA ASP B 532 -23.77 -24.63 20.38
C ASP B 532 -23.65 -24.44 18.89
N ARG B 533 -24.54 -25.05 18.11
CA ARG B 533 -24.52 -24.95 16.66
C ARG B 533 -25.43 -23.84 16.13
N GLU B 534 -26.24 -23.24 16.99
CA GLU B 534 -27.20 -22.23 16.57
C GLU B 534 -26.90 -20.91 17.25
N ALA B 535 -25.63 -20.66 17.54
CA ALA B 535 -25.23 -19.42 18.18
C ALA B 535 -23.85 -19.04 17.66
N GLY B 536 -23.67 -17.73 17.45
CA GLY B 536 -22.43 -17.26 16.87
C GLY B 536 -22.33 -17.41 15.37
N LEU B 537 -23.21 -16.75 14.62
CA LEU B 537 -23.20 -16.75 13.16
C LEU B 537 -23.37 -18.17 12.63
N GLY B 538 -24.19 -18.95 13.34
CA GLY B 538 -24.57 -20.27 12.88
C GLY B 538 -26.08 -20.39 12.93
N GLY B 539 -26.73 -19.37 13.49
CA GLY B 539 -28.18 -19.38 13.58
C GLY B 539 -28.85 -19.33 12.22
N GLN B 540 -28.35 -18.46 11.33
CA GLN B 540 -28.87 -18.45 9.96
C GLN B 540 -28.53 -19.75 9.24
N ILE B 541 -27.31 -20.25 9.43
CA ILE B 541 -26.95 -21.55 8.87
C ILE B 541 -27.83 -22.62 9.51
N PHE B 542 -28.09 -23.68 8.76
CA PHE B 542 -28.93 -24.75 9.24
C PHE B 542 -28.18 -26.07 9.12
N HIS B 543 -28.07 -26.77 10.25
CA HIS B 543 -26.99 -27.72 10.47
C HIS B 543 -27.44 -29.16 10.24
N LYS B 544 -26.47 -30.03 9.93
CA LYS B 544 -26.75 -31.43 9.64
C LYS B 544 -27.09 -32.20 10.91
N ALA B 545 -26.40 -31.94 12.01
CA ALA B 545 -26.62 -32.70 13.23
C ALA B 545 -28.03 -32.48 13.77
N VAL B 546 -28.51 -31.24 13.71
CA VAL B 546 -29.87 -30.95 14.10
C VAL B 546 -30.85 -31.74 13.25
N LEU B 547 -30.60 -31.78 11.94
CA LEU B 547 -31.47 -32.55 11.05
C LEU B 547 -31.48 -34.02 11.42
N THR B 548 -30.31 -34.59 11.69
CA THR B 548 -30.25 -36.02 12.01
C THR B 548 -31.00 -36.32 13.30
N LEU B 549 -30.77 -35.51 14.33
CA LEU B 549 -31.47 -35.73 15.59
C LEU B 549 -32.97 -35.59 15.43
N ALA B 550 -33.40 -34.55 14.71
CA ALA B 550 -34.83 -34.34 14.51
C ALA B 550 -35.44 -35.49 13.74
N GLY B 551 -34.74 -35.97 12.70
CA GLY B 551 -35.26 -37.07 11.93
C GLY B 551 -35.43 -38.33 12.76
N TYR B 552 -34.42 -38.66 13.57
CA TYR B 552 -34.56 -39.83 14.42
C TYR B 552 -35.71 -39.67 15.40
N LEU B 553 -35.79 -38.51 16.05
CA LEU B 553 -36.85 -38.32 17.04
C LEU B 553 -38.23 -38.39 16.40
N ARG B 554 -38.39 -37.79 15.24
CA ARG B 554 -39.69 -37.76 14.58
C ARG B 554 -40.09 -39.15 14.11
N SER B 555 -39.19 -39.84 13.40
CA SER B 555 -39.57 -41.12 12.83
C SER B 555 -39.71 -42.20 13.89
N ARG B 556 -38.87 -42.17 14.92
CA ARG B 556 -38.86 -43.27 15.88
C ARG B 556 -40.13 -43.31 16.72
N TYR B 557 -40.60 -42.17 17.21
CA TYR B 557 -41.75 -42.13 18.11
C TYR B 557 -42.88 -41.38 17.44
N ILE B 558 -43.86 -42.12 16.95
CA ILE B 558 -44.94 -41.53 16.18
C ILE B 558 -46.27 -41.93 16.80
N GLU B 559 -46.90 -40.99 17.49
CA GLU B 559 -48.25 -41.17 18.00
C GLU B 559 -48.96 -39.82 17.96
N HIS B 560 -48.34 -38.86 17.29
CA HIS B 560 -48.90 -37.53 17.06
C HIS B 560 -48.62 -37.12 15.63
N GLY B 561 -49.28 -36.04 15.21
CA GLY B 561 -49.07 -35.53 13.87
C GLY B 561 -47.70 -34.92 13.65
N SER B 562 -47.07 -34.44 14.72
CA SER B 562 -45.74 -33.85 14.66
C SER B 562 -45.04 -34.09 15.98
N LEU B 563 -43.77 -33.74 16.03
CA LEU B 563 -43.09 -33.91 17.31
C LEU B 563 -43.51 -32.78 18.25
N PRO B 564 -44.14 -33.09 19.37
CA PRO B 564 -44.78 -32.04 20.16
C PRO B 564 -43.85 -31.34 21.12
N VAL B 565 -42.55 -31.55 20.96
CA VAL B 565 -41.57 -31.06 21.94
C VAL B 565 -40.42 -30.37 21.21
N THR B 566 -39.98 -29.26 21.76
CA THR B 566 -38.75 -28.60 21.33
C THR B 566 -37.66 -28.90 22.34
N ILE B 567 -36.48 -29.28 21.85
CA ILE B 567 -35.38 -29.74 22.68
C ILE B 567 -34.21 -28.80 22.50
N SER B 568 -33.65 -28.34 23.60
CA SER B 568 -32.46 -27.51 23.58
C SER B 568 -31.30 -28.32 24.13
N LEU B 569 -30.22 -28.40 23.36
CA LEU B 569 -29.03 -29.14 23.77
C LEU B 569 -27.88 -28.18 23.91
N ALA B 570 -27.18 -28.23 25.04
CA ALA B 570 -26.12 -27.29 25.32
C ALA B 570 -24.98 -27.98 26.03
N PHE B 571 -23.77 -27.65 25.62
CA PHE B 571 -22.55 -28.04 26.33
C PHE B 571 -22.23 -26.92 27.31
N GLU B 572 -22.43 -27.18 28.60
CA GLU B 572 -21.91 -26.24 29.57
C GLU B 572 -20.39 -26.25 29.50
N GLN B 573 -19.78 -25.13 29.89
CA GLN B 573 -18.35 -24.88 29.72
C GLN B 573 -18.04 -24.66 28.24
N ASN B 574 -17.12 -23.75 27.96
CA ASN B 574 -16.88 -23.29 26.60
C ASN B 574 -15.62 -23.87 25.99
N TYR B 575 -15.06 -24.92 26.59
CA TYR B 575 -13.87 -25.55 26.05
C TYR B 575 -14.19 -26.56 24.97
N VAL B 576 -15.45 -26.72 24.63
CA VAL B 576 -15.89 -27.78 23.74
C VAL B 576 -15.96 -27.25 22.32
N SER B 577 -15.29 -27.96 21.40
CA SER B 577 -15.51 -27.76 19.98
C SER B 577 -16.58 -28.74 19.52
N ILE B 578 -17.48 -28.25 18.68
CA ILE B 578 -18.63 -29.03 18.26
C ILE B 578 -18.62 -29.10 16.73
N GLU B 579 -19.19 -30.19 16.21
CA GLU B 579 -19.26 -30.42 14.78
C GLU B 579 -20.71 -30.41 14.32
N GLY B 580 -21.00 -29.61 13.32
CA GLY B 580 -22.36 -29.49 12.82
C GLY B 580 -22.73 -30.57 11.84
N ASP B 581 -21.74 -31.35 11.42
CA ASP B 581 -21.95 -32.41 10.45
C ASP B 581 -22.20 -33.78 11.07
N SER B 582 -22.05 -33.92 12.38
CA SER B 582 -22.26 -35.19 13.05
C SER B 582 -23.06 -34.98 14.33
N ALA B 583 -24.17 -35.68 14.46
CA ALA B 583 -24.96 -35.64 15.66
C ALA B 583 -24.51 -36.74 16.61
N GLY B 584 -23.96 -36.32 17.74
CA GLY B 584 -23.38 -37.27 18.67
C GLY B 584 -24.41 -38.16 19.34
N LEU B 585 -23.96 -39.35 19.72
CA LEU B 585 -24.82 -40.24 20.48
C LEU B 585 -25.20 -39.61 21.81
N ALA B 586 -24.28 -38.86 22.41
CA ALA B 586 -24.58 -38.21 23.68
C ALA B 586 -25.74 -37.24 23.52
N GLU B 587 -25.77 -36.49 22.42
CA GLU B 587 -26.87 -35.57 22.18
C GLU B 587 -28.19 -36.32 22.11
N LEU B 588 -28.23 -37.42 21.37
CA LEU B 588 -29.49 -38.14 21.20
C LEU B 588 -29.96 -38.76 22.50
N VAL B 589 -29.05 -39.39 23.25
CA VAL B 589 -29.48 -40.01 24.50
C VAL B 589 -29.89 -38.95 25.51
N ALA B 590 -29.21 -37.81 25.51
CA ALA B 590 -29.62 -36.73 26.40
C ALA B 590 -31.01 -36.22 26.05
N ALA B 591 -31.27 -36.03 24.76
CA ALA B 591 -32.60 -35.58 24.34
C ALA B 591 -33.67 -36.59 24.71
N LEU B 592 -33.38 -37.87 24.50
CA LEU B 592 -34.36 -38.89 24.82
C LEU B 592 -34.62 -38.97 26.32
N SER B 593 -33.57 -38.83 27.13
CA SER B 593 -33.75 -38.81 28.57
C SER B 593 -34.57 -37.60 28.99
N ALA B 594 -34.31 -36.44 28.39
CA ALA B 594 -35.08 -35.26 28.73
C ALA B 594 -36.55 -35.44 28.37
N ILE B 595 -36.82 -36.04 27.21
CA ILE B 595 -38.20 -36.28 26.81
C ILE B 595 -38.89 -37.22 27.78
N GLY B 596 -38.26 -38.36 28.06
CA GLY B 596 -38.87 -39.36 28.89
C GLY B 596 -38.66 -39.19 30.37
N ASN B 597 -37.98 -38.13 30.80
CA ASN B 597 -37.64 -37.93 32.20
C ASN B 597 -36.90 -39.15 32.75
N LEU B 598 -35.94 -39.62 31.98
CA LEU B 598 -35.15 -40.82 32.24
C LEU B 598 -33.88 -40.47 32.99
N PRO B 599 -33.68 -41.01 34.17
CA PRO B 599 -32.42 -40.72 34.89
C PRO B 599 -31.27 -41.51 34.31
N LEU B 600 -30.41 -40.84 33.56
CA LEU B 600 -29.24 -41.47 32.99
C LEU B 600 -28.14 -41.61 34.04
N ARG B 601 -27.40 -42.70 33.93
CA ARG B 601 -26.21 -42.86 34.76
C ARG B 601 -25.15 -41.86 34.33
N GLN B 602 -24.59 -41.15 35.30
CA GLN B 602 -23.46 -40.27 35.06
C GLN B 602 -22.14 -41.00 35.18
N ASP B 603 -22.16 -42.28 35.58
CA ASP B 603 -20.94 -43.07 35.60
C ASP B 603 -20.36 -43.18 34.20
N LEU B 604 -21.21 -43.39 33.21
CA LEU B 604 -20.80 -43.76 31.87
C LEU B 604 -20.78 -42.53 30.99
N ALA B 605 -19.63 -42.23 30.40
CA ALA B 605 -19.57 -41.23 29.36
C ALA B 605 -20.05 -41.82 28.05
N VAL B 606 -20.66 -40.99 27.22
CA VAL B 606 -21.24 -41.42 25.96
C VAL B 606 -20.57 -40.69 24.82
N THR B 607 -20.08 -41.43 23.84
CA THR B 607 -19.43 -40.85 22.69
C THR B 607 -19.86 -41.60 21.44
N GLY B 608 -19.62 -40.99 20.30
CA GLY B 608 -19.99 -41.61 19.04
C GLY B 608 -21.07 -40.82 18.33
N ALA B 609 -21.01 -40.83 17.00
CA ALA B 609 -22.03 -40.19 16.21
C ALA B 609 -23.16 -41.17 15.93
N VAL B 610 -24.27 -40.64 15.43
CA VAL B 610 -25.45 -41.46 15.17
C VAL B 610 -26.15 -40.88 13.94
N ASP B 611 -26.71 -41.78 13.13
CA ASP B 611 -27.53 -41.34 12.00
C ASP B 611 -29.00 -41.38 12.40
N GLN B 612 -29.87 -40.92 11.52
CA GLN B 612 -31.30 -40.89 11.81
C GLN B 612 -31.89 -42.30 11.91
N THR B 613 -31.19 -43.31 11.42
CA THR B 613 -31.61 -44.69 11.66
C THR B 613 -31.54 -45.01 13.14
N GLY B 614 -30.51 -44.52 13.81
CA GLY B 614 -30.26 -44.87 15.19
C GLY B 614 -28.98 -45.66 15.32
N LYS B 615 -28.41 -46.04 14.19
CA LYS B 615 -27.13 -46.75 14.21
C LYS B 615 -26.03 -45.81 14.68
N VAL B 616 -25.16 -46.31 15.54
CA VAL B 616 -24.11 -45.49 16.12
C VAL B 616 -22.87 -45.61 15.24
N LEU B 617 -22.39 -44.48 14.74
CA LEU B 617 -21.25 -44.45 13.82
C LEU B 617 -19.96 -44.19 14.59
N ALA B 618 -18.84 -44.56 13.98
CA ALA B 618 -17.55 -44.33 14.59
C ALA B 618 -17.21 -42.85 14.57
N VAL B 619 -16.38 -42.43 15.53
CA VAL B 619 -15.86 -41.07 15.60
C VAL B 619 -14.35 -41.13 15.71
N GLY B 620 -13.70 -40.06 15.30
CA GLY B 620 -12.27 -39.98 15.42
C GLY B 620 -11.82 -39.70 16.82
N ALA B 621 -10.55 -39.99 17.08
CA ALA B 621 -9.93 -39.77 18.39
C ALA B 621 -10.68 -40.48 19.50
N ILE B 622 -11.08 -41.73 19.29
CA ILE B 622 -11.76 -42.47 20.34
C ILE B 622 -10.82 -42.74 21.51
N ASN B 623 -9.55 -43.01 21.21
CA ASN B 623 -8.58 -43.23 22.28
C ASN B 623 -8.46 -42.01 23.17
N ALA B 624 -8.37 -40.83 22.56
CA ALA B 624 -8.23 -39.60 23.33
C ALA B 624 -9.43 -39.39 24.24
N LYS B 625 -10.63 -39.62 23.73
CA LYS B 625 -11.84 -39.40 24.52
C LYS B 625 -11.92 -40.37 25.68
N VAL B 626 -11.69 -41.67 25.41
CA VAL B 626 -11.78 -42.66 26.47
C VAL B 626 -10.74 -42.38 27.55
N GLU B 627 -9.52 -42.06 27.13
CA GLU B 627 -8.46 -41.81 28.09
C GLU B 627 -8.74 -40.53 28.89
N GLY B 628 -9.34 -39.52 28.25
CA GLY B 628 -9.68 -38.31 28.97
C GLY B 628 -10.72 -38.56 30.05
N PHE B 629 -11.77 -39.32 29.71
CA PHE B 629 -12.76 -39.62 30.72
C PHE B 629 -12.16 -40.46 31.83
N PHE B 630 -11.27 -41.40 31.49
CA PHE B 630 -10.63 -42.19 32.53
C PHE B 630 -9.79 -41.31 33.43
N ARG B 631 -9.09 -40.33 32.87
CA ARG B 631 -8.30 -39.42 33.68
C ARG B 631 -9.19 -38.65 34.65
N VAL B 632 -10.33 -38.15 34.16
CA VAL B 632 -11.22 -37.42 35.05
C VAL B 632 -11.72 -38.32 36.17
N CYS B 633 -12.13 -39.54 35.82
CA CYS B 633 -12.65 -40.44 36.84
C CYS B 633 -11.59 -40.80 37.86
N LYS B 634 -10.35 -41.03 37.42
CA LYS B 634 -9.29 -41.38 38.35
C LYS B 634 -8.92 -40.19 39.21
N ALA B 635 -8.98 -38.97 38.64
CA ALA B 635 -8.74 -37.77 39.44
C ALA B 635 -9.78 -37.64 40.54
N LEU B 636 -11.03 -37.91 40.22
CA LEU B 636 -12.07 -37.94 41.25
C LEU B 636 -12.12 -39.26 41.99
N GLY B 637 -11.29 -40.23 41.61
CA GLY B 637 -11.29 -41.53 42.26
C GLY B 637 -12.28 -42.49 41.64
N LEU B 638 -11.78 -43.63 41.16
CA LEU B 638 -12.65 -44.61 40.51
C LEU B 638 -13.59 -45.22 41.54
N SER B 639 -14.85 -45.38 41.16
CA SER B 639 -15.83 -46.03 42.01
C SER B 639 -16.12 -47.46 41.57
N GLY B 640 -15.38 -47.98 40.59
CA GLY B 640 -15.60 -49.34 40.14
C GLY B 640 -16.80 -49.47 39.23
N THR B 641 -17.40 -48.34 38.87
CA THR B 641 -18.53 -48.35 37.95
C THR B 641 -18.39 -47.36 36.79
N GLN B 642 -17.44 -46.44 36.83
CA GLN B 642 -17.29 -45.51 35.72
C GLN B 642 -16.98 -46.27 34.45
N GLY B 643 -17.41 -45.71 33.33
CA GLY B 643 -17.22 -46.40 32.06
C GLY B 643 -17.49 -45.47 30.91
N VAL B 644 -17.33 -46.00 29.71
CA VAL B 644 -17.54 -45.25 28.48
C VAL B 644 -18.41 -46.09 27.55
N ILE B 645 -19.36 -45.45 26.91
CA ILE B 645 -20.21 -46.08 25.90
C ILE B 645 -19.75 -45.56 24.55
N LEU B 646 -19.13 -46.42 23.77
CA LEU B 646 -18.55 -46.06 22.48
C LEU B 646 -19.05 -46.99 21.41
N PRO B 647 -19.05 -46.56 20.15
CA PRO B 647 -19.61 -47.39 19.08
C PRO B 647 -18.83 -48.68 18.90
N GLU B 648 -19.54 -49.72 18.48
CA GLU B 648 -18.85 -50.93 18.06
C GLU B 648 -17.97 -50.67 16.85
N ALA B 649 -18.27 -49.63 16.08
CA ALA B 649 -17.49 -49.32 14.90
C ALA B 649 -16.09 -48.83 15.25
N ASN B 650 -15.85 -48.46 16.51
CA ASN B 650 -14.53 -48.03 16.94
C ASN B 650 -13.72 -49.14 17.61
N LEU B 651 -14.24 -50.37 17.63
CA LEU B 651 -13.43 -51.46 18.16
C LEU B 651 -12.13 -51.66 17.39
N ALA B 652 -12.07 -51.26 16.13
CA ALA B 652 -10.85 -51.32 15.35
C ALA B 652 -9.97 -50.11 15.61
N ASN B 653 -10.42 -49.17 16.43
CA ASN B 653 -9.63 -47.99 16.76
C ASN B 653 -9.28 -47.92 18.24
N LEU B 654 -9.84 -48.81 19.07
CA LEU B 654 -9.56 -48.79 20.49
C LEU B 654 -8.14 -49.25 20.72
N THR B 655 -7.26 -48.28 20.94
CA THR B 655 -5.85 -48.53 21.22
C THR B 655 -5.56 -47.77 22.51
N LEU B 656 -5.87 -48.39 23.63
CA LEU B 656 -5.90 -47.69 24.90
C LEU B 656 -4.55 -47.77 25.60
N ARG B 657 -4.27 -46.75 26.39
CA ARG B 657 -3.05 -46.72 27.19
C ARG B 657 -3.01 -47.88 28.17
N ALA B 658 -1.85 -48.09 28.76
CA ALA B 658 -1.69 -49.22 29.68
C ALA B 658 -2.58 -49.07 30.90
N GLU B 659 -2.68 -47.86 31.45
CA GLU B 659 -3.43 -47.66 32.68
C GLU B 659 -4.92 -47.94 32.48
N VAL B 660 -5.48 -47.51 31.35
CA VAL B 660 -6.89 -47.76 31.10
C VAL B 660 -7.16 -49.25 30.97
N LEU B 661 -6.28 -49.96 30.27
CA LEU B 661 -6.46 -51.41 30.13
C LEU B 661 -6.33 -52.10 31.47
N GLU B 662 -5.40 -51.66 32.32
CA GLU B 662 -5.28 -52.26 33.64
C GLU B 662 -6.53 -52.01 34.47
N ALA B 663 -7.08 -50.80 34.38
CA ALA B 663 -8.31 -50.51 35.10
C ALA B 663 -9.45 -51.38 34.60
N VAL B 664 -9.55 -51.56 33.28
CA VAL B 664 -10.61 -52.41 32.73
C VAL B 664 -10.46 -53.83 33.20
N ARG B 665 -9.23 -54.35 33.17
CA ARG B 665 -8.99 -55.71 33.64
C ARG B 665 -9.30 -55.85 35.12
N ALA B 666 -8.98 -54.85 35.93
CA ALA B 666 -9.30 -54.88 37.34
C ALA B 666 -10.78 -54.65 37.62
N GLY B 667 -11.56 -54.29 36.61
CA GLY B 667 -12.97 -54.04 36.83
C GLY B 667 -13.27 -52.68 37.39
N GLN B 668 -12.27 -51.82 37.51
CA GLN B 668 -12.46 -50.46 37.98
C GLN B 668 -12.99 -49.54 36.89
N PHE B 669 -13.07 -50.04 35.65
CA PHE B 669 -13.52 -49.24 34.53
C PHE B 669 -14.23 -50.18 33.58
N HIS B 670 -15.18 -49.65 32.83
CA HIS B 670 -15.96 -50.45 31.91
C HIS B 670 -16.01 -49.79 30.55
N ILE B 671 -16.02 -50.60 29.50
CA ILE B 671 -16.20 -50.10 28.15
C ILE B 671 -17.38 -50.81 27.54
N TYR B 672 -18.41 -50.06 27.18
CA TYR B 672 -19.60 -50.63 26.56
C TYR B 672 -19.58 -50.27 25.09
N ALA B 673 -19.58 -51.28 24.23
CA ALA B 673 -19.62 -51.09 22.80
C ALA B 673 -21.05 -51.25 22.32
N VAL B 674 -21.57 -50.24 21.65
CA VAL B 674 -22.96 -50.23 21.24
C VAL B 674 -23.03 -50.13 19.74
N GLU B 675 -24.13 -50.65 19.18
CA GLU B 675 -24.41 -50.53 17.77
C GLU B 675 -25.50 -49.52 17.46
N THR B 676 -26.54 -49.44 18.30
CA THR B 676 -27.66 -48.53 18.08
C THR B 676 -27.89 -47.71 19.33
N ALA B 677 -28.47 -46.52 19.13
CA ALA B 677 -28.73 -45.62 20.26
C ALA B 677 -29.66 -46.24 21.28
N GLU B 678 -30.54 -47.14 20.86
CA GLU B 678 -31.40 -47.84 21.81
C GLU B 678 -30.57 -48.63 22.80
N GLN B 679 -29.50 -49.26 22.34
CA GLN B 679 -28.59 -49.94 23.25
C GLN B 679 -27.96 -48.97 24.23
N ALA B 680 -27.60 -47.78 23.75
CA ALA B 680 -27.01 -46.78 24.62
C ALA B 680 -27.99 -46.37 25.72
N LEU B 681 -29.25 -46.16 25.37
CA LEU B 681 -30.24 -45.85 26.41
C LEU B 681 -30.43 -47.02 27.36
N GLU B 682 -30.48 -48.24 26.84
CA GLU B 682 -30.64 -49.40 27.71
C GLU B 682 -29.52 -49.46 28.73
N ILE B 683 -28.30 -49.13 28.31
CA ILE B 683 -27.17 -49.17 29.22
C ILE B 683 -27.24 -48.00 30.21
N LEU B 684 -27.49 -46.80 29.71
CA LEU B 684 -27.44 -45.61 30.57
C LEU B 684 -28.56 -45.61 31.59
N ALA B 685 -29.80 -45.80 31.15
CA ALA B 685 -30.94 -45.73 32.06
C ALA B 685 -31.04 -46.93 32.98
N GLY B 686 -30.26 -47.97 32.74
CA GLY B 686 -30.34 -49.15 33.59
C GLY B 686 -31.62 -49.93 33.43
N ALA B 687 -32.28 -49.81 32.29
CA ALA B 687 -33.50 -50.58 32.04
C ALA B 687 -33.54 -51.03 30.59
N ARG B 688 -34.71 -51.49 30.13
CA ARG B 688 -34.82 -52.12 28.83
C ARG B 688 -35.90 -51.44 28.01
N MET B 689 -35.68 -51.42 26.69
CA MET B 689 -36.70 -50.90 25.78
C MET B 689 -37.97 -51.73 25.83
N GLU B 690 -37.82 -53.06 25.92
CA GLU B 690 -38.95 -53.96 25.73
C GLU B 690 -39.92 -53.90 26.90
N GLY B 691 -41.15 -54.34 26.65
CA GLY B 691 -42.10 -54.59 27.72
C GLY B 691 -42.74 -53.32 28.27
N PHE B 692 -43.57 -53.54 29.28
CA PHE B 692 -44.23 -52.43 29.97
C PHE B 692 -43.19 -51.64 30.74
N ARG B 693 -43.54 -50.40 31.11
CA ARG B 693 -42.66 -49.45 31.81
C ARG B 693 -41.24 -49.50 31.27
N GLY B 694 -41.11 -49.76 29.97
CA GLY B 694 -39.81 -49.71 29.34
C GLY B 694 -39.45 -48.29 28.95
N LEU B 695 -38.28 -48.18 28.32
CA LEU B 695 -37.81 -46.85 27.94
C LEU B 695 -38.73 -46.21 26.90
N GLN B 696 -39.16 -46.99 25.92
CA GLN B 696 -40.03 -46.45 24.88
C GLN B 696 -41.37 -46.01 25.47
N GLU B 697 -41.90 -46.77 26.42
CA GLU B 697 -43.16 -46.38 27.04
C GLU B 697 -43.01 -45.07 27.79
N LYS B 698 -41.92 -44.91 28.53
CA LYS B 698 -41.70 -43.66 29.26
C LYS B 698 -41.54 -42.48 28.30
N ILE B 699 -40.80 -42.69 27.21
CA ILE B 699 -40.61 -41.63 26.23
C ILE B 699 -41.95 -41.25 25.60
N ARG B 700 -42.76 -42.24 25.25
CA ARG B 700 -44.07 -41.96 24.68
C ARG B 700 -44.97 -41.25 25.68
N ALA B 701 -44.86 -41.61 26.96
CA ALA B 701 -45.62 -40.92 27.99
C ALA B 701 -45.21 -39.46 28.09
N GLY B 702 -43.92 -39.18 28.03
CA GLY B 702 -43.47 -37.79 28.03
C GLY B 702 -43.97 -37.03 26.82
N LEU B 703 -43.94 -37.66 25.65
CA LEU B 703 -44.45 -37.01 24.46
C LEU B 703 -45.95 -36.74 24.57
N GLU B 704 -46.70 -37.68 25.15
CA GLU B 704 -48.11 -37.45 25.40
C GLU B 704 -48.33 -36.28 26.37
N ALA B 705 -47.48 -36.17 27.39
CA ALA B 705 -47.62 -35.05 28.31
C ALA B 705 -47.40 -33.73 27.59
N PHE B 706 -46.39 -33.65 26.74
CA PHE B 706 -46.16 -32.42 25.99
C PHE B 706 -47.31 -32.16 25.01
N ALA B 707 -47.87 -33.21 24.44
CA ALA B 707 -49.06 -33.04 23.59
C ALA B 707 -50.24 -32.50 24.39
N ARG B 708 -50.42 -32.97 25.63
CA ARG B 708 -51.44 -32.41 26.51
C ARG B 708 -51.21 -30.92 26.73
N LEU B 709 -49.95 -30.53 26.96
CA LEU B 709 -49.64 -29.12 27.17
C LEU B 709 -49.98 -28.29 25.94
N GLU B 710 -49.60 -28.78 24.76
CA GLU B 710 -49.94 -28.07 23.53
C GLU B 710 -51.44 -27.99 23.32
N GLU B 711 -52.16 -29.07 23.61
CA GLU B 711 -53.62 -29.06 23.50
C GLU B 711 -54.24 -28.02 24.43
N GLY B 712 -53.74 -27.96 25.67
CA GLY B 712 -54.24 -26.96 26.61
C GLY B 712 -53.98 -25.55 26.14
N HIS B 713 -52.78 -25.29 25.62
CA HIS B 713 -52.48 -23.97 25.08
C HIS B 713 -53.40 -23.62 23.92
N ASP B 714 -53.62 -24.57 23.01
CA ASP B 714 -54.47 -24.32 21.86
C ASP B 714 -55.91 -24.06 22.27
N LYS B 715 -56.43 -24.84 23.22
CA LYS B 715 -57.81 -24.62 23.66
C LYS B 715 -57.96 -23.33 24.47
N GLU B 716 -56.90 -22.90 25.17
CA GLU B 716 -56.93 -21.58 25.78
C GLU B 716 -56.98 -20.50 24.71
N ASP B 717 -56.19 -20.66 23.64
CA ASP B 717 -56.18 -19.67 22.57
C ASP B 717 -57.54 -19.58 21.90
N ARG B 718 -58.20 -20.73 21.69
CA ARG B 718 -59.51 -20.73 21.04
C ARG B 718 -60.58 -20.15 21.95
N GLU B 719 -60.76 -20.74 23.13
CA GLU B 719 -61.78 -20.28 24.07
C GLU B 719 -61.24 -19.23 25.01
N MET C 1 -25.53 -21.05 50.55
CA MET C 1 -25.42 -20.91 52.00
C MET C 1 -24.53 -19.75 52.36
N ARG C 2 -24.69 -19.22 53.57
CA ARG C 2 -23.89 -18.09 54.02
C ARG C 2 -22.50 -18.59 54.38
N LEU C 3 -21.52 -18.25 53.56
CA LEU C 3 -20.16 -18.71 53.81
C LEU C 3 -19.60 -18.08 55.07
N SER C 4 -19.01 -18.91 55.92
CA SER C 4 -18.41 -18.42 57.15
C SER C 4 -17.13 -17.66 56.84
N TYR C 5 -16.64 -16.91 57.82
CA TYR C 5 -15.36 -16.24 57.65
C TYR C 5 -14.24 -17.26 57.49
N GLU C 6 -14.29 -18.35 58.25
CA GLU C 6 -13.25 -19.36 58.17
C GLU C 6 -13.20 -19.99 56.79
N ALA C 7 -14.35 -20.26 56.18
CA ALA C 7 -14.35 -20.80 54.82
C ALA C 7 -13.82 -19.81 53.80
N LEU C 8 -13.71 -18.53 54.15
CA LEU C 8 -13.17 -17.52 53.26
C LEU C 8 -11.78 -17.06 53.65
N GLU C 9 -11.32 -17.36 54.86
CA GLU C 9 -10.01 -16.92 55.32
C GLU C 9 -8.97 -17.74 54.58
N TRP C 10 -8.42 -17.16 53.51
CA TRP C 10 -7.46 -17.83 52.65
C TRP C 10 -6.03 -17.46 52.94
N ARG C 11 -5.80 -16.29 53.54
CA ARG C 11 -4.44 -15.82 53.77
C ARG C 11 -3.69 -16.75 54.72
N THR C 12 -2.41 -16.91 54.45
CA THR C 12 -1.51 -17.68 55.30
C THR C 12 -1.29 -16.95 56.61
N PRO C 13 -1.50 -17.61 57.75
CA PRO C 13 -1.39 -16.91 59.03
C PRO C 13 0.03 -16.47 59.33
N ILE C 14 0.18 -15.17 59.50
CA ILE C 14 1.46 -14.58 59.87
C ILE C 14 1.64 -14.72 61.37
N GLU C 15 2.76 -15.30 61.79
CA GLU C 15 3.06 -15.47 63.20
C GLU C 15 4.16 -14.55 63.69
N ASN C 16 5.00 -14.01 62.81
CA ASN C 16 6.05 -13.07 63.18
C ASN C 16 6.58 -12.45 61.90
N SER C 17 7.00 -11.20 62.01
CA SER C 17 7.47 -10.47 60.84
C SER C 17 8.74 -9.70 61.16
N THR C 18 9.33 -9.98 62.32
CA THR C 18 10.57 -9.32 62.71
C THR C 18 11.80 -10.09 62.26
N GLU C 19 11.79 -11.41 62.36
CA GLU C 19 12.94 -12.23 62.03
C GLU C 19 13.14 -12.24 60.53
N PRO C 20 14.33 -11.95 60.03
CA PRO C 20 14.58 -12.07 58.59
C PRO C 20 14.81 -13.52 58.22
N VAL C 21 14.26 -13.91 57.08
CA VAL C 21 14.33 -15.28 56.61
C VAL C 21 15.62 -15.48 55.83
N SER C 22 16.32 -16.57 56.12
CA SER C 22 17.51 -16.97 55.38
C SER C 22 17.23 -18.33 54.75
N LEU C 23 17.09 -18.36 53.44
CA LEU C 23 16.70 -19.56 52.73
C LEU C 23 17.70 -19.85 51.61
N PRO C 24 18.02 -21.11 51.38
CA PRO C 24 18.90 -21.46 50.26
C PRO C 24 18.20 -21.20 48.95
N PRO C 25 18.93 -20.85 47.90
CA PRO C 25 18.31 -20.58 46.61
C PRO C 25 17.57 -21.79 46.10
N PRO C 26 16.40 -21.59 45.49
CA PRO C 26 15.64 -22.72 44.97
C PRO C 26 16.26 -23.23 43.69
N PRO C 27 16.05 -24.49 43.35
CA PRO C 27 16.52 -24.99 42.06
C PRO C 27 15.84 -24.25 40.93
N PRO C 28 16.54 -24.05 39.81
CA PRO C 28 15.90 -23.36 38.68
C PRO C 28 14.68 -24.14 38.21
N PHE C 29 13.67 -23.39 37.76
CA PHE C 29 12.36 -23.95 37.43
C PHE C 29 11.76 -24.66 38.64
N PHE C 30 11.67 -23.99 39.78
CA PHE C 30 11.02 -24.57 40.94
C PHE C 30 9.52 -24.58 40.68
N GLY C 31 8.88 -25.72 40.92
CA GLY C 31 7.47 -25.83 40.63
C GLY C 31 7.16 -25.87 39.16
N GLN C 32 8.18 -25.90 38.31
CA GLN C 32 8.01 -26.02 36.87
C GLN C 32 8.65 -27.31 36.38
N GLU C 33 8.39 -28.41 37.10
CA GLU C 33 9.07 -29.66 36.82
C GLU C 33 8.84 -30.15 35.40
N ARG C 34 7.69 -29.81 34.81
CA ARG C 34 7.46 -30.18 33.42
C ARG C 34 8.48 -29.53 32.50
N ALA C 35 8.63 -28.21 32.63
CA ALA C 35 9.60 -27.52 31.80
C ALA C 35 11.02 -27.96 32.11
N ARG C 36 11.34 -28.17 33.38
CA ARG C 36 12.70 -28.57 33.74
C ARG C 36 13.03 -29.94 33.17
N GLU C 37 12.10 -30.88 33.25
CA GLU C 37 12.33 -32.21 32.70
C GLU C 37 12.41 -32.16 31.17
N ALA C 38 11.57 -31.34 30.54
CA ALA C 38 11.65 -31.19 29.10
C ALA C 38 13.02 -30.65 28.69
N LEU C 39 13.52 -29.65 29.41
CA LEU C 39 14.83 -29.11 29.08
C LEU C 39 15.95 -30.09 29.38
N GLU C 40 15.83 -30.87 30.44
CA GLU C 40 16.82 -31.90 30.70
C GLU C 40 16.89 -32.89 29.55
N LEU C 41 15.72 -33.33 29.07
CA LEU C 41 15.70 -34.25 27.94
C LEU C 41 16.28 -33.59 26.70
N ALA C 42 15.93 -32.33 26.44
CA ALA C 42 16.44 -31.64 25.26
C ALA C 42 17.93 -31.44 25.31
N ILE C 43 18.49 -31.15 26.48
CA ILE C 43 19.92 -30.96 26.63
C ILE C 43 20.67 -32.27 26.49
N ARG C 44 20.18 -33.34 27.14
CA ARG C 44 20.86 -34.62 27.00
C ARG C 44 20.82 -35.11 25.55
N GLY C 45 19.70 -34.93 24.87
CA GLY C 45 19.57 -35.45 23.53
C GLY C 45 20.09 -34.52 22.44
N GLY C 46 20.42 -33.29 22.80
CA GLY C 46 20.82 -32.34 21.80
C GLY C 46 19.68 -31.88 20.91
N PHE C 47 18.44 -32.13 21.32
CA PHE C 47 17.29 -31.72 20.56
C PHE C 47 17.10 -30.20 20.66
N HIS C 48 16.50 -29.63 19.63
CA HIS C 48 16.05 -28.26 19.69
C HIS C 48 14.76 -28.21 20.49
N ALA C 49 14.72 -27.36 21.49
CA ALA C 49 13.53 -27.22 22.33
C ALA C 49 12.92 -25.85 22.11
N TYR C 50 11.77 -25.63 22.72
CA TYR C 50 11.17 -24.31 22.73
C TYR C 50 10.36 -24.14 24.01
N LEU C 51 10.64 -23.07 24.74
CA LEU C 51 9.98 -22.80 26.00
C LEU C 51 8.69 -22.05 25.74
N VAL C 52 7.59 -22.55 26.28
CA VAL C 52 6.27 -21.98 26.09
C VAL C 52 5.74 -21.58 27.46
N GLY C 53 5.27 -20.35 27.58
CA GLY C 53 4.66 -19.95 28.87
C GLY C 53 4.12 -18.53 28.84
N PRO C 54 3.21 -18.18 29.76
CA PRO C 54 2.68 -16.84 29.83
C PRO C 54 3.80 -15.84 30.11
N PRO C 55 3.74 -14.60 29.60
CA PRO C 55 4.83 -13.65 29.75
C PRO C 55 5.07 -13.24 31.21
N SER C 56 6.29 -12.79 31.54
CA SER C 56 6.65 -12.36 32.91
C SER C 56 6.81 -13.57 33.84
N LEU C 57 6.99 -14.76 33.28
CA LEU C 57 7.21 -15.97 34.09
C LEU C 57 8.71 -16.10 34.37
N GLY C 58 9.52 -15.18 33.84
CA GLY C 58 10.97 -15.29 33.99
C GLY C 58 11.50 -16.54 33.30
N LYS C 59 10.87 -16.91 32.18
CA LYS C 59 11.33 -18.09 31.41
C LYS C 59 12.75 -17.82 30.92
N HIS C 60 12.99 -16.61 30.42
CA HIS C 60 14.33 -16.26 29.86
C HIS C 60 15.39 -16.32 30.95
N GLU C 61 15.10 -15.85 32.16
CA GLU C 61 16.17 -15.78 33.17
C GLU C 61 16.40 -17.16 33.77
N ALA C 62 15.34 -17.86 34.16
CA ALA C 62 15.57 -19.21 34.64
C ALA C 62 16.32 -20.05 33.62
N LEU C 63 16.06 -19.85 32.33
CA LEU C 63 16.71 -20.65 31.30
C LEU C 63 18.20 -20.38 31.26
N LEU C 64 18.60 -19.11 31.24
CA LEU C 64 20.02 -18.79 31.19
C LEU C 64 20.72 -19.25 32.46
N ALA C 65 20.05 -19.11 33.61
CA ALA C 65 20.63 -19.60 34.86
C ALA C 65 20.81 -21.10 34.82
N TYR C 66 19.83 -21.82 34.27
CA TYR C 66 19.91 -23.27 34.22
C TYR C 66 21.02 -23.73 33.29
N LEU C 67 21.09 -23.14 32.09
CA LEU C 67 22.12 -23.55 31.14
C LEU C 67 23.52 -23.21 31.62
N SER C 68 23.69 -22.14 32.39
CA SER C 68 25.00 -21.79 32.89
C SER C 68 25.53 -22.80 33.89
N THR C 69 24.67 -23.68 34.40
CA THR C 69 25.10 -24.76 35.28
C THR C 69 25.37 -26.04 34.51
N GLN C 70 25.23 -26.02 33.19
CA GLN C 70 25.48 -27.18 32.36
C GLN C 70 26.95 -27.25 32.00
N SER C 71 27.37 -28.43 31.55
CA SER C 71 28.76 -28.68 31.18
C SER C 71 28.76 -29.44 29.86
N VAL C 72 28.82 -28.71 28.76
CA VAL C 72 28.84 -29.33 27.45
C VAL C 72 30.25 -29.85 27.18
N GLU C 73 30.35 -30.79 26.25
CA GLU C 73 31.66 -31.20 25.77
C GLU C 73 32.36 -30.00 25.15
N THR C 74 33.68 -29.94 25.34
CA THR C 74 34.44 -28.77 24.92
C THR C 74 34.26 -28.52 23.42
N PRO C 75 33.83 -27.34 23.03
CA PRO C 75 33.50 -27.08 21.64
C PRO C 75 34.75 -27.02 20.79
N PRO C 76 34.76 -27.68 19.63
CA PRO C 76 35.85 -27.45 18.68
C PRO C 76 35.85 -26.02 18.19
N ASP C 77 37.05 -25.49 17.98
CA ASP C 77 37.22 -24.11 17.54
C ASP C 77 36.91 -24.04 16.05
N LEU C 78 35.89 -23.26 15.71
CA LEU C 78 35.55 -23.00 14.32
C LEU C 78 36.07 -21.63 13.94
N LEU C 79 36.67 -21.53 12.76
CA LEU C 79 37.20 -20.26 12.31
C LEU C 79 37.09 -20.19 10.79
N TYR C 80 37.16 -18.98 10.27
CA TYR C 80 37.15 -18.75 8.83
C TYR C 80 38.58 -18.54 8.35
N VAL C 81 39.02 -19.40 7.44
CA VAL C 81 40.35 -19.32 6.87
C VAL C 81 40.22 -19.05 5.38
N PRO C 82 40.93 -18.09 4.83
CA PRO C 82 40.88 -17.85 3.38
C PRO C 82 41.66 -18.89 2.61
N LEU C 83 40.96 -19.70 1.82
CA LEU C 83 41.65 -20.55 0.86
C LEU C 83 42.21 -19.75 -0.30
N SER C 84 41.60 -18.61 -0.62
CA SER C 84 42.15 -17.63 -1.54
C SER C 84 41.54 -16.29 -1.19
N GLU C 85 41.87 -15.25 -1.95
CA GLU C 85 41.27 -13.95 -1.70
C GLU C 85 39.78 -13.97 -2.01
N ARG C 86 39.35 -14.83 -2.93
CA ARG C 86 37.94 -14.94 -3.25
C ARG C 86 37.21 -15.91 -2.33
N LYS C 87 37.81 -17.05 -2.03
CA LYS C 87 37.13 -18.14 -1.37
C LYS C 87 37.63 -18.28 0.06
N VAL C 88 36.70 -18.37 1.02
CA VAL C 88 37.01 -18.58 2.42
C VAL C 88 36.26 -19.82 2.87
N ALA C 89 36.94 -20.67 3.63
CA ALA C 89 36.37 -21.91 4.12
C ALA C 89 36.30 -21.91 5.64
N VAL C 90 35.59 -22.89 6.18
CA VAL C 90 35.43 -23.08 7.61
C VAL C 90 36.42 -24.15 8.04
N LEU C 91 37.21 -23.84 9.06
CA LEU C 91 38.19 -24.76 9.59
C LEU C 91 37.82 -25.11 11.02
N THR C 92 37.98 -26.39 11.36
CA THR C 92 37.72 -26.90 12.70
C THR C 92 39.05 -27.31 13.30
N LEU C 93 39.30 -26.90 14.53
CA LEU C 93 40.50 -27.27 15.26
C LEU C 93 40.12 -27.69 16.66
N PRO C 94 40.98 -28.45 17.34
CA PRO C 94 40.74 -28.75 18.75
C PRO C 94 40.65 -27.46 19.55
N SER C 95 39.91 -27.51 20.65
CA SER C 95 39.63 -26.32 21.43
C SER C 95 40.92 -25.65 21.87
N GLY C 96 40.98 -24.33 21.71
CA GLY C 96 42.13 -23.55 22.09
C GLY C 96 43.24 -23.48 21.07
N GLN C 97 43.07 -24.09 19.90
CA GLN C 97 44.11 -24.09 18.90
C GLN C 97 44.02 -22.92 17.92
N GLU C 98 42.86 -22.27 17.82
CA GLU C 98 42.73 -21.21 16.83
C GLU C 98 43.61 -20.03 17.14
N ILE C 99 43.92 -19.78 18.42
CA ILE C 99 44.84 -18.71 18.76
C ILE C 99 46.27 -19.06 18.32
N HIS C 100 46.67 -20.31 18.52
CA HIS C 100 47.99 -20.73 18.06
C HIS C 100 48.09 -20.66 16.54
N LEU C 101 47.04 -21.07 15.84
CA LEU C 101 47.04 -20.94 14.39
C LEU C 101 47.13 -19.48 13.99
N ALA C 102 46.42 -18.60 14.69
CA ALA C 102 46.47 -17.18 14.36
C ALA C 102 47.87 -16.62 14.53
N GLU C 103 48.54 -16.97 15.64
CA GLU C 103 49.88 -16.43 15.84
C GLU C 103 50.87 -17.03 14.84
N ALA C 104 50.71 -18.31 14.50
CA ALA C 104 51.57 -18.92 13.50
C ALA C 104 51.38 -18.25 12.14
N VAL C 105 50.13 -17.94 11.79
CA VAL C 105 49.86 -17.26 10.53
C VAL C 105 50.45 -15.85 10.56
N GLU C 106 50.40 -15.18 11.70
CA GLU C 106 51.04 -13.87 11.80
C GLU C 106 52.54 -13.97 11.57
N GLY C 107 53.17 -14.97 12.17
CA GLY C 107 54.59 -15.19 11.93
C GLY C 107 54.89 -15.46 10.47
N LEU C 108 54.06 -16.28 9.83
CA LEU C 108 54.26 -16.58 8.41
C LEU C 108 54.08 -15.34 7.56
N LEU C 109 53.09 -14.51 7.88
CA LEU C 109 52.88 -13.28 7.13
C LEU C 109 54.07 -12.36 7.26
N LEU C 110 54.62 -12.22 8.46
CA LEU C 110 55.82 -11.40 8.60
C LEU C 110 57.03 -12.06 7.97
N GLU C 111 56.98 -13.37 7.70
CA GLU C 111 58.08 -14.01 7.01
C GLU C 111 58.24 -13.58 5.56
N VAL C 112 57.42 -12.64 5.06
CA VAL C 112 57.71 -12.06 3.75
C VAL C 112 59.05 -11.35 3.77
N ASN C 113 59.38 -10.72 4.90
CA ASN C 113 60.68 -10.08 5.03
C ASN C 113 61.82 -11.10 5.00
N ARG C 114 61.63 -12.22 5.67
CA ARG C 114 62.62 -13.30 5.58
C ARG C 114 62.75 -13.79 4.15
N LEU C 115 61.63 -13.92 3.45
CA LEU C 115 61.65 -14.35 2.07
C LEU C 115 62.44 -13.38 1.20
N ASP C 116 62.22 -12.09 1.40
CA ASP C 116 62.97 -11.09 0.64
C ASP C 116 64.45 -11.15 0.98
N GLU C 117 64.78 -11.33 2.26
CA GLU C 117 66.18 -11.41 2.66
C GLU C 117 66.83 -12.67 2.10
N LEU C 118 66.04 -13.69 1.79
CA LEU C 118 66.59 -14.87 1.14
C LEU C 118 67.14 -14.54 -0.24
N PHE C 119 66.43 -13.68 -0.98
CA PHE C 119 66.91 -13.28 -2.29
C PHE C 119 68.12 -12.38 -2.23
N ARG C 120 68.48 -11.89 -1.05
CA ARG C 120 69.71 -11.12 -0.87
C ARG C 120 70.89 -12.01 -0.52
N GLN C 121 70.69 -13.31 -0.41
CA GLN C 121 71.74 -14.20 0.05
C GLN C 121 72.67 -14.57 -1.10
N GLY C 122 73.82 -15.13 -0.73
CA GLY C 122 74.85 -15.42 -1.73
C GLY C 122 74.44 -16.49 -2.72
N SER C 123 73.81 -17.56 -2.22
CA SER C 123 73.54 -18.71 -3.08
C SER C 123 72.51 -18.36 -4.15
N PHE C 124 71.38 -17.77 -3.73
CA PHE C 124 70.36 -17.41 -4.70
C PHE C 124 70.89 -16.40 -5.70
N LEU C 125 71.66 -15.43 -5.23
CA LEU C 125 72.21 -14.43 -6.14
C LEU C 125 73.21 -15.05 -7.11
N ARG C 126 73.98 -16.04 -6.64
CA ARG C 126 74.86 -16.75 -7.55
C ARG C 126 74.07 -17.47 -8.63
N GLU C 127 72.98 -18.14 -8.24
CA GLU C 127 72.15 -18.83 -9.23
C GLU C 127 71.52 -17.86 -10.21
N LYS C 128 71.03 -16.72 -9.71
CA LYS C 128 70.44 -15.71 -10.58
C LYS C 128 71.45 -15.16 -11.57
N THR C 129 72.66 -14.85 -11.10
CA THR C 129 73.70 -14.33 -11.99
C THR C 129 74.15 -15.39 -12.97
N GLN C 130 74.14 -16.66 -12.57
CA GLN C 130 74.50 -17.73 -13.50
C GLN C 130 73.46 -17.86 -14.62
N LEU C 131 72.17 -17.81 -14.26
CA LEU C 131 71.12 -17.81 -15.27
C LEU C 131 71.28 -16.61 -16.19
N GLU C 132 71.54 -15.45 -15.62
CA GLU C 132 71.84 -14.27 -16.42
C GLU C 132 73.06 -14.50 -17.31
N ALA C 133 74.03 -15.28 -16.85
CA ALA C 133 75.23 -15.52 -17.64
C ALA C 133 74.91 -16.33 -18.88
N ARG C 134 74.14 -17.40 -18.74
CA ARG C 134 73.64 -18.08 -19.94
C ARG C 134 72.82 -17.17 -20.83
N PHE C 135 72.02 -16.28 -20.25
CA PHE C 135 71.13 -15.47 -21.10
C PHE C 135 71.91 -14.43 -21.90
N LYS C 136 72.80 -13.69 -21.25
CA LYS C 136 73.69 -12.80 -22.00
C LYS C 136 74.56 -13.57 -22.98
N GLU C 137 74.99 -14.79 -22.63
CA GLU C 137 75.71 -15.61 -23.59
C GLU C 137 74.84 -15.93 -24.79
N ALA C 138 73.54 -16.13 -24.58
CA ALA C 138 72.62 -16.39 -25.68
C ALA C 138 72.56 -15.20 -26.63
N ARG C 139 72.38 -13.99 -26.08
CA ARG C 139 72.47 -12.81 -26.95
C ARG C 139 73.83 -12.66 -27.60
N GLU C 140 74.89 -13.10 -26.92
CA GLU C 140 76.22 -13.04 -27.52
C GLU C 140 76.33 -13.92 -28.75
N GLN C 141 75.87 -15.18 -28.67
CA GLN C 141 75.90 -16.03 -29.85
C GLN C 141 74.97 -15.49 -30.94
N GLN C 142 73.83 -14.92 -30.54
CA GLN C 142 72.93 -14.34 -31.54
C GLN C 142 73.62 -13.21 -32.31
N LEU C 143 74.25 -12.28 -31.58
CA LEU C 143 74.94 -11.17 -32.22
C LEU C 143 76.13 -11.66 -33.05
N GLU C 144 76.84 -12.68 -32.55
CA GLU C 144 77.96 -13.23 -33.30
C GLU C 144 77.50 -13.86 -34.61
N ALA C 145 76.38 -14.60 -34.57
CA ALA C 145 75.86 -15.19 -35.79
C ALA C 145 75.41 -14.12 -36.77
N LEU C 146 74.75 -13.07 -36.28
CA LEU C 146 74.37 -11.96 -37.15
C LEU C 146 75.59 -11.32 -37.79
N ARG C 147 76.63 -11.08 -37.00
CA ARG C 147 77.84 -10.48 -37.53
C ARG C 147 78.53 -11.39 -38.54
N ARG C 148 78.54 -12.69 -38.27
CA ARG C 148 79.14 -13.65 -39.19
C ARG C 148 78.40 -13.64 -40.53
N GLU C 149 77.06 -13.58 -40.49
CA GLU C 149 76.30 -13.50 -41.73
C GLU C 149 76.56 -12.20 -42.47
N ALA C 150 76.58 -11.08 -41.76
CA ALA C 150 76.74 -9.79 -42.43
C ALA C 150 78.13 -9.64 -43.03
N GLN C 151 79.17 -10.02 -42.27
CA GLN C 151 80.53 -9.93 -42.80
C GLN C 151 80.78 -10.92 -43.93
N GLU C 152 80.11 -12.07 -43.90
CA GLU C 152 80.14 -12.95 -45.07
C GLU C 152 79.49 -12.26 -46.26
N ALA C 153 78.41 -11.51 -46.01
CA ALA C 153 77.85 -10.62 -47.02
C ALA C 153 78.71 -9.37 -47.24
N GLY C 154 79.73 -9.17 -46.43
CA GLY C 154 80.60 -8.00 -46.55
C GLY C 154 79.99 -6.73 -46.03
N PHE C 155 79.35 -6.76 -44.87
CA PHE C 155 78.42 -5.70 -44.52
C PHE C 155 78.68 -5.23 -43.10
N ALA C 156 78.08 -4.10 -42.73
CA ALA C 156 78.37 -3.44 -41.46
C ALA C 156 77.11 -3.19 -40.63
N LEU C 157 77.29 -3.14 -39.31
CA LEU C 157 76.19 -2.96 -38.36
C LEU C 157 76.40 -1.68 -37.56
N SER C 158 75.31 -0.98 -37.25
CA SER C 158 75.32 0.10 -36.27
C SER C 158 74.37 -0.26 -35.14
N THR C 159 74.92 -0.48 -33.95
CA THR C 159 74.13 -0.86 -32.79
C THR C 159 73.71 0.40 -32.04
N ASN C 160 72.44 0.78 -32.17
CA ASN C 160 71.93 2.00 -31.56
C ASN C 160 71.24 1.68 -30.25
N GLY C 161 71.77 0.71 -29.51
CA GLY C 161 71.14 0.22 -28.30
C GLY C 161 70.45 -1.10 -28.54
N GLU C 162 69.21 -1.23 -28.06
CA GLU C 162 68.43 -2.42 -28.38
C GLU C 162 68.16 -2.52 -29.87
N ARG C 163 68.11 -1.39 -30.56
CA ARG C 163 67.87 -1.36 -32.00
C ARG C 163 69.17 -1.55 -32.77
N LEU C 164 69.07 -2.22 -33.91
CA LEU C 164 70.21 -2.44 -34.78
C LEU C 164 69.87 -1.95 -36.19
N GLU C 165 70.67 -1.02 -36.69
CA GLU C 165 70.56 -0.55 -38.06
C GLU C 165 71.72 -1.13 -38.85
N LEU C 166 71.60 -1.08 -40.17
CA LEU C 166 72.59 -1.67 -41.05
C LEU C 166 73.22 -0.62 -41.94
N THR C 167 74.55 -0.67 -42.06
CA THR C 167 75.33 0.24 -42.88
C THR C 167 76.15 -0.57 -43.87
N GLY C 168 76.09 -0.17 -45.14
CA GLY C 168 76.85 -0.82 -46.19
C GLY C 168 76.46 -0.32 -47.56
N PRO C 169 77.06 -0.90 -48.60
CA PRO C 169 76.75 -0.46 -49.97
C PRO C 169 75.34 -0.85 -50.39
N GLY C 170 74.73 0.03 -51.19
CA GLY C 170 73.45 -0.25 -51.80
C GLY C 170 72.33 -0.44 -50.80
N PRO C 171 71.25 -1.07 -51.24
CA PRO C 171 70.14 -1.37 -50.34
C PRO C 171 70.31 -2.71 -49.65
N VAL C 172 69.66 -2.83 -48.50
CA VAL C 172 69.77 -4.06 -47.71
C VAL C 172 69.03 -5.19 -48.42
N PRO C 173 69.60 -6.39 -48.52
CA PRO C 173 68.84 -7.53 -49.02
C PRO C 173 67.67 -7.85 -48.09
N ALA C 174 66.59 -8.36 -48.69
CA ALA C 174 65.43 -8.76 -47.89
C ALA C 174 65.80 -9.83 -46.88
N GLU C 175 66.75 -10.70 -47.23
CA GLU C 175 67.22 -11.69 -46.28
C GLU C 175 67.87 -11.05 -45.06
N LEU C 176 68.67 -10.00 -45.26
CA LEU C 176 69.30 -9.33 -44.13
C LEU C 176 68.29 -8.57 -43.29
N SER C 177 67.25 -8.03 -43.94
CA SER C 177 66.17 -7.39 -43.17
C SER C 177 65.44 -8.40 -42.31
N ALA C 178 65.13 -9.57 -42.87
CA ALA C 178 64.52 -10.62 -42.06
C ALA C 178 65.46 -11.06 -40.96
N ARG C 179 66.76 -11.07 -41.22
CA ARG C 179 67.73 -11.44 -40.19
C ARG C 179 67.74 -10.43 -39.05
N LEU C 180 67.71 -9.13 -39.37
CA LEU C 180 67.71 -8.13 -38.31
C LEU C 180 66.42 -8.24 -37.50
N GLU C 181 65.30 -8.46 -38.18
CA GLU C 181 64.04 -8.59 -37.46
C GLU C 181 64.04 -9.83 -36.58
N GLU C 182 64.61 -10.92 -37.07
CA GLU C 182 64.73 -12.13 -36.27
C GLU C 182 65.59 -11.89 -35.04
N VAL C 183 66.71 -11.20 -35.21
CA VAL C 183 67.59 -10.93 -34.07
C VAL C 183 66.89 -10.05 -33.04
N THR C 184 66.20 -9.01 -33.50
CA THR C 184 65.52 -8.11 -32.57
C THR C 184 64.42 -8.84 -31.81
N LEU C 185 63.57 -9.58 -32.54
CA LEU C 185 62.50 -10.30 -31.88
C LEU C 185 63.04 -11.38 -30.96
N GLY C 186 64.15 -12.01 -31.34
CA GLY C 186 64.76 -13.00 -30.47
C GLY C 186 65.32 -12.39 -29.21
N SER C 187 65.89 -11.19 -29.32
CA SER C 187 66.37 -10.50 -28.12
C SER C 187 65.21 -10.15 -27.19
N LEU C 188 64.11 -9.67 -27.76
CA LEU C 188 62.95 -9.35 -26.94
C LEU C 188 62.38 -10.60 -26.28
N ALA C 189 62.28 -11.69 -27.04
CA ALA C 189 61.80 -12.94 -26.49
C ALA C 189 62.75 -13.48 -25.44
N ALA C 190 64.06 -13.25 -25.61
CA ALA C 190 65.03 -13.68 -24.62
C ALA C 190 64.88 -12.88 -23.34
N SER C 191 64.58 -11.59 -23.44
CA SER C 191 64.31 -10.80 -22.26
C SER C 191 63.06 -11.31 -21.52
N ALA C 192 62.00 -11.59 -22.27
CA ALA C 192 60.79 -12.13 -21.64
C ALA C 192 61.06 -13.50 -21.01
N GLU C 193 61.83 -14.34 -21.70
CA GLU C 193 62.16 -15.65 -21.15
C GLU C 193 63.03 -15.51 -19.91
N LEU C 194 63.93 -14.52 -19.90
CA LEU C 194 64.75 -14.28 -18.73
C LEU C 194 63.88 -13.88 -17.53
N GLU C 195 62.93 -12.98 -17.74
CA GLU C 195 62.11 -12.52 -16.62
C GLU C 195 61.22 -13.65 -16.10
N VAL C 196 60.62 -14.43 -17.01
CA VAL C 196 59.79 -15.53 -16.53
C VAL C 196 60.64 -16.61 -15.88
N ALA C 197 61.86 -16.84 -16.39
CA ALA C 197 62.73 -17.85 -15.80
C ALA C 197 63.18 -17.43 -14.41
N LEU C 198 63.51 -16.16 -14.22
CA LEU C 198 63.89 -15.71 -12.88
C LEU C 198 62.70 -15.77 -11.94
N ARG C 199 61.49 -15.48 -12.44
CA ARG C 199 60.32 -15.61 -11.59
C ARG C 199 60.10 -17.06 -11.17
N ARG C 200 60.27 -18.00 -12.09
CA ARG C 200 60.12 -19.41 -11.73
C ARG C 200 61.23 -19.84 -10.77
N LEU C 201 62.44 -19.33 -10.95
CA LEU C 201 63.52 -19.62 -10.03
C LEU C 201 63.20 -19.10 -8.64
N ARG C 202 62.62 -17.90 -8.57
CA ARG C 202 62.24 -17.34 -7.28
C ARG C 202 61.14 -18.19 -6.63
N ARG C 203 60.18 -18.68 -7.42
CA ARG C 203 59.18 -19.57 -6.84
C ARG C 203 59.83 -20.84 -6.31
N ASP C 204 60.76 -21.41 -7.06
CA ASP C 204 61.41 -22.65 -6.62
C ASP C 204 62.18 -22.42 -5.33
N TRP C 205 62.95 -21.34 -5.26
CA TRP C 205 63.72 -21.04 -4.07
C TRP C 205 62.81 -20.75 -2.89
N ALA C 206 61.73 -20.00 -3.13
CA ALA C 206 60.79 -19.69 -2.06
C ALA C 206 60.14 -20.95 -1.52
N LEU C 207 59.72 -21.84 -2.41
CA LEU C 207 59.08 -23.08 -1.98
C LEU C 207 60.05 -23.95 -1.21
N HIS C 208 61.30 -24.05 -1.68
CA HIS C 208 62.30 -24.82 -0.96
C HIS C 208 62.52 -24.23 0.43
N TYR C 209 62.59 -22.91 0.54
CA TYR C 209 62.78 -22.28 1.84
C TYR C 209 61.57 -22.48 2.73
N LEU C 210 60.37 -22.40 2.17
CA LEU C 210 59.16 -22.45 2.96
C LEU C 210 58.74 -23.85 3.35
N ASN C 211 59.27 -24.88 2.69
CA ASN C 211 58.88 -26.24 3.05
C ASN C 211 59.26 -26.56 4.49
N ASN C 212 60.47 -26.21 4.91
CA ASN C 212 60.88 -26.48 6.27
C ASN C 212 60.23 -25.52 7.26
N ARG C 213 59.80 -24.34 6.81
CA ARG C 213 59.02 -23.44 7.64
C ARG C 213 57.60 -23.92 7.85
N PHE C 214 57.07 -24.69 6.90
CA PHE C 214 55.68 -25.11 6.93
C PHE C 214 55.46 -26.49 7.52
N GLU C 215 56.41 -27.41 7.36
CA GLU C 215 56.20 -28.76 7.88
C GLU C 215 55.94 -28.81 9.38
N PRO C 216 56.61 -28.05 10.26
CA PRO C 216 56.19 -28.08 11.66
C PRO C 216 54.76 -27.62 11.85
N LEU C 217 54.30 -26.65 11.05
CA LEU C 217 52.91 -26.24 11.12
C LEU C 217 51.97 -27.30 10.58
N PHE C 218 52.37 -28.01 9.54
CA PHE C 218 51.55 -29.11 9.04
C PHE C 218 51.41 -30.19 10.12
N GLN C 219 52.49 -30.48 10.84
CA GLN C 219 52.40 -31.40 11.95
C GLN C 219 51.52 -30.87 13.07
N ARG C 220 51.63 -29.58 13.38
CA ARG C 220 50.86 -29.03 14.49
C ARG C 220 49.40 -28.84 14.11
N PHE C 221 49.11 -28.45 12.88
CA PHE C 221 47.75 -28.21 12.42
C PHE C 221 47.45 -29.03 11.18
N PRO C 222 47.23 -30.33 11.33
CA PRO C 222 46.82 -31.13 10.16
C PRO C 222 45.51 -30.66 9.56
N GLN C 223 44.60 -30.13 10.37
CA GLN C 223 43.31 -29.68 9.85
C GLN C 223 43.47 -28.53 8.87
N ALA C 224 44.38 -27.60 9.15
CA ALA C 224 44.61 -26.45 8.30
C ALA C 224 45.49 -26.77 7.11
N ARG C 225 45.62 -28.05 6.76
CA ARG C 225 46.50 -28.46 5.67
C ARG C 225 46.18 -27.67 4.41
N ALA C 226 44.90 -27.58 4.04
CA ALA C 226 44.51 -26.85 2.85
C ALA C 226 44.83 -25.36 2.99
N TYR C 227 44.48 -24.78 4.14
CA TYR C 227 44.72 -23.36 4.35
C TYR C 227 46.21 -23.06 4.35
N LEU C 228 47.00 -23.88 5.04
CA LEU C 228 48.44 -23.65 5.09
C LEU C 228 49.06 -23.79 3.71
N GLU C 229 48.62 -24.78 2.93
CA GLU C 229 49.15 -24.94 1.58
C GLU C 229 48.77 -23.76 0.70
N ALA C 230 47.54 -23.26 0.85
CA ALA C 230 47.14 -22.07 0.09
C ALA C 230 47.98 -20.87 0.49
N LEU C 231 48.25 -20.72 1.78
CA LEU C 231 49.07 -19.61 2.25
C LEU C 231 50.49 -19.72 1.70
N ARG C 232 51.03 -20.94 1.67
CA ARG C 232 52.35 -21.15 1.09
C ARG C 232 52.38 -20.80 -0.39
N ALA C 233 51.35 -21.21 -1.13
CA ALA C 233 51.27 -20.85 -2.53
C ALA C 233 51.17 -19.34 -2.73
N ARG C 234 50.42 -18.66 -1.87
CA ARG C 234 50.33 -17.21 -1.97
C ARG C 234 51.67 -16.54 -1.64
N LEU C 235 52.40 -17.05 -0.66
CA LEU C 235 53.73 -16.51 -0.39
C LEU C 235 54.65 -16.73 -1.58
N ALA C 236 54.56 -17.90 -2.22
CA ALA C 236 55.34 -18.13 -3.43
C ALA C 236 54.97 -17.15 -4.53
N ARG C 237 53.67 -16.86 -4.67
CA ARG C 237 53.26 -15.89 -5.67
C ARG C 237 53.77 -14.50 -5.32
N TYR C 238 53.85 -14.19 -4.03
CA TYR C 238 54.48 -12.94 -3.63
C TYR C 238 55.95 -12.90 -4.03
N ALA C 239 56.66 -14.01 -3.83
CA ALA C 239 58.06 -14.06 -4.23
C ALA C 239 58.21 -13.88 -5.73
N GLU C 240 57.31 -14.49 -6.51
CA GLU C 240 57.42 -14.45 -7.96
C GLU C 240 56.99 -13.11 -8.55
N THR C 241 55.72 -12.74 -8.35
CA THR C 241 55.20 -11.50 -8.92
C THR C 241 55.80 -10.28 -8.22
N GLY C 242 56.03 -10.37 -6.91
CA GLY C 242 56.49 -9.24 -6.14
C GLY C 242 55.40 -8.34 -5.60
N GLU C 243 54.14 -8.59 -5.96
CA GLU C 243 53.06 -7.76 -5.47
C GLU C 243 52.91 -7.93 -3.96
N PRO C 244 52.54 -6.86 -3.26
CA PRO C 244 52.44 -6.93 -1.80
C PRO C 244 51.35 -7.90 -1.34
N LEU C 245 51.61 -8.49 -0.18
CA LEU C 245 50.66 -9.42 0.43
C LEU C 245 49.80 -8.68 1.45
N ASP C 246 48.49 -8.88 1.36
CA ASP C 246 47.55 -8.20 2.24
C ASP C 246 47.41 -9.00 3.52
N PRO C 247 47.80 -8.46 4.67
CA PRO C 247 47.62 -9.20 5.93
C PRO C 247 46.18 -9.30 6.39
N ALA C 248 45.29 -8.44 5.89
CA ALA C 248 43.88 -8.49 6.23
C ALA C 248 43.08 -9.39 5.29
N GLN C 249 43.71 -9.89 4.24
CA GLN C 249 43.06 -10.80 3.32
C GLN C 249 43.54 -12.23 3.50
N TRP C 250 44.69 -12.43 4.15
CA TRP C 250 45.19 -13.78 4.38
C TRP C 250 45.48 -13.87 5.88
N ARG C 251 44.44 -14.12 6.64
CA ARG C 251 44.54 -14.18 8.09
C ARG C 251 43.29 -14.83 8.64
N PRO C 252 43.43 -15.86 9.46
CA PRO C 252 42.24 -16.55 9.96
C PRO C 252 41.33 -15.63 10.74
N ASN C 253 40.03 -15.73 10.49
CA ASN C 253 39.05 -14.91 11.19
C ASN C 253 38.54 -15.70 12.37
N LEU C 254 39.15 -15.51 13.52
CA LEU C 254 38.71 -16.20 14.73
C LEU C 254 37.38 -15.61 15.13
N LEU C 255 36.30 -16.26 14.69
CA LEU C 255 34.97 -15.69 14.86
C LEU C 255 34.64 -15.50 16.34
N THR C 256 34.95 -16.49 17.16
CA THR C 256 34.71 -16.41 18.59
C THR C 256 35.78 -17.21 19.30
N SER C 257 36.21 -16.69 20.46
CA SER C 257 37.26 -17.33 21.22
C SER C 257 36.82 -18.72 21.65
N SER C 258 37.81 -19.57 21.92
CA SER C 258 37.56 -20.95 22.29
C SER C 258 36.79 -20.99 23.60
N SER C 259 35.78 -21.85 23.66
CA SER C 259 34.96 -22.01 24.85
C SER C 259 35.46 -23.19 25.66
N SER C 260 35.60 -22.98 26.96
CA SER C 260 36.04 -24.06 27.84
C SER C 260 35.02 -25.18 27.87
N GLY C 261 33.76 -24.86 27.62
CA GLY C 261 32.68 -25.82 27.70
C GLY C 261 31.94 -25.79 29.02
N THR C 262 32.41 -25.02 29.99
CA THR C 262 31.76 -24.94 31.29
C THR C 262 31.92 -23.52 31.83
N PRO C 263 30.90 -22.66 31.70
CA PRO C 263 29.59 -22.92 31.11
C PRO C 263 29.63 -23.02 29.60
N PRO C 264 28.64 -23.67 29.01
CA PRO C 264 28.58 -23.77 27.55
C PRO C 264 28.37 -22.41 26.92
N PRO C 265 28.72 -22.25 25.65
CA PRO C 265 28.42 -20.99 24.97
C PRO C 265 26.93 -20.74 24.91
N ILE C 266 26.46 -19.72 25.62
CA ILE C 266 25.05 -19.41 25.70
C ILE C 266 24.86 -18.05 25.03
N VAL C 267 24.08 -18.02 23.95
CA VAL C 267 23.81 -16.69 23.34
C VAL C 267 22.31 -16.48 23.24
N TYR C 268 21.85 -15.33 23.72
CA TYR C 268 20.41 -14.99 23.63
C TYR C 268 20.31 -13.80 22.69
N GLU C 269 19.59 -13.94 21.58
CA GLU C 269 19.41 -12.77 20.68
C GLU C 269 17.98 -12.24 20.84
N PRO C 270 17.77 -11.14 21.59
CA PRO C 270 16.45 -10.55 21.71
C PRO C 270 16.03 -9.98 20.34
N TYR C 271 16.97 -9.38 19.61
CA TYR C 271 16.67 -8.76 18.30
C TYR C 271 17.14 -9.74 17.23
N ALA C 272 16.30 -10.68 16.84
CA ALA C 272 16.75 -11.72 15.92
C ALA C 272 16.61 -11.22 14.50
N THR C 273 17.64 -10.53 14.02
CA THR C 273 17.69 -10.06 12.65
C THR C 273 18.70 -10.93 11.90
N ALA C 274 18.45 -11.16 10.62
CA ALA C 274 19.29 -12.07 9.84
C ALA C 274 20.77 -11.73 9.94
N PRO C 275 21.20 -10.46 9.84
CA PRO C 275 22.61 -10.17 10.14
C PRO C 275 23.01 -10.52 11.56
N ARG C 276 22.12 -10.32 12.54
CA ARG C 276 22.50 -10.62 13.92
C ARG C 276 22.43 -12.09 14.22
N LEU C 277 21.76 -12.87 13.37
CA LEU C 277 21.66 -14.31 13.57
C LEU C 277 22.76 -15.06 12.83
N PHE C 278 22.85 -14.86 11.52
CA PHE C 278 23.78 -15.59 10.67
C PHE C 278 25.12 -14.89 10.53
N GLY C 279 25.25 -13.68 11.07
CA GLY C 279 26.42 -12.86 10.83
C GLY C 279 26.28 -12.04 9.57
N ARG C 280 27.02 -10.94 9.52
CA ARG C 280 26.98 -10.06 8.37
C ARG C 280 28.36 -10.04 7.74
N LEU C 281 28.40 -9.69 6.46
CA LEU C 281 29.65 -9.51 5.76
C LEU C 281 29.83 -8.02 5.49
N ASP C 282 30.86 -7.42 6.06
CA ASP C 282 31.09 -6.00 5.95
C ASP C 282 31.88 -5.68 4.69
N TYR C 283 31.76 -4.43 4.24
CA TYR C 283 32.45 -3.98 3.04
C TYR C 283 33.12 -2.64 3.30
N LEU C 284 34.03 -2.30 2.39
CA LEU C 284 34.68 -1.00 2.35
C LEU C 284 34.34 -0.33 1.03
N VAL C 285 34.26 1.00 1.06
CA VAL C 285 33.91 1.78 -0.12
C VAL C 285 35.11 2.64 -0.47
N ASP C 286 35.56 2.56 -1.72
CA ASP C 286 36.66 3.36 -2.23
C ASP C 286 36.08 4.29 -3.29
N ARG C 287 35.56 5.43 -2.84
CA ARG C 287 34.95 6.42 -3.73
C ARG C 287 33.92 5.77 -4.65
N GLY C 288 33.13 4.86 -4.10
CA GLY C 288 32.15 4.11 -4.85
C GLY C 288 32.57 2.70 -5.23
N VAL C 289 33.78 2.29 -4.90
CA VAL C 289 34.28 0.95 -5.20
C VAL C 289 34.02 0.04 -4.00
N TRP C 290 33.25 -1.02 -4.21
CA TRP C 290 32.92 -1.96 -3.16
C TRP C 290 34.01 -3.01 -3.05
N SER C 291 34.55 -3.19 -1.84
CA SER C 291 35.58 -4.18 -1.59
C SER C 291 35.24 -4.93 -0.32
N THR C 292 35.77 -6.14 -0.22
CA THR C 292 35.58 -6.95 0.98
C THR C 292 36.71 -7.95 1.09
N ASN C 293 36.91 -8.44 2.31
CA ASN C 293 37.96 -9.41 2.58
C ASN C 293 37.49 -10.36 3.66
N VAL C 294 38.43 -11.20 4.12
CA VAL C 294 38.10 -12.26 5.06
C VAL C 294 37.77 -11.70 6.42
N SER C 295 38.55 -10.74 6.90
CA SER C 295 38.40 -10.20 8.25
C SER C 295 37.21 -9.27 8.37
N LEU C 296 36.40 -9.12 7.32
CA LEU C 296 35.20 -8.32 7.38
C LEU C 296 33.96 -9.13 7.68
N ILE C 297 34.10 -10.41 7.97
CA ILE C 297 32.98 -11.24 8.37
C ILE C 297 32.68 -11.00 9.84
N ARG C 298 31.52 -10.46 10.12
CA ARG C 298 31.17 -10.24 11.50
C ARG C 298 30.42 -11.44 12.06
N PRO C 299 30.88 -12.00 13.17
CA PRO C 299 30.20 -13.16 13.75
C PRO C 299 28.76 -12.82 14.14
N GLY C 300 27.87 -13.77 13.91
CA GLY C 300 26.48 -13.62 14.32
C GLY C 300 26.16 -14.50 15.51
N ALA C 301 24.86 -14.65 15.75
CA ALA C 301 24.43 -15.51 16.84
C ALA C 301 24.85 -16.95 16.62
N VAL C 302 24.76 -17.43 15.38
CA VAL C 302 25.14 -18.81 15.08
C VAL C 302 26.60 -19.05 15.42
N HIS C 303 27.47 -18.09 15.07
CA HIS C 303 28.89 -18.26 15.29
C HIS C 303 29.22 -18.23 16.77
N ARG C 304 28.62 -17.32 17.53
CA ARG C 304 28.94 -17.23 18.95
C ARG C 304 28.36 -18.39 19.75
N ALA C 305 27.34 -19.07 19.22
CA ALA C 305 26.64 -20.10 19.96
C ALA C 305 27.06 -21.51 19.57
N GLN C 306 28.01 -21.65 18.64
CA GLN C 306 28.38 -22.97 18.17
C GLN C 306 28.97 -23.78 19.31
N GLY C 307 28.58 -25.04 19.40
CA GLY C 307 28.98 -25.87 20.52
C GLY C 307 28.19 -25.64 21.78
N GLY C 308 27.19 -24.78 21.75
CA GLY C 308 26.39 -24.46 22.92
C GLY C 308 24.95 -24.32 22.58
N TYR C 309 24.29 -23.32 23.14
CA TYR C 309 22.86 -23.12 22.99
C TYR C 309 22.57 -21.72 22.50
N LEU C 310 21.61 -21.60 21.59
CA LEU C 310 21.14 -20.32 21.09
C LEU C 310 19.70 -20.13 21.55
N ILE C 311 19.49 -19.20 22.46
CA ILE C 311 18.15 -18.89 22.94
C ILE C 311 17.59 -17.77 22.08
N LEU C 312 16.47 -18.04 21.40
CA LEU C 312 15.88 -17.03 20.49
C LEU C 312 14.45 -16.73 20.94
N ASP C 313 13.93 -15.56 20.59
CA ASP C 313 12.52 -15.24 20.90
C ASP C 313 11.71 -15.43 19.62
N ALA C 314 10.63 -16.20 19.69
CA ALA C 314 9.83 -16.50 18.49
C ALA C 314 9.05 -15.25 18.10
N LEU C 315 8.67 -14.42 19.07
CA LEU C 315 8.14 -13.12 18.67
C LEU C 315 9.10 -12.37 17.79
N SER C 316 10.40 -12.40 18.12
CA SER C 316 11.39 -11.72 17.29
C SER C 316 11.53 -12.38 15.94
N LEU C 317 11.50 -13.72 15.89
CA LEU C 317 11.57 -14.40 14.61
C LEU C 317 10.40 -14.04 13.72
N LYS C 318 9.20 -13.96 14.29
CA LYS C 318 8.04 -13.56 13.50
C LYS C 318 8.09 -12.10 13.09
N ARG C 319 8.53 -11.22 14.00
CA ARG C 319 8.52 -9.79 13.70
C ARG C 319 9.54 -9.44 12.63
N GLU C 320 10.75 -9.99 12.74
CA GLU C 320 11.80 -9.71 11.76
C GLU C 320 11.65 -10.53 10.49
N GLY C 321 10.67 -11.42 10.44
CA GLY C 321 10.43 -12.20 9.23
C GLY C 321 11.59 -13.11 8.86
N THR C 322 12.51 -13.35 9.80
CA THR C 322 13.62 -14.24 9.53
C THR C 322 13.31 -15.68 9.88
N TRP C 323 12.07 -15.99 10.27
CA TRP C 323 11.73 -17.35 10.63
C TRP C 323 11.96 -18.32 9.49
N GLU C 324 11.58 -17.92 8.28
CA GLU C 324 11.77 -18.82 7.13
C GLU C 324 13.24 -19.07 6.87
N ALA C 325 14.05 -18.01 6.85
CA ALA C 325 15.47 -18.19 6.60
C ALA C 325 16.13 -19.01 7.70
N PHE C 326 15.72 -18.75 8.95
CA PHE C 326 16.30 -19.50 10.09
C PHE C 326 15.93 -20.98 9.97
N LYS C 327 14.67 -21.25 9.61
CA LYS C 327 14.21 -22.65 9.52
C LYS C 327 15.03 -23.35 8.45
N ARG C 328 15.25 -22.68 7.32
CA ARG C 328 16.03 -23.29 6.21
C ARG C 328 17.44 -23.56 6.69
N ALA C 329 18.02 -22.63 7.46
CA ALA C 329 19.42 -22.80 7.93
C ALA C 329 19.50 -24.03 8.82
N LEU C 330 18.53 -24.22 9.72
CA LEU C 330 18.55 -25.39 10.62
C LEU C 330 18.37 -26.67 9.80
N ARG C 331 17.46 -26.67 8.84
CA ARG C 331 17.21 -27.88 8.02
C ARG C 331 18.47 -28.21 7.21
N ASN C 332 19.08 -27.18 6.62
CA ASN C 332 20.35 -27.37 5.85
C ASN C 332 21.44 -27.77 6.82
N GLY C 333 21.40 -27.25 8.05
CA GLY C 333 22.46 -27.52 9.03
C GLY C 333 23.65 -26.62 8.79
N GLN C 334 23.48 -25.58 7.96
CA GLN C 334 24.57 -24.64 7.75
C GLN C 334 24.01 -23.36 7.19
N VAL C 335 24.76 -22.27 7.35
CA VAL C 335 24.30 -20.96 6.90
C VAL C 335 25.51 -20.10 6.60
N GLU C 336 25.36 -19.22 5.62
CA GLU C 336 26.34 -18.22 5.22
C GLU C 336 25.93 -16.85 5.75
N PRO C 337 26.87 -16.01 6.12
CA PRO C 337 26.52 -14.66 6.60
C PRO C 337 25.82 -13.86 5.52
N VAL C 338 24.92 -12.96 5.92
CA VAL C 338 24.17 -12.17 4.95
C VAL C 338 25.13 -11.22 4.24
N THR C 339 24.78 -10.88 3.00
CA THR C 339 25.60 -10.02 2.16
C THR C 339 24.73 -8.90 1.59
N GLU C 340 25.31 -7.72 1.51
CA GLU C 340 24.61 -6.60 0.92
C GLU C 340 24.39 -6.85 -0.57
N PRO C 341 23.15 -6.75 -1.06
CA PRO C 341 22.87 -7.06 -2.47
C PRO C 341 23.26 -5.93 -3.42
N GLN C 342 24.46 -5.39 -3.22
CA GLN C 342 25.03 -4.42 -4.13
C GLN C 342 26.54 -4.61 -4.20
N ALA C 343 27.01 -5.74 -3.71
CA ALA C 343 28.40 -6.14 -3.79
C ALA C 343 28.70 -6.68 -5.17
N PRO C 344 29.90 -6.42 -5.69
CA PRO C 344 30.24 -6.91 -7.03
C PRO C 344 30.26 -8.43 -7.09
N ALA C 345 31.08 -9.06 -6.26
CA ALA C 345 31.17 -10.51 -6.21
C ALA C 345 31.21 -10.98 -4.76
N GLY C 346 31.58 -10.10 -3.85
CA GLY C 346 31.69 -10.50 -2.46
C GLY C 346 32.79 -11.52 -2.26
N LEU C 347 32.45 -12.63 -1.63
CA LEU C 347 33.37 -13.73 -1.42
C LEU C 347 32.64 -15.05 -1.56
N GLU C 348 33.39 -16.10 -1.87
CA GLU C 348 32.86 -17.47 -1.88
C GLU C 348 32.99 -18.06 -0.48
N VAL C 349 32.04 -17.68 0.37
CA VAL C 349 32.09 -18.08 1.77
C VAL C 349 31.46 -19.45 1.94
N GLU C 350 32.21 -20.38 2.52
CA GLU C 350 31.64 -21.67 2.86
C GLU C 350 30.59 -21.49 3.95
N PRO C 351 29.41 -22.10 3.81
CA PRO C 351 28.40 -21.96 4.85
C PRO C 351 28.89 -22.47 6.19
N PHE C 352 28.54 -21.74 7.25
CA PHE C 352 29.03 -22.05 8.58
C PHE C 352 28.23 -23.21 9.17
N PRO C 353 28.89 -24.27 9.63
CA PRO C 353 28.15 -25.36 10.27
C PRO C 353 27.41 -24.89 11.51
N ILE C 354 26.27 -25.50 11.76
CA ILE C 354 25.47 -25.22 12.95
C ILE C 354 25.62 -26.40 13.90
N GLN C 355 26.30 -26.16 15.02
CA GLN C 355 26.47 -27.21 16.03
C GLN C 355 25.77 -26.84 17.34
N MET C 356 24.94 -25.81 17.32
CA MET C 356 24.25 -25.30 18.48
C MET C 356 22.90 -25.99 18.66
N GLN C 357 22.32 -25.81 19.84
CA GLN C 357 20.94 -26.20 20.09
C GLN C 357 20.11 -24.92 20.22
N VAL C 358 19.12 -24.79 19.40
CA VAL C 358 18.27 -23.61 19.41
C VAL C 358 17.14 -23.84 20.40
N ILE C 359 16.90 -22.87 21.27
CA ILE C 359 15.85 -22.96 22.27
C ILE C 359 14.99 -21.72 22.11
N LEU C 360 13.90 -21.89 21.36
CA LEU C 360 12.91 -20.81 21.11
C LEU C 360 12.27 -20.46 22.45
N VAL C 361 12.01 -19.19 22.73
CA VAL C 361 11.28 -18.86 23.98
C VAL C 361 10.13 -17.92 23.59
N GLY C 362 8.93 -18.17 24.10
CA GLY C 362 7.83 -17.23 23.80
C GLY C 362 6.51 -17.63 24.41
N THR C 363 5.49 -16.81 24.23
CA THR C 363 4.17 -17.07 24.75
C THR C 363 3.49 -18.15 23.93
N PRO C 364 2.53 -18.88 24.52
CA PRO C 364 1.88 -19.95 23.75
C PRO C 364 1.23 -19.46 22.48
N GLU C 365 0.65 -18.26 22.50
CA GLU C 365 0.04 -17.72 21.31
C GLU C 365 1.08 -17.27 20.29
N ALA C 366 2.31 -16.99 20.75
CA ALA C 366 3.37 -16.65 19.80
C ALA C 366 3.79 -17.87 19.00
N PHE C 367 3.74 -19.05 19.60
CA PHE C 367 4.13 -20.27 18.92
C PHE C 367 3.02 -20.85 18.06
N GLU C 368 1.79 -20.34 18.20
CA GLU C 368 0.72 -20.78 17.32
C GLU C 368 1.01 -20.40 15.88
N GLY C 369 1.58 -19.23 15.67
CA GLY C 369 1.96 -18.79 14.34
C GLY C 369 3.16 -19.49 13.74
N LEU C 370 3.83 -20.33 14.52
CA LEU C 370 4.96 -21.10 14.02
C LEU C 370 4.69 -22.60 14.00
N GLU C 371 3.79 -23.09 14.83
CA GLU C 371 3.61 -24.52 15.03
C GLU C 371 2.73 -25.17 13.98
N GLU C 372 2.14 -24.38 13.08
CA GLU C 372 1.31 -24.96 12.03
C GLU C 372 2.14 -25.63 10.94
N ASP C 373 3.44 -25.40 10.93
CA ASP C 373 4.34 -25.96 9.92
C ASP C 373 4.81 -27.33 10.34
N PRO C 374 4.77 -28.33 9.48
CA PRO C 374 5.40 -29.61 9.81
C PRO C 374 6.90 -29.47 10.02
N ALA C 375 7.55 -28.50 9.37
CA ALA C 375 8.97 -28.29 9.59
C ALA C 375 9.28 -27.87 11.01
N PHE C 376 8.44 -27.02 11.61
CA PHE C 376 8.66 -26.64 13.00
C PHE C 376 8.61 -27.84 13.91
N SER C 377 7.59 -28.68 13.74
CA SER C 377 7.53 -29.92 14.55
C SER C 377 8.82 -30.73 14.34
N GLU C 378 9.31 -30.78 13.11
CA GLU C 378 10.54 -31.56 12.79
C GLU C 378 11.76 -31.00 13.50
N LEU C 379 11.88 -29.68 13.61
CA LEU C 379 13.11 -29.10 14.21
C LEU C 379 12.95 -29.01 15.73
N PHE C 380 11.84 -28.44 16.20
CA PHE C 380 11.65 -28.21 17.63
C PHE C 380 10.59 -29.20 18.11
N ARG C 381 11.04 -30.34 18.64
CA ARG C 381 10.10 -31.35 19.09
C ARG C 381 10.05 -31.51 20.60
N ILE C 382 10.87 -30.79 21.34
CA ILE C 382 10.76 -30.76 22.79
C ILE C 382 10.02 -29.49 23.19
N ARG C 383 8.85 -29.66 23.80
CA ARG C 383 8.00 -28.55 24.19
C ARG C 383 8.08 -28.40 25.71
N ALA C 384 8.77 -27.35 26.16
CA ALA C 384 8.91 -27.09 27.58
C ALA C 384 7.89 -26.03 27.98
N GLU C 385 6.71 -26.50 28.38
CA GLU C 385 5.65 -25.58 28.79
C GLU C 385 5.80 -25.19 30.24
N PHE C 386 5.65 -23.90 30.52
CA PHE C 386 5.69 -23.37 31.87
C PHE C 386 4.27 -23.26 32.40
N SER C 387 4.02 -23.90 33.51
CA SER C 387 2.71 -23.73 34.11
C SER C 387 2.56 -22.29 34.60
N PRO C 388 1.48 -21.60 34.21
CA PRO C 388 1.28 -20.23 34.69
C PRO C 388 1.06 -20.13 36.18
N THR C 389 0.86 -21.24 36.88
CA THR C 389 0.69 -21.25 38.32
C THR C 389 1.49 -22.39 38.90
N LEU C 390 1.90 -22.22 40.15
CA LEU C 390 2.64 -23.23 40.89
C LEU C 390 1.81 -23.68 42.07
N PRO C 391 2.00 -24.92 42.52
CA PRO C 391 1.25 -25.38 43.70
C PRO C 391 1.56 -24.51 44.91
N ALA C 392 0.53 -23.90 45.46
CA ALA C 392 0.67 -23.05 46.63
C ALA C 392 0.89 -23.96 47.84
N SER C 393 2.14 -24.30 48.09
CA SER C 393 2.51 -25.17 49.19
C SER C 393 3.67 -24.51 49.93
N PRO C 394 3.84 -24.80 51.22
CA PRO C 394 4.93 -24.16 51.96
C PRO C 394 6.29 -24.43 51.36
N GLU C 395 6.46 -25.55 50.65
CA GLU C 395 7.70 -25.77 49.92
C GLU C 395 7.89 -24.70 48.85
N ASN C 396 6.83 -24.36 48.12
CA ASN C 396 6.95 -23.31 47.12
C ASN C 396 7.04 -21.94 47.77
N CYS C 397 6.47 -21.76 48.96
CA CYS C 397 6.68 -20.51 49.69
C CYS C 397 8.14 -20.33 50.04
N THR C 398 8.77 -21.38 50.55
CA THR C 398 10.20 -21.34 50.85
C THR C 398 11.01 -21.13 49.58
N ALA C 399 10.61 -21.77 48.49
CA ALA C 399 11.32 -21.57 47.23
C ALA C 399 11.22 -20.12 46.77
N LEU C 400 10.05 -19.51 46.90
CA LEU C 400 9.90 -18.11 46.54
C LEU C 400 10.75 -17.23 47.43
N GLY C 401 10.80 -17.53 48.72
CA GLY C 401 11.65 -16.75 49.62
C GLY C 401 13.10 -16.83 49.24
N GLY C 402 13.59 -18.04 48.97
CA GLY C 402 14.96 -18.19 48.53
C GLY C 402 15.24 -17.49 47.22
N TRP C 403 14.29 -17.57 46.28
CA TRP C 403 14.45 -16.88 45.01
C TRP C 403 14.56 -15.38 45.20
N LEU C 404 13.69 -14.82 46.05
CA LEU C 404 13.72 -13.38 46.29
C LEU C 404 15.02 -12.97 46.98
N LEU C 405 15.49 -13.77 47.94
CA LEU C 405 16.75 -13.47 48.59
C LEU C 405 17.90 -13.52 47.59
N ALA C 406 17.86 -14.48 46.66
CA ALA C 406 18.87 -14.52 45.62
C ALA C 406 18.80 -13.29 44.73
N GLN C 407 17.60 -12.78 44.47
CA GLN C 407 17.46 -11.57 43.68
C GLN C 407 18.05 -10.34 44.36
N GLY C 408 18.33 -10.41 45.64
CA GLY C 408 18.92 -9.30 46.36
C GLY C 408 18.02 -8.59 47.35
N PHE C 409 16.82 -9.12 47.61
CA PHE C 409 15.93 -8.55 48.61
C PHE C 409 16.21 -9.23 49.95
N GLN C 410 16.02 -8.49 51.03
CA GLN C 410 16.06 -9.06 52.37
C GLN C 410 14.64 -9.04 52.91
N LEU C 411 14.08 -10.22 53.12
CA LEU C 411 12.69 -10.38 53.51
C LEU C 411 12.57 -10.56 55.02
N THR C 412 11.35 -10.46 55.50
CA THR C 412 10.97 -10.97 56.80
C THR C 412 9.96 -12.08 56.60
N GLN C 413 9.76 -12.88 57.64
CA GLN C 413 8.81 -13.99 57.52
C GLN C 413 7.43 -13.47 57.17
N GLY C 414 7.00 -12.39 57.83
CA GLY C 414 5.72 -11.80 57.48
C GLY C 414 5.68 -11.25 56.07
N GLY C 415 6.78 -10.61 55.65
CA GLY C 415 6.82 -10.09 54.29
C GLY C 415 6.79 -11.20 53.24
N LEU C 416 7.54 -12.27 53.49
CA LEU C 416 7.49 -13.39 52.57
C LEU C 416 6.10 -14.01 52.52
N THR C 417 5.45 -14.14 53.68
CA THR C 417 4.10 -14.68 53.70
C THR C 417 3.15 -13.77 52.94
N ARG C 418 3.29 -12.46 53.09
CA ARG C 418 2.43 -11.54 52.37
C ARG C 418 2.64 -11.63 50.86
N LEU C 419 3.88 -11.75 50.43
CA LEU C 419 4.13 -11.93 49.00
C LEU C 419 3.55 -13.25 48.50
N TYR C 420 3.66 -14.31 49.30
CA TYR C 420 3.10 -15.59 48.91
C TYR C 420 1.59 -15.50 48.76
N ASP C 421 0.93 -14.84 49.72
CA ASP C 421 -0.51 -14.64 49.62
C ASP C 421 -0.87 -13.77 48.43
N GLU C 422 -0.07 -12.75 48.13
CA GLU C 422 -0.36 -11.93 46.98
C GLU C 422 -0.15 -12.68 45.68
N ALA C 423 0.82 -13.59 45.65
CA ALA C 423 0.98 -14.44 44.47
C ALA C 423 -0.24 -15.31 44.27
N ARG C 424 -0.75 -15.89 45.37
CA ARG C 424 -1.99 -16.65 45.26
C ARG C 424 -3.14 -15.78 44.79
N ARG C 425 -3.18 -14.53 45.29
CA ARG C 425 -4.22 -13.59 44.88
C ARG C 425 -4.15 -13.31 43.39
N MET C 426 -2.96 -13.09 42.86
CA MET C 426 -2.81 -12.86 41.42
C MET C 426 -3.21 -14.10 40.63
N ALA C 427 -2.87 -15.27 41.14
CA ALA C 427 -3.30 -16.49 40.46
C ALA C 427 -4.80 -16.67 40.51
N GLU C 428 -5.50 -15.88 41.33
CA GLU C 428 -6.94 -15.95 41.49
C GLU C 428 -7.40 -17.32 41.95
N GLN C 429 -6.51 -18.08 42.57
CA GLN C 429 -6.85 -19.39 43.10
C GLN C 429 -6.31 -19.48 44.50
N ARG C 430 -7.03 -20.20 45.35
CA ARG C 430 -6.64 -20.30 46.74
C ARG C 430 -5.49 -21.27 46.94
N ASP C 431 -5.36 -22.27 46.06
CA ASP C 431 -4.35 -23.31 46.22
C ASP C 431 -3.23 -23.22 45.20
N ARG C 432 -3.11 -22.12 44.47
CA ARG C 432 -2.06 -21.97 43.48
C ARG C 432 -1.47 -20.57 43.60
N MET C 433 -0.15 -20.47 43.59
CA MET C 433 0.49 -19.17 43.49
C MET C 433 0.68 -18.83 42.03
N ASP C 434 0.72 -17.54 41.73
CA ASP C 434 1.03 -17.13 40.38
C ASP C 434 2.50 -17.42 40.09
N ALA C 435 2.77 -18.02 38.93
CA ALA C 435 4.12 -18.39 38.57
C ALA C 435 4.87 -17.27 37.88
N ARG C 436 4.26 -16.10 37.77
CA ARG C 436 4.95 -14.97 37.16
C ARG C 436 5.95 -14.40 38.15
N LEU C 437 7.15 -15.00 38.21
CA LEU C 437 8.12 -14.55 39.23
C LEU C 437 8.60 -13.13 38.92
N VAL C 438 8.48 -12.69 37.67
CA VAL C 438 8.87 -11.29 37.31
C VAL C 438 7.89 -10.33 37.98
N GLU C 439 6.60 -10.65 37.97
CA GLU C 439 5.58 -9.75 38.57
C GLU C 439 5.77 -9.73 40.08
N ILE C 440 6.05 -10.90 40.67
CA ILE C 440 6.32 -10.92 42.10
C ILE C 440 7.57 -10.11 42.43
N ARG C 441 8.58 -10.18 41.56
CA ARG C 441 9.78 -9.40 41.79
C ARG C 441 9.51 -7.91 41.65
N ALA C 442 8.67 -7.52 40.69
CA ALA C 442 8.33 -6.11 40.55
C ALA C 442 7.60 -5.61 41.78
N LEU C 443 6.64 -6.39 42.27
CA LEU C 443 5.95 -6.02 43.50
C LEU C 443 6.92 -5.97 44.67
N ALA C 444 7.87 -6.89 44.73
CA ALA C 444 8.85 -6.90 45.80
C ALA C 444 9.73 -5.66 45.73
N GLU C 445 10.10 -5.22 44.53
CA GLU C 445 10.89 -4.01 44.40
C GLU C 445 10.10 -2.81 44.88
N GLU C 446 8.83 -2.71 44.47
CA GLU C 446 8.00 -1.60 44.95
C GLU C 446 7.84 -1.64 46.45
N ALA C 447 7.80 -2.83 47.03
CA ALA C 447 7.71 -2.93 48.48
C ALA C 447 9.01 -2.56 49.16
N ALA C 448 10.14 -2.91 48.55
CA ALA C 448 11.43 -2.54 49.13
C ALA C 448 11.60 -1.04 49.13
N VAL C 449 11.10 -0.37 48.10
CA VAL C 449 11.16 1.09 48.09
C VAL C 449 10.39 1.67 49.26
N LEU C 450 9.19 1.16 49.52
CA LEU C 450 8.37 1.69 50.60
C LEU C 450 8.81 1.23 51.97
N GLY C 451 9.63 0.18 52.06
CA GLY C 451 10.09 -0.29 53.35
C GLY C 451 11.52 0.11 53.63
N GLY C 452 12.15 0.77 52.68
CA GLY C 452 13.54 1.13 52.84
C GLY C 452 14.52 0.02 52.55
N GLY C 453 14.04 -1.14 52.14
CA GLY C 453 14.92 -2.25 51.84
C GLY C 453 14.46 -3.55 52.43
N LEU C 454 13.75 -3.48 53.55
CA LEU C 454 13.24 -4.65 54.24
C LEU C 454 11.82 -4.91 53.79
N LEU C 455 11.55 -6.15 53.37
CA LEU C 455 10.20 -6.55 52.97
C LEU C 455 9.50 -7.09 54.20
N THR C 456 8.97 -6.19 55.01
CA THR C 456 8.11 -6.59 56.11
C THR C 456 6.67 -6.72 55.62
N ALA C 457 5.80 -7.24 56.49
CA ALA C 457 4.40 -7.37 56.13
C ALA C 457 3.78 -6.02 55.83
N GLU C 458 4.12 -5.02 56.64
CA GLU C 458 3.62 -3.67 56.39
C GLU C 458 4.11 -3.14 55.05
N SER C 459 5.37 -3.39 54.71
CA SER C 459 5.91 -2.90 53.45
C SER C 459 5.18 -3.51 52.26
N VAL C 460 4.98 -4.83 52.29
CA VAL C 460 4.30 -5.48 51.17
C VAL C 460 2.83 -5.07 51.12
N GLU C 461 2.21 -4.89 52.28
CA GLU C 461 0.83 -4.40 52.31
C GLU C 461 0.75 -3.02 51.66
N GLN C 462 1.69 -2.13 52.01
CA GLN C 462 1.70 -0.81 51.41
C GLN C 462 1.95 -0.88 49.91
N ALA C 463 2.83 -1.79 49.49
CA ALA C 463 3.10 -1.92 48.06
C ALA C 463 1.86 -2.36 47.30
N ILE C 464 1.15 -3.36 47.82
CA ILE C 464 -0.06 -3.82 47.15
C ILE C 464 -1.13 -2.76 47.17
N ALA C 465 -1.30 -2.07 48.30
CA ALA C 465 -2.29 -1.02 48.38
C ALA C 465 -1.98 0.10 47.41
N ALA C 466 -0.72 0.50 47.32
CA ALA C 466 -0.34 1.55 46.37
C ALA C 466 -0.54 1.10 44.95
N ARG C 467 -0.24 -0.17 44.64
CA ARG C 467 -0.46 -0.67 43.30
C ARG C 467 -1.94 -0.66 42.94
N GLU C 468 -2.80 -1.01 43.89
CA GLU C 468 -4.24 -0.88 43.65
C GLU C 468 -4.61 0.58 43.44
N HIS C 469 -4.07 1.48 44.25
CA HIS C 469 -4.51 2.85 44.27
C HIS C 469 -4.01 3.63 43.06
N ARG C 470 -2.88 3.22 42.47
CA ARG C 470 -2.35 3.95 41.33
C ARG C 470 -3.18 3.75 40.07
N SER C 471 -3.94 2.65 39.99
CA SER C 471 -4.84 2.44 38.86
C SER C 471 -6.29 2.48 39.31
N PHE C 472 -6.59 3.17 40.40
CA PHE C 472 -7.91 3.22 40.99
C PHE C 472 -8.72 4.41 40.50
N LEU C 473 -8.21 5.15 39.51
CA LEU C 473 -8.87 6.39 39.12
C LEU C 473 -10.28 6.15 38.60
N SER C 474 -10.44 5.19 37.70
CA SER C 474 -11.75 4.96 37.11
C SER C 474 -12.75 4.54 38.17
N GLU C 475 -12.31 3.69 39.11
CA GLU C 475 -13.21 3.28 40.18
C GLU C 475 -13.51 4.42 41.13
N GLU C 476 -12.55 5.33 41.33
CA GLU C 476 -12.83 6.49 42.15
C GLU C 476 -13.88 7.39 41.49
N GLU C 477 -13.79 7.55 40.17
CA GLU C 477 -14.82 8.28 39.45
C GLU C 477 -16.17 7.59 39.59
N PHE C 478 -16.19 6.27 39.46
CA PHE C 478 -17.44 5.53 39.59
C PHE C 478 -18.04 5.69 40.98
N LEU C 479 -17.21 5.64 42.01
CA LEU C 479 -17.72 5.77 43.37
C LEU C 479 -18.22 7.19 43.63
N ARG C 480 -17.54 8.20 43.10
CA ARG C 480 -18.10 9.55 43.20
C ARG C 480 -19.43 9.64 42.48
N ALA C 481 -19.53 9.02 41.31
CA ALA C 481 -20.81 9.05 40.59
C ALA C 481 -21.91 8.37 41.40
N VAL C 482 -21.58 7.26 42.05
CA VAL C 482 -22.57 6.55 42.85
C VAL C 482 -23.00 7.41 44.03
N GLN C 483 -22.04 8.01 44.72
CA GLN C 483 -22.36 8.77 45.93
C GLN C 483 -23.13 10.05 45.59
N GLU C 484 -22.69 10.79 44.59
CA GLU C 484 -23.40 12.01 44.21
C GLU C 484 -24.76 11.68 43.64
N GLY C 485 -24.96 10.46 43.18
CA GLY C 485 -26.27 10.05 42.70
C GLY C 485 -26.38 10.06 41.20
N VAL C 486 -25.26 10.33 40.51
CA VAL C 486 -25.29 10.32 39.06
C VAL C 486 -25.61 8.92 38.54
N ILE C 487 -24.99 7.90 39.12
CA ILE C 487 -25.33 6.52 38.86
C ILE C 487 -26.02 5.98 40.10
N ARG C 488 -27.30 5.69 39.99
CA ARG C 488 -28.10 5.30 41.14
C ARG C 488 -28.17 3.78 41.21
N LEU C 489 -27.53 3.23 42.24
CA LEU C 489 -27.56 1.79 42.50
C LEU C 489 -28.26 1.58 43.82
N ARG C 490 -29.24 0.69 43.84
CA ARG C 490 -29.90 0.35 45.08
C ARG C 490 -29.11 -0.72 45.81
N THR C 491 -28.60 -0.37 46.99
CA THR C 491 -27.91 -1.34 47.83
C THR C 491 -28.72 -1.67 49.08
N THR C 492 -30.02 -1.40 49.06
CA THR C 492 -30.88 -1.69 50.19
C THR C 492 -32.29 -1.87 49.68
N GLY C 493 -33.14 -2.47 50.51
CA GLY C 493 -34.51 -2.63 50.10
C GLY C 493 -34.66 -3.73 49.06
N ARG C 494 -35.84 -3.76 48.47
CA ARG C 494 -36.19 -4.78 47.49
C ARG C 494 -36.81 -4.13 46.27
N ALA C 495 -36.70 -4.83 45.14
CA ALA C 495 -37.25 -4.35 43.89
C ALA C 495 -37.66 -5.53 43.04
N VAL C 496 -38.59 -5.30 42.12
CA VAL C 496 -39.15 -6.36 41.30
C VAL C 496 -38.53 -6.30 39.91
N GLY C 497 -38.01 -7.43 39.44
CA GLY C 497 -37.45 -7.46 38.11
C GLY C 497 -36.09 -6.83 38.01
N GLU C 498 -35.47 -6.54 39.14
CA GLU C 498 -34.21 -5.84 39.21
C GLU C 498 -33.21 -6.63 40.04
N VAL C 499 -31.96 -6.64 39.61
CA VAL C 499 -30.91 -7.28 40.38
C VAL C 499 -29.64 -6.46 40.22
N ASN C 500 -28.72 -6.63 41.16
CA ASN C 500 -27.40 -5.99 41.11
C ASN C 500 -26.40 -6.99 40.57
N SER C 501 -26.30 -7.09 39.25
CA SER C 501 -25.28 -7.93 38.66
C SER C 501 -23.91 -7.37 38.99
N LEU C 502 -22.89 -8.20 38.91
CA LEU C 502 -21.51 -7.75 39.06
C LEU C 502 -20.80 -7.95 37.74
N VAL C 503 -20.25 -6.88 37.19
CA VAL C 503 -19.60 -6.96 35.90
C VAL C 503 -18.23 -6.35 36.02
N VAL C 504 -17.30 -6.88 35.23
CA VAL C 504 -15.95 -6.33 35.12
C VAL C 504 -15.95 -5.39 33.92
N VAL C 505 -15.44 -4.18 34.12
CA VAL C 505 -15.51 -3.16 33.08
C VAL C 505 -14.46 -3.44 32.02
N GLU C 506 -14.76 -3.06 30.78
CA GLU C 506 -13.84 -3.26 29.67
C GLU C 506 -12.76 -2.19 29.63
N ALA C 507 -13.04 -1.01 30.19
CA ALA C 507 -12.04 0.04 30.30
C ALA C 507 -10.99 -0.28 31.34
N ALA C 508 -11.22 -1.30 32.15
CA ALA C 508 -10.27 -1.78 33.15
C ALA C 508 -10.60 -3.23 33.45
N PRO C 509 -10.05 -4.19 32.71
CA PRO C 509 -10.42 -5.60 32.89
C PRO C 509 -10.12 -6.16 34.26
N TYR C 510 -9.60 -5.34 35.16
CA TYR C 510 -9.19 -5.73 36.49
C TYR C 510 -9.91 -4.95 37.58
N TRP C 511 -10.98 -4.24 37.25
CA TRP C 511 -11.86 -3.64 38.24
C TRP C 511 -13.27 -4.14 38.00
N GLY C 512 -13.90 -4.65 39.04
CA GLY C 512 -15.28 -5.07 38.98
C GLY C 512 -16.15 -4.03 39.66
N ARG C 513 -17.41 -3.98 39.24
CA ARG C 513 -18.35 -3.04 39.84
C ARG C 513 -19.76 -3.56 39.60
N PRO C 514 -20.71 -3.17 40.44
CA PRO C 514 -22.08 -3.61 40.21
C PRO C 514 -22.70 -2.88 39.03
N ALA C 515 -23.71 -3.51 38.46
CA ALA C 515 -24.48 -2.95 37.37
C ALA C 515 -25.92 -3.35 37.58
N ARG C 516 -26.81 -2.39 37.42
CA ARG C 516 -28.24 -2.65 37.58
C ARG C 516 -28.73 -3.43 36.38
N LEU C 517 -29.17 -4.65 36.61
CA LEU C 517 -29.76 -5.43 35.54
C LEU C 517 -31.26 -5.43 35.75
N THR C 518 -32.01 -5.07 34.70
CA THR C 518 -33.45 -4.98 34.75
C THR C 518 -34.06 -5.98 33.79
N ALA C 519 -35.04 -6.73 34.27
CA ALA C 519 -35.82 -7.62 33.42
C ALA C 519 -37.26 -7.16 33.45
N ARG C 520 -37.86 -7.02 32.28
CA ARG C 520 -39.24 -6.58 32.16
C ARG C 520 -40.01 -7.60 31.35
N ALA C 521 -41.09 -8.13 31.91
CA ALA C 521 -41.83 -9.22 31.31
C ALA C 521 -43.14 -8.71 30.74
N ALA C 522 -43.40 -9.02 29.48
CA ALA C 522 -44.63 -8.61 28.83
C ALA C 522 -45.26 -9.80 28.12
N PRO C 523 -46.58 -9.92 28.17
CA PRO C 523 -47.24 -11.08 27.54
C PRO C 523 -47.01 -11.07 26.04
N GLY C 524 -46.95 -12.28 25.47
CA GLY C 524 -46.81 -12.41 24.04
C GLY C 524 -46.01 -13.66 23.68
N ARG C 525 -45.34 -13.57 22.53
CA ARG C 525 -44.44 -14.62 22.08
C ARG C 525 -43.35 -14.92 23.10
N ASP C 526 -42.82 -16.14 23.07
CA ASP C 526 -41.95 -16.64 24.13
C ASP C 526 -40.52 -16.17 23.98
N HIS C 527 -40.18 -15.53 22.88
CA HIS C 527 -38.78 -15.22 22.62
C HIS C 527 -38.30 -14.12 23.56
N LEU C 528 -37.07 -14.29 24.03
CA LEU C 528 -36.47 -13.46 25.06
C LEU C 528 -35.53 -12.48 24.42
N ILE C 529 -35.65 -11.20 24.78
CA ILE C 529 -34.83 -10.14 24.21
C ILE C 529 -33.74 -9.79 25.21
N SER C 530 -32.50 -9.69 24.74
CA SER C 530 -31.40 -9.22 25.56
C SER C 530 -30.94 -7.90 24.98
N ILE C 531 -31.56 -6.81 25.45
CA ILE C 531 -31.39 -5.49 24.83
C ILE C 531 -29.91 -5.15 24.67
N ASP C 532 -29.08 -5.61 25.60
CA ASP C 532 -27.67 -5.31 25.52
C ASP C 532 -26.93 -6.22 24.56
N ARG C 533 -27.61 -7.20 23.97
CA ARG C 533 -27.00 -8.09 23.00
C ARG C 533 -27.54 -7.91 21.59
N GLU C 534 -28.78 -7.46 21.44
CA GLU C 534 -29.30 -7.10 20.12
C GLU C 534 -28.92 -5.69 19.70
N ALA C 535 -28.29 -4.92 20.58
CA ALA C 535 -27.74 -3.63 20.20
C ALA C 535 -26.56 -3.88 19.26
N GLY C 536 -26.50 -3.11 18.17
CA GLY C 536 -25.49 -3.39 17.16
C GLY C 536 -25.73 -4.69 16.43
N LEU C 537 -26.97 -4.95 16.03
CA LEU C 537 -27.40 -6.11 15.26
C LEU C 537 -27.54 -7.36 16.12
N GLY C 538 -28.76 -7.87 16.21
CA GLY C 538 -29.04 -9.09 16.94
C GLY C 538 -30.03 -9.96 16.19
N GLY C 539 -30.43 -9.52 15.00
CA GLY C 539 -31.35 -10.31 14.19
C GLY C 539 -30.63 -11.39 13.42
N GLN C 540 -29.40 -11.09 12.99
CA GLN C 540 -28.59 -12.04 12.25
C GLN C 540 -27.71 -12.89 13.15
N ILE C 541 -27.70 -12.61 14.45
CA ILE C 541 -26.83 -13.30 15.41
C ILE C 541 -27.70 -13.86 16.51
N PHE C 542 -27.43 -15.11 16.90
CA PHE C 542 -28.02 -15.73 18.08
C PHE C 542 -26.95 -15.87 19.15
N HIS C 543 -27.29 -15.50 20.37
CA HIS C 543 -26.36 -15.53 21.48
C HIS C 543 -26.62 -16.76 22.34
N LYS C 544 -25.55 -17.42 22.76
CA LYS C 544 -25.70 -18.59 23.62
C LYS C 544 -26.39 -18.22 24.92
N ALA C 545 -26.20 -17.00 25.40
CA ALA C 545 -26.85 -16.58 26.64
C ALA C 545 -28.36 -16.52 26.48
N VAL C 546 -28.82 -15.90 25.39
CA VAL C 546 -30.26 -15.78 25.16
C VAL C 546 -30.89 -17.16 25.01
N LEU C 547 -30.26 -18.02 24.21
CA LEU C 547 -30.78 -19.37 24.01
C LEU C 547 -30.78 -20.15 25.31
N THR C 548 -29.74 -19.98 26.12
CA THR C 548 -29.65 -20.69 27.39
C THR C 548 -30.79 -20.27 28.33
N LEU C 549 -30.99 -18.97 28.48
CA LEU C 549 -32.05 -18.49 29.36
C LEU C 549 -33.42 -18.93 28.83
N ALA C 550 -33.62 -18.84 27.52
CA ALA C 550 -34.89 -19.26 26.95
C ALA C 550 -35.12 -20.74 27.18
N GLY C 551 -34.08 -21.56 27.02
CA GLY C 551 -34.23 -22.98 27.24
C GLY C 551 -34.57 -23.30 28.69
N TYR C 552 -33.89 -22.64 29.63
CA TYR C 552 -34.21 -22.87 31.03
C TYR C 552 -35.64 -22.48 31.33
N LEU C 553 -36.05 -21.30 30.87
CA LEU C 553 -37.39 -20.82 31.18
C LEU C 553 -38.45 -21.70 30.55
N ARG C 554 -38.24 -22.14 29.31
CA ARG C 554 -39.22 -23.01 28.67
C ARG C 554 -39.31 -24.36 29.37
N SER C 555 -38.16 -25.00 29.62
CA SER C 555 -38.18 -26.34 30.18
C SER C 555 -38.69 -26.34 31.61
N ARG C 556 -38.32 -25.34 32.39
CA ARG C 556 -38.66 -25.37 33.80
C ARG C 556 -40.16 -25.17 34.04
N TYR C 557 -40.79 -24.32 33.24
CA TYR C 557 -42.18 -23.91 33.48
C TYR C 557 -43.05 -24.41 32.34
N ILE C 558 -43.77 -25.49 32.60
CA ILE C 558 -44.62 -26.12 31.59
C ILE C 558 -46.01 -26.23 32.17
N GLU C 559 -46.82 -25.21 31.95
CA GLU C 559 -48.23 -25.23 32.31
C GLU C 559 -49.00 -24.68 31.12
N HIS C 560 -48.25 -24.29 30.10
CA HIS C 560 -48.81 -23.88 28.82
C HIS C 560 -47.91 -24.43 27.73
N GLY C 561 -48.46 -24.55 26.53
CA GLY C 561 -47.74 -25.13 25.41
C GLY C 561 -46.48 -24.36 25.08
N SER C 562 -46.54 -23.04 25.22
CA SER C 562 -45.39 -22.17 25.02
C SER C 562 -45.27 -21.24 26.21
N LEU C 563 -44.08 -20.72 26.42
CA LEU C 563 -43.90 -19.73 27.48
C LEU C 563 -44.65 -18.47 27.07
N PRO C 564 -45.64 -18.02 27.82
CA PRO C 564 -46.56 -17.01 27.29
C PRO C 564 -46.06 -15.59 27.44
N VAL C 565 -44.80 -15.41 27.82
CA VAL C 565 -44.27 -14.10 28.17
C VAL C 565 -42.92 -13.90 27.50
N THR C 566 -42.66 -12.69 27.02
CA THR C 566 -41.36 -12.29 26.52
C THR C 566 -40.70 -11.39 27.53
N ILE C 567 -39.44 -11.66 27.83
CA ILE C 567 -38.68 -10.93 28.84
C ILE C 567 -37.60 -10.13 28.15
N SER C 568 -37.55 -8.84 28.45
CA SER C 568 -36.50 -7.95 27.96
C SER C 568 -35.50 -7.72 29.08
N LEU C 569 -34.23 -8.03 28.81
CA LEU C 569 -33.16 -7.90 29.77
C LEU C 569 -32.25 -6.77 29.34
N ALA C 570 -31.92 -5.88 30.27
CA ALA C 570 -31.09 -4.73 29.95
C ALA C 570 -30.23 -4.37 31.15
N PHE C 571 -29.15 -3.67 30.89
CA PHE C 571 -28.32 -3.09 31.95
C PHE C 571 -28.54 -1.59 31.93
N GLU C 572 -29.02 -1.05 33.04
CA GLU C 572 -28.89 0.39 33.23
C GLU C 572 -27.42 0.75 33.25
N GLN C 573 -27.08 1.87 32.61
CA GLN C 573 -25.71 2.35 32.47
C GLN C 573 -24.94 1.50 31.47
N ASN C 574 -24.12 2.14 30.64
CA ASN C 574 -23.48 1.48 29.52
C ASN C 574 -22.00 1.22 29.75
N TYR C 575 -21.55 1.17 31.01
CA TYR C 575 -20.19 0.74 31.27
C TYR C 575 -20.05 -0.76 31.32
N VAL C 576 -21.14 -1.49 31.08
CA VAL C 576 -21.12 -2.93 31.20
C VAL C 576 -20.48 -3.56 29.97
N SER C 577 -19.51 -4.44 30.20
CA SER C 577 -18.95 -5.28 29.16
C SER C 577 -19.64 -6.64 29.25
N ILE C 578 -20.58 -6.88 28.33
CA ILE C 578 -21.42 -8.05 28.42
C ILE C 578 -20.75 -9.21 27.69
N GLU C 579 -21.09 -10.42 28.11
CA GLU C 579 -20.60 -11.64 27.50
C GLU C 579 -21.75 -12.30 26.75
N GLY C 580 -21.57 -12.52 25.46
CA GLY C 580 -22.64 -13.09 24.65
C GLY C 580 -22.66 -14.59 24.69
N ASP C 581 -21.62 -15.19 25.25
CA ASP C 581 -21.46 -16.64 25.25
C ASP C 581 -21.80 -17.28 26.58
N SER C 582 -22.26 -16.51 27.56
CA SER C 582 -22.53 -17.05 28.89
C SER C 582 -23.69 -16.31 29.51
N ALA C 583 -24.80 -17.02 29.72
CA ALA C 583 -25.91 -16.44 30.44
C ALA C 583 -25.53 -16.22 31.90
N GLY C 584 -25.94 -15.09 32.44
CA GLY C 584 -25.60 -14.72 33.79
C GLY C 584 -26.68 -15.16 34.77
N LEU C 585 -26.25 -15.52 35.98
CA LEU C 585 -27.21 -15.83 37.02
C LEU C 585 -28.08 -14.64 37.33
N ALA C 586 -27.51 -13.44 37.26
CA ALA C 586 -28.28 -12.23 37.50
C ALA C 586 -29.39 -12.09 36.48
N GLU C 587 -29.09 -12.37 35.21
CA GLU C 587 -30.12 -12.29 34.18
C GLU C 587 -31.26 -13.25 34.47
N LEU C 588 -30.94 -14.49 34.85
CA LEU C 588 -31.98 -15.47 35.08
C LEU C 588 -32.82 -15.11 36.29
N VAL C 589 -32.20 -14.72 37.39
CA VAL C 589 -32.99 -14.41 38.58
C VAL C 589 -33.83 -13.16 38.34
N ALA C 590 -33.30 -12.19 37.59
CA ALA C 590 -34.09 -11.02 37.26
C ALA C 590 -35.28 -11.38 36.38
N ALA C 591 -35.07 -12.27 35.40
CA ALA C 591 -36.17 -12.69 34.55
C ALA C 591 -37.23 -13.41 35.36
N LEU C 592 -36.81 -14.28 36.26
CA LEU C 592 -37.78 -15.01 37.09
C LEU C 592 -38.53 -14.06 38.01
N SER C 593 -37.84 -13.07 38.57
CA SER C 593 -38.52 -12.10 39.41
C SER C 593 -39.53 -11.29 38.61
N ALA C 594 -39.16 -10.88 37.40
CA ALA C 594 -40.09 -10.13 36.56
C ALA C 594 -41.30 -10.96 36.21
N ILE C 595 -41.10 -12.24 35.91
CA ILE C 595 -42.22 -13.12 35.59
C ILE C 595 -43.13 -13.28 36.80
N GLY C 596 -42.55 -13.62 37.94
CA GLY C 596 -43.32 -13.92 39.12
C GLY C 596 -43.64 -12.75 40.00
N ASN C 597 -43.25 -11.54 39.61
CA ASN C 597 -43.45 -10.34 40.41
C ASN C 597 -42.87 -10.53 41.82
N LEU C 598 -41.69 -11.12 41.86
CA LEU C 598 -40.98 -11.42 43.10
C LEU C 598 -40.08 -10.26 43.47
N PRO C 599 -40.25 -9.65 44.63
CA PRO C 599 -39.33 -8.59 45.05
C PRO C 599 -38.01 -9.17 45.52
N LEU C 600 -36.98 -9.04 44.68
CA LEU C 600 -35.65 -9.46 45.03
C LEU C 600 -34.99 -8.45 45.96
N ARG C 601 -34.12 -8.96 46.84
CA ARG C 601 -33.33 -8.09 47.68
C ARG C 601 -32.25 -7.42 46.84
N GLN C 602 -32.15 -6.10 46.96
CA GLN C 602 -31.13 -5.36 46.24
C GLN C 602 -29.81 -5.28 46.99
N ASP C 603 -29.81 -5.57 48.30
CA ASP C 603 -28.56 -5.48 49.05
C ASP C 603 -27.60 -6.58 48.66
N LEU C 604 -28.11 -7.66 48.07
CA LEU C 604 -27.27 -8.76 47.60
C LEU C 604 -27.03 -8.62 46.11
N ALA C 605 -25.76 -8.56 45.74
CA ALA C 605 -25.41 -8.61 44.33
C ALA C 605 -25.30 -10.05 43.88
N VAL C 606 -25.64 -10.30 42.62
CA VAL C 606 -25.66 -11.64 42.07
C VAL C 606 -24.71 -11.72 40.91
N THR C 607 -23.79 -12.68 40.97
CA THR C 607 -22.85 -12.91 39.88
C THR C 607 -22.80 -14.41 39.62
N GLY C 608 -22.34 -14.76 38.43
CA GLY C 608 -22.20 -16.16 38.09
C GLY C 608 -22.91 -16.52 36.81
N ALA C 609 -22.39 -17.51 36.11
CA ALA C 609 -23.01 -17.98 34.89
C ALA C 609 -24.01 -19.07 35.22
N VAL C 610 -24.85 -19.41 34.25
CA VAL C 610 -25.86 -20.44 34.44
C VAL C 610 -26.14 -21.08 33.09
N ASP C 611 -26.39 -22.38 33.11
CA ASP C 611 -26.79 -23.10 31.91
C ASP C 611 -28.26 -23.46 32.01
N GLN C 612 -28.78 -24.05 30.94
CA GLN C 612 -30.20 -24.28 30.81
C GLN C 612 -30.77 -25.22 31.87
N THR C 613 -29.93 -25.99 32.54
CA THR C 613 -30.43 -26.81 33.64
C THR C 613 -30.46 -26.05 34.96
N GLY C 614 -30.04 -24.79 34.96
CA GLY C 614 -30.09 -23.97 36.14
C GLY C 614 -28.90 -24.08 37.06
N LYS C 615 -27.92 -24.91 36.74
CA LYS C 615 -26.75 -25.05 37.59
C LYS C 615 -25.86 -23.82 37.42
N VAL C 616 -25.43 -23.23 38.53
CA VAL C 616 -24.64 -22.01 38.48
C VAL C 616 -23.20 -22.37 38.17
N LEU C 617 -22.67 -21.77 37.11
CA LEU C 617 -21.33 -22.06 36.63
C LEU C 617 -20.35 -21.02 37.16
N ALA C 618 -19.08 -21.40 37.18
CA ALA C 618 -18.05 -20.47 37.65
C ALA C 618 -17.90 -19.31 36.68
N VAL C 619 -17.42 -18.19 37.20
CA VAL C 619 -17.10 -17.02 36.38
C VAL C 619 -15.71 -16.53 36.73
N GLY C 620 -15.10 -15.82 35.81
CA GLY C 620 -13.80 -15.27 36.04
C GLY C 620 -13.85 -13.98 36.83
N ALA C 621 -12.70 -13.63 37.41
CA ALA C 621 -12.55 -12.38 38.16
C ALA C 621 -13.59 -12.26 39.26
N ILE C 622 -13.80 -13.36 39.99
CA ILE C 622 -14.77 -13.32 41.07
C ILE C 622 -14.31 -12.40 42.18
N ASN C 623 -13.01 -12.37 42.49
CA ASN C 623 -12.51 -11.47 43.51
C ASN C 623 -12.77 -10.03 43.13
N ALA C 624 -12.52 -9.68 41.87
CA ALA C 624 -12.73 -8.31 41.43
C ALA C 624 -14.19 -7.90 41.58
N LYS C 625 -15.11 -8.78 41.19
CA LYS C 625 -16.53 -8.46 41.30
C LYS C 625 -16.96 -8.30 42.75
N VAL C 626 -16.53 -9.23 43.61
CA VAL C 626 -16.93 -9.15 45.01
C VAL C 626 -16.38 -7.89 45.65
N GLU C 627 -15.11 -7.59 45.38
CA GLU C 627 -14.52 -6.39 45.98
C GLU C 627 -15.12 -5.13 45.40
N GLY C 628 -15.54 -5.15 44.14
CA GLY C 628 -16.20 -3.99 43.57
C GLY C 628 -17.52 -3.72 44.25
N PHE C 629 -18.32 -4.77 44.44
CA PHE C 629 -19.57 -4.57 45.16
C PHE C 629 -19.32 -4.13 46.58
N PHE C 630 -18.26 -4.65 47.20
CA PHE C 630 -17.96 -4.21 48.57
C PHE C 630 -17.59 -2.75 48.60
N ARG C 631 -16.80 -2.28 47.63
CA ARG C 631 -16.46 -0.87 47.59
C ARG C 631 -17.71 -0.02 47.43
N VAL C 632 -18.61 -0.43 46.55
CA VAL C 632 -19.84 0.34 46.37
C VAL C 632 -20.66 0.36 47.65
N CYS C 633 -20.80 -0.78 48.31
CA CYS C 633 -21.59 -0.81 49.54
C CYS C 633 -20.95 0.02 50.63
N LYS C 634 -19.62 -0.08 50.79
CA LYS C 634 -18.95 0.64 51.84
C LYS C 634 -18.98 2.15 51.59
N ALA C 635 -18.89 2.56 50.32
CA ALA C 635 -18.99 3.97 50.00
C ALA C 635 -20.35 4.53 50.40
N LEU C 636 -21.41 3.78 50.16
CA LEU C 636 -22.75 4.19 50.56
C LEU C 636 -23.05 3.85 52.01
N GLY C 637 -22.12 3.20 52.72
CA GLY C 637 -22.34 2.82 54.09
C GLY C 637 -22.87 1.41 54.22
N LEU C 638 -22.14 0.55 54.90
CA LEU C 638 -22.55 -0.83 55.07
C LEU C 638 -23.79 -0.91 55.95
N SER C 639 -24.81 -1.62 55.47
CA SER C 639 -26.03 -1.79 56.23
C SER C 639 -26.03 -3.03 57.10
N GLY C 640 -24.96 -3.82 57.05
CA GLY C 640 -24.90 -5.04 57.83
C GLY C 640 -25.63 -6.21 57.22
N THR C 641 -26.26 -6.02 56.06
CA THR C 641 -26.96 -7.09 55.38
C THR C 641 -26.52 -7.27 53.93
N GLN C 642 -25.72 -6.36 53.40
CA GLN C 642 -25.31 -6.46 52.01
C GLN C 642 -24.40 -7.66 51.81
N GLY C 643 -24.38 -8.17 50.59
CA GLY C 643 -23.57 -9.34 50.32
C GLY C 643 -23.60 -9.67 48.84
N VAL C 644 -22.93 -10.76 48.51
CA VAL C 644 -22.79 -11.20 47.13
C VAL C 644 -23.22 -12.64 47.03
N ILE C 645 -24.02 -12.96 46.02
CA ILE C 645 -24.36 -14.34 45.70
C ILE C 645 -23.51 -14.77 44.53
N LEU C 646 -22.60 -15.69 44.76
CA LEU C 646 -21.62 -16.11 43.78
C LEU C 646 -21.61 -17.62 43.68
N PRO C 647 -21.21 -18.17 42.54
CA PRO C 647 -21.28 -19.62 42.36
C PRO C 647 -20.42 -20.34 43.38
N GLU C 648 -20.91 -21.49 43.84
CA GLU C 648 -20.08 -22.30 44.72
C GLU C 648 -18.82 -22.76 44.01
N ALA C 649 -18.86 -22.90 42.69
CA ALA C 649 -17.69 -23.32 41.93
C ALA C 649 -16.53 -22.37 42.09
N ASN C 650 -16.78 -21.12 42.48
CA ASN C 650 -15.71 -20.15 42.66
C ASN C 650 -15.14 -20.15 44.07
N LEU C 651 -15.55 -21.07 44.93
CA LEU C 651 -14.91 -21.17 46.23
C LEU C 651 -13.42 -21.45 46.12
N ALA C 652 -12.96 -22.01 45.01
CA ALA C 652 -11.55 -22.20 44.77
C ALA C 652 -10.87 -20.94 44.23
N ASN C 653 -11.65 -19.90 43.99
CA ASN C 653 -11.10 -18.65 43.47
C ASN C 653 -11.31 -17.47 44.40
N LEU C 654 -12.04 -17.64 45.49
CA LEU C 654 -12.30 -16.53 46.40
C LEU C 654 -11.07 -16.26 47.24
N THR C 655 -10.21 -15.38 46.75
CA THR C 655 -9.11 -14.84 47.54
C THR C 655 -9.39 -13.35 47.66
N LEU C 656 -10.11 -12.98 48.70
CA LEU C 656 -10.61 -11.62 48.84
C LEU C 656 -9.62 -10.75 49.59
N ARG C 657 -9.73 -9.44 49.36
CA ARG C 657 -8.88 -8.48 50.03
C ARG C 657 -9.11 -8.53 51.54
N ALA C 658 -8.20 -7.89 52.27
CA ALA C 658 -8.28 -7.93 53.72
C ALA C 658 -9.56 -7.29 54.24
N GLU C 659 -9.93 -6.16 53.67
CA GLU C 659 -11.09 -5.42 54.18
C GLU C 659 -12.37 -6.23 54.04
N VAL C 660 -12.54 -6.91 52.91
CA VAL C 660 -13.75 -7.70 52.70
C VAL C 660 -13.83 -8.81 53.74
N LEU C 661 -12.72 -9.49 53.98
CA LEU C 661 -12.71 -10.57 54.97
C LEU C 661 -12.97 -10.02 56.37
N GLU C 662 -12.43 -8.84 56.68
CA GLU C 662 -12.70 -8.23 57.98
C GLU C 662 -14.17 -7.92 58.13
N ALA C 663 -14.79 -7.41 57.06
CA ALA C 663 -16.23 -7.14 57.09
C ALA C 663 -17.02 -8.42 57.29
N VAL C 664 -16.62 -9.49 56.60
CA VAL C 664 -17.32 -10.76 56.74
C VAL C 664 -17.21 -11.27 58.16
N ARG C 665 -16.02 -11.17 58.77
CA ARG C 665 -15.88 -11.57 60.16
C ARG C 665 -16.78 -10.74 61.07
N ALA C 666 -16.85 -9.44 60.83
CA ALA C 666 -17.72 -8.58 61.62
C ALA C 666 -19.20 -8.77 61.29
N GLY C 667 -19.51 -9.54 60.26
CA GLY C 667 -20.90 -9.73 59.88
C GLY C 667 -21.50 -8.55 59.14
N GLN C 668 -20.65 -7.64 58.67
CA GLN C 668 -21.10 -6.50 57.89
C GLN C 668 -21.25 -6.82 56.41
N PHE C 669 -20.90 -8.03 55.99
CA PHE C 669 -20.92 -8.41 54.60
C PHE C 669 -20.98 -9.92 54.53
N HIS C 670 -21.88 -10.45 53.71
CA HIS C 670 -22.10 -11.88 53.63
C HIS C 670 -21.80 -12.38 52.22
N ILE C 671 -21.27 -13.59 52.12
CA ILE C 671 -21.01 -14.22 50.85
C ILE C 671 -21.86 -15.48 50.77
N TYR C 672 -22.67 -15.58 49.73
CA TYR C 672 -23.57 -16.70 49.55
C TYR C 672 -23.08 -17.53 48.37
N ALA C 673 -22.83 -18.80 48.60
CA ALA C 673 -22.40 -19.72 47.55
C ALA C 673 -23.59 -20.53 47.11
N VAL C 674 -23.89 -20.49 45.82
CA VAL C 674 -25.03 -21.20 45.26
C VAL C 674 -24.54 -22.08 44.12
N GLU C 675 -25.16 -23.25 44.01
CA GLU C 675 -24.89 -24.15 42.90
C GLU C 675 -26.08 -24.33 41.99
N THR C 676 -27.18 -23.63 42.25
CA THR C 676 -28.36 -23.69 41.40
C THR C 676 -29.05 -22.34 41.43
N ALA C 677 -29.55 -21.90 40.27
CA ALA C 677 -30.28 -20.64 40.22
C ALA C 677 -31.48 -20.67 41.14
N GLU C 678 -32.00 -21.85 41.42
CA GLU C 678 -33.10 -21.97 42.38
C GLU C 678 -32.67 -21.46 43.75
N GLN C 679 -31.44 -21.78 44.16
CA GLN C 679 -30.93 -21.27 45.41
C GLN C 679 -30.74 -19.77 45.37
N ALA C 680 -30.35 -19.25 44.20
CA ALA C 680 -30.21 -17.80 44.07
C ALA C 680 -31.53 -17.11 44.32
N LEU C 681 -32.62 -17.62 43.73
CA LEU C 681 -33.93 -17.06 44.03
C LEU C 681 -34.30 -17.25 45.49
N GLU C 682 -34.01 -18.42 46.05
CA GLU C 682 -34.36 -18.66 47.45
C GLU C 682 -33.72 -17.62 48.35
N ILE C 683 -32.47 -17.25 48.05
CA ILE C 683 -31.80 -16.25 48.87
C ILE C 683 -32.34 -14.86 48.56
N LEU C 684 -32.49 -14.52 47.29
CA LEU C 684 -32.87 -13.15 46.93
C LEU C 684 -34.27 -12.80 47.40
N ALA C 685 -35.24 -13.65 47.07
CA ALA C 685 -36.62 -13.34 47.40
C ALA C 685 -36.98 -13.68 48.83
N GLY C 686 -36.08 -14.30 49.58
CA GLY C 686 -36.35 -14.60 50.96
C GLY C 686 -37.34 -15.71 51.20
N ALA C 687 -37.61 -16.54 50.19
CA ALA C 687 -38.52 -17.65 50.36
C ALA C 687 -38.05 -18.82 49.52
N ARG C 688 -38.46 -20.02 49.93
CA ARG C 688 -38.10 -21.23 49.21
C ARG C 688 -39.10 -21.51 48.12
N MET C 689 -38.64 -22.17 47.05
CA MET C 689 -39.51 -22.43 45.91
C MET C 689 -40.63 -23.39 46.28
N GLU C 690 -40.31 -24.48 46.96
CA GLU C 690 -41.28 -25.52 47.25
C GLU C 690 -42.18 -25.10 48.39
N GLY C 691 -43.33 -25.75 48.49
CA GLY C 691 -44.27 -25.49 49.56
C GLY C 691 -45.34 -24.51 49.13
N PHE C 692 -46.26 -24.27 50.07
CA PHE C 692 -47.40 -23.40 49.82
C PHE C 692 -46.93 -21.97 49.64
N ARG C 693 -47.55 -21.26 48.68
CA ARG C 693 -47.23 -19.86 48.34
C ARG C 693 -45.73 -19.61 48.28
N GLY C 694 -44.98 -20.59 47.78
CA GLY C 694 -43.57 -20.41 47.53
C GLY C 694 -43.33 -19.69 46.21
N LEU C 695 -42.05 -19.44 45.93
CA LEU C 695 -41.70 -18.69 44.73
C LEU C 695 -42.12 -19.43 43.47
N GLN C 696 -42.09 -20.76 43.51
CA GLN C 696 -42.53 -21.55 42.36
C GLN C 696 -43.99 -21.27 42.05
N GLU C 697 -44.84 -21.24 43.08
CA GLU C 697 -46.25 -20.95 42.87
C GLU C 697 -46.44 -19.53 42.36
N LYS C 698 -45.66 -18.58 42.86
CA LYS C 698 -45.79 -17.19 42.41
C LYS C 698 -45.40 -17.05 40.94
N ILE C 699 -44.32 -17.73 40.53
CA ILE C 699 -43.92 -17.67 39.12
C ILE C 699 -44.96 -18.33 38.24
N ARG C 700 -45.51 -19.46 38.69
CA ARG C 700 -46.57 -20.11 37.94
C ARG C 700 -47.79 -19.20 37.82
N ALA C 701 -48.12 -18.48 38.89
CA ALA C 701 -49.24 -17.57 38.85
C ALA C 701 -48.98 -16.43 37.88
N GLY C 702 -47.76 -15.90 37.85
CA GLY C 702 -47.44 -14.85 36.90
C GLY C 702 -47.55 -15.34 35.46
N LEU C 703 -47.05 -16.53 35.19
CA LEU C 703 -47.18 -17.08 33.85
C LEU C 703 -48.64 -17.30 33.49
N GLU C 704 -49.44 -17.78 34.44
CA GLU C 704 -50.86 -17.97 34.16
C GLU C 704 -51.55 -16.64 33.90
N ALA C 705 -51.14 -15.58 34.61
CA ALA C 705 -51.70 -14.26 34.36
C ALA C 705 -51.38 -13.80 32.95
N PHE C 706 -50.13 -13.97 32.51
CA PHE C 706 -49.77 -13.57 31.15
C PHE C 706 -50.52 -14.43 30.12
N ALA C 707 -50.69 -15.72 30.42
CA ALA C 707 -51.47 -16.57 29.54
C ALA C 707 -52.91 -16.11 29.44
N ARG C 708 -53.51 -15.71 30.56
CA ARG C 708 -54.87 -15.19 30.53
C ARG C 708 -54.95 -13.91 29.72
N LEU C 709 -53.93 -13.05 29.84
CA LEU C 709 -53.94 -11.81 29.06
C LEU C 709 -53.88 -12.10 27.57
N GLU C 710 -52.99 -13.00 27.15
CA GLU C 710 -52.92 -13.32 25.73
C GLU C 710 -54.17 -14.08 25.28
N GLU C 711 -54.79 -14.85 26.17
CA GLU C 711 -56.06 -15.51 25.85
C GLU C 711 -57.17 -14.49 25.61
N GLY C 712 -57.23 -13.47 26.46
CA GLY C 712 -58.21 -12.41 26.24
C GLY C 712 -57.96 -11.68 24.94
N HIS C 713 -56.69 -11.45 24.62
CA HIS C 713 -56.35 -10.85 23.32
C HIS C 713 -56.82 -11.73 22.17
N ASP C 714 -56.58 -13.05 22.26
CA ASP C 714 -56.98 -13.95 21.20
C ASP C 714 -58.50 -14.03 21.06
N LYS C 715 -59.22 -14.04 22.19
CA LYS C 715 -60.68 -14.10 22.11
C LYS C 715 -61.28 -12.78 21.63
N GLU C 716 -60.58 -11.67 21.85
CA GLU C 716 -60.99 -10.42 21.22
C GLU C 716 -60.74 -10.46 19.72
N ASP C 717 -59.62 -11.04 19.30
CA ASP C 717 -59.33 -11.15 17.87
C ASP C 717 -60.33 -12.06 17.17
N ARG C 718 -60.75 -13.13 17.84
CA ARG C 718 -61.63 -14.11 17.21
C ARG C 718 -63.01 -13.52 16.90
N GLU C 719 -63.66 -12.95 17.91
CA GLU C 719 -64.98 -12.36 17.72
C GLU C 719 -64.96 -10.88 18.08
N MET D 1 -39.69 17.20 41.36
CA MET D 1 -40.26 18.39 41.98
C MET D 1 -39.66 19.66 41.39
N ARG D 2 -40.29 20.79 41.68
CA ARG D 2 -39.80 22.07 41.20
C ARG D 2 -38.63 22.50 42.08
N LEU D 3 -37.42 22.43 41.53
CA LEU D 3 -36.24 22.77 42.30
C LEU D 3 -36.26 24.23 42.71
N SER D 4 -36.03 24.48 43.99
CA SER D 4 -35.93 25.84 44.46
C SER D 4 -34.62 26.46 43.99
N TYR D 5 -34.56 27.79 44.08
CA TYR D 5 -33.33 28.47 43.69
C TYR D 5 -32.15 28.03 44.52
N GLU D 6 -32.30 28.00 45.84
CA GLU D 6 -31.19 27.63 46.70
C GLU D 6 -30.75 26.20 46.47
N ALA D 7 -31.65 25.35 45.98
CA ALA D 7 -31.26 24.01 45.60
C ALA D 7 -30.46 23.98 44.31
N LEU D 8 -30.52 25.05 43.52
CA LEU D 8 -29.76 25.15 42.29
C LEU D 8 -28.55 26.06 42.40
N GLU D 9 -28.49 26.90 43.42
CA GLU D 9 -27.37 27.80 43.60
C GLU D 9 -26.12 27.01 43.94
N TRP D 10 -25.05 27.27 43.21
CA TRP D 10 -23.82 26.50 43.35
C TRP D 10 -22.62 27.43 43.43
N ARG D 11 -22.80 28.65 42.96
CA ARG D 11 -21.70 29.60 42.91
C ARG D 11 -21.24 29.95 44.31
N THR D 12 -19.93 30.02 44.48
CA THR D 12 -19.38 30.33 45.79
C THR D 12 -19.63 31.80 46.13
N PRO D 13 -20.28 32.08 47.25
CA PRO D 13 -20.60 33.46 47.59
C PRO D 13 -19.36 34.28 47.91
N ILE D 14 -19.46 35.58 47.64
CA ILE D 14 -18.38 36.53 47.90
C ILE D 14 -18.98 37.77 48.57
N GLU D 15 -18.12 38.54 49.23
CA GLU D 15 -18.52 39.75 49.91
C GLU D 15 -17.54 40.87 49.59
N ASN D 16 -16.46 40.52 48.91
CA ASN D 16 -15.45 41.48 48.52
C ASN D 16 -14.70 40.96 47.31
N SER D 17 -14.34 41.89 46.42
CA SER D 17 -13.63 41.52 45.21
C SER D 17 -12.56 42.55 44.91
N THR D 18 -12.37 43.48 45.84
CA THR D 18 -11.33 44.49 45.72
C THR D 18 -10.12 44.17 46.59
N GLU D 19 -10.07 42.99 47.19
CA GLU D 19 -8.99 42.61 48.08
C GLU D 19 -8.01 41.71 47.34
N PRO D 20 -6.81 42.19 47.01
CA PRO D 20 -5.82 41.30 46.40
C PRO D 20 -5.47 40.18 47.36
N VAL D 21 -5.26 38.99 46.80
CA VAL D 21 -5.01 37.80 47.60
C VAL D 21 -3.54 37.44 47.49
N SER D 22 -2.95 37.12 48.64
CA SER D 22 -1.57 36.66 48.71
C SER D 22 -1.57 35.26 49.30
N LEU D 23 -1.26 34.27 48.47
CA LEU D 23 -1.28 32.89 48.88
C LEU D 23 0.05 32.25 48.50
N PRO D 24 0.62 31.42 49.37
CA PRO D 24 1.85 30.71 49.01
C PRO D 24 1.59 29.74 47.87
N PRO D 25 2.59 29.50 47.03
CA PRO D 25 2.42 28.55 45.94
C PRO D 25 2.04 27.18 46.46
N PRO D 26 1.12 26.50 45.80
CA PRO D 26 0.70 25.18 46.25
C PRO D 26 1.80 24.16 45.97
N PRO D 27 1.81 23.05 46.71
CA PRO D 27 2.74 21.99 46.37
C PRO D 27 2.45 21.44 44.98
N PRO D 28 3.46 20.99 44.26
CA PRO D 28 3.22 20.45 42.91
C PRO D 28 2.27 19.27 42.97
N PHE D 29 1.46 19.12 41.92
CA PHE D 29 0.42 18.10 41.87
C PHE D 29 -0.58 18.29 43.00
N PHE D 30 -0.96 19.54 43.27
CA PHE D 30 -1.95 19.79 44.29
C PHE D 30 -3.27 19.20 43.86
N GLY D 31 -3.95 18.52 44.78
CA GLY D 31 -5.17 17.83 44.42
C GLY D 31 -4.97 16.64 43.52
N GLN D 32 -3.74 16.24 43.27
CA GLN D 32 -3.40 15.09 42.44
C GLN D 32 -2.55 14.12 43.24
N GLU D 33 -3.00 13.82 44.45
CA GLU D 33 -2.20 13.02 45.38
C GLU D 33 -1.85 11.66 44.79
N ARG D 34 -2.71 11.08 43.97
CA ARG D 34 -2.39 9.80 43.37
C ARG D 34 -1.17 9.92 42.46
N ALA D 35 -1.15 10.92 41.58
CA ALA D 35 -0.01 11.13 40.71
C ALA D 35 1.23 11.50 41.52
N ARG D 36 1.09 12.34 42.53
CA ARG D 36 2.24 12.74 43.33
C ARG D 36 2.86 11.54 44.03
N GLU D 37 2.02 10.68 44.62
CA GLU D 37 2.54 9.51 45.30
C GLU D 37 3.16 8.53 44.31
N ALA D 38 2.54 8.37 43.14
CA ALA D 38 3.12 7.50 42.13
C ALA D 38 4.50 7.98 41.71
N LEU D 39 4.65 9.28 41.51
CA LEU D 39 5.95 9.81 41.13
C LEU D 39 6.95 9.74 42.28
N GLU D 40 6.50 9.94 43.51
CA GLU D 40 7.41 9.77 44.63
C GLU D 40 7.94 8.35 44.70
N LEU D 41 7.06 7.38 44.51
CA LEU D 41 7.51 5.98 44.47
C LEU D 41 8.46 5.74 43.31
N ALA D 42 8.13 6.26 42.12
CA ALA D 42 8.96 6.02 40.97
C ALA D 42 10.32 6.68 41.09
N ILE D 43 10.41 7.79 41.81
CA ILE D 43 11.67 8.49 41.98
C ILE D 43 12.52 7.86 43.07
N ARG D 44 11.91 7.49 44.20
CA ARG D 44 12.69 6.85 45.25
C ARG D 44 13.25 5.52 44.77
N GLY D 45 12.46 4.74 44.04
CA GLY D 45 12.92 3.47 43.55
C GLY D 45 13.65 3.49 42.25
N GLY D 46 13.67 4.63 41.56
CA GLY D 46 14.33 4.69 40.27
C GLY D 46 13.61 3.97 39.17
N PHE D 47 12.32 3.71 39.33
CA PHE D 47 11.57 3.05 38.29
C PHE D 47 11.30 4.00 37.13
N HIS D 48 10.95 3.42 36.00
CA HIS D 48 10.42 4.19 34.89
C HIS D 48 8.93 4.38 35.12
N ALA D 49 8.49 5.63 35.11
CA ALA D 49 7.08 5.93 35.32
C ALA D 49 6.48 6.40 34.00
N TYR D 50 5.17 6.62 34.02
CA TYR D 50 4.54 7.29 32.90
C TYR D 50 3.31 8.02 33.38
N LEU D 51 3.26 9.32 33.13
CA LEU D 51 2.15 10.16 33.57
C LEU D 51 1.00 10.03 32.57
N VAL D 52 -0.18 9.70 33.08
CA VAL D 52 -1.37 9.57 32.28
C VAL D 52 -2.37 10.59 32.77
N GLY D 53 -2.93 11.36 31.84
CA GLY D 53 -3.95 12.34 32.22
C GLY D 53 -4.57 13.00 31.01
N PRO D 54 -5.78 13.58 31.13
CA PRO D 54 -6.41 14.28 30.02
C PRO D 54 -5.54 15.48 29.61
N PRO D 55 -5.54 15.89 28.34
CA PRO D 55 -4.67 16.96 27.88
C PRO D 55 -5.02 18.31 28.53
N SER D 56 -4.03 19.21 28.66
CA SER D 56 -4.24 20.55 29.25
C SER D 56 -4.33 20.49 30.77
N LEU D 57 -3.89 19.38 31.38
CA LEU D 57 -3.88 19.28 32.86
C LEU D 57 -2.55 19.85 33.38
N GLY D 58 -1.72 20.36 32.49
CA GLY D 58 -0.40 20.89 32.88
C GLY D 58 0.49 19.82 33.45
N LYS D 59 0.40 18.60 32.93
CA LYS D 59 1.19 17.48 33.50
C LYS D 59 2.68 17.79 33.32
N HIS D 60 3.09 18.22 32.12
CA HIS D 60 4.52 18.49 31.85
C HIS D 60 4.98 19.67 32.71
N GLU D 61 4.16 20.71 32.81
CA GLU D 61 4.57 21.93 33.56
C GLU D 61 4.79 21.59 35.03
N ALA D 62 3.94 20.75 35.62
CA ALA D 62 4.07 20.50 37.07
C ALA D 62 5.10 19.38 37.25
N LEU D 63 5.28 18.50 36.26
CA LEU D 63 6.30 17.48 36.45
C LEU D 63 7.69 18.08 36.48
N LEU D 64 8.00 18.95 35.50
CA LEU D 64 9.32 19.56 35.48
C LEU D 64 9.56 20.40 36.72
N ALA D 65 8.54 21.13 37.17
CA ALA D 65 8.67 21.90 38.40
C ALA D 65 8.89 20.97 39.58
N TYR D 66 8.20 19.84 39.61
CA TYR D 66 8.35 18.92 40.73
C TYR D 66 9.72 18.26 40.73
N LEU D 67 10.21 17.86 39.56
CA LEU D 67 11.51 17.21 39.49
C LEU D 67 12.64 18.14 39.87
N SER D 68 12.56 19.42 39.50
CA SER D 68 13.61 20.37 39.86
C SER D 68 13.76 20.50 41.36
N THR D 69 12.73 20.19 42.13
CA THR D 69 12.84 20.11 43.58
C THR D 69 13.63 18.90 44.03
N GLN D 70 13.59 17.81 43.28
CA GLN D 70 14.28 16.60 43.67
C GLN D 70 15.79 16.83 43.69
N SER D 71 16.47 16.07 44.55
CA SER D 71 17.91 16.11 44.63
C SER D 71 18.41 14.67 44.56
N VAL D 72 19.38 14.43 43.68
CA VAL D 72 19.93 13.10 43.47
C VAL D 72 21.43 13.17 43.69
N GLU D 73 22.02 12.03 44.03
CA GLU D 73 23.47 11.96 44.15
C GLU D 73 24.12 12.35 42.84
N THR D 74 25.22 13.07 42.93
CA THR D 74 25.80 13.71 41.76
C THR D 74 26.15 12.67 40.70
N PRO D 75 25.63 12.79 39.49
CA PRO D 75 25.84 11.76 38.48
C PRO D 75 27.30 11.67 38.10
N PRO D 76 27.78 10.47 37.78
CA PRO D 76 29.13 10.34 37.24
C PRO D 76 29.22 10.99 35.87
N ASP D 77 30.40 11.50 35.54
CA ASP D 77 30.63 12.12 34.25
C ASP D 77 30.84 11.01 33.22
N LEU D 78 29.91 10.87 32.30
CA LEU D 78 30.08 9.99 31.15
C LEU D 78 30.56 10.82 29.97
N LEU D 79 31.53 10.28 29.24
CA LEU D 79 32.05 10.97 28.07
C LEU D 79 32.53 9.93 27.08
N TYR D 80 32.76 10.36 25.85
CA TYR D 80 33.27 9.49 24.81
C TYR D 80 34.75 9.76 24.63
N VAL D 81 35.56 8.71 24.71
CA VAL D 81 37.01 8.79 24.52
C VAL D 81 37.38 7.88 23.36
N PRO D 82 38.19 8.34 22.42
CA PRO D 82 38.58 7.49 21.30
C PRO D 82 39.78 6.63 21.68
N LEU D 83 39.59 5.32 21.62
CA LEU D 83 40.68 4.38 21.78
C LEU D 83 41.49 4.22 20.50
N SER D 84 41.00 4.76 19.40
CA SER D 84 41.71 4.77 18.13
C SER D 84 41.02 5.77 17.22
N GLU D 85 41.45 5.85 15.97
CA GLU D 85 40.77 6.73 15.01
C GLU D 85 39.48 6.13 14.50
N ARG D 86 39.14 4.91 14.93
CA ARG D 86 37.93 4.25 14.49
C ARG D 86 37.10 3.68 15.63
N LYS D 87 37.67 3.45 16.80
CA LYS D 87 36.96 2.84 17.91
C LYS D 87 36.83 3.85 19.05
N VAL D 88 35.60 4.09 19.49
CA VAL D 88 35.30 5.06 20.54
C VAL D 88 34.62 4.33 21.68
N ALA D 89 35.11 4.53 22.90
CA ALA D 89 34.56 3.90 24.08
C ALA D 89 33.94 4.94 24.99
N VAL D 90 33.16 4.45 25.95
CA VAL D 90 32.53 5.30 26.96
C VAL D 90 33.39 5.28 28.20
N LEU D 91 33.72 6.45 28.72
CA LEU D 91 34.52 6.59 29.92
C LEU D 91 33.65 7.18 31.02
N THR D 92 33.75 6.60 32.21
CA THR D 92 33.04 7.05 33.39
C THR D 92 34.04 7.63 34.38
N LEU D 93 33.81 8.85 34.81
CA LEU D 93 34.69 9.55 35.72
C LEU D 93 33.90 10.09 36.90
N PRO D 94 34.56 10.34 38.03
CA PRO D 94 33.90 11.06 39.11
C PRO D 94 33.43 12.42 38.64
N SER D 95 32.33 12.88 39.24
CA SER D 95 31.68 14.09 38.76
C SER D 95 32.61 15.27 38.79
N GLY D 96 32.62 16.05 37.70
CA GLY D 96 33.46 17.21 37.57
C GLY D 96 34.86 16.95 37.09
N GLN D 97 35.21 15.70 36.78
CA GLN D 97 36.54 15.38 36.31
C GLN D 97 36.69 15.45 34.80
N GLU D 98 35.59 15.40 34.05
CA GLU D 98 35.73 15.33 32.59
C GLU D 98 36.36 16.60 32.03
N ILE D 99 36.15 17.74 32.67
CA ILE D 99 36.80 18.96 32.20
C ILE D 99 38.30 18.90 32.49
N HIS D 100 38.67 18.35 33.65
CA HIS D 100 40.10 18.17 33.95
C HIS D 100 40.74 17.20 32.97
N LEU D 101 40.03 16.13 32.61
CA LEU D 101 40.54 15.23 31.60
C LEU D 101 40.70 15.94 30.27
N ALA D 102 39.75 16.80 29.92
CA ALA D 102 39.86 17.52 28.65
C ALA D 102 41.09 18.41 28.64
N GLU D 103 41.34 19.15 29.71
CA GLU D 103 42.50 20.02 29.72
C GLU D 103 43.81 19.23 29.76
N ALA D 104 43.84 18.11 30.48
CA ALA D 104 45.02 17.26 30.44
C ALA D 104 45.26 16.71 29.05
N VAL D 105 44.19 16.33 28.35
CA VAL D 105 44.33 15.83 26.98
C VAL D 105 44.85 16.93 26.07
N GLU D 106 44.42 18.17 26.30
CA GLU D 106 44.98 19.27 25.52
C GLU D 106 46.48 19.41 25.77
N GLY D 107 46.90 19.30 27.03
CA GLY D 107 48.33 19.33 27.30
C GLY D 107 49.07 18.21 26.60
N LEU D 108 48.50 17.02 26.63
CA LEU D 108 49.13 15.89 25.95
C LEU D 108 49.23 16.12 24.46
N LEU D 109 48.19 16.68 23.86
CA LEU D 109 48.23 16.96 22.43
C LEU D 109 49.32 17.97 22.11
N LEU D 110 49.49 18.98 22.97
CA LEU D 110 50.61 19.89 22.78
C LEU D 110 51.96 19.24 23.02
N GLU D 111 52.00 18.12 23.75
CA GLU D 111 53.28 17.43 23.98
C GLU D 111 53.98 16.97 22.71
N VAL D 112 53.35 17.08 21.54
CA VAL D 112 54.05 16.74 20.30
C VAL D 112 55.25 17.64 20.10
N ASN D 113 55.10 18.93 20.42
CA ASN D 113 56.21 19.85 20.30
C ASN D 113 57.31 19.51 21.28
N ARG D 114 56.95 19.07 22.48
CA ARG D 114 57.96 18.61 23.44
C ARG D 114 58.70 17.40 22.91
N LEU D 115 57.98 16.48 22.25
CA LEU D 115 58.63 15.34 21.62
C LEU D 115 59.63 15.80 20.57
N ASP D 116 59.23 16.76 19.74
CA ASP D 116 60.13 17.25 18.70
C ASP D 116 61.36 17.89 19.32
N GLU D 117 61.17 18.70 20.35
CA GLU D 117 62.29 19.36 21.00
C GLU D 117 63.22 18.34 21.66
N LEU D 118 62.64 17.27 22.21
CA LEU D 118 63.48 16.18 22.72
C LEU D 118 64.30 15.57 21.59
N PHE D 119 63.69 15.37 20.43
CA PHE D 119 64.43 14.87 19.28
C PHE D 119 65.49 15.85 18.78
N ARG D 120 65.38 17.13 19.13
CA ARG D 120 66.41 18.09 18.82
C ARG D 120 67.52 18.16 19.85
N GLN D 121 67.42 17.37 20.93
CA GLN D 121 68.35 17.51 22.02
C GLN D 121 69.68 16.81 21.72
N GLY D 122 70.66 17.06 22.57
CA GLY D 122 71.99 16.52 22.40
C GLY D 122 72.09 15.02 22.58
N SER D 123 71.44 14.48 23.60
CA SER D 123 71.60 13.05 23.90
C SER D 123 70.94 12.18 22.83
N PHE D 124 69.71 12.52 22.45
CA PHE D 124 69.03 11.75 21.41
C PHE D 124 69.79 11.81 20.10
N LEU D 125 70.28 13.00 19.74
CA LEU D 125 71.04 13.13 18.51
C LEU D 125 72.36 12.37 18.59
N ARG D 126 72.97 12.33 19.76
CA ARG D 126 74.19 11.54 19.93
C ARG D 126 73.92 10.07 19.68
N GLU D 127 72.81 9.56 20.25
CA GLU D 127 72.48 8.15 20.03
C GLU D 127 72.15 7.88 18.57
N LYS D 128 71.41 8.81 17.93
CA LYS D 128 71.09 8.64 16.53
C LYS D 128 72.34 8.62 15.66
N THR D 129 73.28 9.52 15.94
CA THR D 129 74.52 9.56 15.19
C THR D 129 75.36 8.32 15.43
N GLN D 130 75.36 7.79 16.66
CA GLN D 130 76.07 6.54 16.91
C GLN D 130 75.46 5.39 16.12
N LEU D 131 74.13 5.33 16.07
CA LEU D 131 73.48 4.30 15.27
C LEU D 131 73.83 4.43 13.79
N GLU D 132 73.71 5.65 13.26
CA GLU D 132 74.05 5.88 11.86
C GLU D 132 75.51 5.57 11.58
N ALA D 133 76.39 5.89 12.53
CA ALA D 133 77.81 5.61 12.35
C ALA D 133 78.09 4.12 12.33
N ARG D 134 77.48 3.34 13.23
CA ARG D 134 77.74 1.92 13.21
C ARG D 134 77.19 1.28 11.93
N PHE D 135 76.03 1.74 11.46
CA PHE D 135 75.52 1.20 10.21
C PHE D 135 76.40 1.62 9.04
N LYS D 136 76.94 2.84 9.08
CA LYS D 136 77.87 3.28 8.05
C LYS D 136 79.14 2.43 8.06
N GLU D 137 79.65 2.10 9.24
CA GLU D 137 80.82 1.24 9.31
C GLU D 137 80.52 -0.15 8.77
N ALA D 138 79.33 -0.68 9.06
CA ALA D 138 78.96 -1.97 8.49
C ALA D 138 78.93 -1.91 6.96
N ARG D 139 78.31 -0.85 6.42
CA ARG D 139 78.27 -0.68 4.97
C ARG D 139 79.67 -0.55 4.38
N GLU D 140 80.53 0.22 5.04
CA GLU D 140 81.89 0.42 4.55
C GLU D 140 82.68 -0.89 4.60
N GLN D 141 82.50 -1.68 5.65
CA GLN D 141 83.17 -2.97 5.71
C GLN D 141 82.71 -3.89 4.60
N GLN D 142 81.40 -3.92 4.34
CA GLN D 142 80.88 -4.75 3.24
C GLN D 142 81.44 -4.29 1.90
N LEU D 143 81.45 -2.98 1.69
CA LEU D 143 81.96 -2.43 0.43
C LEU D 143 83.45 -2.70 0.28
N GLU D 144 84.20 -2.63 1.37
CA GLU D 144 85.64 -2.87 1.32
C GLU D 144 85.93 -4.34 1.06
N ALA D 145 85.12 -5.24 1.63
CA ALA D 145 85.26 -6.65 1.30
C ALA D 145 85.01 -6.88 -0.19
N LEU D 146 83.94 -6.28 -0.72
CA LEU D 146 83.69 -6.37 -2.15
C LEU D 146 84.87 -5.82 -2.95
N ARG D 147 85.46 -4.73 -2.47
CA ARG D 147 86.55 -4.09 -3.20
C ARG D 147 87.80 -4.96 -3.22
N ARG D 148 88.18 -5.52 -2.06
CA ARG D 148 89.37 -6.38 -2.06
C ARG D 148 89.12 -7.64 -2.88
N GLU D 149 87.88 -8.16 -2.86
CA GLU D 149 87.57 -9.29 -3.72
C GLU D 149 87.65 -8.92 -5.18
N ALA D 150 87.28 -7.68 -5.53
CA ALA D 150 87.35 -7.24 -6.91
C ALA D 150 88.80 -7.12 -7.38
N GLN D 151 89.65 -6.47 -6.59
CA GLN D 151 91.05 -6.37 -6.98
C GLN D 151 91.79 -7.68 -6.85
N GLU D 152 91.26 -8.64 -6.08
CA GLU D 152 91.86 -9.97 -6.05
C GLU D 152 91.76 -10.63 -7.42
N ALA D 153 90.63 -10.45 -8.11
CA ALA D 153 90.49 -10.90 -9.48
C ALA D 153 91.00 -9.89 -10.49
N GLY D 154 91.51 -8.74 -10.03
CA GLY D 154 92.05 -7.74 -10.93
C GLY D 154 91.00 -6.83 -11.50
N PHE D 155 90.13 -6.31 -10.65
CA PHE D 155 89.04 -5.44 -11.07
C PHE D 155 88.97 -4.21 -10.17
N ALA D 156 88.51 -3.11 -10.75
CA ALA D 156 88.32 -1.86 -10.04
C ALA D 156 86.84 -1.67 -9.75
N LEU D 157 86.53 -1.34 -8.49
CA LEU D 157 85.15 -1.19 -8.02
C LEU D 157 84.73 0.25 -8.26
N SER D 158 84.06 0.49 -9.38
CA SER D 158 83.58 1.83 -9.73
C SER D 158 82.27 2.08 -9.01
N THR D 159 82.27 3.03 -8.09
CA THR D 159 81.07 3.41 -7.35
C THR D 159 80.36 4.51 -8.13
N ASN D 160 79.44 4.12 -9.01
CA ASN D 160 78.73 5.04 -9.88
C ASN D 160 77.31 5.19 -9.35
N GLY D 161 77.09 6.21 -8.53
CA GLY D 161 75.78 6.36 -7.92
C GLY D 161 75.52 5.27 -6.90
N GLU D 162 74.24 4.94 -6.73
CA GLU D 162 73.87 3.90 -5.78
C GLU D 162 74.39 2.53 -6.23
N ARG D 163 74.21 2.19 -7.49
CA ARG D 163 74.72 0.92 -8.01
C ARG D 163 76.24 1.00 -8.16
N LEU D 164 76.86 -0.17 -8.18
CA LEU D 164 78.31 -0.28 -8.33
C LEU D 164 78.61 -1.15 -9.53
N GLU D 165 79.78 -0.92 -10.14
CA GLU D 165 80.18 -1.69 -11.31
C GLU D 165 81.62 -2.12 -11.17
N LEU D 166 82.03 -3.05 -12.03
CA LEU D 166 83.38 -3.60 -12.01
C LEU D 166 84.04 -3.33 -13.35
N THR D 167 85.23 -2.76 -13.32
CA THR D 167 85.97 -2.42 -14.53
C THR D 167 87.27 -3.22 -14.56
N GLY D 168 87.57 -3.82 -15.71
CA GLY D 168 88.77 -4.60 -15.85
C GLY D 168 88.81 -5.37 -17.15
N PRO D 169 89.76 -6.31 -17.25
CA PRO D 169 89.90 -7.10 -18.48
C PRO D 169 88.87 -8.21 -18.57
N GLY D 170 88.11 -8.22 -19.66
CA GLY D 170 87.16 -9.29 -19.90
C GLY D 170 85.90 -9.15 -19.09
N PRO D 171 84.99 -10.10 -19.24
CA PRO D 171 83.74 -10.07 -18.47
C PRO D 171 83.97 -10.38 -17.01
N VAL D 172 83.07 -9.88 -16.17
CA VAL D 172 83.20 -10.13 -14.74
C VAL D 172 82.86 -11.59 -14.44
N PRO D 173 83.46 -12.21 -13.43
CA PRO D 173 83.05 -13.57 -13.06
C PRO D 173 81.62 -13.59 -12.55
N ALA D 174 80.97 -14.74 -12.74
CA ALA D 174 79.60 -14.88 -12.27
C ALA D 174 79.52 -14.74 -10.77
N GLU D 175 80.44 -15.34 -10.03
CA GLU D 175 80.46 -15.20 -8.59
C GLU D 175 80.77 -13.76 -8.18
N LEU D 176 81.67 -13.09 -8.90
CA LEU D 176 81.99 -11.71 -8.56
C LEU D 176 80.81 -10.78 -8.83
N SER D 177 80.12 -10.97 -9.96
CA SER D 177 78.93 -10.17 -10.22
C SER D 177 77.84 -10.48 -9.19
N ALA D 178 77.75 -11.74 -8.77
CA ALA D 178 76.80 -12.10 -7.72
C ALA D 178 77.12 -11.36 -6.42
N ARG D 179 78.40 -11.30 -6.07
CA ARG D 179 78.81 -10.57 -4.88
C ARG D 179 78.52 -9.08 -5.01
N LEU D 180 78.71 -8.53 -6.21
CA LEU D 180 78.40 -7.13 -6.45
C LEU D 180 76.92 -6.84 -6.23
N GLU D 181 76.06 -7.66 -6.83
CA GLU D 181 74.63 -7.50 -6.62
C GLU D 181 74.26 -7.73 -5.17
N GLU D 182 74.96 -8.64 -4.50
CA GLU D 182 74.73 -8.88 -3.08
C GLU D 182 75.02 -7.65 -2.26
N VAL D 183 76.13 -6.97 -2.54
CA VAL D 183 76.48 -5.77 -1.80
C VAL D 183 75.48 -4.65 -2.10
N THR D 184 75.03 -4.55 -3.36
CA THR D 184 74.05 -3.53 -3.69
C THR D 184 72.75 -3.75 -2.92
N LEU D 185 72.23 -4.98 -2.97
CA LEU D 185 70.98 -5.28 -2.26
C LEU D 185 71.17 -5.14 -0.77
N GLY D 186 72.36 -5.50 -0.26
CA GLY D 186 72.62 -5.32 1.16
C GLY D 186 72.66 -3.87 1.56
N SER D 187 73.18 -3.00 0.68
CA SER D 187 73.15 -1.58 0.95
C SER D 187 71.71 -1.06 1.01
N LEU D 188 70.87 -1.49 0.07
CA LEU D 188 69.47 -1.07 0.11
C LEU D 188 68.78 -1.57 1.37
N ALA D 189 68.99 -2.84 1.71
CA ALA D 189 68.38 -3.39 2.91
C ALA D 189 68.92 -2.72 4.16
N ALA D 190 70.19 -2.32 4.14
CA ALA D 190 70.78 -1.64 5.28
C ALA D 190 70.21 -0.24 5.44
N SER D 191 69.93 0.44 4.33
CA SER D 191 69.26 1.73 4.42
C SER D 191 67.86 1.57 5.00
N ALA D 192 67.12 0.55 4.54
CA ALA D 192 65.79 0.32 5.10
C ALA D 192 65.87 -0.04 6.58
N GLU D 193 66.84 -0.88 6.96
CA GLU D 193 67.01 -1.25 8.35
C GLU D 193 67.41 -0.07 9.20
N LEU D 194 68.25 0.82 8.67
CA LEU D 194 68.60 2.03 9.39
C LEU D 194 67.38 2.89 9.62
N GLU D 195 66.51 3.01 8.60
CA GLU D 195 65.30 3.78 8.77
C GLU D 195 64.42 3.18 9.86
N VAL D 196 64.23 1.86 9.84
CA VAL D 196 63.35 1.25 10.83
C VAL D 196 63.97 1.30 12.23
N ALA D 197 65.31 1.21 12.33
CA ALA D 197 65.94 1.27 13.63
C ALA D 197 65.94 2.68 14.19
N LEU D 198 66.08 3.68 13.31
CA LEU D 198 65.94 5.07 13.73
C LEU D 198 64.53 5.33 14.22
N ARG D 199 63.53 4.80 13.51
CA ARG D 199 62.15 4.95 13.96
C ARG D 199 61.94 4.24 15.29
N ARG D 200 62.55 3.08 15.47
CA ARG D 200 62.47 2.37 16.74
C ARG D 200 63.10 3.18 17.86
N LEU D 201 64.23 3.83 17.58
CA LEU D 201 64.87 4.67 18.59
C LEU D 201 63.99 5.85 18.96
N ARG D 202 63.36 6.47 17.96
CA ARG D 202 62.44 7.57 18.24
C ARG D 202 61.27 7.09 19.07
N ARG D 203 60.75 5.91 18.74
CA ARG D 203 59.69 5.30 19.54
C ARG D 203 60.12 5.08 20.98
N ASP D 204 61.32 4.54 21.18
CA ASP D 204 61.79 4.24 22.53
C ASP D 204 61.96 5.51 23.34
N TRP D 205 62.54 6.55 22.73
CA TRP D 205 62.70 7.80 23.46
C TRP D 205 61.37 8.48 23.71
N ALA D 206 60.40 8.30 22.81
CA ALA D 206 59.07 8.83 23.04
C ALA D 206 58.43 8.16 24.25
N LEU D 207 58.49 6.83 24.32
CA LEU D 207 57.94 6.13 25.47
C LEU D 207 58.66 6.56 26.75
N HIS D 208 59.98 6.66 26.72
CA HIS D 208 60.71 7.07 27.92
C HIS D 208 60.30 8.47 28.35
N TYR D 209 60.13 9.39 27.40
CA TYR D 209 59.72 10.74 27.76
C TYR D 209 58.27 10.78 28.22
N LEU D 210 57.39 10.12 27.50
CA LEU D 210 55.98 10.23 27.82
C LEU D 210 55.59 9.55 29.11
N ASN D 211 56.44 8.66 29.64
CA ASN D 211 56.09 7.95 30.86
C ASN D 211 55.92 8.91 32.03
N ASN D 212 56.84 9.85 32.21
CA ASN D 212 56.71 10.78 33.32
C ASN D 212 55.73 11.90 33.01
N ARG D 213 55.33 12.06 31.75
CA ARG D 213 54.24 12.96 31.41
C ARG D 213 52.88 12.30 31.48
N PHE D 214 52.83 10.97 31.66
CA PHE D 214 51.57 10.26 31.75
C PHE D 214 51.31 9.67 33.12
N GLU D 215 52.35 9.45 33.90
CA GLU D 215 52.16 8.88 35.24
C GLU D 215 51.28 9.76 36.13
N PRO D 216 51.48 11.07 36.22
CA PRO D 216 50.52 11.88 37.00
C PRO D 216 49.10 11.79 36.47
N LEU D 217 48.94 11.71 35.14
CA LEU D 217 47.61 11.55 34.59
C LEU D 217 47.04 10.17 34.85
N PHE D 218 47.90 9.14 34.86
CA PHE D 218 47.44 7.82 35.25
C PHE D 218 46.94 7.83 36.69
N GLN D 219 47.65 8.54 37.57
CA GLN D 219 47.19 8.65 38.95
C GLN D 219 45.89 9.44 39.06
N ARG D 220 45.77 10.53 38.31
CA ARG D 220 44.60 11.39 38.47
C ARG D 220 43.34 10.73 37.90
N PHE D 221 43.47 10.03 36.78
CA PHE D 221 42.32 9.44 36.09
C PHE D 221 42.57 7.96 35.88
N PRO D 222 42.43 7.15 36.93
CA PRO D 222 42.57 5.70 36.76
C PRO D 222 41.57 5.13 35.77
N GLN D 223 40.36 5.66 35.73
CA GLN D 223 39.34 5.13 34.83
C GLN D 223 39.76 5.28 33.38
N ALA D 224 40.40 6.39 33.02
CA ALA D 224 40.89 6.62 31.68
C ALA D 224 42.18 5.86 31.40
N ARG D 225 42.54 4.91 32.26
CA ARG D 225 43.81 4.21 32.13
C ARG D 225 43.98 3.61 30.74
N ALA D 226 42.88 3.14 30.14
CA ALA D 226 42.94 2.66 28.77
C ALA D 226 43.17 3.82 27.81
N TYR D 227 42.28 4.81 27.85
CA TYR D 227 42.32 5.89 26.86
C TYR D 227 43.67 6.57 26.85
N LEU D 228 44.16 7.00 28.02
CA LEU D 228 45.44 7.67 28.08
C LEU D 228 46.55 6.82 27.51
N GLU D 229 46.48 5.50 27.71
CA GLU D 229 47.47 4.63 27.09
C GLU D 229 47.35 4.69 25.58
N ALA D 230 46.13 4.53 25.07
CA ALA D 230 45.93 4.58 23.62
C ALA D 230 46.43 5.90 23.06
N LEU D 231 46.04 7.00 23.69
CA LEU D 231 46.54 8.31 23.27
C LEU D 231 48.06 8.33 23.32
N ARG D 232 48.65 7.81 24.40
CA ARG D 232 50.10 7.71 24.46
C ARG D 232 50.62 6.89 23.29
N ALA D 233 50.00 5.73 23.04
CA ALA D 233 50.43 4.91 21.92
C ALA D 233 50.31 5.68 20.61
N ARG D 234 49.39 6.64 20.54
CA ARG D 234 49.34 7.48 19.36
C ARG D 234 50.50 8.46 19.31
N LEU D 235 50.79 9.15 20.42
CA LEU D 235 51.89 10.11 20.40
C LEU D 235 53.20 9.42 20.09
N ALA D 236 53.45 8.27 20.71
CA ALA D 236 54.62 7.48 20.37
C ALA D 236 54.64 7.16 18.89
N ARG D 237 53.48 6.81 18.33
CA ARG D 237 53.40 6.57 16.90
C ARG D 237 53.73 7.83 16.12
N TYR D 238 53.25 8.98 16.60
CA TYR D 238 53.59 10.24 15.93
C TYR D 238 55.09 10.47 15.97
N ALA D 239 55.73 10.17 17.10
CA ALA D 239 57.18 10.32 17.17
C ALA D 239 57.88 9.29 16.31
N GLU D 240 57.21 8.17 16.02
CA GLU D 240 57.82 7.11 15.23
C GLU D 240 57.48 7.26 13.75
N THR D 241 56.19 7.21 13.42
CA THR D 241 55.78 7.35 12.03
C THR D 241 56.04 8.76 11.51
N GLY D 242 55.95 9.76 12.37
CA GLY D 242 56.07 11.13 11.95
C GLY D 242 54.83 11.71 11.30
N GLU D 243 53.75 10.93 11.20
CA GLU D 243 52.53 11.41 10.61
C GLU D 243 51.81 12.36 11.55
N PRO D 244 51.14 13.38 11.03
CA PRO D 244 50.48 14.35 11.90
C PRO D 244 49.38 13.71 12.72
N LEU D 245 49.20 14.25 13.92
CA LEU D 245 48.18 13.78 14.85
C LEU D 245 47.01 14.75 14.84
N ASP D 246 45.85 14.26 14.48
CA ASP D 246 44.68 15.12 14.31
C ASP D 246 44.03 15.37 15.67
N PRO D 247 44.02 16.61 16.16
CA PRO D 247 43.40 16.91 17.45
C PRO D 247 41.89 17.10 17.36
N ALA D 248 41.24 16.22 16.61
CA ALA D 248 39.78 16.18 16.53
C ALA D 248 39.38 14.73 16.55
N GLN D 249 40.39 13.85 16.56
CA GLN D 249 40.21 12.42 16.68
C GLN D 249 40.71 11.91 18.01
N TRP D 250 41.33 12.75 18.83
CA TRP D 250 41.98 12.31 20.05
C TRP D 250 41.68 13.30 21.18
N ARG D 251 40.47 13.84 21.17
CA ARG D 251 39.99 14.68 22.25
C ARG D 251 38.73 14.06 22.81
N PRO D 252 38.63 13.96 24.11
CA PRO D 252 37.46 13.30 24.69
C PRO D 252 36.20 14.11 24.45
N ASN D 253 35.20 13.50 23.84
CA ASN D 253 33.98 14.22 23.51
C ASN D 253 33.15 14.35 24.78
N LEU D 254 33.32 15.46 25.47
CA LEU D 254 32.54 15.75 26.67
C LEU D 254 31.11 15.99 26.23
N LEU D 255 30.29 14.95 26.30
CA LEU D 255 28.95 15.03 25.72
C LEU D 255 28.13 16.11 26.39
N THR D 256 28.16 16.16 27.72
CA THR D 256 27.36 17.14 28.45
C THR D 256 28.11 17.48 29.73
N SER D 257 27.96 18.73 30.17
CA SER D 257 28.66 19.21 31.34
C SER D 257 28.25 18.44 32.59
N SER D 258 29.15 18.41 33.56
CA SER D 258 28.87 17.71 34.80
C SER D 258 27.70 18.35 35.51
N SER D 259 26.89 17.52 36.17
CA SER D 259 25.77 17.99 36.95
C SER D 259 26.01 17.67 38.42
N SER D 260 25.53 18.56 39.29
CA SER D 260 25.67 18.37 40.71
C SER D 260 24.55 17.52 41.32
N GLY D 261 23.58 17.11 40.51
CA GLY D 261 22.46 16.34 41.00
C GLY D 261 21.40 17.15 41.70
N THR D 262 21.55 18.47 41.75
CA THR D 262 20.59 19.34 42.43
C THR D 262 20.50 20.64 41.66
N PRO D 263 19.52 20.77 40.76
CA PRO D 263 18.54 19.75 40.38
C PRO D 263 19.13 18.69 39.47
N PRO D 264 18.49 17.53 39.40
CA PRO D 264 19.00 16.46 38.55
C PRO D 264 18.90 16.83 37.09
N PRO D 265 19.69 16.22 36.23
CA PRO D 265 19.54 16.46 34.79
C PRO D 265 18.13 16.12 34.33
N ILE D 266 17.38 17.12 33.90
CA ILE D 266 15.99 16.94 33.48
C ILE D 266 15.92 17.29 32.02
N VAL D 267 15.61 16.32 31.17
CA VAL D 267 15.48 16.72 29.73
C VAL D 267 14.12 16.27 29.21
N TYR D 268 13.39 17.20 28.61
CA TYR D 268 12.08 16.85 28.00
C TYR D 268 12.25 16.97 26.50
N GLU D 269 12.01 15.89 25.76
CA GLU D 269 12.08 16.01 24.28
C GLU D 269 10.67 15.93 23.69
N PRO D 270 10.09 17.05 23.23
CA PRO D 270 8.79 17.00 22.55
C PRO D 270 8.99 16.24 21.23
N TYR D 271 10.13 16.44 20.57
CA TYR D 271 10.43 15.76 19.28
C TYR D 271 11.27 14.54 19.63
N ALA D 272 10.65 13.36 19.70
CA ALA D 272 11.37 12.19 20.18
C ALA D 272 12.00 11.37 19.07
N THR D 273 12.40 12.01 17.97
CA THR D 273 12.99 11.27 16.88
C THR D 273 14.32 10.66 17.30
N ALA D 274 14.67 9.54 16.68
CA ALA D 274 15.83 8.76 17.08
C ALA D 274 17.12 9.57 17.16
N PRO D 275 17.45 10.44 16.20
CA PRO D 275 18.64 11.28 16.38
C PRO D 275 18.56 12.16 17.62
N ARG D 276 17.38 12.65 17.97
CA ARG D 276 17.27 13.53 19.12
C ARG D 276 17.19 12.75 20.42
N LEU D 277 16.94 11.45 20.35
CA LEU D 277 16.96 10.63 21.55
C LEU D 277 18.35 10.08 21.82
N PHE D 278 18.90 9.34 20.87
CA PHE D 278 20.15 8.63 21.08
C PHE D 278 21.36 9.40 20.60
N GLY D 279 21.19 10.60 20.06
CA GLY D 279 22.30 11.30 19.43
C GLY D 279 22.60 10.75 18.06
N ARG D 280 23.45 11.47 17.33
CA ARG D 280 23.78 11.09 15.97
C ARG D 280 25.27 11.23 15.75
N LEU D 281 25.74 10.65 14.65
CA LEU D 281 27.09 10.86 14.16
C LEU D 281 27.05 11.83 13.00
N ASP D 282 27.59 13.03 13.20
CA ASP D 282 27.77 13.95 12.10
C ASP D 282 28.93 13.49 11.24
N TYR D 283 28.73 13.62 9.93
CA TYR D 283 29.74 13.21 8.97
C TYR D 283 30.21 14.44 8.22
N LEU D 284 31.51 14.48 7.95
CA LEU D 284 32.09 15.56 7.17
C LEU D 284 32.53 15.02 5.81
N VAL D 285 32.19 15.78 4.78
CA VAL D 285 32.46 15.38 3.40
C VAL D 285 33.53 16.32 2.84
N ASP D 286 34.66 15.75 2.48
CA ASP D 286 35.77 16.50 1.87
C ASP D 286 35.90 16.02 0.43
N ARG D 287 35.37 16.82 -0.50
CA ARG D 287 35.43 16.51 -1.93
C ARG D 287 34.88 15.11 -2.23
N GLY D 288 33.76 14.79 -1.59
CA GLY D 288 33.14 13.49 -1.77
C GLY D 288 33.67 12.39 -0.87
N VAL D 289 34.67 12.68 -0.05
CA VAL D 289 35.24 11.69 0.86
C VAL D 289 34.53 11.80 2.20
N TRP D 290 33.99 10.68 2.67
CA TRP D 290 33.30 10.63 3.95
C TRP D 290 34.32 10.54 5.07
N SER D 291 34.07 11.24 6.17
CA SER D 291 34.94 11.14 7.33
C SER D 291 34.14 11.44 8.58
N THR D 292 34.64 10.91 9.70
CA THR D 292 34.01 11.12 10.99
C THR D 292 35.04 10.88 12.08
N ASN D 293 34.72 11.32 13.28
CA ASN D 293 35.60 11.13 14.42
C ASN D 293 34.77 11.27 15.69
N VAL D 294 35.45 11.11 16.82
CA VAL D 294 34.75 11.14 18.10
C VAL D 294 34.13 12.50 18.36
N SER D 295 34.80 13.56 17.92
CA SER D 295 34.33 14.91 18.18
C SER D 295 33.05 15.25 17.43
N LEU D 296 32.63 14.41 16.50
CA LEU D 296 31.40 14.64 15.76
C LEU D 296 30.21 13.88 16.32
N ILE D 297 30.35 13.22 17.46
CA ILE D 297 29.20 12.60 18.11
C ILE D 297 28.37 13.67 18.77
N ARG D 298 27.14 13.86 18.28
CA ARG D 298 26.26 14.85 18.86
C ARG D 298 25.44 14.21 19.98
N PRO D 299 25.49 14.78 21.18
CA PRO D 299 24.70 14.22 22.27
C PRO D 299 23.22 14.32 21.99
N GLY D 300 22.48 13.29 22.39
CA GLY D 300 21.04 13.25 22.27
C GLY D 300 20.38 13.44 23.62
N ALA D 301 19.12 13.03 23.68
CA ALA D 301 18.37 13.08 24.92
C ALA D 301 18.89 12.11 25.96
N VAL D 302 19.39 10.95 25.54
CA VAL D 302 19.91 9.98 26.49
C VAL D 302 21.16 10.52 27.17
N HIS D 303 21.98 11.25 26.44
CA HIS D 303 23.23 11.73 27.00
C HIS D 303 23.01 12.91 27.94
N ARG D 304 22.08 13.81 27.60
CA ARG D 304 21.84 14.95 28.47
C ARG D 304 21.04 14.59 29.70
N ALA D 305 20.31 13.48 29.67
CA ALA D 305 19.49 13.06 30.80
C ALA D 305 20.17 12.02 31.66
N GLN D 306 21.47 11.81 31.44
CA GLN D 306 22.19 10.79 32.19
C GLN D 306 22.17 11.11 33.68
N GLY D 307 21.87 10.09 34.48
CA GLY D 307 21.77 10.30 35.92
C GLY D 307 20.65 11.23 36.33
N GLY D 308 19.63 11.34 35.50
CA GLY D 308 18.53 12.25 35.77
C GLY D 308 17.25 11.67 35.24
N TYR D 309 16.42 12.54 34.66
CA TYR D 309 15.09 12.17 34.24
C TYR D 309 14.87 12.58 32.80
N LEU D 310 14.26 11.69 32.02
CA LEU D 310 13.88 11.98 30.64
C LEU D 310 12.37 11.98 30.55
N ILE D 311 11.79 13.15 30.32
CA ILE D 311 10.36 13.27 30.10
C ILE D 311 10.12 13.19 28.61
N LEU D 312 9.43 12.15 28.17
CA LEU D 312 9.19 11.96 26.71
C LEU D 312 7.68 11.99 26.45
N ASP D 313 7.25 12.56 25.33
CA ASP D 313 5.82 12.50 24.99
C ASP D 313 5.58 11.17 24.27
N ALA D 314 4.72 10.34 24.83
CA ALA D 314 4.46 9.02 24.22
C ALA D 314 3.76 9.16 22.88
N LEU D 315 2.85 10.11 22.74
CA LEU D 315 2.33 10.44 21.42
C LEU D 315 3.46 10.64 20.42
N SER D 316 4.52 11.32 20.83
CA SER D 316 5.66 11.51 19.94
C SER D 316 6.35 10.20 19.60
N LEU D 317 6.53 9.32 20.59
CA LEU D 317 7.15 8.03 20.29
C LEU D 317 6.31 7.21 19.35
N LYS D 318 5.00 7.19 19.55
CA LYS D 318 4.12 6.47 18.64
C LYS D 318 4.10 7.07 17.24
N ARG D 319 4.06 8.40 17.14
CA ARG D 319 3.94 9.05 15.84
C ARG D 319 5.17 8.80 14.99
N GLU D 320 6.35 8.85 15.58
CA GLU D 320 7.60 8.76 14.83
C GLU D 320 8.13 7.35 14.72
N GLY D 321 7.37 6.35 15.18
CA GLY D 321 7.80 4.98 15.03
C GLY D 321 9.08 4.65 15.76
N THR D 322 9.57 5.56 16.59
CA THR D 322 10.79 5.33 17.34
C THR D 322 10.53 4.61 18.65
N TRP D 323 9.28 4.22 18.91
CA TRP D 323 8.98 3.55 20.16
C TRP D 323 9.74 2.24 20.27
N GLU D 324 9.81 1.48 19.18
CA GLU D 324 10.45 0.17 19.23
C GLU D 324 11.95 0.28 19.51
N ALA D 325 12.62 1.19 18.82
CA ALA D 325 14.05 1.37 19.05
C ALA D 325 14.31 1.83 20.47
N PHE D 326 13.46 2.74 20.96
CA PHE D 326 13.62 3.26 22.33
C PHE D 326 13.41 2.14 23.35
N LYS D 327 12.38 1.32 23.13
CA LYS D 327 12.06 0.25 24.09
C LYS D 327 13.24 -0.72 24.16
N ARG D 328 13.80 -1.07 22.99
CA ARG D 328 14.94 -2.02 22.96
C ARG D 328 16.12 -1.40 23.69
N ALA D 329 16.33 -0.10 23.53
CA ALA D 329 17.47 0.58 24.19
C ALA D 329 17.30 0.47 25.71
N LEU D 330 16.09 0.69 26.23
CA LEU D 330 15.85 0.63 27.69
C LEU D 330 16.11 -0.79 28.18
N ARG D 331 15.64 -1.79 27.44
CA ARG D 331 15.83 -3.20 27.83
C ARG D 331 17.33 -3.53 27.78
N ASN D 332 18.02 -3.07 26.75
CA ASN D 332 19.48 -3.31 26.61
C ASN D 332 20.25 -2.43 27.60
N GLY D 333 19.60 -1.42 28.19
CA GLY D 333 20.31 -0.49 29.08
C GLY D 333 21.49 0.13 28.33
N GLN D 334 21.53 0.00 27.00
CA GLN D 334 22.57 0.67 26.25
C GLN D 334 21.98 1.17 24.95
N VAL D 335 22.64 2.16 24.34
CA VAL D 335 22.20 2.64 23.04
C VAL D 335 23.38 3.29 22.34
N GLU D 336 23.38 3.19 21.02
CA GLU D 336 24.37 3.85 20.20
C GLU D 336 23.74 5.04 19.49
N PRO D 337 24.54 6.07 19.19
CA PRO D 337 24.02 7.17 18.37
C PRO D 337 23.65 6.67 16.98
N VAL D 338 22.63 7.29 16.40
CA VAL D 338 22.15 6.83 15.10
C VAL D 338 23.20 7.11 14.05
N THR D 339 23.45 6.12 13.20
CA THR D 339 24.47 6.20 12.16
C THR D 339 23.79 6.35 10.82
N GLU D 340 24.23 7.32 10.05
CA GLU D 340 23.67 7.47 8.71
C GLU D 340 24.20 6.37 7.80
N PRO D 341 23.37 5.89 6.86
CA PRO D 341 23.80 4.79 5.96
C PRO D 341 24.65 5.30 4.80
N GLN D 342 25.63 6.15 5.13
CA GLN D 342 26.60 6.65 4.19
C GLN D 342 27.99 6.54 4.80
N ALA D 343 28.07 5.86 5.92
CA ALA D 343 29.35 5.65 6.57
C ALA D 343 30.22 4.72 5.72
N PRO D 344 31.46 5.09 5.45
CA PRO D 344 32.36 4.17 4.74
C PRO D 344 32.61 2.93 5.58
N ALA D 345 33.02 3.15 6.83
CA ALA D 345 33.07 2.09 7.84
C ALA D 345 32.56 2.64 9.16
N GLY D 346 32.25 3.93 9.19
CA GLY D 346 31.76 4.59 10.39
C GLY D 346 32.77 4.56 11.51
N LEU D 347 32.26 4.52 12.73
CA LEU D 347 33.08 4.42 13.94
C LEU D 347 32.59 3.24 14.76
N GLU D 348 33.52 2.62 15.49
CA GLU D 348 33.18 1.54 16.40
C GLU D 348 32.79 2.12 17.75
N VAL D 349 31.65 2.82 17.76
CA VAL D 349 31.18 3.50 18.96
C VAL D 349 30.57 2.49 19.92
N GLU D 350 31.11 2.43 21.11
CA GLU D 350 30.54 1.59 22.15
C GLU D 350 29.17 2.14 22.53
N PRO D 351 28.18 1.28 22.77
CA PRO D 351 26.86 1.79 23.15
C PRO D 351 26.93 2.60 24.43
N PHE D 352 26.21 3.71 24.44
CA PHE D 352 26.22 4.59 25.60
C PHE D 352 25.36 4.01 26.71
N PRO D 353 25.88 3.90 27.93
CA PRO D 353 25.07 3.38 29.02
C PRO D 353 23.87 4.27 29.29
N ILE D 354 22.78 3.64 29.72
CA ILE D 354 21.58 4.33 30.13
C ILE D 354 21.50 4.30 31.65
N GLN D 355 21.64 5.46 32.26
CA GLN D 355 21.53 5.60 33.70
C GLN D 355 20.38 6.50 34.09
N MET D 356 19.49 6.78 33.15
CA MET D 356 18.43 7.75 33.30
C MET D 356 17.18 7.08 33.88
N GLN D 357 16.17 7.89 34.15
CA GLN D 357 14.82 7.41 34.40
C GLN D 357 13.93 8.04 33.35
N VAL D 358 13.18 7.21 32.62
CA VAL D 358 12.30 7.70 31.58
C VAL D 358 10.92 7.88 32.17
N ILE D 359 10.31 9.03 31.94
CA ILE D 359 8.98 9.34 32.44
C ILE D 359 8.13 9.74 31.25
N LEU D 360 7.35 8.81 30.68
CA LEU D 360 6.59 9.16 29.45
C LEU D 360 5.27 9.82 29.85
N VAL D 361 4.96 10.99 29.28
CA VAL D 361 3.73 11.73 29.66
C VAL D 361 2.78 11.78 28.47
N GLY D 362 1.56 11.27 28.62
CA GLY D 362 0.56 11.35 27.53
C GLY D 362 -0.87 11.19 27.99
N THR D 363 -1.84 11.30 27.09
CA THR D 363 -3.24 11.06 27.39
C THR D 363 -3.50 9.57 27.55
N PRO D 364 -4.56 9.19 28.26
CA PRO D 364 -4.84 7.76 28.41
C PRO D 364 -5.01 7.04 27.10
N GLU D 365 -5.59 7.70 26.09
CA GLU D 365 -5.72 7.07 24.78
C GLU D 365 -4.39 6.96 24.07
N ALA D 366 -3.45 7.86 24.37
CA ALA D 366 -2.13 7.77 23.76
C ALA D 366 -1.36 6.56 24.27
N PHE D 367 -1.55 6.20 25.53
CA PHE D 367 -0.96 5.00 26.10
C PHE D 367 -1.74 3.74 25.77
N GLU D 368 -2.94 3.87 25.21
CA GLU D 368 -3.66 2.70 24.76
C GLU D 368 -2.85 1.94 23.71
N GLY D 369 -2.29 2.67 22.74
CA GLY D 369 -1.48 2.05 21.72
C GLY D 369 -0.10 1.64 22.19
N LEU D 370 0.30 2.02 23.40
CA LEU D 370 1.58 1.62 23.96
C LEU D 370 1.50 0.48 24.94
N GLU D 371 0.36 0.27 25.58
CA GLU D 371 0.26 -0.69 26.66
C GLU D 371 -0.14 -2.09 26.21
N GLU D 372 -0.37 -2.31 24.92
CA GLU D 372 -0.54 -3.68 24.45
C GLU D 372 0.71 -4.51 24.67
N ASP D 373 1.88 -3.95 24.40
CA ASP D 373 3.12 -4.71 24.49
C ASP D 373 3.38 -5.08 25.94
N PRO D 374 3.51 -6.37 26.27
CA PRO D 374 3.92 -6.73 27.63
C PRO D 374 5.31 -6.22 27.98
N ALA D 375 6.12 -5.87 26.99
CA ALA D 375 7.37 -5.20 27.28
C ALA D 375 7.16 -3.85 27.94
N PHE D 376 6.10 -3.13 27.53
CA PHE D 376 5.80 -1.86 28.17
C PHE D 376 5.49 -2.03 29.64
N SER D 377 4.70 -3.05 29.98
CA SER D 377 4.38 -3.31 31.40
C SER D 377 5.67 -3.56 32.17
N GLU D 378 6.60 -4.31 31.58
CA GLU D 378 7.86 -4.68 32.27
C GLU D 378 8.73 -3.44 32.55
N LEU D 379 8.76 -2.46 31.64
CA LEU D 379 9.67 -1.31 31.82
C LEU D 379 9.02 -0.23 32.70
N PHE D 380 7.78 0.17 32.39
CA PHE D 380 7.12 1.26 33.10
C PHE D 380 6.09 0.68 34.05
N ARG D 381 6.54 0.26 35.24
CA ARG D 381 5.62 -0.28 36.22
C ARG D 381 4.75 0.78 36.88
N ILE D 382 5.23 2.01 37.00
CA ILE D 382 4.55 3.03 37.77
C ILE D 382 3.64 3.83 36.85
N ARG D 383 2.36 3.90 37.22
CA ARG D 383 1.36 4.63 36.46
C ARG D 383 0.91 5.81 37.30
N ALA D 384 1.18 7.02 36.82
CA ALA D 384 0.79 8.24 37.53
C ALA D 384 -0.46 8.81 36.86
N GLU D 385 -1.62 8.33 37.29
CA GLU D 385 -2.88 8.86 36.81
C GLU D 385 -3.06 10.31 37.27
N PHE D 386 -3.57 11.14 36.37
CA PHE D 386 -4.03 12.47 36.72
C PHE D 386 -5.54 12.51 36.63
N SER D 387 -6.19 12.70 37.76
CA SER D 387 -7.64 12.83 37.74
C SER D 387 -8.02 14.10 37.00
N PRO D 388 -8.93 14.04 36.02
CA PRO D 388 -9.32 15.26 35.30
C PRO D 388 -10.06 16.26 36.15
N THR D 389 -10.38 15.94 37.40
CA THR D 389 -11.01 16.88 38.31
C THR D 389 -10.31 16.82 39.66
N LEU D 390 -10.46 17.89 40.43
CA LEU D 390 -9.96 17.99 41.78
C LEU D 390 -11.13 18.22 42.73
N PRO D 391 -11.03 17.75 43.97
CA PRO D 391 -12.11 18.00 44.92
C PRO D 391 -12.32 19.49 45.12
N ALA D 392 -13.52 19.95 44.82
CA ALA D 392 -13.86 21.37 44.92
C ALA D 392 -14.03 21.71 46.39
N SER D 393 -12.91 22.04 47.02
CA SER D 393 -12.87 22.39 48.43
C SER D 393 -12.14 23.70 48.59
N PRO D 394 -12.37 24.43 49.68
CA PRO D 394 -11.68 25.70 49.88
C PRO D 394 -10.18 25.57 49.85
N GLU D 395 -9.65 24.42 50.30
CA GLU D 395 -8.21 24.18 50.18
C GLU D 395 -7.78 24.20 48.72
N ASN D 396 -8.55 23.57 47.84
CA ASN D 396 -8.19 23.58 46.43
C ASN D 396 -8.39 24.96 45.81
N CYS D 397 -9.38 25.71 46.29
CA CYS D 397 -9.52 27.09 45.82
C CYS D 397 -8.31 27.91 46.18
N THR D 398 -7.84 27.79 47.43
CA THR D 398 -6.64 28.49 47.85
C THR D 398 -5.42 28.03 47.05
N ALA D 399 -5.33 26.73 46.81
CA ALA D 399 -4.21 26.21 46.02
C ALA D 399 -4.22 26.78 44.61
N LEU D 400 -5.41 26.86 44.00
CA LEU D 400 -5.51 27.41 42.66
C LEU D 400 -5.14 28.89 42.66
N GLY D 401 -5.56 29.62 43.69
CA GLY D 401 -5.18 31.01 43.80
C GLY D 401 -3.67 31.18 43.91
N GLY D 402 -3.05 30.38 44.77
CA GLY D 402 -1.60 30.45 44.88
C GLY D 402 -0.91 30.06 43.60
N TRP D 403 -1.44 29.08 42.89
CA TRP D 403 -0.86 28.67 41.63
C TRP D 403 -0.95 29.79 40.60
N LEU D 404 -2.09 30.47 40.53
CA LEU D 404 -2.25 31.58 39.60
C LEU D 404 -1.31 32.72 39.95
N LEU D 405 -1.16 33.00 41.25
CA LEU D 405 -0.19 34.02 41.65
C LEU D 405 1.21 33.62 41.24
N ALA D 406 1.57 32.35 41.39
CA ALA D 406 2.86 31.89 40.92
C ALA D 406 2.99 32.06 39.42
N GLN D 407 1.90 31.90 38.68
CA GLN D 407 1.91 32.16 37.25
C GLN D 407 2.07 33.63 36.92
N GLY D 408 1.94 34.52 37.89
CA GLY D 408 2.13 35.93 37.68
C GLY D 408 0.88 36.77 37.59
N PHE D 409 -0.29 36.19 37.82
CA PHE D 409 -1.53 36.95 37.75
C PHE D 409 -1.77 37.72 39.04
N GLN D 410 -2.49 38.81 38.91
CA GLN D 410 -2.92 39.62 40.05
C GLN D 410 -4.37 39.31 40.32
N LEU D 411 -4.62 38.47 41.31
CA LEU D 411 -5.96 38.03 41.64
C LEU D 411 -6.57 38.91 42.71
N THR D 412 -7.89 38.88 42.77
CA THR D 412 -8.65 39.38 43.90
C THR D 412 -9.53 38.26 44.42
N GLN D 413 -10.06 38.44 45.62
CA GLN D 413 -10.89 37.39 46.20
C GLN D 413 -12.07 37.07 45.31
N GLY D 414 -12.74 38.10 44.80
CA GLY D 414 -13.84 37.86 43.88
C GLY D 414 -13.37 37.20 42.60
N GLY D 415 -12.24 37.65 42.05
CA GLY D 415 -11.75 37.06 40.83
C GLY D 415 -11.33 35.62 41.01
N LEU D 416 -10.62 35.32 42.09
CA LEU D 416 -10.25 33.94 42.36
C LEU D 416 -11.48 33.07 42.55
N THR D 417 -12.48 33.57 43.28
CA THR D 417 -13.69 32.79 43.49
C THR D 417 -14.39 32.54 42.17
N ARG D 418 -14.46 33.54 41.29
CA ARG D 418 -15.14 33.34 40.02
C ARG D 418 -14.39 32.37 39.13
N LEU D 419 -13.05 32.41 39.15
CA LEU D 419 -12.29 31.42 38.40
C LEU D 419 -12.52 30.03 38.96
N TYR D 420 -12.60 29.90 40.27
CA TYR D 420 -12.86 28.59 40.88
C TYR D 420 -14.25 28.09 40.48
N ASP D 421 -15.24 28.98 40.49
CA ASP D 421 -16.58 28.60 40.06
C ASP D 421 -16.60 28.20 38.60
N GLU D 422 -15.84 28.91 37.76
CA GLU D 422 -15.80 28.54 36.36
C GLU D 422 -15.05 27.23 36.15
N ALA D 423 -14.08 26.92 37.00
CA ALA D 423 -13.46 25.61 36.93
C ALA D 423 -14.47 24.53 37.24
N ARG D 424 -15.28 24.73 38.27
CA ARG D 424 -16.34 23.78 38.57
C ARG D 424 -17.33 23.70 37.41
N ARG D 425 -17.61 24.83 36.78
CA ARG D 425 -18.51 24.88 35.63
C ARG D 425 -17.97 24.06 34.48
N MET D 426 -16.67 24.16 34.20
CA MET D 426 -16.07 23.37 33.14
C MET D 426 -16.10 21.89 33.49
N ALA D 427 -15.85 21.56 34.75
CA ALA D 427 -15.91 20.16 35.15
C ALA D 427 -17.32 19.60 35.09
N GLU D 428 -18.33 20.47 35.00
CA GLU D 428 -19.73 20.08 35.03
C GLU D 428 -20.09 19.30 36.29
N GLN D 429 -19.22 19.33 37.29
CA GLN D 429 -19.49 18.77 38.59
C GLN D 429 -19.68 19.89 39.59
N ARG D 430 -20.74 19.79 40.38
CA ARG D 430 -20.96 20.80 41.42
C ARG D 430 -19.92 20.72 42.53
N ASP D 431 -19.42 19.53 42.83
CA ASP D 431 -18.48 19.33 43.92
C ASP D 431 -17.06 19.04 43.45
N ARG D 432 -16.77 19.14 42.16
CA ARG D 432 -15.43 18.89 41.65
C ARG D 432 -15.06 19.99 40.68
N MET D 433 -13.89 20.58 40.86
CA MET D 433 -13.42 21.61 39.95
C MET D 433 -12.55 20.99 38.87
N ASP D 434 -12.59 21.59 37.68
CA ASP D 434 -11.87 21.02 36.55
C ASP D 434 -10.37 21.18 36.77
N ALA D 435 -9.65 20.09 36.56
CA ALA D 435 -8.23 20.06 36.88
C ALA D 435 -7.36 20.55 35.73
N ARG D 436 -7.95 20.89 34.59
CA ARG D 436 -7.16 21.34 33.45
C ARG D 436 -6.64 22.74 33.76
N LEU D 437 -5.52 22.81 34.47
CA LEU D 437 -5.04 24.13 34.92
C LEU D 437 -4.50 24.94 33.75
N VAL D 438 -4.18 24.29 32.63
CA VAL D 438 -3.76 25.06 31.42
C VAL D 438 -4.95 25.87 30.93
N GLU D 439 -6.15 25.28 30.95
CA GLU D 439 -7.37 25.98 30.49
C GLU D 439 -7.70 27.11 31.46
N ILE D 440 -7.62 26.84 32.76
CA ILE D 440 -7.87 27.89 33.74
C ILE D 440 -6.87 29.03 33.56
N ARG D 441 -5.62 28.70 33.26
CA ARG D 441 -4.63 29.75 33.04
C ARG D 441 -4.93 30.54 31.78
N ALA D 442 -5.39 29.86 30.73
CA ALA D 442 -5.77 30.58 29.51
C ALA D 442 -6.92 31.54 29.78
N LEU D 443 -7.93 31.07 30.50
CA LEU D 443 -9.03 31.95 30.87
C LEU D 443 -8.54 33.09 31.75
N ALA D 444 -7.59 32.82 32.63
CA ALA D 444 -7.02 33.87 33.47
C ALA D 444 -6.29 34.90 32.65
N GLU D 445 -5.55 34.46 31.63
CA GLU D 445 -4.89 35.41 30.73
C GLU D 445 -5.90 36.30 30.02
N GLU D 446 -6.96 35.68 29.51
CA GLU D 446 -7.99 36.46 28.84
C GLU D 446 -8.64 37.44 29.80
N ALA D 447 -8.90 37.02 31.03
CA ALA D 447 -9.48 37.92 32.01
C ALA D 447 -8.53 39.05 32.35
N ALA D 448 -7.24 38.76 32.45
CA ALA D 448 -6.26 39.80 32.74
C ALA D 448 -6.24 40.84 31.64
N VAL D 449 -6.36 40.40 30.39
CA VAL D 449 -6.37 41.34 29.27
C VAL D 449 -7.56 42.28 29.39
N LEU D 450 -8.73 41.75 29.73
CA LEU D 450 -9.95 42.54 29.83
C LEU D 450 -10.05 43.34 31.12
N GLY D 451 -9.21 43.04 32.10
CA GLY D 451 -9.27 43.75 33.36
C GLY D 451 -8.07 44.65 33.58
N GLY D 452 -7.18 44.69 32.59
CA GLY D 452 -5.99 45.50 32.67
C GLY D 452 -4.84 44.84 33.38
N GLY D 453 -5.02 43.63 33.90
CA GLY D 453 -3.96 42.93 34.58
C GLY D 453 -4.41 42.36 35.90
N LEU D 454 -5.45 42.97 36.47
CA LEU D 454 -6.02 42.54 37.73
C LEU D 454 -7.25 41.70 37.44
N LEU D 455 -7.24 40.45 37.87
CA LEU D 455 -8.36 39.54 37.64
C LEU D 455 -9.41 39.83 38.70
N THR D 456 -10.04 40.99 38.58
CA THR D 456 -11.20 41.27 39.41
C THR D 456 -12.36 40.42 38.94
N ALA D 457 -13.38 40.31 39.79
CA ALA D 457 -14.54 39.49 39.44
C ALA D 457 -15.11 39.89 38.09
N GLU D 458 -15.41 41.18 37.91
CA GLU D 458 -15.99 41.63 36.66
C GLU D 458 -15.12 41.27 35.48
N SER D 459 -13.79 41.28 35.67
CA SER D 459 -12.89 40.92 34.58
C SER D 459 -13.10 39.48 34.15
N VAL D 460 -13.27 38.57 35.10
CA VAL D 460 -13.38 37.17 34.69
C VAL D 460 -14.80 36.84 34.23
N GLU D 461 -15.83 37.54 34.75
CA GLU D 461 -17.12 37.38 34.08
C GLU D 461 -17.05 37.87 32.65
N GLN D 462 -16.35 38.97 32.40
CA GLN D 462 -16.19 39.44 31.03
C GLN D 462 -15.45 38.41 30.19
N ALA D 463 -14.41 37.80 30.75
CA ALA D 463 -13.66 36.81 29.99
C ALA D 463 -14.52 35.61 29.62
N ILE D 464 -15.32 35.13 30.58
CA ILE D 464 -16.18 33.98 30.30
C ILE D 464 -17.26 34.35 29.30
N ALA D 465 -17.86 35.52 29.45
CA ALA D 465 -18.90 35.95 28.53
C ALA D 465 -18.35 36.10 27.13
N ALA D 466 -17.14 36.65 26.98
CA ALA D 466 -16.52 36.76 25.67
C ALA D 466 -16.21 35.38 25.11
N ARG D 467 -15.70 34.48 25.95
CA ARG D 467 -15.39 33.13 25.50
C ARG D 467 -16.62 32.45 24.93
N GLU D 468 -17.77 32.60 25.60
CA GLU D 468 -19.00 32.07 25.03
C GLU D 468 -19.38 32.82 23.76
N HIS D 469 -19.27 34.14 23.79
CA HIS D 469 -19.73 34.96 22.67
C HIS D 469 -18.89 34.77 21.43
N ARG D 470 -17.59 34.52 21.59
CA ARG D 470 -16.73 34.32 20.43
C ARG D 470 -17.08 33.06 19.66
N SER D 471 -17.70 32.07 20.32
CA SER D 471 -18.11 30.84 19.67
C SER D 471 -19.62 30.70 19.61
N PHE D 472 -20.34 31.82 19.63
CA PHE D 472 -21.79 31.85 19.71
C PHE D 472 -22.45 32.02 18.36
N LEU D 473 -21.69 31.93 17.27
CA LEU D 473 -22.26 32.26 15.97
C LEU D 473 -23.38 31.31 15.59
N SER D 474 -23.16 30.01 15.75
CA SER D 474 -24.17 29.04 15.37
C SER D 474 -25.44 29.22 16.20
N GLU D 475 -25.28 29.45 17.50
CA GLU D 475 -26.44 29.67 18.34
C GLU D 475 -27.16 30.97 17.98
N GLU D 476 -26.42 32.00 17.62
CA GLU D 476 -27.05 33.23 17.17
C GLU D 476 -27.85 33.00 15.91
N GLU D 477 -27.30 32.23 14.97
CA GLU D 477 -28.03 31.89 13.75
C GLU D 477 -29.31 31.12 14.09
N PHE D 478 -29.20 30.14 14.99
CA PHE D 478 -30.36 29.34 15.36
C PHE D 478 -31.43 30.19 16.03
N LEU D 479 -31.03 31.10 16.91
CA LEU D 479 -32.00 31.95 17.58
C LEU D 479 -32.67 32.90 16.61
N ARG D 480 -31.91 33.46 15.66
CA ARG D 480 -32.53 34.29 14.64
C ARG D 480 -33.51 33.48 13.81
N ALA D 481 -33.16 32.23 13.50
CA ALA D 481 -34.09 31.37 12.77
C ALA D 481 -35.36 31.15 13.57
N VAL D 482 -35.23 30.92 14.88
CA VAL D 482 -36.40 30.69 15.71
C VAL D 482 -37.28 31.93 15.77
N GLN D 483 -36.68 33.10 15.97
CA GLN D 483 -37.48 34.32 16.06
C GLN D 483 -38.14 34.66 14.73
N GLU D 484 -37.39 34.55 13.63
CA GLU D 484 -37.97 34.83 12.32
C GLU D 484 -39.07 33.85 11.99
N GLY D 485 -38.96 32.62 12.46
CA GLY D 485 -39.94 31.60 12.22
C GLY D 485 -39.49 30.47 11.33
N VAL D 486 -38.24 30.47 10.88
CA VAL D 486 -37.77 29.41 10.00
C VAL D 486 -37.82 28.08 10.73
N ILE D 487 -37.36 28.05 11.97
CA ILE D 487 -37.46 26.87 12.82
C ILE D 487 -38.52 27.18 13.87
N ARG D 488 -39.63 26.47 13.82
CA ARG D 488 -40.73 26.74 14.72
C ARG D 488 -40.67 25.80 15.92
N LEU D 489 -40.48 26.39 17.09
CA LEU D 489 -40.57 25.66 18.34
C LEU D 489 -41.67 26.29 19.18
N ARG D 490 -42.58 25.46 19.67
CA ARG D 490 -43.62 25.92 20.55
C ARG D 490 -43.11 25.94 21.97
N THR D 491 -43.31 27.07 22.64
CA THR D 491 -42.97 27.18 24.06
C THR D 491 -44.15 27.59 24.90
N THR D 492 -45.36 27.59 24.36
CA THR D 492 -46.56 27.89 25.12
C THR D 492 -47.65 26.91 24.71
N GLY D 493 -48.64 26.77 25.58
CA GLY D 493 -49.74 25.91 25.26
C GLY D 493 -49.37 24.44 25.36
N ARG D 494 -50.27 23.60 24.86
CA ARG D 494 -50.12 22.16 24.96
C ARG D 494 -50.24 21.53 23.58
N ALA D 495 -49.52 20.43 23.40
CA ALA D 495 -49.58 19.66 22.18
C ALA D 495 -49.66 18.19 22.54
N VAL D 496 -50.21 17.39 21.64
CA VAL D 496 -50.43 15.97 21.87
C VAL D 496 -49.37 15.20 21.08
N GLY D 497 -48.63 14.35 21.78
CA GLY D 497 -47.65 13.51 21.13
C GLY D 497 -46.42 14.22 20.63
N GLU D 498 -46.19 15.45 21.05
CA GLU D 498 -45.04 16.23 20.59
C GLU D 498 -44.47 17.01 21.75
N VAL D 499 -43.17 16.88 21.96
CA VAL D 499 -42.50 17.45 23.13
C VAL D 499 -41.26 18.19 22.64
N ASN D 500 -40.64 18.93 23.53
CA ASN D 500 -39.43 19.70 23.24
C ASN D 500 -38.25 19.01 23.92
N SER D 501 -37.61 18.10 23.21
CA SER D 501 -36.41 17.52 23.78
C SER D 501 -35.28 18.54 23.75
N LEU D 502 -34.18 18.21 24.42
CA LEU D 502 -33.00 19.05 24.41
C LEU D 502 -31.85 18.25 23.85
N VAL D 503 -31.19 18.78 22.82
CA VAL D 503 -30.14 18.03 22.17
C VAL D 503 -28.90 18.91 22.04
N VAL D 504 -27.75 18.25 21.94
CA VAL D 504 -26.48 18.90 21.72
C VAL D 504 -26.11 18.67 20.27
N VAL D 505 -25.96 19.75 19.51
CA VAL D 505 -25.71 19.63 18.09
C VAL D 505 -24.28 19.17 17.84
N GLU D 506 -24.07 18.52 16.69
CA GLU D 506 -22.76 18.02 16.30
C GLU D 506 -21.92 19.11 15.65
N ALA D 507 -22.56 20.12 15.07
CA ALA D 507 -21.86 21.27 14.51
C ALA D 507 -21.36 22.20 15.59
N ALA D 508 -21.77 21.96 16.84
CA ALA D 508 -21.28 22.66 18.02
C ALA D 508 -21.47 21.73 19.19
N PRO D 509 -20.57 20.77 19.42
CA PRO D 509 -20.76 19.77 20.47
C PRO D 509 -20.81 20.35 21.88
N TYR D 510 -20.78 21.67 22.01
CA TYR D 510 -20.77 22.36 23.29
C TYR D 510 -21.85 23.43 23.35
N TRP D 511 -22.84 23.36 22.47
CA TRP D 511 -24.02 24.20 22.54
C TRP D 511 -25.25 23.32 22.48
N GLY D 512 -26.12 23.45 23.45
CA GLY D 512 -27.37 22.70 23.48
C GLY D 512 -28.51 23.58 22.98
N ARG D 513 -29.55 22.94 22.48
CA ARG D 513 -30.70 23.67 21.98
C ARG D 513 -31.89 22.73 21.94
N PRO D 514 -33.11 23.25 22.01
CA PRO D 514 -34.28 22.38 21.96
C PRO D 514 -34.50 21.84 20.56
N ALA D 515 -35.22 20.74 20.50
CA ALA D 515 -35.57 20.08 19.26
C ALA D 515 -36.97 19.52 19.42
N ARG D 516 -37.82 19.77 18.45
CA ARG D 516 -39.21 19.35 18.55
C ARG D 516 -39.31 17.88 18.17
N LEU D 517 -39.58 17.03 19.16
CA LEU D 517 -39.72 15.61 18.93
C LEU D 517 -41.19 15.27 18.77
N THR D 518 -41.52 14.51 17.75
CA THR D 518 -42.90 14.18 17.41
C THR D 518 -43.10 12.68 17.52
N ALA D 519 -44.16 12.27 18.20
CA ALA D 519 -44.55 10.88 18.30
C ALA D 519 -45.92 10.70 17.70
N ARG D 520 -46.04 9.77 16.75
CA ARG D 520 -47.30 9.50 16.06
C ARG D 520 -47.71 8.08 16.35
N ALA D 521 -48.95 7.90 16.81
CA ALA D 521 -49.47 6.61 17.19
C ALA D 521 -50.41 6.09 16.12
N ALA D 522 -50.16 4.87 15.64
CA ALA D 522 -51.05 4.25 14.69
C ALA D 522 -51.35 2.83 15.13
N PRO D 523 -52.51 2.30 14.78
CA PRO D 523 -52.77 0.88 15.05
C PRO D 523 -51.85 0.02 14.20
N GLY D 524 -51.53 -1.16 14.72
CA GLY D 524 -50.72 -2.07 13.92
C GLY D 524 -49.83 -2.93 14.80
N ARG D 525 -48.65 -3.24 14.25
CA ARG D 525 -47.72 -4.14 14.90
C ARG D 525 -47.19 -3.54 16.20
N ASP D 526 -46.39 -4.34 16.91
CA ASP D 526 -45.76 -3.89 18.14
C ASP D 526 -44.58 -2.97 17.90
N HIS D 527 -43.94 -3.06 16.73
CA HIS D 527 -42.62 -2.48 16.58
C HIS D 527 -42.66 -0.96 16.72
N LEU D 528 -41.58 -0.43 17.27
CA LEU D 528 -41.39 1.00 17.49
C LEU D 528 -40.47 1.53 16.39
N ILE D 529 -40.94 2.53 15.67
CA ILE D 529 -40.14 3.13 14.60
C ILE D 529 -39.48 4.38 15.14
N SER D 530 -38.16 4.45 15.05
CA SER D 530 -37.41 5.66 15.37
C SER D 530 -36.87 6.20 14.07
N ILE D 531 -37.59 7.15 13.47
CA ILE D 531 -37.30 7.59 12.11
C ILE D 531 -35.87 8.14 12.01
N ASP D 532 -35.43 8.87 13.03
CA ASP D 532 -34.10 9.44 12.98
C ASP D 532 -33.00 8.41 13.18
N ARG D 533 -33.35 7.22 13.68
CA ARG D 533 -32.39 6.14 13.83
C ARG D 533 -32.47 5.11 12.72
N GLU D 534 -33.56 5.10 11.95
CA GLU D 534 -33.74 4.17 10.85
C GLU D 534 -33.45 4.94 9.56
N ALA D 535 -32.17 5.07 9.22
CA ALA D 535 -31.75 5.79 8.02
C ALA D 535 -30.27 5.54 7.76
N GLY D 536 -29.91 5.41 6.48
CA GLY D 536 -28.51 5.20 6.13
C GLY D 536 -27.90 3.98 6.76
N LEU D 537 -28.32 2.78 6.33
CA LEU D 537 -27.94 1.52 6.97
C LEU D 537 -28.34 1.52 8.44
N GLY D 538 -29.50 2.10 8.71
CA GLY D 538 -30.07 2.08 10.05
C GLY D 538 -31.35 1.28 10.09
N GLY D 539 -31.82 0.85 8.92
CA GLY D 539 -33.05 0.09 8.83
C GLY D 539 -32.93 -1.38 9.11
N GLN D 540 -31.72 -1.94 9.08
CA GLN D 540 -31.50 -3.35 9.36
C GLN D 540 -30.75 -3.55 10.67
N ILE D 541 -30.67 -2.51 11.51
CA ILE D 541 -29.91 -2.54 12.75
C ILE D 541 -30.90 -2.33 13.88
N PHE D 542 -30.74 -3.10 14.97
CA PHE D 542 -31.55 -2.91 16.16
C PHE D 542 -30.86 -1.95 17.11
N HIS D 543 -31.61 -0.96 17.58
CA HIS D 543 -31.06 0.10 18.41
C HIS D 543 -31.43 -0.14 19.86
N LYS D 544 -30.48 0.11 20.75
CA LYS D 544 -30.75 -0.04 22.17
C LYS D 544 -31.86 0.87 22.62
N ALA D 545 -31.97 2.06 22.02
CA ALA D 545 -33.01 3.00 22.42
C ALA D 545 -34.39 2.48 22.06
N VAL D 546 -34.55 1.98 20.84
CA VAL D 546 -35.85 1.47 20.41
C VAL D 546 -36.25 0.28 21.26
N LEU D 547 -35.32 -0.64 21.50
CA LEU D 547 -35.62 -1.81 22.32
C LEU D 547 -35.98 -1.40 23.74
N THR D 548 -35.27 -0.40 24.27
CA THR D 548 -35.57 0.06 25.62
C THR D 548 -36.97 0.64 25.72
N LEU D 549 -37.33 1.51 24.79
CA LEU D 549 -38.65 2.12 24.83
C LEU D 549 -39.73 1.09 24.60
N ALA D 550 -39.49 0.16 23.68
CA ALA D 550 -40.47 -0.89 23.42
C ALA D 550 -40.65 -1.77 24.63
N GLY D 551 -39.56 -2.09 25.33
CA GLY D 551 -39.66 -2.89 26.53
C GLY D 551 -40.44 -2.17 27.61
N TYR D 552 -40.18 -0.88 27.80
CA TYR D 552 -40.95 -0.13 28.78
C TYR D 552 -42.43 -0.13 28.44
N LEU D 553 -42.76 0.14 27.18
CA LEU D 553 -44.16 0.22 26.80
C LEU D 553 -44.85 -1.12 26.92
N ARG D 554 -44.19 -2.19 26.48
CA ARG D 554 -44.81 -3.51 26.55
C ARG D 554 -45.02 -3.94 28.00
N SER D 555 -44.02 -3.74 28.85
CA SER D 555 -44.13 -4.23 30.21
C SER D 555 -45.10 -3.39 31.02
N ARG D 556 -45.09 -2.07 30.83
CA ARG D 556 -45.82 -1.20 31.73
C ARG D 556 -47.33 -1.31 31.53
N TYR D 557 -47.79 -1.29 30.29
CA TYR D 557 -49.22 -1.30 29.98
C TYR D 557 -49.61 -2.60 29.32
N ILE D 558 -50.41 -3.40 30.05
CA ILE D 558 -50.90 -4.67 29.53
C ILE D 558 -52.34 -4.84 29.97
N GLU D 559 -53.26 -4.71 29.02
CA GLU D 559 -54.63 -5.15 29.20
C GLU D 559 -54.93 -6.01 27.98
N HIS D 560 -53.93 -6.14 27.12
CA HIS D 560 -53.98 -6.96 25.94
C HIS D 560 -52.71 -7.81 25.92
N GLY D 561 -52.45 -8.43 24.78
CA GLY D 561 -51.23 -9.19 24.61
C GLY D 561 -50.19 -8.33 23.96
N SER D 562 -49.94 -8.56 22.67
CA SER D 562 -49.06 -7.69 21.92
C SER D 562 -49.57 -6.26 21.96
N LEU D 563 -48.65 -5.31 22.12
CA LEU D 563 -49.03 -3.91 22.18
C LEU D 563 -49.67 -3.51 20.86
N PRO D 564 -50.91 -3.05 20.88
CA PRO D 564 -51.66 -2.95 19.62
C PRO D 564 -51.36 -1.70 18.82
N VAL D 565 -50.29 -1.00 19.17
CA VAL D 565 -49.98 0.30 18.60
C VAL D 565 -48.54 0.33 18.14
N THR D 566 -48.31 0.93 16.98
CA THR D 566 -46.96 1.26 16.52
C THR D 566 -46.75 2.75 16.65
N ILE D 567 -45.60 3.13 17.20
CA ILE D 567 -45.28 4.51 17.51
C ILE D 567 -44.10 4.92 16.65
N SER D 568 -44.23 6.03 15.95
CA SER D 568 -43.15 6.58 15.14
C SER D 568 -42.64 7.85 15.80
N LEU D 569 -41.34 7.88 16.09
CA LEU D 569 -40.69 9.00 16.73
C LEU D 569 -39.78 9.68 15.73
N ALA D 570 -39.95 10.99 15.56
CA ALA D 570 -39.17 11.75 14.61
C ALA D 570 -38.69 13.04 15.24
N PHE D 571 -37.58 13.54 14.74
CA PHE D 571 -37.07 14.86 15.10
C PHE D 571 -37.29 15.76 13.91
N GLU D 572 -38.22 16.70 14.04
CA GLU D 572 -38.38 17.67 12.96
C GLU D 572 -37.15 18.56 12.94
N GLN D 573 -36.77 19.00 11.73
CA GLN D 573 -35.57 19.79 11.47
C GLN D 573 -34.32 18.93 11.61
N ASN D 574 -33.31 19.19 10.78
CA ASN D 574 -32.10 18.38 10.75
C ASN D 574 -30.95 19.18 11.32
N TYR D 575 -30.85 19.18 12.64
CA TYR D 575 -29.67 19.63 13.36
C TYR D 575 -29.46 18.74 14.57
N VAL D 576 -30.47 17.91 14.84
CA VAL D 576 -30.41 17.02 15.99
C VAL D 576 -29.34 15.95 15.77
N SER D 577 -28.50 15.78 16.77
CA SER D 577 -27.59 14.65 16.82
C SER D 577 -28.08 13.71 17.90
N ILE D 578 -28.29 12.45 17.52
CA ILE D 578 -28.94 11.48 18.39
C ILE D 578 -27.94 10.38 18.73
N GLU D 579 -28.10 9.79 19.90
CA GLU D 579 -27.29 8.68 20.33
C GLU D 579 -28.17 7.44 20.41
N GLY D 580 -27.80 6.42 19.64
CA GLY D 580 -28.58 5.19 19.57
C GLY D 580 -28.38 4.26 20.75
N ASP D 581 -27.49 4.60 21.68
CA ASP D 581 -27.26 3.79 22.87
C ASP D 581 -28.10 4.24 24.06
N SER D 582 -28.89 5.30 23.89
CA SER D 582 -29.70 5.80 24.99
C SER D 582 -31.05 6.23 24.46
N ALA D 583 -32.09 5.93 25.23
CA ALA D 583 -33.45 6.28 24.87
C ALA D 583 -33.86 7.49 25.70
N GLY D 584 -34.08 8.61 25.03
CA GLY D 584 -34.39 9.83 25.75
C GLY D 584 -35.70 9.73 26.49
N LEU D 585 -35.77 10.44 27.62
CA LEU D 585 -37.03 10.55 28.34
C LEU D 585 -38.08 11.26 27.49
N ALA D 586 -37.64 12.21 26.68
CA ALA D 586 -38.56 12.91 25.80
C ALA D 586 -39.23 11.96 24.83
N GLU D 587 -38.46 11.01 24.29
CA GLU D 587 -39.03 10.03 23.39
C GLU D 587 -40.14 9.25 24.07
N LEU D 588 -39.89 8.82 25.31
CA LEU D 588 -40.86 8.00 26.02
C LEU D 588 -42.11 8.80 26.36
N VAL D 589 -41.96 10.03 26.85
CA VAL D 589 -43.14 10.80 27.20
C VAL D 589 -43.93 11.18 25.95
N ALA D 590 -43.24 11.48 24.85
CA ALA D 590 -43.95 11.73 23.60
C ALA D 590 -44.71 10.50 23.14
N ALA D 591 -44.11 9.32 23.26
CA ALA D 591 -44.82 8.11 22.87
C ALA D 591 -46.03 7.88 23.76
N LEU D 592 -45.89 8.10 25.06
CA LEU D 592 -47.03 7.94 25.95
C LEU D 592 -48.14 8.92 25.60
N SER D 593 -47.78 10.16 25.31
CA SER D 593 -48.78 11.14 24.91
C SER D 593 -49.48 10.71 23.63
N ALA D 594 -48.72 10.24 22.64
CA ALA D 594 -49.31 9.82 21.39
C ALA D 594 -50.28 8.67 21.59
N ILE D 595 -49.90 7.72 22.45
CA ILE D 595 -50.78 6.58 22.72
C ILE D 595 -52.04 7.05 23.42
N GLY D 596 -51.89 7.82 24.50
CA GLY D 596 -53.02 8.21 25.31
C GLY D 596 -53.68 9.51 24.93
N ASN D 597 -53.26 10.13 23.84
CA ASN D 597 -53.81 11.41 23.39
C ASN D 597 -53.73 12.45 24.50
N LEU D 598 -52.60 12.48 25.17
CA LEU D 598 -52.36 13.40 26.25
C LEU D 598 -51.73 14.70 25.73
N PRO D 599 -52.36 15.83 25.97
CA PRO D 599 -51.73 17.10 25.58
C PRO D 599 -50.63 17.49 26.55
N LEU D 600 -49.38 17.34 26.14
CA LEU D 600 -48.26 17.69 27.00
C LEU D 600 -48.01 19.20 26.99
N ARG D 601 -47.52 19.71 28.10
CA ARG D 601 -47.10 21.10 28.14
C ARG D 601 -45.91 21.31 27.24
N GLN D 602 -45.99 22.32 26.39
CA GLN D 602 -44.85 22.70 25.56
C GLN D 602 -43.90 23.66 26.25
N ASP D 603 -44.30 24.21 27.40
CA ASP D 603 -43.41 25.12 28.11
C ASP D 603 -42.14 24.41 28.55
N LEU D 604 -42.28 23.21 29.06
CA LEU D 604 -41.17 22.49 29.67
C LEU D 604 -40.48 21.63 28.62
N ALA D 605 -39.17 21.82 28.48
CA ALA D 605 -38.38 20.91 27.69
C ALA D 605 -38.05 19.68 28.52
N VAL D 606 -37.89 18.54 27.85
CA VAL D 606 -37.68 17.27 28.51
C VAL D 606 -36.35 16.69 28.06
N THR D 607 -35.51 16.32 29.01
CA THR D 607 -34.23 15.73 28.70
C THR D 607 -33.95 14.62 29.69
N GLY D 608 -33.05 13.73 29.31
CA GLY D 608 -32.71 12.61 30.16
C GLY D 608 -32.91 11.28 29.48
N ALA D 609 -32.03 10.33 29.74
CA ALA D 609 -32.20 8.99 29.23
C ALA D 609 -33.16 8.23 30.14
N VAL D 610 -33.58 7.05 29.70
CA VAL D 610 -34.50 6.24 30.47
C VAL D 610 -34.21 4.78 30.15
N ASP D 611 -34.42 3.92 31.12
CA ASP D 611 -34.34 2.48 30.93
C ASP D 611 -35.75 1.89 30.97
N GLN D 612 -35.85 0.62 30.64
CA GLN D 612 -37.16 -0.02 30.61
C GLN D 612 -37.82 -0.10 31.97
N THR D 613 -37.05 0.07 33.05
CA THR D 613 -37.67 0.24 34.36
C THR D 613 -38.56 1.48 34.35
N GLY D 614 -38.16 2.50 33.62
CA GLY D 614 -38.80 3.79 33.68
C GLY D 614 -37.99 4.85 34.39
N LYS D 615 -36.90 4.49 35.07
CA LYS D 615 -36.09 5.50 35.75
C LYS D 615 -35.39 6.39 34.74
N VAL D 616 -35.36 7.68 35.04
CA VAL D 616 -34.66 8.66 34.22
C VAL D 616 -33.19 8.63 34.58
N LEU D 617 -32.33 8.48 33.59
CA LEU D 617 -30.90 8.36 33.80
C LEU D 617 -30.21 9.68 33.51
N ALA D 618 -29.05 9.87 34.14
CA ALA D 618 -28.29 11.09 33.90
C ALA D 618 -27.80 11.14 32.46
N VAL D 619 -27.67 12.35 31.93
CA VAL D 619 -27.18 12.59 30.59
C VAL D 619 -26.06 13.60 30.64
N GLY D 620 -25.19 13.55 29.63
CA GLY D 620 -24.09 14.49 29.57
C GLY D 620 -24.56 15.86 29.10
N ALA D 621 -23.75 16.86 29.41
CA ALA D 621 -23.98 18.23 28.97
C ALA D 621 -25.36 18.73 29.40
N ILE D 622 -25.71 18.51 30.67
CA ILE D 622 -27.00 18.97 31.15
C ILE D 622 -27.03 20.49 31.22
N ASN D 623 -25.91 21.11 31.60
CA ASN D 623 -25.86 22.57 31.64
C ASN D 623 -26.11 23.15 30.26
N ALA D 624 -25.47 22.58 29.24
CA ALA D 624 -25.65 23.09 27.89
C ALA D 624 -27.09 23.00 27.44
N LYS D 625 -27.74 21.87 27.72
CA LYS D 625 -29.13 21.70 27.30
C LYS D 625 -30.05 22.67 28.02
N VAL D 626 -29.89 22.80 29.33
CA VAL D 626 -30.75 23.70 30.09
C VAL D 626 -30.55 25.13 29.62
N GLU D 627 -29.31 25.54 29.44
CA GLU D 627 -29.05 26.90 28.99
C GLU D 627 -29.55 27.13 27.59
N GLY D 628 -29.47 26.12 26.72
CA GLY D 628 -29.98 26.28 25.37
C GLY D 628 -31.48 26.51 25.36
N PHE D 629 -32.21 25.72 26.14
CA PHE D 629 -33.64 25.96 26.22
C PHE D 629 -33.93 27.32 26.84
N PHE D 630 -33.13 27.73 27.82
CA PHE D 630 -33.36 29.05 28.40
C PHE D 630 -33.15 30.14 27.37
N ARG D 631 -32.11 30.01 26.55
CA ARG D 631 -31.88 31.01 25.51
C ARG D 631 -33.05 31.07 24.55
N VAL D 632 -33.55 29.90 24.13
CA VAL D 632 -34.66 29.90 23.20
C VAL D 632 -35.89 30.53 23.84
N CYS D 633 -36.17 30.21 25.11
CA CYS D 633 -37.32 30.80 25.78
C CYS D 633 -37.18 32.31 25.93
N LYS D 634 -36.00 32.77 26.34
CA LYS D 634 -35.80 34.20 26.55
C LYS D 634 -35.87 34.97 25.24
N ALA D 635 -35.33 34.40 24.16
CA ALA D 635 -35.42 35.05 22.86
C ALA D 635 -36.87 35.24 22.45
N LEU D 636 -37.71 34.25 22.71
CA LEU D 636 -39.14 34.35 22.45
C LEU D 636 -39.88 35.04 23.57
N GLY D 637 -39.19 35.46 24.63
CA GLY D 637 -39.84 36.11 25.75
C GLY D 637 -40.27 35.12 26.80
N LEU D 638 -39.77 35.29 28.02
CA LEU D 638 -40.11 34.39 29.12
C LEU D 638 -41.53 34.64 29.56
N SER D 639 -42.38 33.62 29.51
CA SER D 639 -43.76 33.73 29.94
C SER D 639 -43.94 33.37 31.40
N GLY D 640 -42.86 33.07 32.11
CA GLY D 640 -42.95 32.74 33.52
C GLY D 640 -43.34 31.31 33.81
N THR D 641 -43.60 30.50 32.79
CA THR D 641 -43.92 29.11 32.97
C THR D 641 -42.96 28.16 32.27
N GLN D 642 -42.08 28.68 31.43
CA GLN D 642 -41.12 27.83 30.75
C GLN D 642 -40.22 27.14 31.77
N GLY D 643 -39.76 25.94 31.41
CA GLY D 643 -38.96 25.18 32.33
C GLY D 643 -38.30 24.02 31.62
N VAL D 644 -37.57 23.23 32.40
CA VAL D 644 -36.86 22.07 31.89
C VAL D 644 -37.10 20.91 32.84
N ILE D 645 -37.42 19.74 32.29
CA ILE D 645 -37.51 18.52 33.08
C ILE D 645 -36.23 17.72 32.85
N LEU D 646 -35.42 17.59 33.88
CA LEU D 646 -34.13 16.95 33.80
C LEU D 646 -34.01 15.90 34.88
N PRO D 647 -33.19 14.87 34.65
CA PRO D 647 -33.07 13.79 35.63
C PRO D 647 -32.58 14.31 36.97
N GLU D 648 -33.12 13.74 38.03
CA GLU D 648 -32.59 14.07 39.35
C GLU D 648 -31.14 13.62 39.48
N ALA D 649 -30.74 12.60 38.74
CA ALA D 649 -29.35 12.15 38.78
C ALA D 649 -28.39 13.24 38.38
N ASN D 650 -28.85 14.21 37.61
CA ASN D 650 -28.00 15.31 37.19
C ASN D 650 -27.97 16.46 38.18
N LEU D 651 -28.49 16.28 39.39
CA LEU D 651 -28.42 17.35 40.37
C LEU D 651 -26.97 17.69 40.71
N ALA D 652 -26.07 16.71 40.60
CA ALA D 652 -24.66 16.93 40.84
C ALA D 652 -23.95 17.51 39.63
N ASN D 653 -24.66 17.67 38.53
CA ASN D 653 -24.07 18.25 37.34
C ASN D 653 -24.64 19.62 36.99
N LEU D 654 -25.65 20.09 37.69
CA LEU D 654 -26.28 21.36 37.38
C LEU D 654 -25.42 22.49 37.92
N THR D 655 -24.63 23.09 37.05
CA THR D 655 -23.93 24.31 37.35
C THR D 655 -24.40 25.32 36.30
N LEU D 656 -25.54 25.94 36.57
CA LEU D 656 -26.18 26.78 35.57
C LEU D 656 -25.50 28.15 35.54
N ARG D 657 -25.68 28.85 34.43
CA ARG D 657 -25.13 30.18 34.32
C ARG D 657 -25.87 31.14 35.23
N ALA D 658 -25.33 32.36 35.34
CA ALA D 658 -25.92 33.34 36.24
C ALA D 658 -27.33 33.71 35.81
N GLU D 659 -27.55 33.87 34.50
CA GLU D 659 -28.85 34.34 34.03
C GLU D 659 -29.94 33.31 34.32
N VAL D 660 -29.65 32.02 34.11
CA VAL D 660 -30.66 30.99 34.35
C VAL D 660 -31.00 30.93 35.83
N LEU D 661 -29.98 31.01 36.70
CA LEU D 661 -30.24 30.98 38.13
C LEU D 661 -31.02 32.20 38.57
N GLU D 662 -30.74 33.36 37.97
CA GLU D 662 -31.52 34.55 38.30
C GLU D 662 -32.97 34.40 37.86
N ALA D 663 -33.18 33.81 36.69
CA ALA D 663 -34.55 33.56 36.24
C ALA D 663 -35.26 32.60 37.19
N VAL D 664 -34.57 31.57 37.66
CA VAL D 664 -35.16 30.64 38.60
C VAL D 664 -35.50 31.36 39.90
N ARG D 665 -34.59 32.22 40.37
CA ARG D 665 -34.88 33.06 41.53
C ARG D 665 -36.16 33.84 41.33
N ALA D 666 -36.29 34.53 40.20
CA ALA D 666 -37.47 35.33 39.92
C ALA D 666 -38.70 34.48 39.61
N GLY D 667 -38.53 33.17 39.45
CA GLY D 667 -39.66 32.33 39.11
C GLY D 667 -40.05 32.38 37.65
N GLN D 668 -39.27 33.04 36.81
CA GLN D 668 -39.54 33.07 35.38
C GLN D 668 -39.24 31.71 34.77
N PHE D 669 -38.15 31.09 35.21
CA PHE D 669 -37.79 29.77 34.74
C PHE D 669 -38.03 28.74 35.83
N HIS D 670 -38.24 27.49 35.43
CA HIS D 670 -38.45 26.40 36.38
C HIS D 670 -37.60 25.21 36.00
N ILE D 671 -37.13 24.49 37.00
CA ILE D 671 -36.34 23.28 36.79
C ILE D 671 -37.00 22.16 37.57
N TYR D 672 -37.38 21.10 36.87
CA TYR D 672 -38.06 19.96 37.47
C TYR D 672 -37.14 18.77 37.43
N ALA D 673 -36.84 18.21 38.59
CA ALA D 673 -35.97 17.04 38.69
C ALA D 673 -36.84 15.81 38.91
N VAL D 674 -36.69 14.82 38.05
CA VAL D 674 -37.54 13.63 38.07
C VAL D 674 -36.66 12.40 38.22
N GLU D 675 -37.26 11.34 38.74
CA GLU D 675 -36.59 10.06 38.86
C GLU D 675 -37.13 9.01 37.91
N THR D 676 -38.42 9.02 37.63
CA THR D 676 -39.04 8.02 36.78
C THR D 676 -39.83 8.73 35.68
N ALA D 677 -39.98 8.04 34.55
CA ALA D 677 -40.71 8.62 33.43
C ALA D 677 -42.14 8.95 33.81
N GLU D 678 -42.71 8.24 34.78
CA GLU D 678 -44.05 8.56 35.24
C GLU D 678 -44.11 9.96 35.84
N GLN D 679 -43.09 10.33 36.60
CA GLN D 679 -43.06 11.69 37.16
C GLN D 679 -43.00 12.74 36.06
N ALA D 680 -42.17 12.50 35.05
CA ALA D 680 -42.08 13.45 33.95
C ALA D 680 -43.40 13.56 33.22
N LEU D 681 -44.07 12.43 32.99
CA LEU D 681 -45.35 12.48 32.30
C LEU D 681 -46.40 13.21 33.15
N GLU D 682 -46.38 13.00 34.45
CA GLU D 682 -47.31 13.72 35.32
C GLU D 682 -47.06 15.21 35.26
N ILE D 683 -45.81 15.62 35.28
CA ILE D 683 -45.49 17.05 35.22
C ILE D 683 -45.92 17.64 33.90
N LEU D 684 -45.63 16.95 32.80
CA LEU D 684 -45.97 17.48 31.48
C LEU D 684 -47.47 17.55 31.27
N ALA D 685 -48.17 16.45 31.53
CA ALA D 685 -49.60 16.41 31.31
C ALA D 685 -50.39 17.09 32.41
N GLY D 686 -49.73 17.49 33.49
CA GLY D 686 -50.42 18.20 34.57
C GLY D 686 -51.50 17.39 35.25
N ALA D 687 -51.28 16.10 35.42
CA ALA D 687 -52.27 15.24 36.06
C ALA D 687 -51.55 14.06 36.69
N ARG D 688 -52.21 13.43 37.66
CA ARG D 688 -51.64 12.27 38.32
C ARG D 688 -52.00 11.01 37.54
N MET D 689 -51.14 9.99 37.68
CA MET D 689 -51.41 8.72 37.02
C MET D 689 -52.63 8.04 37.61
N GLU D 690 -52.82 8.14 38.92
CA GLU D 690 -53.92 7.47 39.62
C GLU D 690 -55.14 8.39 39.71
N GLY D 691 -56.21 7.84 40.28
CA GLY D 691 -57.43 8.58 40.49
C GLY D 691 -58.31 8.64 39.26
N PHE D 692 -59.43 9.32 39.40
CA PHE D 692 -60.34 9.49 38.28
C PHE D 692 -59.69 10.32 37.19
N ARG D 693 -59.85 9.87 35.95
CA ARG D 693 -59.23 10.49 34.78
C ARG D 693 -57.72 10.63 34.96
N GLY D 694 -57.13 9.59 35.55
CA GLY D 694 -55.69 9.53 35.65
C GLY D 694 -55.05 9.31 34.29
N LEU D 695 -53.78 9.66 34.19
CA LEU D 695 -53.09 9.54 32.91
C LEU D 695 -53.02 8.08 32.47
N GLN D 696 -52.75 7.17 33.40
CA GLN D 696 -52.63 5.77 33.05
C GLN D 696 -53.93 5.26 32.45
N GLU D 697 -55.06 5.69 33.01
CA GLU D 697 -56.35 5.30 32.45
C GLU D 697 -56.53 5.82 31.03
N LYS D 698 -56.09 7.05 30.77
CA LYS D 698 -56.19 7.59 29.41
C LYS D 698 -55.32 6.80 28.44
N ILE D 699 -54.11 6.43 28.87
CA ILE D 699 -53.24 5.63 28.02
C ILE D 699 -53.88 4.27 27.73
N ARG D 700 -54.46 3.65 28.76
CA ARG D 700 -55.12 2.36 28.56
C ARG D 700 -56.32 2.50 27.64
N ALA D 701 -57.04 3.62 27.73
CA ALA D 701 -58.17 3.83 26.82
C ALA D 701 -57.70 3.94 25.39
N GLY D 702 -56.62 4.69 25.15
CA GLY D 702 -56.09 4.77 23.80
C GLY D 702 -55.61 3.43 23.28
N LEU D 703 -54.95 2.67 24.15
CA LEU D 703 -54.51 1.33 23.76
C LEU D 703 -55.70 0.44 23.41
N GLU D 704 -56.78 0.54 24.18
CA GLU D 704 -57.96 -0.26 23.88
C GLU D 704 -58.60 0.16 22.57
N ALA D 705 -58.57 1.46 22.25
CA ALA D 705 -59.07 1.90 20.96
C ALA D 705 -58.25 1.30 19.82
N PHE D 706 -56.93 1.34 19.94
CA PHE D 706 -56.10 0.72 18.91
C PHE D 706 -56.34 -0.78 18.83
N ALA D 707 -56.56 -1.41 19.99
CA ALA D 707 -56.84 -2.84 20.02
C ALA D 707 -58.15 -3.17 19.31
N ARG D 708 -59.17 -2.34 19.48
CA ARG D 708 -60.43 -2.64 18.81
C ARG D 708 -60.33 -2.35 17.32
N LEU D 709 -59.48 -1.41 16.91
CA LEU D 709 -59.25 -1.24 15.48
C LEU D 709 -58.55 -2.45 14.87
N GLU D 710 -57.53 -2.98 15.55
CA GLU D 710 -56.89 -4.18 15.02
C GLU D 710 -57.84 -5.37 15.10
N GLU D 711 -58.77 -5.37 16.06
CA GLU D 711 -59.84 -6.36 16.08
C GLU D 711 -60.73 -6.24 14.86
N GLY D 712 -61.02 -5.01 14.45
CA GLY D 712 -61.79 -4.80 13.23
C GLY D 712 -61.10 -5.41 12.03
N HIS D 713 -59.79 -5.19 11.90
CA HIS D 713 -59.07 -5.83 10.80
C HIS D 713 -59.01 -7.35 10.96
N ASP D 714 -58.89 -7.86 12.18
CA ASP D 714 -58.88 -9.31 12.35
C ASP D 714 -60.18 -9.93 11.88
N LYS D 715 -61.32 -9.33 12.27
CA LYS D 715 -62.61 -9.85 11.85
C LYS D 715 -62.88 -9.62 10.36
N GLU D 716 -62.27 -8.58 9.77
CA GLU D 716 -62.39 -8.39 8.33
C GLU D 716 -61.60 -9.44 7.57
N ASP D 717 -60.40 -9.77 8.05
CA ASP D 717 -59.58 -10.78 7.39
C ASP D 717 -60.18 -12.18 7.55
N ARG D 718 -60.73 -12.47 8.73
CA ARG D 718 -61.28 -13.79 8.98
C ARG D 718 -62.50 -14.06 8.11
N GLU D 719 -63.37 -13.07 7.96
CA GLU D 719 -64.58 -13.23 7.16
C GLU D 719 -64.38 -12.78 5.72
N MET E 1 -53.57 30.26 3.19
CA MET E 1 -53.85 31.68 3.04
C MET E 1 -52.93 32.32 2.00
N ARG E 2 -53.46 33.30 1.27
CA ARG E 2 -52.72 33.95 0.20
C ARG E 2 -52.03 35.19 0.74
N LEU E 3 -50.72 35.28 0.54
CA LEU E 3 -49.98 36.44 0.98
C LEU E 3 -50.29 37.64 0.10
N SER E 4 -50.64 38.75 0.73
CA SER E 4 -50.81 39.99 0.00
C SER E 4 -49.45 40.53 -0.44
N TYR E 5 -49.47 41.37 -1.47
CA TYR E 5 -48.22 41.96 -1.94
C TYR E 5 -47.57 42.80 -0.84
N GLU E 6 -48.39 43.51 -0.07
CA GLU E 6 -47.86 44.42 0.95
C GLU E 6 -47.05 43.66 1.99
N ALA E 7 -47.54 42.51 2.45
CA ALA E 7 -46.78 41.68 3.35
C ALA E 7 -45.67 40.93 2.66
N LEU E 8 -45.67 40.90 1.33
CA LEU E 8 -44.64 40.21 0.56
C LEU E 8 -43.59 41.15 0.00
N GLU E 9 -43.90 42.43 -0.13
CA GLU E 9 -42.94 43.41 -0.59
C GLU E 9 -41.81 43.56 0.43
N TRP E 10 -40.58 43.54 -0.06
CA TRP E 10 -39.41 43.58 0.80
C TRP E 10 -38.36 44.59 0.38
N ARG E 11 -38.32 45.01 -0.88
CA ARG E 11 -37.33 45.97 -1.32
C ARG E 11 -37.56 47.33 -0.67
N THR E 12 -36.48 47.94 -0.22
CA THR E 12 -36.67 49.24 0.41
C THR E 12 -36.96 50.30 -0.64
N PRO E 13 -37.77 51.30 -0.30
CA PRO E 13 -38.20 52.29 -1.29
C PRO E 13 -37.02 53.08 -1.86
N ILE E 14 -37.15 53.42 -3.14
CA ILE E 14 -36.19 54.28 -3.83
C ILE E 14 -36.91 55.54 -4.26
N GLU E 15 -36.36 56.70 -3.88
CA GLU E 15 -36.99 57.96 -4.22
C GLU E 15 -36.01 58.91 -4.89
N ASN E 16 -34.73 58.51 -4.93
CA ASN E 16 -33.71 59.33 -5.57
C ASN E 16 -32.53 58.49 -6.02
N SER E 17 -32.43 58.24 -7.31
CA SER E 17 -31.30 57.52 -7.89
C SER E 17 -30.38 58.44 -8.68
N THR E 18 -30.59 59.76 -8.57
CA THR E 18 -29.73 60.74 -9.22
C THR E 18 -28.78 61.43 -8.25
N GLU E 19 -29.09 61.45 -6.97
CA GLU E 19 -28.23 62.12 -6.00
C GLU E 19 -27.00 61.27 -5.73
N PRO E 20 -25.80 61.78 -5.99
CA PRO E 20 -24.60 61.01 -5.65
C PRO E 20 -24.33 61.04 -4.16
N VAL E 21 -24.21 59.86 -3.55
CA VAL E 21 -24.08 59.78 -2.10
C VAL E 21 -22.62 59.84 -1.69
N SER E 22 -22.36 60.56 -0.61
CA SER E 22 -21.06 60.60 0.04
C SER E 22 -21.23 60.16 1.48
N LEU E 23 -20.53 59.09 1.86
CA LEU E 23 -20.68 58.53 3.19
C LEU E 23 -19.28 58.28 3.75
N PRO E 24 -19.07 58.50 5.05
CA PRO E 24 -17.79 58.16 5.65
C PRO E 24 -17.52 56.67 5.56
N PRO E 25 -16.28 56.27 5.34
CA PRO E 25 -15.98 54.84 5.30
C PRO E 25 -16.34 54.17 6.61
N PRO E 26 -16.80 52.93 6.57
CA PRO E 26 -17.21 52.25 7.79
C PRO E 26 -16.00 51.71 8.53
N PRO E 27 -16.12 51.52 9.84
CA PRO E 27 -15.03 50.87 10.57
C PRO E 27 -14.87 49.44 10.10
N PRO E 28 -13.65 48.91 10.16
CA PRO E 28 -13.43 47.54 9.69
C PRO E 28 -14.30 46.56 10.48
N PHE E 29 -14.70 45.48 9.80
CA PHE E 29 -15.59 44.48 10.37
C PHE E 29 -16.94 45.08 10.76
N PHE E 30 -17.46 45.97 9.91
CA PHE E 30 -18.77 46.54 10.19
C PHE E 30 -19.81 45.43 10.14
N GLY E 31 -20.68 45.39 11.13
CA GLY E 31 -21.60 44.28 11.27
C GLY E 31 -20.97 42.98 11.69
N GLN E 32 -19.67 42.98 12.00
CA GLN E 32 -18.97 41.79 12.43
C GLN E 32 -18.43 41.99 13.84
N GLU E 33 -19.28 42.49 14.73
CA GLU E 33 -18.84 42.83 16.08
C GLU E 33 -18.19 41.65 16.79
N ARG E 34 -18.65 40.44 16.53
CA ARG E 34 -18.05 39.27 17.16
C ARG E 34 -16.60 39.12 16.74
N ALA E 35 -16.34 39.13 15.43
CA ALA E 35 -14.98 39.00 14.94
C ALA E 35 -14.14 40.18 15.37
N ARG E 36 -14.70 41.39 15.33
CA ARG E 36 -13.94 42.55 15.71
C ARG E 36 -13.52 42.49 17.18
N GLU E 37 -14.44 42.11 18.06
CA GLU E 37 -14.10 42.05 19.48
C GLU E 37 -13.13 40.91 19.77
N ALA E 38 -13.30 39.77 19.11
CA ALA E 38 -12.34 38.69 19.27
C ALA E 38 -10.96 39.15 18.84
N LEU E 39 -10.87 39.85 17.72
CA LEU E 39 -9.59 40.32 17.23
C LEU E 39 -9.00 41.39 18.13
N GLU E 40 -9.84 42.25 18.70
CA GLU E 40 -9.34 43.23 19.65
C GLU E 40 -8.76 42.56 20.87
N LEU E 41 -9.44 41.54 21.39
CA LEU E 41 -8.91 40.81 22.54
C LEU E 41 -7.60 40.14 22.19
N ALA E 42 -7.52 39.53 21.01
CA ALA E 42 -6.28 38.89 20.59
C ALA E 42 -5.14 39.89 20.45
N ILE E 43 -5.41 41.07 19.90
CA ILE E 43 -4.37 42.06 19.72
C ILE E 43 -3.91 42.62 21.05
N ARG E 44 -4.85 42.97 21.94
CA ARG E 44 -4.45 43.50 23.24
C ARG E 44 -3.71 42.44 24.05
N GLY E 45 -4.16 41.20 24.00
CA GLY E 45 -3.50 40.15 24.74
C GLY E 45 -2.31 39.52 24.06
N GLY E 46 -2.09 39.82 22.79
CA GLY E 46 -1.00 39.18 22.08
C GLY E 46 -1.20 37.70 21.87
N PHE E 47 -2.45 37.25 21.86
CA PHE E 47 -2.75 35.85 21.61
C PHE E 47 -2.75 35.59 20.12
N HIS E 48 -2.40 34.36 19.75
CA HIS E 48 -2.58 33.94 18.38
C HIS E 48 -4.06 33.67 18.15
N ALA E 49 -4.65 34.36 17.18
CA ALA E 49 -6.05 34.20 16.87
C ALA E 49 -6.20 33.38 15.60
N TYR E 50 -7.44 33.17 15.19
CA TYR E 50 -7.71 32.61 13.87
C TYR E 50 -9.07 33.08 13.41
N LEU E 51 -9.10 33.72 12.24
CA LEU E 51 -10.34 34.21 11.67
C LEU E 51 -11.05 33.09 10.93
N VAL E 52 -12.32 32.88 11.24
CA VAL E 52 -13.12 31.83 10.63
C VAL E 52 -14.30 32.52 9.95
N GLY E 53 -14.55 32.15 8.69
CA GLY E 53 -15.73 32.71 8.01
C GLY E 53 -15.94 32.09 6.65
N PRO E 54 -17.14 32.23 6.06
CA PRO E 54 -17.41 31.72 4.72
C PRO E 54 -16.52 32.48 3.73
N PRO E 55 -16.09 31.85 2.61
CA PRO E 55 -15.18 32.51 1.67
C PRO E 55 -15.85 33.70 0.97
N SER E 56 -15.04 34.65 0.49
CA SER E 56 -15.56 35.86 -0.21
C SER E 56 -16.19 36.85 0.77
N LEU E 57 -15.88 36.73 2.06
CA LEU E 57 -16.38 37.70 3.06
C LEU E 57 -15.37 38.84 3.18
N GLY E 58 -14.29 38.77 2.40
CA GLY E 58 -13.22 39.79 2.48
C GLY E 58 -12.58 39.79 3.86
N LYS E 59 -12.44 38.61 4.46
CA LYS E 59 -11.84 38.51 5.81
C LYS E 59 -10.40 39.03 5.75
N HIS E 60 -9.63 38.59 4.76
CA HIS E 60 -8.22 39.02 4.63
C HIS E 60 -8.17 40.53 4.39
N GLU E 61 -9.04 41.03 3.52
CA GLU E 61 -8.99 42.46 3.14
C GLU E 61 -9.26 43.35 4.36
N ALA E 62 -10.21 42.98 5.21
CA ALA E 62 -10.55 43.89 6.34
C ALA E 62 -9.58 43.61 7.47
N LEU E 63 -9.05 42.39 7.57
CA LEU E 63 -8.06 42.15 8.61
C LEU E 63 -6.82 43.02 8.41
N LEU E 64 -6.31 43.09 7.18
CA LEU E 64 -5.14 43.91 6.92
C LEU E 64 -5.44 45.37 7.14
N ALA E 65 -6.62 45.82 6.72
CA ALA E 65 -7.02 47.21 6.95
C ALA E 65 -7.11 47.50 8.44
N TYR E 66 -7.59 46.54 9.23
CA TYR E 66 -7.68 46.76 10.66
C TYR E 66 -6.31 46.82 11.31
N LEU E 67 -5.43 45.89 10.96
CA LEU E 67 -4.09 45.88 11.54
C LEU E 67 -3.25 47.07 11.11
N SER E 68 -3.45 47.59 9.90
CA SER E 68 -2.71 48.76 9.47
C SER E 68 -3.00 49.97 10.36
N THR E 69 -4.21 50.07 10.88
CA THR E 69 -4.56 51.13 11.81
C THR E 69 -4.13 50.85 13.23
N GLN E 70 -3.69 49.62 13.51
CA GLN E 70 -3.22 49.28 14.85
C GLN E 70 -1.91 49.98 15.15
N SER E 71 -1.47 49.84 16.39
CA SER E 71 -0.18 50.36 16.81
C SER E 71 0.44 49.39 17.81
N VAL E 72 1.77 49.34 17.81
CA VAL E 72 2.51 48.45 18.68
C VAL E 72 3.79 49.17 19.08
N GLU E 73 4.36 48.73 20.21
CA GLU E 73 5.69 49.21 20.58
C GLU E 73 6.66 48.88 19.47
N THR E 74 7.58 49.79 19.20
CA THR E 74 8.47 49.62 18.06
C THR E 74 9.29 48.35 18.22
N PRO E 75 9.26 47.45 17.24
CA PRO E 75 9.98 46.19 17.39
C PRO E 75 11.48 46.42 17.48
N PRO E 76 12.16 45.67 18.33
CA PRO E 76 13.63 45.72 18.31
C PRO E 76 14.16 45.14 17.00
N ASP E 77 15.31 45.65 16.58
CA ASP E 77 15.96 45.17 15.37
C ASP E 77 16.51 43.77 15.63
N LEU E 78 16.01 42.80 14.89
CA LEU E 78 16.50 41.43 14.97
C LEU E 78 17.33 41.16 13.73
N LEU E 79 18.52 40.61 13.91
CA LEU E 79 19.40 40.36 12.78
C LEU E 79 20.28 39.16 13.09
N TYR E 80 20.92 38.64 12.05
CA TYR E 80 21.86 37.55 12.16
C TYR E 80 23.28 38.12 12.12
N VAL E 81 24.13 37.67 13.03
CA VAL E 81 25.53 38.07 13.07
C VAL E 81 26.37 36.82 13.18
N PRO E 82 27.42 36.66 12.38
CA PRO E 82 28.26 35.47 12.47
C PRO E 82 29.30 35.62 13.57
N LEU E 83 29.19 34.77 14.59
CA LEU E 83 30.23 34.69 15.60
C LEU E 83 31.46 33.95 15.10
N SER E 84 31.30 33.11 14.09
CA SER E 84 32.40 32.41 13.44
C SER E 84 32.04 32.27 11.97
N GLU E 85 32.93 31.63 11.21
CA GLU E 85 32.64 31.41 9.80
C GLU E 85 31.43 30.51 9.63
N ARG E 86 31.22 29.58 10.56
CA ARG E 86 30.13 28.63 10.46
C ARG E 86 29.04 28.81 11.50
N LYS E 87 29.31 29.56 12.57
CA LYS E 87 28.35 29.72 13.65
C LYS E 87 27.73 31.11 13.57
N VAL E 88 26.41 31.17 13.44
CA VAL E 88 25.66 32.41 13.29
C VAL E 88 24.70 32.52 14.46
N ALA E 89 24.71 33.67 15.12
CA ALA E 89 23.83 33.93 16.25
C ALA E 89 22.83 35.01 15.91
N VAL E 90 21.83 35.14 16.77
CA VAL E 90 20.78 36.14 16.62
C VAL E 90 21.12 37.32 17.52
N LEU E 91 21.10 38.51 16.96
CA LEU E 91 21.41 39.73 17.69
C LEU E 91 20.14 40.57 17.76
N THR E 92 19.83 41.05 18.96
CA THR E 92 18.71 41.94 19.20
C THR E 92 19.26 43.31 19.57
N LEU E 93 18.81 44.33 18.87
CA LEU E 93 19.29 45.69 19.05
C LEU E 93 18.10 46.62 19.23
N PRO E 94 18.31 47.78 19.84
CA PRO E 94 17.25 48.80 19.84
C PRO E 94 16.92 49.19 18.41
N SER E 95 15.65 49.55 18.19
CA SER E 95 15.18 49.81 16.84
C SER E 95 15.99 50.91 16.18
N GLY E 96 16.37 50.68 14.93
CA GLY E 96 17.16 51.62 14.17
C GLY E 96 18.66 51.49 14.35
N GLN E 97 19.12 50.63 15.24
CA GLN E 97 20.54 50.44 15.44
C GLN E 97 21.17 49.44 14.48
N GLU E 98 20.36 48.68 13.75
CA GLU E 98 20.94 47.67 12.87
C GLU E 98 21.63 48.28 11.66
N ILE E 99 21.14 49.42 11.18
CA ILE E 99 21.81 50.08 10.06
C ILE E 99 23.13 50.69 10.50
N HIS E 100 23.16 51.30 11.69
CA HIS E 100 24.41 51.83 12.22
C HIS E 100 25.42 50.72 12.45
N LEU E 101 24.96 49.58 12.96
CA LEU E 101 25.87 48.45 13.12
C LEU E 101 26.36 47.95 11.78
N ALA E 102 25.50 47.97 10.76
CA ALA E 102 25.92 47.53 9.44
C ALA E 102 27.03 48.43 8.90
N GLU E 103 26.87 49.74 9.04
CA GLU E 103 27.90 50.65 8.52
C GLU E 103 29.17 50.55 9.35
N ALA E 104 29.05 50.34 10.67
CA ALA E 104 30.24 50.17 11.50
C ALA E 104 30.98 48.90 11.12
N VAL E 105 30.25 47.84 10.82
CA VAL E 105 30.88 46.61 10.37
C VAL E 105 31.55 46.81 9.03
N GLU E 106 30.93 47.59 8.14
CA GLU E 106 31.59 47.89 6.88
C GLU E 106 32.91 48.63 7.10
N GLY E 107 32.92 49.59 8.02
CA GLY E 107 34.16 50.27 8.34
C GLY E 107 35.21 49.33 8.92
N LEU E 108 34.79 48.44 9.82
CA LEU E 108 35.74 47.48 10.38
C LEU E 108 36.26 46.54 9.30
N LEU E 109 35.40 46.16 8.35
CA LEU E 109 35.85 45.33 7.25
C LEU E 109 36.90 46.06 6.42
N LEU E 110 36.70 47.36 6.19
CA LEU E 110 37.72 48.15 5.53
C LEU E 110 38.99 48.30 6.35
N GLU E 111 38.91 48.15 7.68
CA GLU E 111 40.09 48.29 8.53
C GLU E 111 41.18 47.27 8.22
N VAL E 112 40.95 46.31 7.33
CA VAL E 112 42.03 45.42 6.91
C VAL E 112 43.14 46.21 6.23
N ASN E 113 42.77 47.23 5.44
CA ASN E 113 43.77 48.07 4.82
C ASN E 113 44.51 48.90 5.86
N ARG E 114 43.81 49.32 6.91
CA ARG E 114 44.48 50.03 8.00
C ARG E 114 45.50 49.14 8.69
N LEU E 115 45.14 47.86 8.89
CA LEU E 115 46.10 46.92 9.46
C LEU E 115 47.30 46.74 8.54
N ASP E 116 47.06 46.62 7.24
CA ASP E 116 48.16 46.50 6.29
C ASP E 116 49.08 47.72 6.35
N GLU E 117 48.47 48.91 6.44
CA GLU E 117 49.26 50.14 6.55
C GLU E 117 50.05 50.17 7.85
N LEU E 118 49.43 49.73 8.95
CA LEU E 118 50.14 49.66 10.22
C LEU E 118 51.34 48.74 10.13
N PHE E 119 51.20 47.66 9.36
CA PHE E 119 52.34 46.76 9.18
C PHE E 119 53.47 47.39 8.37
N ARG E 120 53.24 48.53 7.73
CA ARG E 120 54.30 49.28 7.08
C ARG E 120 54.84 50.42 7.95
N GLN E 121 54.34 50.57 9.18
CA GLN E 121 54.74 51.69 10.00
C GLN E 121 56.06 51.41 10.71
N GLY E 122 56.69 52.48 11.17
CA GLY E 122 58.03 52.41 11.72
C GLY E 122 58.18 51.60 12.98
N SER E 123 57.31 51.80 13.97
CA SER E 123 57.49 51.16 15.27
C SER E 123 57.36 49.65 15.17
N PHE E 124 56.34 49.17 14.44
CA PHE E 124 56.15 47.74 14.28
C PHE E 124 57.34 47.10 13.56
N LEU E 125 57.86 47.78 12.53
CA LEU E 125 59.02 47.29 11.81
C LEU E 125 60.26 47.27 12.69
N ARG E 126 60.45 48.28 13.53
CA ARG E 126 61.57 48.28 14.46
C ARG E 126 61.46 47.09 15.42
N GLU E 127 60.26 46.85 15.94
CA GLU E 127 60.08 45.73 16.86
C GLU E 127 60.38 44.40 16.19
N LYS E 128 59.86 44.20 14.97
CA LYS E 128 60.08 42.93 14.30
C LYS E 128 61.54 42.76 13.90
N THR E 129 62.21 43.85 13.52
CA THR E 129 63.63 43.74 13.20
C THR E 129 64.46 43.46 14.44
N GLN E 130 64.09 44.03 15.58
CA GLN E 130 64.79 43.70 16.82
C GLN E 130 64.62 42.22 17.16
N LEU E 131 63.40 41.69 17.00
CA LEU E 131 63.18 40.27 17.24
C LEU E 131 63.99 39.41 16.29
N GLU E 132 63.99 39.77 15.01
CA GLU E 132 64.76 39.02 14.02
C GLU E 132 66.24 39.08 14.33
N ALA E 133 66.72 40.24 14.76
CA ALA E 133 68.12 40.38 15.12
C ALA E 133 68.47 39.51 16.32
N ARG E 134 67.58 39.43 17.30
CA ARG E 134 67.84 38.58 18.45
C ARG E 134 67.92 37.11 18.05
N PHE E 135 66.97 36.65 17.22
CA PHE E 135 67.01 35.26 16.76
C PHE E 135 68.24 35.00 15.91
N LYS E 136 68.60 35.94 15.04
CA LYS E 136 69.79 35.78 14.22
C LYS E 136 71.04 35.77 15.07
N GLU E 137 71.07 36.56 16.14
CA GLU E 137 72.20 36.56 17.05
C GLU E 137 72.34 35.22 17.76
N ALA E 138 71.22 34.65 18.20
CA ALA E 138 71.27 33.33 18.82
C ALA E 138 71.76 32.28 17.82
N ARG E 139 71.26 32.35 16.59
CA ARG E 139 71.69 31.41 15.56
C ARG E 139 73.18 31.56 15.27
N GLU E 140 73.66 32.80 15.21
CA GLU E 140 75.08 33.04 14.96
C GLU E 140 75.93 32.56 16.12
N GLN E 141 75.44 32.70 17.35
CA GLN E 141 76.15 32.15 18.49
C GLN E 141 76.25 30.63 18.38
N GLN E 142 75.16 29.97 18.00
CA GLN E 142 75.21 28.53 17.81
C GLN E 142 76.18 28.15 16.70
N LEU E 143 76.16 28.90 15.60
CA LEU E 143 77.08 28.64 14.49
C LEU E 143 78.53 28.81 14.92
N GLU E 144 78.80 29.87 15.70
CA GLU E 144 80.15 30.09 16.20
C GLU E 144 80.60 28.96 17.11
N ALA E 145 79.71 28.49 17.99
CA ALA E 145 80.07 27.36 18.85
C ALA E 145 80.36 26.12 18.03
N LEU E 146 79.54 25.85 17.02
CA LEU E 146 79.76 24.68 16.16
C LEU E 146 81.08 24.80 15.41
N ARG E 147 81.37 25.99 14.85
CA ARG E 147 82.63 26.18 14.14
C ARG E 147 83.82 26.01 15.06
N ARG E 148 83.74 26.57 16.27
CA ARG E 148 84.82 26.41 17.23
C ARG E 148 85.04 24.94 17.56
N GLU E 149 83.96 24.21 17.85
CA GLU E 149 84.09 22.80 18.18
C GLU E 149 84.69 22.02 17.03
N ALA E 150 84.30 22.33 15.79
CA ALA E 150 84.95 21.72 14.64
C ALA E 150 86.42 22.08 14.58
N GLN E 151 86.78 23.29 15.04
CA GLN E 151 88.18 23.70 15.05
C GLN E 151 89.01 22.90 16.03
N GLU E 152 88.56 22.73 17.28
CA GLU E 152 89.29 21.82 18.17
C GLU E 152 89.21 20.39 17.66
N ALA E 153 88.18 20.07 16.88
CA ALA E 153 88.08 18.77 16.25
C ALA E 153 88.83 18.69 14.93
N GLY E 154 89.43 19.79 14.49
CA GLY E 154 90.15 19.79 13.23
C GLY E 154 89.23 19.64 12.04
N PHE E 155 88.25 20.53 11.93
CA PHE E 155 87.29 20.48 10.84
C PHE E 155 86.89 21.89 10.47
N ALA E 156 86.58 22.07 9.18
CA ALA E 156 86.10 23.35 8.65
C ALA E 156 84.60 23.27 8.45
N LEU E 157 83.89 24.24 9.00
CA LEU E 157 82.43 24.29 8.94
C LEU E 157 82.02 25.02 7.67
N SER E 158 81.61 24.26 6.67
CA SER E 158 81.09 24.81 5.43
C SER E 158 79.58 24.95 5.56
N THR E 159 79.08 26.18 5.54
CA THR E 159 77.67 26.47 5.67
C THR E 159 77.01 26.64 4.31
N ASN E 160 77.65 26.20 3.24
CA ASN E 160 77.13 26.39 1.89
C ASN E 160 75.79 25.70 1.72
N GLY E 161 74.86 26.38 1.06
CA GLY E 161 73.52 25.84 0.88
C GLY E 161 72.74 25.83 2.16
N GLU E 162 71.60 25.14 2.18
CA GLU E 162 70.81 25.02 3.39
C GLU E 162 71.47 24.11 4.42
N ARG E 163 72.13 23.06 3.98
CA ARG E 163 72.76 22.09 4.86
C ARG E 163 74.09 22.63 5.37
N LEU E 164 74.55 22.04 6.46
CA LEU E 164 75.84 22.35 7.06
C LEU E 164 76.73 21.13 6.99
N GLU E 165 77.99 21.34 6.61
CA GLU E 165 78.91 20.23 6.40
C GLU E 165 80.22 20.51 7.12
N LEU E 166 80.94 19.44 7.43
CA LEU E 166 82.27 19.53 8.03
C LEU E 166 83.28 18.89 7.08
N THR E 167 84.31 19.65 6.73
CA THR E 167 85.35 19.18 5.82
C THR E 167 86.67 19.20 6.56
N GLY E 168 87.31 18.04 6.69
CA GLY E 168 88.56 17.94 7.38
C GLY E 168 89.13 16.53 7.38
N PRO E 169 90.23 16.34 8.11
CA PRO E 169 90.90 15.04 8.13
C PRO E 169 90.02 13.90 8.63
N GLY E 170 89.75 12.93 7.75
CA GLY E 170 89.06 11.73 8.14
C GLY E 170 87.59 11.94 8.44
N PRO E 171 86.91 10.87 8.86
CA PRO E 171 85.50 11.00 9.21
C PRO E 171 85.30 11.90 10.42
N VAL E 172 84.15 12.56 10.44
CA VAL E 172 83.79 13.42 11.57
C VAL E 172 83.53 12.54 12.78
N PRO E 173 83.89 12.98 13.98
CA PRO E 173 83.57 12.19 15.17
C PRO E 173 82.07 12.12 15.40
N ALA E 174 81.66 11.14 16.21
CA ALA E 174 80.24 10.92 16.44
C ALA E 174 79.58 12.15 17.05
N GLU E 175 80.17 12.71 18.11
CA GLU E 175 79.54 13.84 18.77
C GLU E 175 79.71 15.13 17.97
N LEU E 176 80.73 15.21 17.11
CA LEU E 176 80.77 16.32 16.16
C LEU E 176 79.59 16.29 15.22
N SER E 177 79.27 15.12 14.66
CA SER E 177 78.12 15.01 13.78
C SER E 177 76.83 15.25 14.54
N ALA E 178 76.77 14.80 15.80
CA ALA E 178 75.61 15.09 16.63
C ALA E 178 75.42 16.58 16.81
N ARG E 179 76.51 17.31 17.09
CA ARG E 179 76.42 18.76 17.25
C ARG E 179 76.02 19.42 15.94
N LEU E 180 76.54 18.92 14.82
CA LEU E 180 76.18 19.47 13.51
C LEU E 180 74.68 19.33 13.27
N GLU E 181 74.14 18.14 13.52
CA GLU E 181 72.72 17.92 13.35
C GLU E 181 71.91 18.76 14.34
N GLU E 182 72.43 18.91 15.56
CA GLU E 182 71.74 19.74 16.55
C GLU E 182 71.65 21.18 16.07
N VAL E 183 72.74 21.71 15.52
CA VAL E 183 72.72 23.09 15.03
C VAL E 183 71.77 23.22 13.84
N THR E 184 71.76 22.23 12.95
CA THR E 184 70.84 22.29 11.81
C THR E 184 69.39 22.30 12.27
N LEU E 185 69.04 21.36 13.15
CA LEU E 185 67.67 21.28 13.64
C LEU E 185 67.31 22.52 14.44
N GLY E 186 68.26 23.04 15.21
CA GLY E 186 68.01 24.26 15.95
C GLY E 186 67.78 25.45 15.06
N SER E 187 68.50 25.52 13.94
CA SER E 187 68.26 26.59 12.98
C SER E 187 66.88 26.47 12.37
N LEU E 188 66.46 25.24 12.03
CA LEU E 188 65.11 25.05 11.51
C LEU E 188 64.06 25.46 12.54
N ALA E 189 64.25 25.02 13.79
CA ALA E 189 63.30 25.37 14.84
C ALA E 189 63.30 26.86 15.12
N ALA E 190 64.46 27.51 15.00
CA ALA E 190 64.53 28.95 15.19
C ALA E 190 63.83 29.69 14.08
N SER E 191 63.91 29.19 12.85
CA SER E 191 63.14 29.78 11.76
C SER E 191 61.65 29.66 12.04
N ALA E 192 61.21 28.48 12.47
CA ALA E 192 59.80 28.30 12.80
C ALA E 192 59.38 29.21 13.95
N GLU E 193 60.23 29.33 14.96
CA GLU E 193 59.93 30.18 16.10
C GLU E 193 59.89 31.64 15.70
N LEU E 194 60.77 32.05 14.81
CA LEU E 194 60.72 33.42 14.30
C LEU E 194 59.42 33.68 13.56
N GLU E 195 58.97 32.72 12.75
CA GLU E 195 57.71 32.87 12.06
C GLU E 195 56.55 33.02 13.04
N VAL E 196 56.48 32.12 14.02
CA VAL E 196 55.36 32.18 14.96
C VAL E 196 55.46 33.43 15.83
N ALA E 197 56.67 33.89 16.12
CA ALA E 197 56.83 35.06 16.98
C ALA E 197 56.47 36.34 16.24
N LEU E 198 56.83 36.44 14.95
CA LEU E 198 56.41 37.61 14.19
C LEU E 198 54.90 37.58 13.98
N ARG E 199 54.31 36.41 13.81
CA ARG E 199 52.86 36.34 13.74
C ARG E 199 52.22 36.78 15.05
N ARG E 200 52.80 36.36 16.17
CA ARG E 200 52.30 36.80 17.48
C ARG E 200 52.42 38.32 17.64
N LEU E 201 53.56 38.88 17.21
CA LEU E 201 53.74 40.32 17.30
C LEU E 201 52.73 41.05 16.43
N ARG E 202 52.49 40.55 15.21
CA ARG E 202 51.50 41.17 14.35
C ARG E 202 50.12 41.08 14.96
N ARG E 203 49.78 39.94 15.56
CA ARG E 203 48.48 39.80 16.20
C ARG E 203 48.34 40.77 17.36
N ASP E 204 49.38 40.92 18.17
CA ASP E 204 49.33 41.84 19.30
C ASP E 204 49.17 43.28 18.83
N TRP E 205 49.92 43.67 17.81
CA TRP E 205 49.80 45.02 17.28
C TRP E 205 48.42 45.25 16.68
N ALA E 206 47.87 44.24 16.01
CA ALA E 206 46.52 44.36 15.46
C ALA E 206 45.50 44.55 16.57
N LEU E 207 45.62 43.77 17.65
CA LEU E 207 44.70 43.93 18.77
C LEU E 207 44.83 45.31 19.39
N HIS E 208 46.05 45.79 19.57
CA HIS E 208 46.25 47.12 20.12
C HIS E 208 45.63 48.19 19.24
N TYR E 209 45.82 48.06 17.92
CA TYR E 209 45.25 49.04 17.00
C TYR E 209 43.73 48.95 16.98
N LEU E 210 43.19 47.74 17.09
CA LEU E 210 41.76 47.54 16.97
C LEU E 210 41.01 47.85 18.25
N ASN E 211 41.70 47.92 19.40
CA ASN E 211 41.00 48.29 20.61
C ASN E 211 40.30 49.63 20.46
N ASN E 212 41.08 50.71 20.29
CA ASN E 212 40.49 52.04 20.17
C ASN E 212 39.54 52.17 19.00
N ARG E 213 39.66 51.29 18.01
CA ARG E 213 38.66 51.19 16.95
C ARG E 213 37.38 50.52 17.40
N PHE E 214 37.44 49.69 18.45
CA PHE E 214 36.28 48.90 18.83
C PHE E 214 35.54 49.40 20.06
N GLU E 215 36.22 49.97 21.07
CA GLU E 215 35.46 50.39 22.25
C GLU E 215 34.34 51.37 21.92
N PRO E 216 34.51 52.36 21.03
CA PRO E 216 33.36 53.18 20.65
C PRO E 216 32.19 52.35 20.14
N LEU E 217 32.45 51.30 19.36
CA LEU E 217 31.36 50.45 18.93
C LEU E 217 30.86 49.56 20.06
N PHE E 218 31.74 49.20 21.00
CA PHE E 218 31.29 48.43 22.16
C PHE E 218 30.28 49.21 22.99
N GLN E 219 30.54 50.50 23.22
CA GLN E 219 29.55 51.31 23.91
C GLN E 219 28.36 51.63 23.02
N ARG E 220 28.58 51.78 21.71
CA ARG E 220 27.47 52.10 20.83
C ARG E 220 26.52 50.92 20.67
N PHE E 221 27.07 49.70 20.62
CA PHE E 221 26.28 48.48 20.44
C PHE E 221 26.65 47.47 21.53
N PRO E 222 26.26 47.74 22.78
CA PRO E 222 26.57 46.77 23.85
C PRO E 222 25.96 45.41 23.63
N GLN E 223 24.82 45.33 22.95
CA GLN E 223 24.20 44.04 22.68
C GLN E 223 25.08 43.17 21.79
N ALA E 224 25.74 43.76 20.80
CA ALA E 224 26.62 43.05 19.90
C ALA E 224 27.99 42.80 20.50
N ARG E 225 28.13 42.92 21.83
CA ARG E 225 29.43 42.85 22.46
C ARG E 225 30.20 41.61 22.04
N ALA E 226 29.52 40.46 21.99
CA ALA E 226 30.17 39.24 21.53
C ALA E 226 30.56 39.35 20.06
N TYR E 227 29.60 39.71 19.21
CA TYR E 227 29.82 39.66 17.77
C TYR E 227 31.03 40.49 17.38
N LEU E 228 31.05 41.76 17.77
CA LEU E 228 32.19 42.61 17.46
C LEU E 228 33.48 41.97 17.96
N GLU E 229 33.48 41.47 19.19
CA GLU E 229 34.66 40.79 19.70
C GLU E 229 35.09 39.69 18.74
N ALA E 230 34.15 38.83 18.35
CA ALA E 230 34.47 37.79 17.38
C ALA E 230 35.05 38.41 16.12
N LEU E 231 34.40 39.46 15.61
CA LEU E 231 34.91 40.16 14.44
C LEU E 231 36.34 40.64 14.70
N ARG E 232 36.55 41.25 15.87
CA ARG E 232 37.91 41.66 16.22
C ARG E 232 38.84 40.45 16.27
N ALA E 233 38.39 39.36 16.90
CA ALA E 233 39.19 38.15 16.92
C ALA E 233 39.47 37.64 15.51
N ARG E 234 38.59 37.92 14.56
CA ARG E 234 38.87 37.58 13.17
C ARG E 234 39.90 38.51 12.57
N LEU E 235 39.77 39.82 12.82
CA LEU E 235 40.69 40.76 12.18
C LEU E 235 42.12 40.52 12.62
N ALA E 236 42.34 40.33 13.92
CA ALA E 236 43.67 39.98 14.40
C ALA E 236 44.14 38.70 13.73
N ARG E 237 43.23 37.76 13.50
CA ARG E 237 43.58 36.55 12.78
C ARG E 237 44.08 36.88 11.37
N TYR E 238 43.40 37.81 10.70
CA TYR E 238 43.89 38.28 9.41
C TYR E 238 45.29 38.87 9.52
N ALA E 239 45.62 39.46 10.67
CA ALA E 239 46.96 39.97 10.86
C ALA E 239 47.95 38.84 11.10
N GLU E 240 47.49 37.74 11.70
CA GLU E 240 48.38 36.64 12.06
C GLU E 240 48.50 35.62 10.93
N THR E 241 47.38 35.02 10.54
CA THR E 241 47.43 34.04 9.46
C THR E 241 47.60 34.70 8.10
N GLY E 242 47.18 35.96 7.98
CA GLY E 242 47.26 36.64 6.70
C GLY E 242 46.24 36.15 5.69
N GLU E 243 45.31 35.30 6.11
CA GLU E 243 44.31 34.76 5.20
C GLU E 243 43.23 35.79 4.92
N PRO E 244 42.70 35.82 3.71
CA PRO E 244 41.73 36.85 3.34
C PRO E 244 40.44 36.75 4.15
N LEU E 245 39.84 37.92 4.36
CA LEU E 245 38.61 38.03 5.12
C LEU E 245 37.44 38.30 4.19
N ASP E 246 36.43 37.43 4.25
CA ASP E 246 35.32 37.59 3.33
C ASP E 246 34.35 38.64 3.84
N PRO E 247 34.04 39.66 3.03
CA PRO E 247 33.03 40.64 3.40
C PRO E 247 31.62 40.08 3.35
N ALA E 248 31.50 38.78 3.06
CA ALA E 248 30.20 38.13 3.06
C ALA E 248 30.05 37.07 4.14
N GLN E 249 31.14 36.58 4.72
CA GLN E 249 31.07 35.68 5.85
C GLN E 249 31.12 36.41 7.18
N TRP E 250 31.35 37.71 7.17
CA TRP E 250 31.48 38.47 8.40
C TRP E 250 30.69 39.77 8.28
N ARG E 251 29.53 39.69 7.67
CA ARG E 251 28.67 40.83 7.44
C ARG E 251 27.31 40.52 8.08
N PRO E 252 26.78 41.41 8.91
CA PRO E 252 25.50 41.12 9.55
C PRO E 252 24.38 41.06 8.53
N ASN E 253 23.65 39.94 8.55
CA ASN E 253 22.53 39.76 7.62
C ASN E 253 21.31 40.42 8.23
N LEU E 254 21.08 41.67 7.87
CA LEU E 254 19.93 42.42 8.35
C LEU E 254 18.69 41.83 7.68
N LEU E 255 18.00 40.94 8.41
CA LEU E 255 16.88 40.21 7.81
C LEU E 255 15.80 41.16 7.34
N THR E 256 15.44 42.14 8.16
CA THR E 256 14.40 43.08 7.78
C THR E 256 14.70 44.42 8.43
N SER E 257 14.35 45.49 7.73
CA SER E 257 14.62 46.84 8.17
C SER E 257 13.82 47.17 9.41
N SER E 258 14.28 48.19 10.12
CA SER E 258 13.60 48.64 11.34
C SER E 258 12.18 49.07 11.02
N SER E 259 11.27 48.80 11.95
CA SER E 259 9.89 49.21 11.81
C SER E 259 9.50 50.05 13.01
N SER E 260 8.79 51.14 12.75
CA SER E 260 8.38 52.04 13.82
C SER E 260 7.22 51.49 14.63
N GLY E 261 6.61 50.40 14.21
CA GLY E 261 5.43 49.90 14.89
C GLY E 261 4.15 50.59 14.49
N THR E 262 4.21 51.53 13.56
CA THR E 262 3.02 52.26 13.12
C THR E 262 3.15 52.55 11.63
N PRO E 263 2.55 51.72 10.77
CA PRO E 263 1.79 50.52 11.12
C PRO E 263 2.69 49.37 11.56
N PRO E 264 2.17 48.49 12.41
CA PRO E 264 2.96 47.35 12.84
C PRO E 264 3.32 46.46 11.67
N PRO E 265 4.43 45.74 11.76
CA PRO E 265 4.80 44.84 10.68
C PRO E 265 3.71 43.81 10.42
N ILE E 266 3.13 43.87 9.23
CA ILE E 266 2.05 42.97 8.83
C ILE E 266 2.57 42.13 7.68
N VAL E 267 2.58 40.81 7.85
CA VAL E 267 2.99 39.98 6.69
C VAL E 267 1.90 38.95 6.42
N TYR E 268 1.44 38.90 5.18
CA TYR E 268 0.42 37.88 4.80
C TYR E 268 1.08 36.93 3.81
N GLU E 269 1.15 35.65 4.16
CA GLU E 269 1.69 34.67 3.19
C GLU E 269 0.55 33.80 2.68
N PRO E 270 0.01 34.08 1.48
CA PRO E 270 -1.03 33.23 0.90
C PRO E 270 -0.44 31.84 0.63
N TYR E 271 0.81 31.80 0.17
CA TYR E 271 1.47 30.51 -0.19
C TYR E 271 2.47 30.18 0.92
N ALA E 272 2.11 29.29 1.84
CA ALA E 272 3.02 29.04 2.94
C ALA E 272 3.79 27.76 2.69
N THR E 273 5.11 27.90 2.57
CA THR E 273 6.01 26.75 2.50
C THR E 273 7.14 27.02 3.48
N ALA E 274 7.66 25.95 4.08
CA ALA E 274 8.63 26.11 5.16
C ALA E 274 9.76 27.07 4.83
N PRO E 275 10.37 27.03 3.64
CA PRO E 275 11.31 28.10 3.28
C PRO E 275 10.67 29.47 3.26
N ARG E 276 9.40 29.58 2.89
CA ARG E 276 8.77 30.90 2.88
C ARG E 276 8.40 31.36 4.28
N LEU E 277 8.07 30.45 5.18
CA LEU E 277 7.73 30.85 6.54
C LEU E 277 8.97 31.12 7.37
N PHE E 278 9.80 30.11 7.56
CA PHE E 278 10.95 30.22 8.45
C PHE E 278 12.16 30.85 7.78
N GLY E 279 12.10 31.11 6.49
CA GLY E 279 13.29 31.46 5.76
C GLY E 279 14.10 30.24 5.40
N ARG E 280 14.91 30.39 4.36
CA ARG E 280 15.71 29.27 3.88
C ARG E 280 17.16 29.71 3.84
N LEU E 281 18.05 28.72 3.96
CA LEU E 281 19.49 28.94 3.88
C LEU E 281 19.92 28.63 2.46
N ASP E 282 20.42 29.64 1.77
CA ASP E 282 20.81 29.49 0.37
C ASP E 282 22.25 29.00 0.28
N TYR E 283 22.58 28.40 -0.87
CA TYR E 283 23.89 27.82 -1.06
C TYR E 283 24.45 28.19 -2.43
N LEU E 284 25.73 27.87 -2.62
CA LEU E 284 26.46 28.15 -3.85
C LEU E 284 27.28 26.93 -4.23
N VAL E 285 27.59 26.85 -5.54
CA VAL E 285 28.33 25.75 -6.12
C VAL E 285 29.75 26.23 -6.40
N ASP E 286 30.73 25.45 -5.96
CA ASP E 286 32.13 25.63 -6.31
C ASP E 286 32.64 24.30 -6.83
N ARG E 287 32.60 24.13 -8.16
CA ARG E 287 33.01 22.89 -8.82
C ARG E 287 32.27 21.69 -8.23
N GLY E 288 30.97 21.87 -7.99
CA GLY E 288 30.17 20.83 -7.39
C GLY E 288 30.22 20.76 -5.89
N VAL E 289 30.88 21.70 -5.23
CA VAL E 289 30.95 21.74 -3.78
C VAL E 289 29.92 22.73 -3.26
N TRP E 290 29.09 22.28 -2.33
CA TRP E 290 28.04 23.13 -1.78
C TRP E 290 28.61 23.94 -0.62
N SER E 291 28.49 25.27 -0.70
CA SER E 291 29.02 26.11 0.36
C SER E 291 28.05 27.26 0.63
N THR E 292 28.13 27.81 1.84
CA THR E 292 27.22 28.86 2.24
C THR E 292 27.83 29.67 3.38
N ASN E 293 27.24 30.83 3.63
CA ASN E 293 27.68 31.70 4.72
C ASN E 293 26.47 32.46 5.25
N VAL E 294 26.76 33.43 6.13
CA VAL E 294 25.69 34.12 6.86
C VAL E 294 24.82 34.93 5.92
N SER E 295 25.41 35.54 4.89
CA SER E 295 24.69 36.45 4.02
C SER E 295 23.76 35.72 3.07
N LEU E 296 23.77 34.40 3.06
CA LEU E 296 22.88 33.62 2.22
C LEU E 296 21.57 33.27 2.89
N ILE E 297 21.35 33.73 4.12
CA ILE E 297 20.11 33.46 4.83
C ILE E 297 19.02 34.32 4.23
N ARG E 298 18.00 33.69 3.67
CA ARG E 298 16.92 34.44 3.06
C ARG E 298 15.78 34.62 4.05
N PRO E 299 15.43 35.86 4.39
CA PRO E 299 14.38 36.09 5.37
C PRO E 299 13.06 35.49 4.92
N GLY E 300 12.34 34.91 5.88
CA GLY E 300 11.05 34.32 5.64
C GLY E 300 9.92 35.13 6.25
N ALA E 301 8.76 34.49 6.32
CA ALA E 301 7.60 35.12 6.93
C ALA E 301 7.82 35.43 8.40
N VAL E 302 8.44 34.54 9.15
CA VAL E 302 8.71 34.80 10.56
C VAL E 302 9.61 36.02 10.75
N HIS E 303 10.61 36.17 9.88
CA HIS E 303 11.56 37.26 10.05
C HIS E 303 10.92 38.61 9.74
N ARG E 304 10.07 38.67 8.72
CA ARG E 304 9.42 39.92 8.37
C ARG E 304 8.29 40.28 9.33
N ALA E 305 7.75 39.31 10.06
CA ALA E 305 6.64 39.54 10.97
C ALA E 305 7.12 39.81 12.40
N GLN E 306 8.42 39.89 12.60
CA GLN E 306 8.99 40.09 13.92
C GLN E 306 8.41 41.36 14.53
N GLY E 307 7.80 41.25 15.70
CA GLY E 307 7.18 42.37 16.36
C GLY E 307 5.81 42.73 15.87
N GLY E 308 5.28 42.00 14.89
CA GLY E 308 3.98 42.33 14.33
C GLY E 308 3.06 41.13 14.20
N TYR E 309 2.34 41.05 13.08
CA TYR E 309 1.33 40.02 12.88
C TYR E 309 1.64 39.25 11.62
N LEU E 310 1.47 37.94 11.67
CA LEU E 310 1.64 37.06 10.51
C LEU E 310 0.28 36.47 10.18
N ILE E 311 -0.26 36.85 9.03
CA ILE E 311 -1.55 36.35 8.58
C ILE E 311 -1.29 35.20 7.61
N LEU E 312 -1.70 34.00 8.00
CA LEU E 312 -1.49 32.79 7.16
C LEU E 312 -2.84 32.19 6.81
N ASP E 313 -2.90 31.32 5.80
CA ASP E 313 -4.16 30.64 5.45
C ASP E 313 -4.06 29.19 5.92
N ALA E 314 -5.07 28.68 6.63
CA ALA E 314 -4.99 27.31 7.17
C ALA E 314 -4.89 26.32 6.01
N LEU E 315 -5.63 26.57 4.92
CA LEU E 315 -5.57 25.71 3.76
C LEU E 315 -4.12 25.51 3.30
N SER E 316 -3.33 26.58 3.32
CA SER E 316 -1.92 26.44 3.00
C SER E 316 -1.19 25.57 4.01
N LEU E 317 -1.43 25.79 5.31
CA LEU E 317 -0.68 25.03 6.31
C LEU E 317 -0.97 23.54 6.21
N LYS E 318 -2.22 23.17 5.96
CA LYS E 318 -2.52 21.76 5.81
C LYS E 318 -2.13 21.23 4.43
N ARG E 319 -2.16 22.07 3.40
CA ARG E 319 -1.94 21.60 2.04
C ARG E 319 -0.46 21.32 1.78
N GLU E 320 0.42 22.21 2.23
CA GLU E 320 1.85 21.98 2.12
C GLU E 320 2.43 21.23 3.31
N GLY E 321 1.58 20.73 4.21
CA GLY E 321 2.07 19.93 5.31
C GLY E 321 2.97 20.68 6.25
N THR E 322 3.01 22.00 6.14
CA THR E 322 3.83 22.83 7.02
C THR E 322 3.24 22.92 8.41
N TRP E 323 1.99 22.48 8.59
CA TRP E 323 1.28 22.73 9.83
C TRP E 323 2.00 22.15 11.03
N GLU E 324 2.54 20.94 10.90
CA GLU E 324 3.21 20.33 12.05
C GLU E 324 4.47 21.08 12.41
N ALA E 325 5.30 21.40 11.43
CA ALA E 325 6.52 22.15 11.71
C ALA E 325 6.21 23.53 12.26
N PHE E 326 5.16 24.16 11.73
CA PHE E 326 4.79 25.52 12.19
C PHE E 326 4.31 25.45 13.63
N LYS E 327 3.49 24.44 13.95
CA LYS E 327 2.94 24.32 15.32
C LYS E 327 4.12 24.10 16.28
N ARG E 328 5.07 23.28 15.88
CA ARG E 328 6.25 23.01 16.75
C ARG E 328 7.03 24.31 16.94
N ALA E 329 7.19 25.09 15.87
CA ALA E 329 7.98 26.34 15.95
C ALA E 329 7.29 27.32 16.91
N LEU E 330 5.96 27.45 16.82
CA LEU E 330 5.24 28.41 17.69
C LEU E 330 5.39 27.97 19.15
N ARG E 331 5.25 26.67 19.41
CA ARG E 331 5.37 26.15 20.79
C ARG E 331 6.82 26.35 21.27
N ASN E 332 7.80 26.10 20.40
CA ASN E 332 9.23 26.29 20.76
C ASN E 332 9.56 27.78 20.84
N GLY E 333 8.71 28.64 20.26
CA GLY E 333 9.00 30.08 20.23
C GLY E 333 10.29 30.39 19.49
N GLN E 334 10.95 29.37 18.92
CA GLN E 334 12.14 29.64 18.12
C GLN E 334 12.09 28.75 16.89
N VAL E 335 12.72 29.22 15.81
CA VAL E 335 12.77 28.43 14.59
C VAL E 335 14.04 28.78 13.85
N GLU E 336 14.63 27.77 13.22
CA GLU E 336 15.80 27.87 12.37
C GLU E 336 15.37 27.86 10.90
N PRO E 337 16.03 28.65 10.07
CA PRO E 337 15.73 28.61 8.62
C PRO E 337 16.02 27.23 8.06
N VAL E 338 15.19 26.83 7.09
CA VAL E 338 15.32 25.48 6.55
C VAL E 338 16.63 25.36 5.78
N THR E 339 17.25 24.18 5.88
CA THR E 339 18.50 23.88 5.21
C THR E 339 18.26 22.77 4.19
N GLU E 340 18.68 23.00 2.96
CA GLU E 340 18.52 21.98 1.92
C GLU E 340 19.40 20.78 2.24
N PRO E 341 18.97 19.58 1.85
CA PRO E 341 19.78 18.37 2.12
C PRO E 341 20.94 18.18 1.14
N GLN E 342 21.73 19.25 1.00
CA GLN E 342 22.90 19.21 0.13
C GLN E 342 24.08 19.85 0.86
N ALA E 343 23.83 20.36 2.06
CA ALA E 343 24.88 21.00 2.82
C ALA E 343 25.92 19.98 3.24
N PRO E 344 27.21 20.30 3.11
CA PRO E 344 28.24 19.38 3.59
C PRO E 344 28.22 19.29 5.10
N ALA E 345 28.16 20.44 5.77
CA ALA E 345 28.01 20.48 7.21
C ALA E 345 27.00 21.55 7.61
N GLY E 346 26.68 22.45 6.69
CA GLY E 346 25.74 23.52 6.97
C GLY E 346 26.25 24.53 7.96
N LEU E 347 25.43 25.53 8.29
CA LEU E 347 25.79 26.50 9.32
C LEU E 347 25.10 26.17 10.63
N GLU E 348 25.72 26.57 11.73
CA GLU E 348 25.11 26.43 13.05
C GLU E 348 24.28 27.69 13.34
N VAL E 349 23.16 27.78 12.64
CA VAL E 349 22.29 28.95 12.78
C VAL E 349 21.52 28.85 14.08
N GLU E 350 21.61 29.88 14.90
CA GLU E 350 20.80 29.93 16.11
C GLU E 350 19.33 30.11 15.73
N PRO E 351 18.42 29.38 16.37
CA PRO E 351 16.99 29.53 16.03
C PRO E 351 16.52 30.96 16.22
N PHE E 352 15.69 31.42 15.30
CA PHE E 352 15.25 32.80 15.33
C PHE E 352 14.11 32.97 16.32
N PRO E 353 14.20 33.93 17.24
CA PRO E 353 13.10 34.16 18.17
C PRO E 353 11.84 34.58 17.44
N ILE E 354 10.70 34.18 18.00
CA ILE E 354 9.39 34.55 17.45
C ILE E 354 8.77 35.57 18.37
N GLN E 355 8.59 36.79 17.86
CA GLN E 355 7.94 37.88 18.57
C GLN E 355 6.74 38.37 17.78
N MET E 356 5.99 37.43 17.23
CA MET E 356 4.94 37.70 16.28
C MET E 356 3.65 37.02 16.72
N GLN E 357 2.53 37.59 16.29
CA GLN E 357 1.21 37.01 16.53
C GLN E 357 0.70 36.42 15.23
N VAL E 358 0.47 35.12 15.23
CA VAL E 358 -0.01 34.43 14.04
C VAL E 358 -1.52 34.48 14.03
N ILE E 359 -2.09 34.91 12.90
CA ILE E 359 -3.54 35.02 12.74
C ILE E 359 -3.92 34.19 11.53
N LEU E 360 -4.30 32.94 11.76
CA LEU E 360 -4.76 32.10 10.67
C LEU E 360 -6.10 32.59 10.15
N VAL E 361 -6.32 32.41 8.85
CA VAL E 361 -7.57 32.76 8.21
C VAL E 361 -8.00 31.58 7.35
N GLY E 362 -9.28 31.24 7.41
CA GLY E 362 -9.78 30.18 6.57
C GLY E 362 -11.24 29.90 6.85
N THR E 363 -11.80 29.07 5.99
CA THR E 363 -13.19 28.66 6.11
C THR E 363 -13.35 27.74 7.32
N PRO E 364 -14.57 27.64 7.86
CA PRO E 364 -14.77 26.69 8.97
C PRO E 364 -14.39 25.28 8.62
N GLU E 365 -14.55 24.89 7.36
CA GLU E 365 -14.08 23.58 6.91
C GLU E 365 -12.56 23.48 6.95
N ALA E 366 -11.87 24.58 6.69
CA ALA E 366 -10.40 24.54 6.70
C ALA E 366 -9.87 24.23 8.09
N PHE E 367 -10.46 24.83 9.11
CA PHE E 367 -10.00 24.63 10.48
C PHE E 367 -10.50 23.33 11.09
N GLU E 368 -11.42 22.63 10.41
CA GLU E 368 -11.84 21.33 10.92
C GLU E 368 -10.67 20.36 10.98
N GLY E 369 -9.84 20.36 9.94
CA GLY E 369 -8.68 19.50 9.94
C GLY E 369 -7.56 19.95 10.84
N LEU E 370 -7.63 21.16 11.38
CA LEU E 370 -6.62 21.68 12.29
C LEU E 370 -7.07 21.75 13.74
N GLU E 371 -8.37 21.59 14.01
CA GLU E 371 -8.90 21.75 15.35
C GLU E 371 -8.89 20.45 16.15
N GLU E 372 -8.53 19.33 15.51
CA GLU E 372 -8.41 18.09 16.27
C GLU E 372 -7.22 18.14 17.23
N ASP E 373 -6.14 18.78 16.77
CA ASP E 373 -4.90 18.85 17.59
C ASP E 373 -5.18 19.49 18.94
N PRO E 374 -4.73 18.89 20.05
CA PRO E 374 -4.86 19.51 21.36
C PRO E 374 -4.01 20.79 21.34
N ALA E 375 -2.89 20.78 20.60
CA ALA E 375 -1.97 21.93 20.66
C ALA E 375 -2.51 23.08 19.81
N PHE E 376 -3.43 22.82 18.88
CA PHE E 376 -4.01 23.97 18.20
C PHE E 376 -4.85 24.80 19.16
N SER E 377 -5.67 24.13 19.98
CA SER E 377 -6.50 24.89 20.94
C SER E 377 -5.58 25.74 21.82
N GLU E 378 -4.53 25.14 22.38
CA GLU E 378 -3.66 25.89 23.33
C GLU E 378 -3.00 27.08 22.62
N LEU E 379 -2.56 26.89 21.37
CA LEU E 379 -1.83 27.99 20.67
C LEU E 379 -2.80 29.08 20.23
N PHE E 380 -3.90 28.72 19.58
CA PHE E 380 -4.82 29.72 19.06
C PHE E 380 -6.06 29.74 19.94
N ARG E 381 -6.06 30.62 20.93
CA ARG E 381 -7.16 30.69 21.87
C ARG E 381 -8.33 31.52 21.38
N ILE E 382 -8.10 32.44 20.47
CA ILE E 382 -9.13 33.38 20.05
C ILE E 382 -9.72 32.93 18.72
N ARG E 383 -11.03 32.81 18.67
CA ARG E 383 -11.76 32.42 17.48
C ARG E 383 -12.56 33.63 17.02
N ALA E 384 -12.15 34.25 15.93
CA ALA E 384 -12.84 35.41 15.38
C ALA E 384 -13.77 34.94 14.28
N GLU E 385 -14.93 34.45 14.69
CA GLU E 385 -15.94 33.97 13.75
C GLU E 385 -16.51 35.14 12.95
N PHE E 386 -16.70 34.92 11.66
CA PHE E 386 -17.30 35.91 10.78
C PHE E 386 -18.73 35.51 10.48
N SER E 387 -19.65 36.38 10.81
CA SER E 387 -21.03 36.09 10.47
C SER E 387 -21.22 36.20 8.96
N PRO E 388 -21.71 35.15 8.30
CA PRO E 388 -21.99 35.23 6.87
C PRO E 388 -23.11 36.18 6.50
N THR E 389 -23.80 36.76 7.47
CA THR E 389 -24.82 37.76 7.22
C THR E 389 -24.63 38.91 8.20
N LEU E 390 -25.17 40.05 7.83
CA LEU E 390 -25.16 41.23 8.67
C LEU E 390 -26.58 41.73 8.87
N PRO E 391 -26.86 42.38 9.99
CA PRO E 391 -28.22 42.87 10.23
C PRO E 391 -28.61 43.89 9.18
N ALA E 392 -29.64 43.57 8.40
CA ALA E 392 -30.10 44.47 7.36
C ALA E 392 -30.74 45.68 8.03
N SER E 393 -29.97 46.75 8.15
CA SER E 393 -30.41 47.94 8.86
C SER E 393 -29.93 49.15 8.09
N PRO E 394 -30.59 50.30 8.25
CA PRO E 394 -30.09 51.51 7.59
C PRO E 394 -28.66 51.85 7.95
N GLU E 395 -28.24 51.53 9.18
CA GLU E 395 -26.84 51.70 9.54
C GLU E 395 -25.94 50.82 8.70
N ASN E 396 -26.35 49.57 8.47
CA ASN E 396 -25.53 48.67 7.65
C ASN E 396 -25.59 49.06 6.18
N CYS E 397 -26.72 49.59 5.72
CA CYS E 397 -26.77 50.11 4.36
C CYS E 397 -25.83 51.28 4.20
N THR E 398 -25.80 52.18 5.18
CA THR E 398 -24.85 53.30 5.15
C THR E 398 -23.41 52.80 5.18
N ALA E 399 -23.15 51.78 6.00
CA ALA E 399 -21.80 51.22 6.07
C ALA E 399 -21.40 50.62 4.73
N LEU E 400 -22.32 49.91 4.08
CA LEU E 400 -22.02 49.35 2.76
C LEU E 400 -21.75 50.46 1.75
N GLY E 401 -22.54 51.53 1.80
CA GLY E 401 -22.30 52.65 0.89
C GLY E 401 -20.93 53.26 1.10
N GLY E 402 -20.57 53.51 2.36
CA GLY E 402 -19.26 54.05 2.65
C GLY E 402 -18.15 53.12 2.23
N TRP E 403 -18.32 51.82 2.44
CA TRP E 403 -17.30 50.86 2.06
C TRP E 403 -17.10 50.83 0.54
N LEU E 404 -18.20 50.86 -0.21
CA LEU E 404 -18.08 50.88 -1.65
C LEU E 404 -17.46 52.18 -2.14
N LEU E 405 -17.81 53.30 -1.51
CA LEU E 405 -17.18 54.57 -1.87
C LEU E 405 -15.67 54.52 -1.61
N ALA E 406 -15.27 53.95 -0.48
CA ALA E 406 -13.85 53.77 -0.21
C ALA E 406 -13.21 52.83 -1.21
N GLN E 407 -13.99 51.89 -1.77
CA GLN E 407 -13.44 51.01 -2.79
C GLN E 407 -13.16 51.73 -4.10
N GLY E 408 -13.88 52.82 -4.38
CA GLY E 408 -13.64 53.56 -5.60
C GLY E 408 -14.81 53.56 -6.56
N PHE E 409 -16.02 53.42 -6.03
CA PHE E 409 -17.24 53.44 -6.82
C PHE E 409 -18.02 54.71 -6.52
N GLN E 410 -18.62 55.29 -7.55
CA GLN E 410 -19.52 56.43 -7.40
C GLN E 410 -20.94 55.89 -7.34
N LEU E 411 -21.58 56.05 -6.20
CA LEU E 411 -22.92 55.52 -5.98
C LEU E 411 -23.95 56.64 -5.90
N THR E 412 -25.15 56.32 -6.36
CA THR E 412 -26.33 57.12 -6.11
C THR E 412 -27.13 56.45 -5.00
N GLN E 413 -28.03 57.21 -4.40
CA GLN E 413 -28.85 56.65 -3.33
C GLN E 413 -29.66 55.46 -3.85
N GLY E 414 -30.23 55.60 -5.04
CA GLY E 414 -30.93 54.47 -5.64
C GLY E 414 -30.01 53.30 -5.93
N GLY E 415 -28.82 53.58 -6.44
CA GLY E 415 -27.87 52.50 -6.69
C GLY E 415 -27.43 51.80 -5.43
N LEU E 416 -27.16 52.57 -4.37
CA LEU E 416 -26.81 51.97 -3.09
C LEU E 416 -27.96 51.12 -2.56
N THR E 417 -29.19 51.63 -2.67
CA THR E 417 -30.34 50.86 -2.21
C THR E 417 -30.48 49.57 -2.99
N ARG E 418 -30.23 49.61 -4.30
CA ARG E 418 -30.31 48.40 -5.10
C ARG E 418 -29.23 47.41 -4.70
N LEU E 419 -28.01 47.89 -4.44
CA LEU E 419 -26.98 46.98 -3.93
C LEU E 419 -27.39 46.37 -2.61
N TYR E 420 -27.97 47.15 -1.71
CA TYR E 420 -28.32 46.64 -0.40
C TYR E 420 -29.44 45.61 -0.49
N ASP E 421 -30.44 45.89 -1.33
CA ASP E 421 -31.51 44.93 -1.55
C ASP E 421 -30.99 43.65 -2.20
N GLU E 422 -30.08 43.79 -3.16
CA GLU E 422 -29.51 42.60 -3.79
C GLU E 422 -28.66 41.82 -2.80
N ALA E 423 -27.98 42.49 -1.89
CA ALA E 423 -27.24 41.79 -0.85
C ALA E 423 -28.17 40.99 0.04
N ARG E 424 -29.30 41.59 0.43
CA ARG E 424 -30.29 40.85 1.21
C ARG E 424 -30.79 39.64 0.44
N ARG E 425 -31.07 39.81 -0.85
CA ARG E 425 -31.56 38.69 -1.65
C ARG E 425 -30.50 37.60 -1.75
N MET E 426 -29.24 37.98 -1.88
CA MET E 426 -28.16 36.99 -1.88
C MET E 426 -28.11 36.25 -0.55
N ALA E 427 -28.39 36.95 0.54
CA ALA E 427 -28.45 36.29 1.84
C ALA E 427 -29.67 35.41 2.00
N GLU E 428 -30.60 35.48 1.05
CA GLU E 428 -31.83 34.69 1.08
C GLU E 428 -32.68 34.99 2.31
N GLN E 429 -32.45 36.13 2.94
CA GLN E 429 -33.18 36.48 4.15
C GLN E 429 -33.63 37.92 4.05
N ARG E 430 -34.88 38.17 4.40
CA ARG E 430 -35.45 39.51 4.25
C ARG E 430 -34.78 40.50 5.20
N ASP E 431 -34.41 40.06 6.39
CA ASP E 431 -33.89 40.94 7.42
C ASP E 431 -32.38 40.87 7.59
N ARG E 432 -31.69 40.18 6.70
CA ARG E 432 -30.24 40.04 6.79
C ARG E 432 -29.61 40.28 5.43
N MET E 433 -28.58 41.10 5.38
CA MET E 433 -27.83 41.28 4.14
C MET E 433 -26.69 40.28 4.11
N ASP E 434 -26.27 39.93 2.91
CA ASP E 434 -25.13 39.04 2.77
C ASP E 434 -23.85 39.77 3.14
N ALA E 435 -23.00 39.12 3.92
CA ALA E 435 -21.75 39.71 4.37
C ALA E 435 -20.61 39.44 3.40
N ARG E 436 -20.88 38.75 2.30
CA ARG E 436 -19.85 38.45 1.30
C ARG E 436 -19.55 39.73 0.52
N LEU E 437 -18.70 40.58 1.10
CA LEU E 437 -18.47 41.90 0.47
C LEU E 437 -17.62 41.75 -0.79
N VAL E 438 -16.93 40.63 -0.96
CA VAL E 438 -16.18 40.43 -2.24
C VAL E 438 -17.20 40.32 -3.38
N GLU E 439 -18.31 39.61 -3.14
CA GLU E 439 -19.33 39.42 -4.20
C GLU E 439 -20.03 40.75 -4.47
N ILE E 440 -20.44 41.47 -3.41
CA ILE E 440 -21.07 42.77 -3.58
C ILE E 440 -20.15 43.70 -4.35
N ARG E 441 -18.85 43.66 -4.06
CA ARG E 441 -17.91 44.51 -4.78
C ARG E 441 -17.84 44.15 -6.26
N ALA E 442 -17.80 42.85 -6.58
CA ALA E 442 -17.75 42.47 -7.98
C ALA E 442 -19.02 42.86 -8.71
N LEU E 443 -20.16 42.70 -8.05
CA LEU E 443 -21.41 43.13 -8.66
C LEU E 443 -21.42 44.63 -8.87
N ALA E 444 -20.83 45.37 -7.94
CA ALA E 444 -20.71 46.82 -8.09
C ALA E 444 -19.82 47.16 -9.26
N GLU E 445 -18.74 46.41 -9.46
CA GLU E 445 -17.89 46.62 -10.62
C GLU E 445 -18.67 46.41 -11.91
N GLU E 446 -19.44 45.33 -11.96
CA GLU E 446 -20.22 45.08 -13.16
C GLU E 446 -21.27 46.15 -13.40
N ALA E 447 -21.88 46.66 -12.32
CA ALA E 447 -22.82 47.75 -12.47
C ALA E 447 -22.13 49.02 -12.95
N ALA E 448 -20.91 49.29 -12.46
CA ALA E 448 -20.18 50.47 -12.88
C ALA E 448 -19.84 50.39 -14.36
N VAL E 449 -19.45 49.21 -14.84
CA VAL E 449 -19.10 49.06 -16.25
C VAL E 449 -20.29 49.41 -17.14
N LEU E 450 -21.47 48.91 -16.80
CA LEU E 450 -22.66 49.21 -17.59
C LEU E 450 -23.19 50.61 -17.34
N GLY E 451 -22.81 51.24 -16.24
CA GLY E 451 -23.23 52.60 -15.96
C GLY E 451 -22.15 53.61 -16.27
N GLY E 452 -20.98 53.12 -16.68
CA GLY E 452 -19.85 53.97 -17.01
C GLY E 452 -19.02 54.39 -15.82
N GLY E 453 -19.43 54.03 -14.60
CA GLY E 453 -18.69 54.42 -13.42
C GLY E 453 -19.61 54.86 -12.30
N LEU E 454 -20.80 55.34 -12.66
CA LEU E 454 -21.79 55.77 -11.69
C LEU E 454 -22.81 54.64 -11.52
N LEU E 455 -22.98 54.18 -10.29
CA LEU E 455 -23.86 53.06 -10.00
C LEU E 455 -25.25 53.62 -9.71
N THR E 456 -26.03 53.79 -10.76
CA THR E 456 -27.42 54.15 -10.59
C THR E 456 -28.28 52.89 -10.49
N ALA E 457 -29.50 53.07 -10.00
CA ALA E 457 -30.38 51.93 -9.77
C ALA E 457 -30.61 51.14 -11.05
N GLU E 458 -30.77 51.84 -12.17
CA GLU E 458 -30.93 51.16 -13.45
C GLU E 458 -29.68 50.36 -13.80
N SER E 459 -28.50 50.93 -13.54
CA SER E 459 -27.27 50.22 -13.81
C SER E 459 -27.19 48.95 -12.96
N VAL E 460 -27.54 49.04 -11.69
CA VAL E 460 -27.47 47.88 -10.81
C VAL E 460 -28.46 46.81 -11.24
N GLU E 461 -29.68 47.21 -11.59
CA GLU E 461 -30.68 46.25 -12.01
C GLU E 461 -30.25 45.56 -13.30
N GLN E 462 -29.68 46.33 -14.22
CA GLN E 462 -29.18 45.74 -15.46
C GLN E 462 -28.05 44.78 -15.20
N ALA E 463 -27.15 45.11 -14.27
CA ALA E 463 -26.07 44.20 -13.92
C ALA E 463 -26.61 42.91 -13.31
N ILE E 464 -27.63 43.03 -12.46
CA ILE E 464 -28.23 41.84 -11.85
C ILE E 464 -28.87 40.96 -12.91
N ALA E 465 -29.61 41.58 -13.84
CA ALA E 465 -30.21 40.82 -14.93
C ALA E 465 -29.14 40.15 -15.78
N ALA E 466 -28.04 40.87 -16.04
CA ALA E 466 -26.94 40.29 -16.80
C ALA E 466 -26.35 39.09 -16.08
N ARG E 467 -26.18 39.18 -14.76
CA ARG E 467 -25.71 38.02 -14.00
C ARG E 467 -26.68 36.86 -14.12
N GLU E 468 -27.97 37.14 -14.02
CA GLU E 468 -28.95 36.06 -14.17
C GLU E 468 -28.96 35.54 -15.60
N HIS E 469 -28.81 36.43 -16.59
CA HIS E 469 -28.90 35.99 -17.98
C HIS E 469 -27.70 35.18 -18.43
N ARG E 470 -26.48 35.55 -17.98
CA ARG E 470 -25.28 34.84 -18.40
C ARG E 470 -25.28 33.39 -17.97
N SER E 471 -26.02 33.05 -16.92
CA SER E 471 -26.13 31.68 -16.44
C SER E 471 -27.51 31.10 -16.68
N PHE E 472 -28.26 31.67 -17.62
CA PHE E 472 -29.64 31.27 -17.87
C PHE E 472 -29.76 30.14 -18.87
N LEU E 473 -28.63 29.58 -19.33
CA LEU E 473 -28.66 28.62 -20.42
C LEU E 473 -29.49 27.39 -20.06
N SER E 474 -29.24 26.80 -18.89
CA SER E 474 -29.96 25.58 -18.52
C SER E 474 -31.45 25.85 -18.41
N GLU E 475 -31.83 26.98 -17.79
CA GLU E 475 -33.25 27.30 -17.69
C GLU E 475 -33.82 27.70 -19.05
N GLU E 476 -33.00 28.28 -19.92
CA GLU E 476 -33.48 28.59 -21.25
C GLU E 476 -33.84 27.32 -22.02
N GLU E 477 -33.00 26.28 -21.89
CA GLU E 477 -33.31 25.01 -22.53
C GLU E 477 -34.60 24.41 -21.97
N PHE E 478 -34.78 24.49 -20.65
CA PHE E 478 -36.00 23.98 -20.03
C PHE E 478 -37.23 24.74 -20.52
N LEU E 479 -37.12 26.06 -20.62
CA LEU E 479 -38.24 26.87 -21.11
C LEU E 479 -38.57 26.52 -22.56
N ARG E 480 -37.54 26.34 -23.38
CA ARG E 480 -37.79 25.93 -24.76
C ARG E 480 -38.47 24.56 -24.81
N ALA E 481 -38.03 23.63 -23.96
CA ALA E 481 -38.62 22.30 -23.95
C ALA E 481 -40.08 22.36 -23.54
N VAL E 482 -40.41 23.14 -22.51
CA VAL E 482 -41.79 23.19 -22.04
C VAL E 482 -42.68 23.92 -23.05
N GLN E 483 -42.16 24.98 -23.67
CA GLN E 483 -42.95 25.68 -24.68
C GLN E 483 -43.21 24.79 -25.88
N GLU E 484 -42.19 24.09 -26.35
CA GLU E 484 -42.35 23.19 -27.50
C GLU E 484 -43.20 21.99 -27.13
N GLY E 485 -42.99 21.44 -25.93
CA GLY E 485 -43.71 20.27 -25.48
C GLY E 485 -42.86 19.04 -25.29
N VAL E 486 -41.53 19.15 -25.41
CA VAL E 486 -40.66 18.01 -25.20
C VAL E 486 -40.81 17.49 -23.77
N ILE E 487 -40.81 18.39 -22.79
CA ILE E 487 -41.13 18.06 -21.41
C ILE E 487 -42.41 18.81 -21.06
N ARG E 488 -43.47 18.07 -20.76
CA ARG E 488 -44.79 18.65 -20.62
C ARG E 488 -45.26 18.54 -19.18
N LEU E 489 -45.90 19.61 -18.71
CA LEU E 489 -46.55 19.61 -17.40
C LEU E 489 -47.73 20.57 -17.47
N ARG E 490 -48.68 20.37 -16.57
CA ARG E 490 -49.94 21.11 -16.59
C ARG E 490 -49.85 22.29 -15.66
N THR E 491 -50.10 23.48 -16.20
CA THR E 491 -50.23 24.69 -15.40
C THR E 491 -51.67 25.15 -15.28
N THR E 492 -52.63 24.33 -15.72
CA THR E 492 -54.04 24.68 -15.67
C THR E 492 -54.84 23.41 -15.45
N GLY E 493 -56.10 23.58 -15.04
CA GLY E 493 -56.94 22.44 -14.81
C GLY E 493 -56.62 21.73 -13.50
N ARG E 494 -57.17 20.54 -13.38
CA ARG E 494 -57.00 19.72 -12.19
C ARG E 494 -56.52 18.33 -12.59
N ALA E 495 -55.78 17.70 -11.68
CA ALA E 495 -55.27 16.35 -11.89
C ALA E 495 -55.38 15.58 -10.58
N VAL E 496 -55.57 14.28 -10.67
CA VAL E 496 -55.76 13.44 -9.50
C VAL E 496 -54.49 12.63 -9.28
N GLY E 497 -53.80 12.90 -8.17
CA GLY E 497 -52.57 12.21 -7.88
C GLY E 497 -51.33 12.80 -8.51
N GLU E 498 -51.44 13.95 -9.14
CA GLU E 498 -50.31 14.63 -9.74
C GLU E 498 -50.25 16.07 -9.26
N VAL E 499 -49.04 16.53 -8.95
CA VAL E 499 -48.81 17.85 -8.41
C VAL E 499 -47.54 18.40 -9.04
N ASN E 500 -47.33 19.71 -8.93
CA ASN E 500 -46.16 20.38 -9.48
C ASN E 500 -45.21 20.71 -8.34
N SER E 501 -44.28 19.81 -8.07
CA SER E 501 -43.24 20.09 -7.08
C SER E 501 -42.24 21.08 -7.66
N LEU E 502 -41.46 21.71 -6.78
CA LEU E 502 -40.42 22.64 -7.20
C LEU E 502 -39.09 22.07 -6.76
N VAL E 503 -38.15 21.93 -7.70
CA VAL E 503 -36.88 21.31 -7.41
C VAL E 503 -35.75 22.16 -7.98
N VAL E 504 -34.57 22.00 -7.39
CA VAL E 504 -33.36 22.70 -7.79
C VAL E 504 -32.38 21.66 -8.32
N VAL E 505 -32.01 21.79 -9.59
CA VAL E 505 -31.21 20.74 -10.23
C VAL E 505 -29.78 20.75 -9.69
N GLU E 506 -29.13 19.59 -9.77
CA GLU E 506 -27.70 19.47 -9.49
C GLU E 506 -26.84 19.99 -10.63
N ALA E 507 -27.41 20.11 -11.82
CA ALA E 507 -26.74 20.71 -12.96
C ALA E 507 -26.68 22.22 -12.88
N ALA E 508 -27.45 22.82 -11.98
CA ALA E 508 -27.44 24.24 -11.70
C ALA E 508 -28.09 24.46 -10.35
N PRO E 509 -27.34 24.25 -9.25
CA PRO E 509 -27.97 24.28 -7.91
C PRO E 509 -28.33 25.70 -7.49
N TYR E 510 -28.69 26.51 -8.47
CA TYR E 510 -29.06 27.89 -8.24
C TYR E 510 -30.22 28.29 -9.15
N TRP E 511 -30.83 27.29 -9.79
CA TRP E 511 -32.03 27.48 -10.60
C TRP E 511 -33.11 26.54 -10.13
N GLY E 512 -34.30 27.08 -9.86
CA GLY E 512 -35.45 26.28 -9.51
C GLY E 512 -36.34 26.07 -10.72
N ARG E 513 -37.02 24.92 -10.73
CA ARG E 513 -37.90 24.60 -11.84
C ARG E 513 -38.95 23.61 -11.34
N PRO E 514 -40.14 23.64 -11.91
CA PRO E 514 -41.17 22.67 -11.52
C PRO E 514 -40.88 21.28 -12.09
N ALA E 515 -41.52 20.30 -11.47
CA ALA E 515 -41.42 18.91 -11.87
C ALA E 515 -42.72 18.22 -11.52
N ARG E 516 -43.24 17.43 -12.45
CA ARG E 516 -44.52 16.74 -12.22
C ARG E 516 -44.26 15.54 -11.33
N LEU E 517 -44.91 15.53 -10.17
CA LEU E 517 -44.79 14.43 -9.23
C LEU E 517 -46.12 13.70 -9.16
N THR E 518 -46.08 12.37 -9.36
CA THR E 518 -47.28 11.55 -9.44
C THR E 518 -47.31 10.57 -8.28
N ALA E 519 -48.49 10.40 -7.69
CA ALA E 519 -48.72 9.41 -6.65
C ALA E 519 -49.76 8.43 -7.15
N ARG E 520 -49.45 7.14 -7.09
CA ARG E 520 -50.35 6.09 -7.53
C ARG E 520 -50.70 5.22 -6.34
N ALA E 521 -51.99 5.08 -6.07
CA ALA E 521 -52.48 4.33 -4.91
C ALA E 521 -52.91 2.94 -5.34
N ALA E 522 -52.38 1.92 -4.68
CA ALA E 522 -52.73 0.55 -5.01
C ALA E 522 -53.04 -0.24 -3.74
N PRO E 523 -54.10 -1.05 -3.77
CA PRO E 523 -54.42 -1.85 -2.58
C PRO E 523 -53.29 -2.85 -2.29
N GLY E 524 -53.02 -3.04 -1.01
CA GLY E 524 -51.94 -3.92 -0.62
C GLY E 524 -51.38 -3.54 0.74
N ARG E 525 -50.06 -3.69 0.86
CA ARG E 525 -49.37 -3.45 2.13
C ARG E 525 -49.49 -1.99 2.53
N ASP E 526 -49.17 -1.70 3.80
CA ASP E 526 -49.34 -0.35 4.34
C ASP E 526 -48.19 0.58 4.01
N HIS E 527 -47.05 0.07 3.55
CA HIS E 527 -45.87 0.91 3.39
C HIS E 527 -45.96 1.75 2.13
N LEU E 528 -45.16 2.81 2.09
CA LEU E 528 -45.10 3.74 0.98
C LEU E 528 -43.79 3.51 0.25
N ILE E 529 -43.84 3.54 -1.08
CA ILE E 529 -42.66 3.27 -1.90
C ILE E 529 -42.36 4.49 -2.77
N SER E 530 -41.11 4.94 -2.73
CA SER E 530 -40.62 6.03 -3.56
C SER E 530 -39.66 5.43 -4.57
N ILE E 531 -40.10 5.31 -5.82
CA ILE E 531 -39.28 4.65 -6.83
C ILE E 531 -38.02 5.46 -7.10
N ASP E 532 -38.12 6.78 -7.01
CA ASP E 532 -36.98 7.64 -7.27
C ASP E 532 -35.87 7.44 -6.24
N ARG E 533 -36.19 6.89 -5.07
CA ARG E 533 -35.19 6.56 -4.06
C ARG E 533 -34.90 5.07 -3.98
N GLU E 534 -35.65 4.23 -4.69
CA GLU E 534 -35.43 2.79 -4.70
C GLU E 534 -34.66 2.44 -5.96
N ALA E 535 -33.33 2.41 -5.85
CA ALA E 535 -32.45 2.02 -6.94
C ALA E 535 -31.12 1.57 -6.36
N GLY E 536 -30.55 0.50 -6.91
CA GLY E 536 -29.37 -0.08 -6.30
C GLY E 536 -29.64 -0.67 -4.92
N LEU E 537 -30.65 -1.53 -4.82
CA LEU E 537 -31.11 -2.06 -3.53
C LEU E 537 -31.54 -0.93 -2.60
N GLY E 538 -32.27 0.03 -3.16
CA GLY E 538 -32.78 1.16 -2.40
C GLY E 538 -33.98 0.85 -1.55
N GLY E 539 -34.58 -0.34 -1.70
CA GLY E 539 -35.66 -0.77 -0.84
C GLY E 539 -35.23 -1.43 0.45
N GLN E 540 -33.96 -1.76 0.60
CA GLN E 540 -33.41 -2.25 1.86
C GLN E 540 -32.99 -1.11 2.77
N ILE E 541 -33.03 0.12 2.28
CA ILE E 541 -32.73 1.32 3.06
C ILE E 541 -34.01 2.14 3.14
N PHE E 542 -34.51 2.33 4.36
CA PHE E 542 -35.70 3.14 4.57
C PHE E 542 -35.29 4.59 4.74
N HIS E 543 -35.51 5.40 3.71
CA HIS E 543 -35.24 6.82 3.78
C HIS E 543 -36.23 7.48 4.73
N LYS E 544 -35.72 8.42 5.52
CA LYS E 544 -36.57 9.04 6.54
C LYS E 544 -37.71 9.83 5.90
N ALA E 545 -37.58 10.23 4.64
CA ALA E 545 -38.70 10.85 3.95
C ALA E 545 -39.86 9.87 3.83
N VAL E 546 -39.57 8.65 3.39
CA VAL E 546 -40.58 7.62 3.28
C VAL E 546 -41.19 7.33 4.65
N LEU E 547 -40.34 7.23 5.67
CA LEU E 547 -40.83 6.94 7.01
C LEU E 547 -41.75 8.04 7.53
N THR E 548 -41.37 9.30 7.32
CA THR E 548 -42.20 10.40 7.79
C THR E 548 -43.54 10.43 7.06
N LEU E 549 -43.52 10.22 5.75
CA LEU E 549 -44.76 10.19 5.01
C LEU E 549 -45.66 9.05 5.49
N ALA E 550 -45.09 7.87 5.67
CA ALA E 550 -45.87 6.74 6.14
C ALA E 550 -46.41 6.99 7.55
N GLY E 551 -45.61 7.62 8.40
CA GLY E 551 -46.07 7.91 9.75
C GLY E 551 -47.25 8.87 9.75
N TYR E 552 -47.17 9.93 8.93
CA TYR E 552 -48.29 10.84 8.85
C TYR E 552 -49.53 10.15 8.32
N LEU E 553 -49.38 9.36 7.25
CA LEU E 553 -50.53 8.69 6.67
C LEU E 553 -51.17 7.72 7.66
N ARG E 554 -50.36 6.98 8.40
CA ARG E 554 -50.90 5.98 9.31
C ARG E 554 -51.54 6.64 10.53
N SER E 555 -50.89 7.65 11.11
CA SER E 555 -51.42 8.25 12.32
C SER E 555 -52.66 9.09 12.03
N ARG E 556 -52.63 9.85 10.94
CA ARG E 556 -53.68 10.83 10.71
C ARG E 556 -55.03 10.17 10.47
N TYR E 557 -55.06 9.06 9.74
CA TYR E 557 -56.30 8.38 9.40
C TYR E 557 -56.28 6.99 10.03
N ILE E 558 -57.03 6.83 11.12
CA ILE E 558 -57.11 5.58 11.85
C ILE E 558 -58.57 5.15 11.95
N GLU E 559 -59.02 4.41 10.95
CA GLU E 559 -60.32 3.73 11.01
C GLU E 559 -60.08 2.30 10.54
N HIS E 560 -58.85 2.03 10.12
CA HIS E 560 -58.38 0.70 9.81
C HIS E 560 -57.16 0.41 10.66
N GLY E 561 -57.02 -0.85 11.07
CA GLY E 561 -55.92 -1.26 11.90
C GLY E 561 -54.58 -1.04 11.23
N SER E 562 -54.56 -1.20 9.91
CA SER E 562 -53.37 -0.94 9.10
C SER E 562 -53.81 -0.16 7.87
N LEU E 563 -52.85 0.53 7.27
CA LEU E 563 -53.13 1.29 6.06
C LEU E 563 -53.42 0.29 4.93
N PRO E 564 -54.60 0.30 4.34
CA PRO E 564 -54.94 -0.71 3.32
C PRO E 564 -54.39 -0.42 1.94
N VAL E 565 -53.56 0.60 1.77
CA VAL E 565 -53.12 1.03 0.44
C VAL E 565 -51.64 1.38 0.51
N THR E 566 -50.92 1.03 -0.56
CA THR E 566 -49.54 1.45 -0.74
C THR E 566 -49.51 2.58 -1.77
N ILE E 567 -48.55 3.48 -1.63
CA ILE E 567 -48.43 4.67 -2.46
C ILE E 567 -47.10 4.61 -3.20
N SER E 568 -47.16 4.70 -4.52
CA SER E 568 -45.97 4.78 -5.36
C SER E 568 -45.77 6.22 -5.79
N LEU E 569 -44.64 6.80 -5.42
CA LEU E 569 -44.31 8.18 -5.75
C LEU E 569 -43.29 8.21 -6.87
N ALA E 570 -43.60 8.95 -7.92
CA ALA E 570 -42.75 9.01 -9.10
C ALA E 570 -42.52 10.45 -9.50
N PHE E 571 -41.33 10.72 -10.01
CA PHE E 571 -41.00 12.02 -10.57
C PHE E 571 -40.87 11.87 -12.08
N GLU E 572 -41.67 12.63 -12.81
CA GLU E 572 -41.64 12.56 -14.27
C GLU E 572 -40.31 13.09 -14.79
N GLN E 573 -39.76 12.39 -15.78
CA GLN E 573 -38.46 12.68 -16.35
C GLN E 573 -37.36 12.44 -15.32
N ASN E 574 -36.10 12.67 -15.73
CA ASN E 574 -34.95 12.33 -14.90
C ASN E 574 -34.05 13.53 -14.67
N TYR E 575 -34.60 14.74 -14.79
CA TYR E 575 -33.87 15.95 -14.48
C TYR E 575 -34.09 16.41 -13.05
N VAL E 576 -34.84 15.65 -12.26
CA VAL E 576 -35.31 16.15 -10.97
C VAL E 576 -34.30 15.78 -9.90
N SER E 577 -34.01 16.74 -9.02
CA SER E 577 -33.20 16.49 -7.85
C SER E 577 -34.03 15.79 -6.79
N ILE E 578 -33.36 15.14 -5.84
CA ILE E 578 -34.08 14.49 -4.75
C ILE E 578 -33.18 14.51 -3.51
N GLU E 579 -33.83 14.52 -2.35
CA GLU E 579 -33.14 14.46 -1.07
C GLU E 579 -33.70 13.28 -0.28
N GLY E 580 -32.81 12.42 0.19
CA GLY E 580 -33.19 11.26 0.95
C GLY E 580 -33.35 11.50 2.44
N ASP E 581 -33.32 12.76 2.87
CA ASP E 581 -33.37 13.10 4.28
C ASP E 581 -34.54 14.04 4.62
N SER E 582 -35.43 14.31 3.67
CA SER E 582 -36.57 15.16 3.93
C SER E 582 -37.70 14.82 2.97
N ALA E 583 -38.92 14.78 3.51
CA ALA E 583 -40.10 14.48 2.72
C ALA E 583 -40.79 15.77 2.32
N GLY E 584 -41.02 15.93 1.03
CA GLY E 584 -41.62 17.14 0.51
C GLY E 584 -43.12 17.17 0.74
N LEU E 585 -43.64 18.37 0.97
CA LEU E 585 -45.08 18.55 1.11
C LEU E 585 -45.82 18.15 -0.15
N ALA E 586 -45.18 18.35 -1.31
CA ALA E 586 -45.79 17.94 -2.56
C ALA E 586 -46.05 16.45 -2.58
N GLU E 587 -45.09 15.67 -2.07
CA GLU E 587 -45.27 14.22 -2.01
C GLU E 587 -46.46 13.85 -1.14
N LEU E 588 -46.59 14.51 0.02
CA LEU E 588 -47.68 14.18 0.93
C LEU E 588 -49.04 14.54 0.32
N VAL E 589 -49.15 15.72 -0.29
CA VAL E 589 -50.43 16.12 -0.86
C VAL E 589 -50.76 15.24 -2.06
N ALA E 590 -49.75 14.85 -2.84
CA ALA E 590 -49.99 13.93 -3.94
C ALA E 590 -50.50 12.60 -3.44
N ALA E 591 -49.89 12.07 -2.37
CA ALA E 591 -50.35 10.80 -1.82
C ALA E 591 -51.77 10.91 -1.30
N LEU E 592 -52.09 12.02 -0.62
CA LEU E 592 -53.44 12.19 -0.11
C LEU E 592 -54.45 12.28 -1.24
N SER E 593 -54.11 12.98 -2.32
CA SER E 593 -55.01 13.07 -3.46
C SER E 593 -55.20 11.71 -4.10
N ALA E 594 -54.11 10.94 -4.24
CA ALA E 594 -54.22 9.61 -4.83
C ALA E 594 -55.11 8.71 -3.98
N ILE E 595 -54.96 8.79 -2.66
CA ILE E 595 -55.80 7.97 -1.78
C ILE E 595 -57.26 8.40 -1.88
N GLY E 596 -57.52 9.69 -1.76
CA GLY E 596 -58.88 10.18 -1.76
C GLY E 596 -59.47 10.51 -3.11
N ASN E 597 -58.73 10.25 -4.20
CA ASN E 597 -59.18 10.58 -5.55
C ASN E 597 -59.53 12.06 -5.66
N LEU E 598 -58.70 12.90 -5.04
CA LEU E 598 -58.93 14.33 -5.01
C LEU E 598 -58.35 14.99 -6.25
N PRO E 599 -59.12 15.79 -6.97
CA PRO E 599 -58.55 16.58 -8.06
C PRO E 599 -57.85 17.82 -7.55
N LEU E 600 -56.52 17.82 -7.56
CA LEU E 600 -55.75 18.97 -7.13
C LEU E 600 -55.57 19.95 -8.28
N ARG E 601 -55.54 21.23 -7.93
CA ARG E 601 -55.21 22.27 -8.89
C ARG E 601 -53.77 22.08 -9.37
N GLN E 602 -53.56 22.21 -10.68
CA GLN E 602 -52.22 22.26 -11.23
C GLN E 602 -51.73 23.69 -11.41
N ASP E 603 -52.58 24.68 -11.12
CA ASP E 603 -52.14 26.07 -11.16
C ASP E 603 -51.05 26.32 -10.12
N LEU E 604 -51.21 25.76 -8.94
CA LEU E 604 -50.34 26.05 -7.81
C LEU E 604 -49.27 24.98 -7.69
N ALA E 605 -48.02 25.39 -7.76
CA ALA E 605 -46.93 24.49 -7.43
C ALA E 605 -46.79 24.40 -5.92
N VAL E 606 -46.33 23.24 -5.45
CA VAL E 606 -46.25 22.97 -4.02
C VAL E 606 -44.81 22.70 -3.66
N THR E 607 -44.32 23.39 -2.64
CA THR E 607 -42.95 23.21 -2.17
C THR E 607 -42.95 23.22 -0.66
N GLY E 608 -41.91 22.62 -0.09
CA GLY E 608 -41.78 22.60 1.35
C GLY E 608 -41.68 21.19 1.90
N ALA E 609 -40.93 21.03 2.98
CA ALA E 609 -40.81 19.73 3.62
C ALA E 609 -41.88 19.60 4.70
N VAL E 610 -42.19 18.35 5.06
CA VAL E 610 -43.21 18.08 6.06
C VAL E 610 -42.71 16.96 6.94
N ASP E 611 -43.02 17.06 8.24
CA ASP E 611 -42.73 15.98 9.18
C ASP E 611 -43.95 15.09 9.36
N GLN E 612 -43.86 14.11 10.24
CA GLN E 612 -44.92 13.14 10.41
C GLN E 612 -46.16 13.71 11.10
N THR E 613 -46.06 14.90 11.68
CA THR E 613 -47.22 15.52 12.31
C THR E 613 -47.96 16.44 11.35
N GLY E 614 -47.53 16.52 10.11
CA GLY E 614 -48.18 17.32 9.11
C GLY E 614 -47.74 18.77 9.06
N LYS E 615 -46.91 19.20 10.00
CA LYS E 615 -46.45 20.59 9.99
C LYS E 615 -45.45 20.78 8.86
N VAL E 616 -45.62 21.87 8.11
CA VAL E 616 -44.79 22.13 6.95
C VAL E 616 -43.53 22.85 7.39
N LEU E 617 -42.38 22.33 7.00
CA LEU E 617 -41.09 22.89 7.39
C LEU E 617 -40.50 23.68 6.23
N ALA E 618 -39.65 24.64 6.59
CA ALA E 618 -39.01 25.47 5.57
C ALA E 618 -38.03 24.66 4.75
N VAL E 619 -37.82 25.10 3.51
CA VAL E 619 -36.84 24.50 2.62
C VAL E 619 -35.94 25.59 2.07
N GLY E 620 -34.75 25.21 1.64
CA GLY E 620 -33.80 26.18 1.14
C GLY E 620 -34.10 26.62 -0.27
N ALA E 621 -33.56 27.79 -0.61
CA ALA E 621 -33.68 28.37 -1.94
C ALA E 621 -35.14 28.49 -2.35
N ILE E 622 -35.95 29.04 -1.45
CA ILE E 622 -37.36 29.24 -1.77
C ILE E 622 -37.51 30.27 -2.88
N ASN E 623 -36.65 31.29 -2.89
CA ASN E 623 -36.71 32.28 -3.95
C ASN E 623 -36.47 31.65 -5.31
N ALA E 624 -35.48 30.75 -5.38
CA ALA E 624 -35.17 30.10 -6.65
C ALA E 624 -36.35 29.30 -7.15
N LYS E 625 -36.99 28.52 -6.28
CA LYS E 625 -38.12 27.69 -6.70
C LYS E 625 -39.29 28.55 -7.14
N VAL E 626 -39.63 29.57 -6.36
CA VAL E 626 -40.77 30.41 -6.71
C VAL E 626 -40.52 31.12 -8.03
N GLU E 627 -39.32 31.67 -8.21
CA GLU E 627 -39.01 32.38 -9.44
C GLU E 627 -39.01 31.43 -10.63
N GLY E 628 -38.50 30.21 -10.45
CA GLY E 628 -38.51 29.26 -11.55
C GLY E 628 -39.92 28.89 -11.97
N PHE E 629 -40.79 28.62 -11.01
CA PHE E 629 -42.16 28.30 -11.37
C PHE E 629 -42.85 29.49 -12.03
N PHE E 630 -42.55 30.71 -11.56
CA PHE E 630 -43.14 31.88 -12.19
C PHE E 630 -42.64 32.04 -13.62
N ARG E 631 -41.37 31.75 -13.86
CA ARG E 631 -40.84 31.80 -15.22
C ARG E 631 -41.56 30.81 -16.11
N VAL E 632 -41.76 29.59 -15.63
CA VAL E 632 -42.44 28.58 -16.43
C VAL E 632 -43.87 29.00 -16.72
N CYS E 633 -44.57 29.53 -15.71
CA CYS E 633 -45.95 29.96 -15.93
C CYS E 633 -46.02 31.12 -16.90
N LYS E 634 -45.12 32.09 -16.78
CA LYS E 634 -45.13 33.23 -17.69
C LYS E 634 -44.79 32.79 -19.11
N ALA E 635 -43.94 31.78 -19.25
CA ALA E 635 -43.64 31.24 -20.57
C ALA E 635 -44.89 30.70 -21.24
N LEU E 636 -45.72 29.99 -20.49
CA LEU E 636 -46.99 29.49 -20.99
C LEU E 636 -48.12 30.50 -20.85
N GLY E 637 -47.84 31.69 -20.32
CA GLY E 637 -48.85 32.72 -20.21
C GLY E 637 -49.56 32.71 -18.88
N LEU E 638 -49.44 33.79 -18.13
CA LEU E 638 -50.11 33.90 -16.84
C LEU E 638 -51.62 34.03 -17.05
N SER E 639 -52.38 33.43 -16.13
CA SER E 639 -53.83 33.40 -16.28
C SER E 639 -54.54 33.78 -14.99
N GLY E 640 -53.83 34.45 -14.09
CA GLY E 640 -54.43 34.85 -12.83
C GLY E 640 -54.78 33.70 -11.92
N THR E 641 -54.28 32.52 -12.20
CA THR E 641 -54.56 31.34 -11.39
C THR E 641 -53.30 30.66 -10.91
N GLN E 642 -52.21 30.74 -11.67
CA GLN E 642 -50.98 30.09 -11.26
C GLN E 642 -50.47 30.68 -9.95
N GLY E 643 -49.82 29.84 -9.17
CA GLY E 643 -49.34 30.26 -7.86
C GLY E 643 -48.40 29.22 -7.30
N VAL E 644 -47.91 29.50 -6.09
CA VAL E 644 -47.00 28.60 -5.40
C VAL E 644 -47.47 28.45 -3.96
N ILE E 645 -47.49 27.23 -3.47
CA ILE E 645 -47.79 26.94 -2.07
C ILE E 645 -46.46 26.66 -1.38
N LEU E 646 -46.07 27.55 -0.48
CA LEU E 646 -44.78 27.48 0.19
C LEU E 646 -44.98 27.61 1.70
N PRO E 647 -44.09 27.03 2.49
CA PRO E 647 -44.29 27.04 3.94
C PRO E 647 -44.27 28.43 4.51
N GLU E 648 -45.08 28.64 5.55
CA GLU E 648 -45.05 29.90 6.26
C GLU E 648 -43.70 30.14 6.92
N ALA E 649 -42.90 29.09 7.12
CA ALA E 649 -41.59 29.27 7.72
C ALA E 649 -40.65 30.01 6.78
N ASN E 650 -40.89 29.95 5.47
CA ASN E 650 -40.07 30.67 4.51
C ASN E 650 -40.57 32.08 4.25
N LEU E 651 -41.57 32.56 4.99
CA LEU E 651 -42.00 33.94 4.83
C LEU E 651 -40.86 34.91 5.09
N ALA E 652 -39.91 34.52 5.93
CA ALA E 652 -38.74 35.34 6.20
C ALA E 652 -37.64 35.13 5.16
N ASN E 653 -37.86 34.24 4.21
CA ASN E 653 -36.89 33.99 3.16
C ASN E 653 -37.38 34.40 1.79
N LEU E 654 -38.60 34.91 1.65
CA LEU E 654 -39.08 35.36 0.36
C LEU E 654 -38.54 36.75 0.06
N THR E 655 -37.56 36.80 -0.85
CA THR E 655 -37.07 38.05 -1.42
C THR E 655 -37.23 37.89 -2.93
N LEU E 656 -38.44 38.14 -3.40
CA LEU E 656 -38.81 37.80 -4.75
C LEU E 656 -38.32 38.85 -5.75
N ARG E 657 -38.17 38.43 -6.99
CA ARG E 657 -37.79 39.35 -8.05
C ARG E 657 -38.87 40.40 -8.25
N ALA E 658 -38.48 41.49 -8.90
CA ALA E 658 -39.43 42.58 -9.13
C ALA E 658 -40.60 42.11 -9.98
N GLU E 659 -40.33 41.30 -11.01
CA GLU E 659 -41.39 40.83 -11.88
C GLU E 659 -42.40 39.97 -11.14
N VAL E 660 -41.93 39.13 -10.23
CA VAL E 660 -42.85 38.28 -9.47
C VAL E 660 -43.75 39.14 -8.59
N LEU E 661 -43.20 40.19 -7.97
CA LEU E 661 -44.02 41.07 -7.16
C LEU E 661 -45.02 41.84 -8.02
N GLU E 662 -44.61 42.22 -9.23
CA GLU E 662 -45.55 42.86 -10.15
C GLU E 662 -46.70 41.92 -10.48
N ALA E 663 -46.39 40.65 -10.73
CA ALA E 663 -47.43 39.67 -11.00
C ALA E 663 -48.35 39.51 -9.80
N VAL E 664 -47.77 39.52 -8.59
CA VAL E 664 -48.58 39.40 -7.38
C VAL E 664 -49.53 40.58 -7.26
N ARG E 665 -49.04 41.79 -7.51
CA ARG E 665 -49.94 42.94 -7.48
C ARG E 665 -51.04 42.82 -8.52
N ALA E 666 -50.68 42.40 -9.73
CA ALA E 666 -51.66 42.26 -10.80
C ALA E 666 -52.61 41.09 -10.58
N GLY E 667 -52.33 40.23 -9.60
CA GLY E 667 -53.15 39.06 -9.39
C GLY E 667 -52.86 37.92 -10.33
N GLN E 668 -51.94 38.10 -11.28
CA GLN E 668 -51.61 37.02 -12.20
C GLN E 668 -50.84 35.90 -11.52
N PHE E 669 -50.35 36.14 -10.32
CA PHE E 669 -49.60 35.14 -9.56
C PHE E 669 -50.05 35.21 -8.11
N HIS E 670 -50.07 34.06 -7.45
CA HIS E 670 -50.49 33.99 -6.06
C HIS E 670 -49.43 33.24 -5.25
N ILE E 671 -49.27 33.62 -4.00
CA ILE E 671 -48.35 32.97 -3.09
C ILE E 671 -49.13 32.56 -1.85
N TYR E 672 -49.17 31.26 -1.57
CA TYR E 672 -49.91 30.73 -0.45
C TYR E 672 -48.93 30.23 0.60
N ALA E 673 -49.03 30.77 1.81
CA ALA E 673 -48.18 30.37 2.92
C ALA E 673 -48.97 29.42 3.80
N VAL E 674 -48.52 28.18 3.90
CA VAL E 674 -49.21 27.16 4.67
C VAL E 674 -48.38 26.77 5.87
N GLU E 675 -49.07 26.39 6.93
CA GLU E 675 -48.43 25.95 8.16
C GLU E 675 -48.64 24.46 8.40
N THR E 676 -49.69 23.87 7.83
CA THR E 676 -50.00 22.46 8.02
C THR E 676 -50.30 21.86 6.65
N ALA E 677 -49.84 20.62 6.45
CA ALA E 677 -50.09 19.94 5.19
C ALA E 677 -51.58 19.85 4.89
N GLU E 678 -52.41 19.82 5.92
CA GLU E 678 -53.85 19.87 5.70
C GLU E 678 -54.25 21.15 5.00
N GLN E 679 -53.64 22.27 5.37
CA GLN E 679 -53.92 23.53 4.68
C GLN E 679 -53.49 23.47 3.22
N ALA E 680 -52.34 22.83 2.95
CA ALA E 680 -51.89 22.71 1.57
C ALA E 680 -52.87 21.90 0.75
N LEU E 681 -53.35 20.78 1.29
CA LEU E 681 -54.35 20.00 0.58
C LEU E 681 -55.65 20.80 0.44
N GLU E 682 -55.98 21.58 1.46
CA GLU E 682 -57.15 22.44 1.41
C GLU E 682 -57.10 23.37 0.21
N ILE E 683 -55.95 24.03 0.03
CA ILE E 683 -55.82 24.98 -1.06
C ILE E 683 -55.77 24.26 -2.40
N LEU E 684 -55.08 23.12 -2.46
CA LEU E 684 -54.93 22.41 -3.73
C LEU E 684 -56.27 21.87 -4.23
N ALA E 685 -56.99 21.15 -3.38
CA ALA E 685 -58.23 20.55 -3.81
C ALA E 685 -59.36 21.55 -3.96
N GLY E 686 -59.26 22.71 -3.32
CA GLY E 686 -60.31 23.70 -3.43
C GLY E 686 -61.55 23.39 -2.62
N ALA E 687 -61.50 22.35 -1.79
CA ALA E 687 -62.64 21.97 -0.97
C ALA E 687 -62.20 21.95 0.48
N ARG E 688 -63.13 22.26 1.37
CA ARG E 688 -62.85 22.38 2.79
C ARG E 688 -63.01 21.03 3.47
N MET E 689 -61.96 20.62 4.19
CA MET E 689 -62.00 19.34 4.90
C MET E 689 -63.08 19.35 5.97
N GLU E 690 -63.25 20.47 6.66
CA GLU E 690 -64.36 20.63 7.60
C GLU E 690 -65.68 20.59 6.84
N GLY E 691 -66.67 19.96 7.43
CA GLY E 691 -67.98 19.90 6.81
C GLY E 691 -68.19 18.57 6.11
N PHE E 692 -69.45 18.23 5.89
CA PHE E 692 -69.78 16.97 5.25
C PHE E 692 -69.36 17.01 3.78
N ARG E 693 -68.99 15.83 3.26
CA ARG E 693 -68.44 15.69 1.91
C ARG E 693 -67.20 16.56 1.73
N GLY E 694 -66.43 16.72 2.81
CA GLY E 694 -65.15 17.37 2.73
C GLY E 694 -64.09 16.41 2.20
N LEU E 695 -62.85 16.90 2.19
CA LEU E 695 -61.76 16.08 1.68
C LEU E 695 -61.53 14.86 2.57
N GLN E 696 -61.39 15.08 3.89
CA GLN E 696 -61.08 13.98 4.79
C GLN E 696 -62.06 12.84 4.65
N GLU E 697 -63.34 13.17 4.43
CA GLU E 697 -64.33 12.13 4.16
C GLU E 697 -63.99 11.36 2.89
N LYS E 698 -63.46 12.06 1.88
CA LYS E 698 -63.12 11.39 0.63
C LYS E 698 -61.92 10.47 0.80
N ILE E 699 -60.90 10.91 1.55
CA ILE E 699 -59.79 10.02 1.87
C ILE E 699 -60.29 8.80 2.65
N ARG E 700 -61.19 9.03 3.61
CA ARG E 700 -61.73 7.93 4.39
C ARG E 700 -62.47 6.95 3.49
N ALA E 701 -63.25 7.47 2.53
CA ALA E 701 -63.97 6.61 1.61
C ALA E 701 -63.02 5.80 0.73
N GLY E 702 -61.95 6.43 0.25
CA GLY E 702 -60.97 5.71 -0.54
C GLY E 702 -60.29 4.61 0.24
N LEU E 703 -59.90 4.91 1.49
CA LEU E 703 -59.28 3.90 2.34
C LEU E 703 -60.25 2.75 2.63
N GLU E 704 -61.52 3.07 2.88
CA GLU E 704 -62.52 2.04 3.10
C GLU E 704 -62.70 1.17 1.87
N ALA E 705 -62.69 1.79 0.69
CA ALA E 705 -62.80 1.02 -0.55
C ALA E 705 -61.62 0.07 -0.70
N PHE E 706 -60.41 0.56 -0.43
CA PHE E 706 -59.24 -0.30 -0.51
C PHE E 706 -59.32 -1.44 0.51
N ALA E 707 -59.78 -1.15 1.72
CA ALA E 707 -59.91 -2.18 2.74
C ALA E 707 -60.91 -3.26 2.33
N ARG E 708 -62.06 -2.84 1.78
CA ARG E 708 -63.05 -3.81 1.33
C ARG E 708 -62.52 -4.64 0.16
N LEU E 709 -61.77 -4.01 -0.75
CA LEU E 709 -61.23 -4.76 -1.88
C LEU E 709 -60.16 -5.75 -1.42
N GLU E 710 -59.39 -5.38 -0.39
CA GLU E 710 -58.47 -6.35 0.21
C GLU E 710 -59.21 -7.50 0.87
N GLU E 711 -60.30 -7.18 1.58
CA GLU E 711 -61.09 -8.22 2.24
C GLU E 711 -61.68 -9.19 1.21
N GLY E 712 -62.06 -8.67 0.04
CA GLY E 712 -62.55 -9.53 -1.02
C GLY E 712 -61.53 -10.55 -1.47
N HIS E 713 -60.28 -10.10 -1.67
CA HIS E 713 -59.22 -11.04 -2.03
C HIS E 713 -58.93 -12.01 -0.90
N ASP E 714 -59.00 -11.53 0.35
CA ASP E 714 -58.75 -12.40 1.49
C ASP E 714 -59.77 -13.52 1.57
N LYS E 715 -61.06 -13.20 1.38
CA LYS E 715 -62.08 -14.24 1.40
C LYS E 715 -62.05 -15.10 0.14
N GLU E 716 -61.59 -14.55 -0.98
CA GLU E 716 -61.39 -15.39 -2.16
C GLU E 716 -60.31 -16.44 -1.90
N ASP E 717 -59.21 -16.04 -1.26
CA ASP E 717 -58.15 -17.00 -0.95
C ASP E 717 -58.57 -17.97 0.15
N ARG E 718 -59.39 -17.50 1.10
CA ARG E 718 -59.82 -18.36 2.21
C ARG E 718 -60.61 -19.56 1.73
N GLU E 719 -61.55 -19.35 0.81
CA GLU E 719 -62.40 -20.42 0.31
C GLU E 719 -62.07 -20.78 -1.13
N MET F 1 -52.67 9.62 -32.82
CA MET F 1 -53.36 9.68 -34.09
C MET F 1 -52.37 9.73 -35.24
N ARG F 2 -52.83 9.38 -36.45
CA ARG F 2 -51.97 9.34 -37.62
C ARG F 2 -51.71 10.76 -38.09
N LEU F 3 -50.44 11.18 -38.01
CA LEU F 3 -50.08 12.54 -38.40
C LEU F 3 -50.10 12.69 -39.91
N SER F 4 -50.57 13.86 -40.37
CA SER F 4 -50.58 14.16 -41.78
C SER F 4 -49.16 14.46 -42.28
N TYR F 5 -49.00 14.45 -43.60
CA TYR F 5 -47.70 14.75 -44.18
C TYR F 5 -47.25 16.17 -43.87
N GLU F 6 -48.17 17.14 -43.98
CA GLU F 6 -47.80 18.53 -43.73
C GLU F 6 -47.48 18.76 -42.26
N ALA F 7 -48.08 17.96 -41.36
CA ALA F 7 -47.74 18.04 -39.95
C ALA F 7 -46.34 17.55 -39.65
N LEU F 8 -45.80 16.64 -40.48
CA LEU F 8 -44.46 16.11 -40.31
C LEU F 8 -43.42 16.87 -41.11
N GLU F 9 -43.82 17.90 -41.85
CA GLU F 9 -42.91 18.65 -42.69
C GLU F 9 -42.26 19.78 -41.91
N TRP F 10 -40.93 19.89 -42.05
CA TRP F 10 -40.16 20.88 -41.33
C TRP F 10 -39.21 21.60 -42.28
N ARG F 11 -38.87 20.95 -43.39
CA ARG F 11 -37.91 21.49 -44.33
C ARG F 11 -38.48 22.73 -45.03
N THR F 12 -37.59 23.67 -45.32
CA THR F 12 -37.94 24.84 -46.11
C THR F 12 -37.69 24.54 -47.58
N PRO F 13 -38.65 24.80 -48.46
CA PRO F 13 -38.49 24.43 -49.87
C PRO F 13 -37.45 25.27 -50.60
N ILE F 14 -36.92 24.68 -51.67
CA ILE F 14 -35.92 25.32 -52.51
C ILE F 14 -36.49 25.51 -53.90
N GLU F 15 -36.27 26.70 -54.47
CA GLU F 15 -36.70 27.00 -55.82
C GLU F 15 -35.55 27.31 -56.77
N ASN F 16 -34.35 27.55 -56.27
CA ASN F 16 -33.20 27.80 -57.12
C ASN F 16 -31.93 27.40 -56.37
N SER F 17 -31.02 26.75 -57.10
CA SER F 17 -29.76 26.33 -56.47
C SER F 17 -28.56 26.56 -57.37
N THR F 18 -28.69 27.25 -58.50
CA THR F 18 -27.58 27.49 -59.40
C THR F 18 -27.14 28.94 -59.41
N GLU F 19 -27.64 29.76 -58.50
CA GLU F 19 -27.23 31.15 -58.39
C GLU F 19 -26.33 31.31 -57.18
N PRO F 20 -25.02 31.52 -57.36
CA PRO F 20 -24.16 31.77 -56.21
C PRO F 20 -24.64 32.98 -55.40
N VAL F 21 -24.72 32.79 -54.08
CA VAL F 21 -25.23 33.84 -53.21
C VAL F 21 -24.07 34.61 -52.59
N SER F 22 -24.29 35.89 -52.32
CA SER F 22 -23.27 36.75 -51.71
C SER F 22 -23.90 37.41 -50.49
N LEU F 23 -23.40 37.08 -49.31
CA LEU F 23 -23.91 37.62 -48.06
C LEU F 23 -22.75 38.16 -47.23
N PRO F 24 -22.96 39.27 -46.52
CA PRO F 24 -21.89 39.81 -45.68
C PRO F 24 -21.59 38.87 -44.52
N PRO F 25 -20.32 38.72 -44.16
CA PRO F 25 -20.00 37.89 -42.99
C PRO F 25 -20.64 38.45 -41.75
N PRO F 26 -21.17 37.58 -40.89
CA PRO F 26 -21.84 38.06 -39.68
C PRO F 26 -20.84 38.37 -38.59
N PRO F 27 -21.22 39.14 -37.58
CA PRO F 27 -20.35 39.31 -36.41
C PRO F 27 -20.11 37.99 -35.71
N PRO F 28 -18.96 37.82 -35.07
CA PRO F 28 -18.69 36.55 -34.39
C PRO F 28 -19.73 36.28 -33.30
N PHE F 29 -19.93 35.00 -33.00
CA PHE F 29 -20.93 34.55 -32.06
C PHE F 29 -22.33 34.91 -32.54
N PHE F 30 -22.59 34.68 -33.83
CA PHE F 30 -23.90 34.94 -34.40
C PHE F 30 -24.91 33.97 -33.80
N GLY F 31 -26.07 34.47 -33.40
CA GLY F 31 -27.04 33.64 -32.72
C GLY F 31 -26.60 33.18 -31.36
N GLN F 32 -25.52 33.75 -30.83
CA GLN F 32 -24.96 33.38 -29.54
C GLN F 32 -24.89 34.63 -28.67
N GLU F 33 -26.02 35.35 -28.62
CA GLU F 33 -26.07 36.64 -27.95
C GLU F 33 -25.53 36.57 -26.53
N ARG F 34 -26.04 35.63 -25.72
CA ARG F 34 -25.68 35.56 -24.31
C ARG F 34 -24.16 35.61 -24.13
N ALA F 35 -23.44 34.76 -24.86
CA ALA F 35 -21.98 34.81 -24.81
C ALA F 35 -21.46 36.13 -25.34
N ARG F 36 -22.18 36.75 -26.29
CA ARG F 36 -21.69 38.00 -26.87
C ARG F 36 -21.70 39.13 -25.85
N GLU F 37 -22.83 39.33 -25.15
CA GLU F 37 -22.84 40.33 -24.09
C GLU F 37 -21.93 39.94 -22.94
N ALA F 38 -21.78 38.63 -22.68
CA ALA F 38 -20.84 38.21 -21.65
C ALA F 38 -19.43 38.70 -21.98
N LEU F 39 -18.98 38.46 -23.20
CA LEU F 39 -17.64 38.87 -23.60
C LEU F 39 -17.52 40.38 -23.69
N GLU F 40 -18.58 41.07 -24.13
CA GLU F 40 -18.54 42.52 -24.15
C GLU F 40 -18.36 43.09 -22.75
N LEU F 41 -19.09 42.54 -21.77
CA LEU F 41 -18.95 42.99 -20.40
C LEU F 41 -17.58 42.67 -19.85
N ALA F 42 -17.06 41.48 -20.16
CA ALA F 42 -15.72 41.11 -19.71
C ALA F 42 -14.64 42.01 -20.29
N ILE F 43 -14.76 42.36 -21.57
CA ILE F 43 -13.78 43.23 -22.22
C ILE F 43 -13.85 44.65 -21.68
N ARG F 44 -15.06 45.20 -21.57
CA ARG F 44 -15.21 46.58 -21.11
C ARG F 44 -14.72 46.74 -19.68
N GLY F 45 -15.01 45.77 -18.82
CA GLY F 45 -14.55 45.85 -17.44
C GLY F 45 -13.16 45.29 -17.23
N GLY F 46 -12.64 44.59 -18.24
CA GLY F 46 -11.37 43.93 -18.07
C GLY F 46 -11.42 42.71 -17.18
N PHE F 47 -12.63 42.23 -16.88
CA PHE F 47 -12.78 41.03 -16.07
C PHE F 47 -12.35 39.81 -16.86
N HIS F 48 -11.72 38.86 -16.17
CA HIS F 48 -11.38 37.58 -16.76
C HIS F 48 -12.66 36.78 -16.96
N ALA F 49 -12.82 36.20 -18.15
CA ALA F 49 -14.01 35.43 -18.48
C ALA F 49 -13.60 34.01 -18.82
N TYR F 50 -14.60 33.16 -19.02
CA TYR F 50 -14.38 31.81 -19.50
C TYR F 50 -15.56 31.37 -20.35
N LEU F 51 -15.27 30.82 -21.52
CA LEU F 51 -16.29 30.42 -22.48
C LEU F 51 -16.76 29.01 -22.16
N VAL F 52 -18.08 28.82 -22.14
CA VAL F 52 -18.69 27.54 -21.83
C VAL F 52 -19.52 27.11 -23.03
N GLY F 53 -19.30 25.88 -23.48
CA GLY F 53 -20.07 25.32 -24.56
C GLY F 53 -19.72 23.87 -24.81
N PRO F 54 -20.54 23.17 -25.57
CA PRO F 54 -20.22 21.79 -25.94
C PRO F 54 -19.00 21.76 -26.84
N PRO F 55 -18.28 20.64 -26.87
CA PRO F 55 -17.09 20.56 -27.72
C PRO F 55 -17.46 20.65 -29.20
N SER F 56 -16.47 21.07 -30.01
CA SER F 56 -16.61 21.17 -31.46
C SER F 56 -17.65 22.22 -31.86
N LEU F 57 -17.74 23.28 -31.08
CA LEU F 57 -18.52 24.46 -31.47
C LEU F 57 -17.67 25.52 -32.14
N GLY F 58 -16.37 25.31 -32.27
CA GLY F 58 -15.49 26.31 -32.83
C GLY F 58 -15.43 27.58 -32.01
N LYS F 59 -15.42 27.45 -30.69
CA LYS F 59 -15.36 28.64 -29.84
C LYS F 59 -14.07 29.40 -30.06
N HIS F 60 -12.96 28.69 -30.21
CA HIS F 60 -11.67 29.34 -30.37
C HIS F 60 -11.65 30.18 -31.64
N GLU F 61 -12.17 29.62 -32.74
CA GLU F 61 -12.14 30.33 -34.02
C GLU F 61 -12.94 31.62 -33.98
N ALA F 62 -14.15 31.58 -33.41
CA ALA F 62 -14.98 32.77 -33.30
C ALA F 62 -14.38 33.79 -32.32
N LEU F 63 -13.82 33.31 -31.21
CA LEU F 63 -13.22 34.20 -30.23
C LEU F 63 -12.01 34.93 -30.80
N LEU F 64 -11.15 34.22 -31.53
CA LEU F 64 -9.99 34.86 -32.13
C LEU F 64 -10.41 35.90 -33.15
N ALA F 65 -11.44 35.59 -33.94
CA ALA F 65 -11.95 36.57 -34.90
C ALA F 65 -12.52 37.80 -34.20
N TYR F 66 -13.28 37.59 -33.12
CA TYR F 66 -13.89 38.72 -32.44
C TYR F 66 -12.85 39.60 -31.78
N LEU F 67 -11.86 38.99 -31.11
CA LEU F 67 -10.80 39.79 -30.52
C LEU F 67 -9.95 40.48 -31.58
N SER F 68 -9.96 39.97 -32.81
CA SER F 68 -9.22 40.62 -33.88
C SER F 68 -9.88 41.93 -34.32
N THR F 69 -11.20 41.99 -34.37
CA THR F 69 -11.89 43.21 -34.77
C THR F 69 -12.05 44.20 -33.63
N GLN F 70 -11.93 43.76 -32.38
CA GLN F 70 -11.96 44.69 -31.27
C GLN F 70 -10.71 45.55 -31.26
N SER F 71 -10.82 46.74 -30.69
CA SER F 71 -9.69 47.65 -30.54
C SER F 71 -9.42 47.88 -29.06
N VAL F 72 -8.13 47.87 -28.70
CA VAL F 72 -7.70 48.08 -27.33
C VAL F 72 -6.69 49.20 -27.33
N GLU F 73 -6.59 49.89 -26.18
CA GLU F 73 -5.58 50.93 -26.02
C GLU F 73 -4.19 50.31 -26.17
N THR F 74 -3.30 51.06 -26.82
CA THR F 74 -1.98 50.54 -27.14
C THR F 74 -1.22 50.20 -25.85
N PRO F 75 -0.70 48.98 -25.73
CA PRO F 75 -0.05 48.57 -24.49
C PRO F 75 1.37 49.12 -24.43
N PRO F 76 1.82 49.53 -23.25
CA PRO F 76 3.23 49.93 -23.11
C PRO F 76 4.16 48.74 -23.26
N ASP F 77 5.36 49.02 -23.74
CA ASP F 77 6.38 48.00 -23.93
C ASP F 77 7.00 47.66 -22.60
N LEU F 78 6.83 46.42 -22.16
CA LEU F 78 7.44 45.91 -20.93
C LEU F 78 8.56 44.95 -21.30
N LEU F 79 9.77 45.24 -20.83
CA LEU F 79 10.93 44.43 -21.20
C LEU F 79 11.75 44.14 -19.96
N TYR F 80 12.63 43.16 -20.08
CA TYR F 80 13.56 42.81 -19.02
C TYR F 80 14.89 43.50 -19.29
N VAL F 81 15.34 44.31 -18.34
CA VAL F 81 16.61 45.02 -18.43
C VAL F 81 17.48 44.59 -17.25
N PRO F 82 18.71 44.18 -17.48
CA PRO F 82 19.60 43.81 -16.36
C PRO F 82 20.21 45.04 -15.72
N LEU F 83 19.79 45.33 -14.48
CA LEU F 83 20.38 46.42 -13.74
C LEU F 83 21.79 46.07 -13.26
N SER F 84 22.08 44.79 -13.10
CA SER F 84 23.41 44.33 -12.77
C SER F 84 23.58 42.91 -13.30
N GLU F 85 24.65 42.25 -12.84
CA GLU F 85 24.96 40.91 -13.33
C GLU F 85 23.89 39.91 -12.93
N ARG F 86 23.37 40.01 -11.70
CA ARG F 86 22.39 39.08 -11.20
C ARG F 86 21.00 39.67 -11.05
N LYS F 87 20.86 40.99 -11.06
CA LYS F 87 19.57 41.65 -10.87
C LYS F 87 19.01 42.06 -12.23
N VAL F 88 17.85 41.50 -12.57
CA VAL F 88 17.14 41.84 -13.80
C VAL F 88 15.78 42.39 -13.42
N ALA F 89 15.52 43.63 -13.81
CA ALA F 89 14.27 44.31 -13.49
C ALA F 89 13.42 44.43 -14.74
N VAL F 90 12.21 44.95 -14.54
CA VAL F 90 11.24 45.14 -15.62
C VAL F 90 11.11 46.63 -15.89
N LEU F 91 11.27 47.01 -17.16
CA LEU F 91 11.21 48.40 -17.59
C LEU F 91 9.98 48.60 -18.45
N THR F 92 9.25 49.68 -18.20
CA THR F 92 8.06 50.06 -18.96
C THR F 92 8.40 51.28 -19.79
N LEU F 93 7.97 51.27 -21.05
CA LEU F 93 8.21 52.35 -21.98
C LEU F 93 6.96 52.56 -22.83
N PRO F 94 6.80 53.75 -23.42
CA PRO F 94 5.73 53.94 -24.40
C PRO F 94 5.92 53.00 -25.58
N SER F 95 4.81 52.57 -26.16
CA SER F 95 4.86 51.60 -27.24
C SER F 95 5.67 52.12 -28.41
N GLY F 96 6.54 51.28 -28.94
CA GLY F 96 7.41 51.62 -30.04
C GLY F 96 8.80 52.08 -29.63
N GLN F 97 9.03 52.33 -28.35
CA GLN F 97 10.32 52.81 -27.88
C GLN F 97 11.29 51.69 -27.52
N GLU F 98 10.82 50.44 -27.50
CA GLU F 98 11.71 49.35 -27.08
C GLU F 98 12.79 49.08 -28.12
N ILE F 99 12.49 49.20 -29.41
CA ILE F 99 13.51 49.03 -30.42
C ILE F 99 14.54 50.16 -30.36
N HIS F 100 14.07 51.38 -30.08
CA HIS F 100 14.99 52.50 -29.91
C HIS F 100 15.90 52.27 -28.72
N LEU F 101 15.35 51.78 -27.61
CA LEU F 101 16.18 51.47 -26.45
C LEU F 101 17.16 50.36 -26.78
N ALA F 102 16.73 49.36 -27.54
CA ALA F 102 17.62 48.25 -27.89
C ALA F 102 18.81 48.74 -28.72
N GLU F 103 18.54 49.59 -29.72
CA GLU F 103 19.65 50.09 -30.52
C GLU F 103 20.52 51.06 -29.73
N ALA F 104 19.93 51.83 -28.81
CA ALA F 104 20.73 52.67 -27.94
C ALA F 104 21.65 51.84 -27.06
N VAL F 105 21.15 50.72 -26.53
CA VAL F 105 21.98 49.83 -25.73
C VAL F 105 23.07 49.20 -26.57
N GLU F 106 22.76 48.87 -27.83
CA GLU F 106 23.79 48.35 -28.72
C GLU F 106 24.89 49.38 -28.93
N GLY F 107 24.52 50.64 -29.14
CA GLY F 107 25.51 51.69 -29.25
C GLY F 107 26.32 51.87 -27.98
N LEU F 108 25.66 51.76 -26.82
CA LEU F 108 26.36 51.88 -25.56
C LEU F 108 27.35 50.73 -25.36
N LEU F 109 26.99 49.53 -25.82
CA LEU F 109 27.93 48.43 -25.82
C LEU F 109 29.11 48.71 -26.74
N LEU F 110 28.84 49.30 -27.91
CA LEU F 110 29.91 49.69 -28.82
C LEU F 110 30.77 50.83 -28.27
N GLU F 111 30.27 51.55 -27.27
CA GLU F 111 31.03 52.66 -26.67
C GLU F 111 32.30 52.21 -25.98
N VAL F 112 32.51 50.90 -25.78
CA VAL F 112 33.78 50.44 -25.22
C VAL F 112 34.93 50.82 -26.13
N ASN F 113 34.71 50.75 -27.45
CA ASN F 113 35.73 51.18 -28.40
C ASN F 113 36.01 52.66 -28.28
N ARG F 114 34.95 53.47 -28.08
CA ARG F 114 35.14 54.90 -27.90
C ARG F 114 35.96 55.18 -26.64
N LEU F 115 35.66 54.47 -25.55
CA LEU F 115 36.44 54.63 -24.33
C LEU F 115 37.90 54.24 -24.54
N ASP F 116 38.13 53.13 -25.24
CA ASP F 116 39.49 52.67 -25.50
C ASP F 116 40.25 53.70 -26.34
N GLU F 117 39.59 54.26 -27.35
CA GLU F 117 40.22 55.31 -28.16
C GLU F 117 40.51 56.54 -27.32
N LEU F 118 39.61 56.89 -26.41
CA LEU F 118 39.85 58.01 -25.51
C LEU F 118 41.08 57.76 -24.65
N PHE F 119 41.26 56.52 -24.20
CA PHE F 119 42.44 56.17 -23.41
C PHE F 119 43.73 56.26 -24.21
N ARG F 120 43.66 56.28 -25.54
CA ARG F 120 44.81 56.46 -26.40
C ARG F 120 45.07 57.92 -26.76
N GLN F 121 44.26 58.84 -26.24
CA GLN F 121 44.37 60.24 -26.62
C GLN F 121 45.50 60.92 -25.86
N GLY F 122 45.90 62.09 -26.38
CA GLY F 122 47.04 62.78 -25.80
C GLY F 122 46.79 63.28 -24.39
N SER F 123 45.59 63.80 -24.14
CA SER F 123 45.29 64.33 -22.80
C SER F 123 45.31 63.23 -21.75
N PHE F 124 44.68 62.08 -22.05
CA PHE F 124 44.69 60.98 -21.11
C PHE F 124 46.09 60.47 -20.86
N LEU F 125 46.89 60.34 -21.93
CA LEU F 125 48.26 59.86 -21.77
C LEU F 125 49.12 60.83 -20.96
N ARG F 126 48.96 62.14 -21.20
CA ARG F 126 49.78 63.10 -20.46
C ARG F 126 49.36 63.16 -19.00
N GLU F 127 48.06 63.02 -18.72
CA GLU F 127 47.62 62.94 -17.33
C GLU F 127 48.17 61.69 -16.64
N LYS F 128 48.16 60.56 -17.35
CA LYS F 128 48.74 59.34 -16.81
C LYS F 128 50.23 59.51 -16.53
N THR F 129 50.96 60.15 -17.45
CA THR F 129 52.38 60.37 -17.25
C THR F 129 52.63 61.32 -16.09
N GLN F 130 51.80 62.34 -15.92
CA GLN F 130 51.95 63.24 -14.78
C GLN F 130 51.74 62.50 -13.47
N LEU F 131 50.72 61.65 -13.41
CA LEU F 131 50.48 60.86 -12.19
C LEU F 131 51.64 59.92 -11.92
N GLU F 132 52.14 59.25 -12.96
CA GLU F 132 53.29 58.37 -12.79
C GLU F 132 54.52 59.14 -12.34
N ALA F 133 54.73 60.34 -12.86
CA ALA F 133 55.84 61.17 -12.43
C ALA F 133 55.70 61.55 -10.97
N ARG F 134 54.48 61.89 -10.53
CA ARG F 134 54.28 62.19 -9.12
C ARG F 134 54.61 60.99 -8.25
N PHE F 135 54.14 59.81 -8.64
CA PHE F 135 54.45 58.60 -7.88
C PHE F 135 55.94 58.35 -7.82
N LYS F 136 56.63 58.48 -8.96
CA LYS F 136 58.06 58.24 -9.00
C LYS F 136 58.81 59.27 -8.18
N GLU F 137 58.37 60.52 -8.19
CA GLU F 137 59.02 61.54 -7.37
C GLU F 137 58.87 61.24 -5.89
N ALA F 138 57.68 60.82 -5.47
CA ALA F 138 57.49 60.47 -4.06
C ALA F 138 58.36 59.28 -3.68
N ARG F 139 58.41 58.26 -4.54
CA ARG F 139 59.24 57.09 -4.28
C ARG F 139 60.72 57.48 -4.20
N GLU F 140 61.16 58.35 -5.11
CA GLU F 140 62.57 58.74 -5.12
C GLU F 140 62.91 59.60 -3.91
N GLN F 141 61.98 60.45 -3.47
CA GLN F 141 62.23 61.21 -2.25
C GLN F 141 62.37 60.28 -1.04
N GLN F 142 61.49 59.28 -0.95
CA GLN F 142 61.62 58.30 0.14
C GLN F 142 62.94 57.54 0.06
N LEU F 143 63.31 57.12 -1.14
CA LEU F 143 64.56 56.37 -1.32
C LEU F 143 65.77 57.23 -1.00
N GLU F 144 65.72 58.52 -1.38
CA GLU F 144 66.80 59.44 -1.07
C GLU F 144 66.92 59.68 0.43
N ALA F 145 65.79 59.81 1.13
CA ALA F 145 65.84 59.94 2.58
C ALA F 145 66.46 58.70 3.21
N LEU F 146 66.07 57.52 2.73
CA LEU F 146 66.67 56.28 3.23
C LEU F 146 68.16 56.24 2.95
N ARG F 147 68.58 56.67 1.76
CA ARG F 147 69.99 56.68 1.41
C ARG F 147 70.77 57.65 2.29
N ARG F 148 70.21 58.82 2.58
CA ARG F 148 70.88 59.76 3.46
C ARG F 148 71.02 59.19 4.86
N GLU F 149 69.96 58.57 5.38
CA GLU F 149 70.03 57.97 6.71
C GLU F 149 71.01 56.80 6.74
N ALA F 150 71.19 56.12 5.61
CA ALA F 150 72.17 55.04 5.54
C ALA F 150 73.58 55.57 5.50
N GLN F 151 73.83 56.60 4.69
CA GLN F 151 75.18 57.10 4.50
C GLN F 151 75.66 57.93 5.69
N GLU F 152 74.74 58.56 6.44
CA GLU F 152 75.15 59.24 7.66
C GLU F 152 75.68 58.23 8.69
N ALA F 153 75.26 56.99 8.56
CA ALA F 153 75.76 55.90 9.41
C ALA F 153 76.90 55.13 8.78
N GLY F 154 77.41 55.58 7.63
CA GLY F 154 78.52 54.93 6.96
C GLY F 154 78.20 53.55 6.41
N PHE F 155 77.03 53.40 5.78
CA PHE F 155 76.65 52.15 5.15
C PHE F 155 76.18 52.42 3.73
N ALA F 156 76.37 51.43 2.87
CA ALA F 156 76.09 51.56 1.45
C ALA F 156 74.74 50.97 1.13
N LEU F 157 73.91 51.76 0.45
CA LEU F 157 72.57 51.35 0.04
C LEU F 157 72.64 50.78 -1.38
N SER F 158 72.61 49.46 -1.49
CA SER F 158 72.58 48.80 -2.78
C SER F 158 71.15 48.40 -3.09
N THR F 159 70.63 48.88 -4.21
CA THR F 159 69.24 48.67 -4.60
C THR F 159 69.09 47.55 -5.63
N ASN F 160 70.08 46.67 -5.72
CA ASN F 160 70.05 45.59 -6.70
C ASN F 160 68.89 44.64 -6.42
N GLY F 161 68.18 44.26 -7.47
CA GLY F 161 67.07 43.35 -7.35
C GLY F 161 65.86 44.00 -6.71
N GLU F 162 64.82 43.18 -6.52
CA GLU F 162 63.60 43.67 -5.88
C GLU F 162 63.86 44.01 -4.41
N ARG F 163 64.73 43.26 -3.76
CA ARG F 163 65.01 43.46 -2.35
C ARG F 163 66.14 44.47 -2.16
N LEU F 164 65.92 45.41 -1.25
CA LEU F 164 66.91 46.42 -0.93
C LEU F 164 67.95 45.85 0.02
N GLU F 165 69.18 46.33 -0.10
CA GLU F 165 70.27 45.83 0.73
C GLU F 165 71.06 46.98 1.31
N LEU F 166 71.48 46.80 2.55
CA LEU F 166 72.38 47.72 3.24
C LEU F 166 73.65 46.97 3.60
N THR F 167 74.78 47.44 3.10
CA THR F 167 76.05 46.76 3.27
C THR F 167 76.97 47.61 4.15
N GLY F 168 77.57 46.98 5.15
CA GLY F 168 78.46 47.65 6.06
C GLY F 168 79.22 46.66 6.92
N PRO F 169 80.10 47.17 7.78
CA PRO F 169 80.86 46.28 8.66
C PRO F 169 79.94 45.54 9.63
N GLY F 170 79.89 44.22 9.48
CA GLY F 170 79.06 43.38 10.32
C GLY F 170 77.59 43.58 10.04
N PRO F 171 76.74 43.18 10.99
CA PRO F 171 75.31 43.37 10.81
C PRO F 171 74.94 44.85 10.86
N VAL F 172 73.89 45.19 10.10
CA VAL F 172 73.41 46.57 10.04
C VAL F 172 72.66 46.90 11.32
N PRO F 173 72.57 48.17 11.71
CA PRO F 173 71.76 48.53 12.89
C PRO F 173 70.31 48.12 12.72
N ALA F 174 69.66 47.79 13.84
CA ALA F 174 68.27 47.35 13.78
C ALA F 174 67.37 48.44 13.19
N GLU F 175 67.60 49.69 13.57
CA GLU F 175 66.80 50.77 13.01
C GLU F 175 67.04 50.94 11.51
N LEU F 176 68.29 50.75 11.06
CA LEU F 176 68.57 50.84 9.64
C LEU F 176 67.87 49.74 8.86
N SER F 177 67.90 48.51 9.38
CA SER F 177 67.20 47.42 8.72
C SER F 177 65.69 47.64 8.73
N ALA F 178 65.16 48.18 9.84
CA ALA F 178 63.74 48.49 9.90
C ALA F 178 63.35 49.53 8.87
N ARG F 179 64.18 50.57 8.70
CA ARG F 179 63.91 51.57 7.68
C ARG F 179 64.04 50.99 6.29
N LEU F 180 64.98 50.07 6.09
CA LEU F 180 65.14 49.43 4.79
C LEU F 180 63.89 48.64 4.43
N GLU F 181 63.39 47.84 5.38
CA GLU F 181 62.15 47.11 5.17
C GLU F 181 60.98 48.06 4.98
N GLU F 182 60.96 49.18 5.70
CA GLU F 182 59.90 50.17 5.54
C GLU F 182 59.90 50.72 4.12
N VAL F 183 61.08 51.02 3.59
CA VAL F 183 61.17 51.54 2.23
C VAL F 183 60.75 50.48 1.22
N THR F 184 61.12 49.23 1.46
CA THR F 184 60.70 48.15 0.56
C THR F 184 59.18 48.01 0.54
N LEU F 185 58.57 47.96 1.73
CA LEU F 185 57.12 47.84 1.81
C LEU F 185 56.44 49.09 1.23
N GLY F 186 57.04 50.26 1.43
CA GLY F 186 56.48 51.47 0.86
C GLY F 186 56.55 51.46 -0.66
N SER F 187 57.62 50.92 -1.22
CA SER F 187 57.70 50.78 -2.67
C SER F 187 56.64 49.82 -3.18
N LEU F 188 56.43 48.71 -2.49
CA LEU F 188 55.38 47.78 -2.89
C LEU F 188 54.01 48.44 -2.84
N ALA F 189 53.73 49.13 -1.73
CA ALA F 189 52.44 49.81 -1.59
C ALA F 189 52.31 50.93 -2.62
N ALA F 190 53.42 51.59 -2.96
CA ALA F 190 53.38 52.62 -3.98
C ALA F 190 53.05 52.04 -5.34
N SER F 191 53.61 50.87 -5.67
CA SER F 191 53.25 50.21 -6.92
C SER F 191 51.77 49.85 -6.95
N ALA F 192 51.26 49.29 -5.86
CA ALA F 192 49.85 48.93 -5.80
C ALA F 192 48.97 50.17 -5.91
N GLU F 193 49.34 51.25 -5.22
CA GLU F 193 48.57 52.48 -5.26
C GLU F 193 48.64 53.13 -6.63
N LEU F 194 49.78 53.02 -7.30
CA LEU F 194 49.90 53.52 -8.67
C LEU F 194 48.96 52.78 -9.59
N GLU F 195 48.90 51.46 -9.46
CA GLU F 195 47.98 50.68 -10.31
C GLU F 195 46.53 51.07 -10.04
N VAL F 196 46.14 51.14 -8.76
CA VAL F 196 44.74 51.45 -8.45
C VAL F 196 44.42 52.89 -8.85
N ALA F 197 45.40 53.80 -8.78
CA ALA F 197 45.17 55.18 -9.16
C ALA F 197 45.04 55.31 -10.67
N LEU F 198 45.82 54.54 -11.43
CA LEU F 198 45.63 54.52 -12.88
C LEU F 198 44.25 53.99 -13.24
N ARG F 199 43.80 52.93 -12.56
CA ARG F 199 42.45 52.43 -12.81
C ARG F 199 41.39 53.46 -12.44
N ARG F 200 41.61 54.17 -11.32
CA ARG F 200 40.69 55.22 -10.91
C ARG F 200 40.62 56.34 -11.94
N LEU F 201 41.78 56.75 -12.46
CA LEU F 201 41.81 57.78 -13.50
C LEU F 201 41.12 57.31 -14.76
N ARG F 202 41.30 56.04 -15.12
CA ARG F 202 40.59 55.48 -16.26
C ARG F 202 39.08 55.57 -16.06
N ARG F 203 38.62 55.18 -14.87
CA ARG F 203 37.19 55.23 -14.58
C ARG F 203 36.68 56.66 -14.61
N ASP F 204 37.46 57.61 -14.06
CA ASP F 204 37.03 59.00 -14.05
C ASP F 204 36.92 59.55 -15.48
N TRP F 205 37.91 59.26 -16.32
CA TRP F 205 37.87 59.70 -17.71
C TRP F 205 36.69 59.08 -18.45
N ALA F 206 36.43 57.79 -18.22
CA ALA F 206 35.29 57.15 -18.86
C ALA F 206 33.98 57.79 -18.41
N LEU F 207 33.85 58.08 -17.12
CA LEU F 207 32.64 58.71 -16.62
C LEU F 207 32.46 60.11 -17.22
N HIS F 208 33.55 60.87 -17.30
CA HIS F 208 33.47 62.21 -17.89
C HIS F 208 33.07 62.14 -19.35
N TYR F 209 33.63 61.18 -20.09
CA TYR F 209 33.27 61.02 -21.50
C TYR F 209 31.82 60.56 -21.66
N LEU F 210 31.32 59.76 -20.73
CA LEU F 210 30.00 59.17 -20.90
C LEU F 210 28.89 60.00 -20.27
N ASN F 211 29.20 61.02 -19.47
CA ASN F 211 28.15 61.85 -18.90
C ASN F 211 27.33 62.52 -20.00
N ASN F 212 27.99 63.18 -20.94
CA ASN F 212 27.29 63.84 -22.03
C ASN F 212 26.74 62.85 -23.05
N ARG F 213 27.25 61.63 -23.06
CA ARG F 213 26.69 60.57 -23.88
C ARG F 213 25.40 60.00 -23.30
N PHE F 214 25.28 59.95 -21.98
CA PHE F 214 24.15 59.33 -21.32
C PHE F 214 23.04 60.31 -20.96
N GLU F 215 23.36 61.60 -20.78
CA GLU F 215 22.31 62.56 -20.50
C GLU F 215 21.25 62.67 -21.60
N PRO F 216 21.58 62.65 -22.91
CA PRO F 216 20.49 62.66 -23.89
C PRO F 216 19.64 61.40 -23.83
N LEU F 217 20.25 60.26 -23.50
CA LEU F 217 19.48 59.04 -23.30
C LEU F 217 18.60 59.13 -22.06
N PHE F 218 19.08 59.81 -21.01
CA PHE F 218 18.24 60.05 -19.84
C PHE F 218 17.04 60.91 -20.22
N GLN F 219 17.26 61.96 -21.01
CA GLN F 219 16.17 62.82 -21.42
C GLN F 219 15.18 62.08 -22.32
N ARG F 220 15.67 61.25 -23.24
CA ARG F 220 14.79 60.53 -24.14
C ARG F 220 14.04 59.41 -23.41
N PHE F 221 14.72 58.70 -22.52
CA PHE F 221 14.12 57.58 -21.80
C PHE F 221 14.32 57.77 -20.31
N PRO F 222 13.52 58.65 -19.68
CA PRO F 222 13.60 58.79 -18.22
C PRO F 222 13.23 57.51 -17.48
N GLN F 223 12.35 56.69 -18.05
CA GLN F 223 11.98 55.44 -17.40
C GLN F 223 13.18 54.51 -17.26
N ALA F 224 14.06 54.49 -18.26
CA ALA F 224 15.31 53.73 -18.19
C ALA F 224 16.38 54.43 -17.38
N ARG F 225 16.01 55.47 -16.62
CA ARG F 225 16.98 56.30 -15.92
C ARG F 225 17.95 55.47 -15.10
N ALA F 226 17.43 54.54 -14.28
CA ALA F 226 18.31 53.65 -13.55
C ALA F 226 19.08 52.74 -14.49
N TYR F 227 18.36 52.09 -15.42
CA TYR F 227 18.99 51.09 -16.27
C TYR F 227 20.15 51.69 -17.05
N LEU F 228 19.91 52.82 -17.72
CA LEU F 228 20.99 53.51 -18.41
C LEU F 228 22.13 53.82 -17.45
N GLU F 229 21.80 54.33 -16.27
CA GLU F 229 22.83 54.58 -15.26
C GLU F 229 23.58 53.30 -14.95
N ALA F 230 22.85 52.19 -14.79
CA ALA F 230 23.50 50.91 -14.56
C ALA F 230 24.46 50.59 -15.71
N LEU F 231 24.00 50.81 -16.95
CA LEU F 231 24.89 50.64 -18.09
C LEU F 231 26.15 51.47 -17.92
N ARG F 232 25.99 52.74 -17.52
CA ARG F 232 27.16 53.57 -17.26
C ARG F 232 28.03 52.97 -16.18
N ALA F 233 27.40 52.47 -15.10
CA ALA F 233 28.16 51.84 -14.03
C ALA F 233 28.92 50.63 -14.55
N ARG F 234 28.41 49.97 -15.58
CA ARG F 234 29.15 48.87 -16.18
C ARG F 234 30.34 49.37 -16.99
N LEU F 235 30.18 50.48 -17.70
CA LEU F 235 31.23 50.93 -18.60
C LEU F 235 32.43 51.46 -17.82
N ALA F 236 32.17 52.32 -16.82
CA ALA F 236 33.26 52.87 -16.02
C ALA F 236 34.02 51.78 -15.31
N ARG F 237 33.31 50.80 -14.74
CA ARG F 237 33.97 49.63 -14.18
C ARG F 237 34.78 48.90 -15.23
N TYR F 238 34.23 48.78 -16.44
CA TYR F 238 34.98 48.18 -17.54
C TYR F 238 36.27 48.93 -17.81
N ALA F 239 36.28 50.25 -17.55
CA ALA F 239 37.50 51.02 -17.71
C ALA F 239 38.48 50.74 -16.57
N GLU F 240 37.96 50.51 -15.36
CA GLU F 240 38.82 50.38 -14.20
C GLU F 240 39.23 48.93 -13.94
N THR F 241 38.24 48.05 -13.73
CA THR F 241 38.56 46.67 -13.40
C THR F 241 39.16 45.93 -14.59
N GLY F 242 38.90 46.39 -15.81
CA GLY F 242 39.36 45.68 -16.98
C GLY F 242 38.57 44.42 -17.28
N GLU F 243 37.44 44.22 -16.61
CA GLU F 243 36.64 43.03 -16.84
C GLU F 243 36.07 43.03 -18.26
N PRO F 244 35.90 41.87 -18.87
CA PRO F 244 35.33 41.81 -20.22
C PRO F 244 33.84 42.14 -20.23
N LEU F 245 33.32 42.49 -21.40
CA LEU F 245 31.91 42.81 -21.56
C LEU F 245 31.24 41.73 -22.40
N ASP F 246 30.17 41.15 -21.87
CA ASP F 246 29.39 40.15 -22.56
C ASP F 246 28.12 40.78 -23.10
N PRO F 247 27.93 40.85 -24.41
CA PRO F 247 26.70 41.45 -24.97
C PRO F 247 25.50 40.50 -24.91
N ALA F 248 25.33 39.88 -23.75
CA ALA F 248 24.15 39.05 -23.48
C ALA F 248 23.72 39.27 -22.04
N GLN F 249 24.63 39.82 -21.24
CA GLN F 249 24.33 40.16 -19.85
C GLN F 249 23.99 41.62 -19.65
N TRP F 250 24.00 42.43 -20.72
CA TRP F 250 23.64 43.84 -20.60
C TRP F 250 22.80 44.29 -21.78
N ARG F 251 22.32 43.33 -22.58
CA ARG F 251 21.41 43.59 -23.68
C ARG F 251 19.99 43.30 -23.22
N PRO F 252 19.06 44.24 -23.38
CA PRO F 252 17.69 44.02 -22.90
C PRO F 252 17.06 42.81 -23.58
N ASN F 253 16.42 41.97 -22.76
CA ASN F 253 15.81 40.74 -23.26
C ASN F 253 14.38 41.06 -23.66
N LEU F 254 14.18 41.36 -24.95
CA LEU F 254 12.88 41.79 -25.45
C LEU F 254 12.00 40.57 -25.61
N LEU F 255 10.84 40.59 -24.95
CA LEU F 255 9.85 39.53 -25.06
C LEU F 255 8.54 40.05 -25.65
N THR F 256 8.48 41.33 -26.00
CA THR F 256 7.24 41.94 -26.42
C THR F 256 7.44 42.63 -27.76
N SER F 257 6.38 42.68 -28.54
CA SER F 257 6.35 43.42 -29.80
C SER F 257 5.46 44.64 -29.65
N SER F 258 6.03 45.80 -29.96
CA SER F 258 5.29 47.05 -29.85
C SER F 258 4.11 47.06 -30.81
N SER F 259 2.96 47.51 -30.32
CA SER F 259 1.75 47.52 -31.14
C SER F 259 0.86 48.66 -30.69
N SER F 260 -0.04 49.06 -31.58
CA SER F 260 -1.00 50.11 -31.30
C SER F 260 -2.30 49.58 -30.71
N GLY F 261 -2.37 48.29 -30.41
CA GLY F 261 -3.59 47.69 -29.92
C GLY F 261 -4.56 47.26 -30.99
N THR F 262 -4.23 47.45 -32.25
CA THR F 262 -5.07 47.03 -33.37
C THR F 262 -4.21 46.23 -34.34
N PRO F 263 -4.30 44.88 -34.33
CA PRO F 263 -5.16 44.12 -33.42
C PRO F 263 -4.60 44.05 -32.00
N PRO F 264 -5.45 43.79 -31.02
CA PRO F 264 -4.99 43.61 -29.64
C PRO F 264 -4.05 42.43 -29.55
N PRO F 265 -3.11 42.45 -28.61
CA PRO F 265 -2.18 41.33 -28.45
C PRO F 265 -2.92 40.09 -28.02
N ILE F 266 -3.09 39.14 -28.94
CA ILE F 266 -3.89 37.95 -28.71
C ILE F 266 -2.95 36.76 -28.80
N VAL F 267 -2.89 35.99 -27.71
CA VAL F 267 -2.12 34.75 -27.67
C VAL F 267 -3.08 33.62 -27.37
N TYR F 268 -3.08 32.60 -28.22
CA TYR F 268 -3.93 31.42 -28.03
C TYR F 268 -3.03 30.23 -27.72
N GLU F 269 -3.21 29.65 -26.54
CA GLU F 269 -2.46 28.48 -26.16
C GLU F 269 -3.40 27.30 -26.00
N PRO F 270 -3.60 26.49 -27.03
CA PRO F 270 -4.38 25.26 -26.85
C PRO F 270 -3.68 24.31 -25.91
N TYR F 271 -2.38 24.51 -25.73
CA TYR F 271 -1.59 23.81 -24.73
C TYR F 271 -0.85 24.84 -23.89
N ALA F 272 -0.99 24.74 -22.57
CA ALA F 272 -0.40 25.69 -21.64
C ALA F 272 0.38 24.96 -20.57
N THR F 273 1.55 25.48 -20.23
CA THR F 273 2.40 24.92 -19.18
C THR F 273 3.19 26.07 -18.57
N ALA F 274 3.65 25.88 -17.34
CA ALA F 274 4.34 26.95 -16.61
C ALA F 274 5.52 27.53 -17.36
N PRO F 275 6.45 26.74 -17.92
CA PRO F 275 7.46 27.36 -18.79
C PRO F 275 6.87 28.05 -20.01
N ARG F 276 5.78 27.50 -20.55
CA ARG F 276 5.14 28.13 -21.70
C ARG F 276 4.42 29.42 -21.32
N LEU F 277 3.85 29.45 -20.12
CA LEU F 277 3.03 30.60 -19.72
C LEU F 277 3.88 31.72 -19.14
N PHE F 278 4.68 31.40 -18.12
CA PHE F 278 5.47 32.40 -17.42
C PHE F 278 6.86 32.56 -17.98
N GLY F 279 7.18 31.88 -19.07
CA GLY F 279 8.55 31.85 -19.55
C GLY F 279 9.39 30.87 -18.75
N ARG F 280 10.67 30.85 -19.08
CA ARG F 280 11.62 29.98 -18.39
C ARG F 280 12.99 30.63 -18.45
N LEU F 281 13.86 30.22 -17.52
CA LEU F 281 15.23 30.71 -17.46
C LEU F 281 16.15 29.57 -17.87
N ASP F 282 16.76 29.69 -19.05
CA ASP F 282 17.65 28.67 -19.56
C ASP F 282 19.03 28.83 -18.93
N TYR F 283 19.85 27.79 -19.08
CA TYR F 283 21.17 27.75 -18.48
C TYR F 283 22.17 27.18 -19.48
N LEU F 284 23.44 27.49 -19.25
CA LEU F 284 24.53 26.99 -20.07
C LEU F 284 25.58 26.35 -19.17
N VAL F 285 26.27 25.37 -19.71
CA VAL F 285 27.27 24.60 -18.99
C VAL F 285 28.64 25.03 -19.47
N ASP F 286 29.42 25.63 -18.58
CA ASP F 286 30.79 26.06 -18.85
C ASP F 286 31.70 25.25 -17.94
N ARG F 287 32.34 24.23 -18.51
CA ARG F 287 33.25 23.31 -17.83
C ARG F 287 32.57 22.62 -16.65
N GLY F 288 31.25 22.44 -16.70
CA GLY F 288 30.51 21.86 -15.59
C GLY F 288 29.76 22.87 -14.73
N VAL F 289 29.97 24.16 -14.95
CA VAL F 289 29.34 25.21 -14.15
C VAL F 289 28.08 25.68 -14.85
N TRP F 290 26.96 25.70 -14.12
CA TRP F 290 25.70 26.18 -14.66
C TRP F 290 25.63 27.69 -14.51
N SER F 291 25.43 28.39 -15.61
CA SER F 291 25.37 29.85 -15.59
C SER F 291 24.20 30.31 -16.44
N THR F 292 23.73 31.53 -16.16
CA THR F 292 22.61 32.09 -16.88
C THR F 292 22.72 33.61 -16.91
N ASN F 293 21.99 34.22 -17.84
CA ASN F 293 22.00 35.66 -18.02
C ASN F 293 20.60 36.11 -18.41
N VAL F 294 20.45 37.42 -18.64
CA VAL F 294 19.15 37.98 -18.99
C VAL F 294 18.67 37.46 -20.34
N SER F 295 19.58 37.11 -21.23
CA SER F 295 19.22 36.68 -22.58
C SER F 295 18.70 35.25 -22.61
N LEU F 296 18.78 34.51 -21.51
CA LEU F 296 18.29 33.14 -21.46
C LEU F 296 16.85 33.06 -20.99
N ILE F 297 16.20 34.19 -20.74
CA ILE F 297 14.77 34.19 -20.43
C ILE F 297 13.98 34.00 -21.71
N ARG F 298 13.08 33.03 -21.72
CA ARG F 298 12.33 32.73 -22.93
C ARG F 298 10.94 33.34 -22.86
N PRO F 299 10.43 33.83 -23.99
CA PRO F 299 9.08 34.41 -24.00
C PRO F 299 8.04 33.42 -23.51
N GLY F 300 7.22 33.85 -22.55
CA GLY F 300 6.10 33.07 -22.08
C GLY F 300 4.80 33.56 -22.66
N ALA F 301 3.75 32.75 -22.46
CA ALA F 301 2.42 33.15 -22.89
C ALA F 301 1.92 34.38 -22.16
N VAL F 302 2.37 34.59 -20.91
CA VAL F 302 2.01 35.80 -20.19
C VAL F 302 2.67 37.02 -20.82
N HIS F 303 3.97 36.92 -21.10
CA HIS F 303 4.70 38.05 -21.67
C HIS F 303 4.17 38.41 -23.06
N ARG F 304 3.91 37.39 -23.88
CA ARG F 304 3.46 37.63 -25.23
C ARG F 304 2.04 38.19 -25.28
N ALA F 305 1.26 37.99 -24.23
CA ALA F 305 -0.11 38.48 -24.16
C ALA F 305 -0.22 39.74 -23.31
N GLN F 306 0.90 40.39 -23.03
CA GLN F 306 0.90 41.60 -22.20
C GLN F 306 0.00 42.66 -22.83
N GLY F 307 -0.87 43.24 -22.01
CA GLY F 307 -1.79 44.25 -22.51
C GLY F 307 -2.76 43.72 -23.55
N GLY F 308 -3.17 42.47 -23.43
CA GLY F 308 -4.04 41.83 -24.40
C GLY F 308 -4.85 40.73 -23.78
N TYR F 309 -5.05 39.65 -24.55
CA TYR F 309 -5.88 38.53 -24.13
C TYR F 309 -5.11 37.23 -24.34
N LEU F 310 -5.23 36.33 -23.38
CA LEU F 310 -4.59 35.01 -23.46
C LEU F 310 -5.68 33.95 -23.38
N ILE F 311 -6.05 33.38 -24.52
CA ILE F 311 -7.07 32.35 -24.58
C ILE F 311 -6.43 31.02 -24.19
N LEU F 312 -6.94 30.40 -23.13
CA LEU F 312 -6.44 29.13 -22.63
C LEU F 312 -7.57 28.11 -22.56
N ASP F 313 -7.20 26.88 -22.30
CA ASP F 313 -8.14 25.77 -22.19
C ASP F 313 -8.10 25.21 -20.77
N ALA F 314 -9.28 25.08 -20.16
CA ALA F 314 -9.35 24.52 -18.82
C ALA F 314 -8.86 23.07 -18.82
N LEU F 315 -9.08 22.36 -19.92
CA LEU F 315 -8.55 21.00 -20.04
C LEU F 315 -7.03 21.01 -19.94
N SER F 316 -6.38 21.99 -20.56
CA SER F 316 -4.93 22.10 -20.42
C SER F 316 -4.53 22.40 -18.99
N LEU F 317 -5.22 23.34 -18.33
CA LEU F 317 -4.85 23.71 -16.96
C LEU F 317 -5.07 22.55 -16.00
N LYS F 318 -6.02 21.66 -16.30
CA LYS F 318 -6.32 20.56 -15.42
C LYS F 318 -5.50 19.31 -15.72
N ARG F 319 -5.11 19.10 -16.97
CA ARG F 319 -4.51 17.83 -17.36
C ARG F 319 -3.15 17.61 -16.70
N GLU F 320 -2.31 18.63 -16.60
CA GLU F 320 -1.04 18.48 -15.91
C GLU F 320 -1.09 19.01 -14.47
N GLY F 321 -2.23 19.53 -14.04
CA GLY F 321 -2.33 20.07 -12.69
C GLY F 321 -1.52 21.31 -12.43
N THR F 322 -1.44 22.22 -13.40
CA THR F 322 -0.79 23.52 -13.17
C THR F 322 -1.79 24.63 -12.86
N TRP F 323 -3.05 24.29 -12.65
CA TRP F 323 -4.03 25.31 -12.27
C TRP F 323 -3.64 26.02 -10.99
N GLU F 324 -2.98 25.31 -10.07
CA GLU F 324 -2.62 25.90 -8.79
C GLU F 324 -1.64 27.06 -8.98
N ALA F 325 -0.56 26.81 -9.73
CA ALA F 325 0.45 27.84 -9.94
C ALA F 325 -0.11 29.02 -10.72
N PHE F 326 -0.89 28.73 -11.78
CA PHE F 326 -1.42 29.81 -12.66
C PHE F 326 -2.41 30.68 -11.89
N LYS F 327 -3.33 30.05 -11.16
CA LYS F 327 -4.36 30.82 -10.41
C LYS F 327 -3.67 31.69 -9.35
N ARG F 328 -2.65 31.14 -8.69
CA ARG F 328 -1.91 31.91 -7.66
C ARG F 328 -1.24 33.12 -8.34
N ALA F 329 -0.70 32.92 -9.54
CA ALA F 329 -0.01 34.02 -10.27
C ALA F 329 -1.01 35.14 -10.58
N LEU F 330 -2.22 34.79 -11.01
CA LEU F 330 -3.24 35.82 -11.36
C LEU F 330 -3.59 36.63 -10.11
N ARG F 331 -3.79 35.95 -8.98
CA ARG F 331 -4.09 36.67 -7.71
C ARG F 331 -2.86 37.47 -7.30
N ASN F 332 -1.66 36.91 -7.50
CA ASN F 332 -0.39 37.62 -7.18
C ASN F 332 -0.27 38.83 -8.11
N GLY F 333 -0.99 38.82 -9.24
CA GLY F 333 -0.84 39.90 -10.23
C GLY F 333 0.59 39.96 -10.73
N GLN F 334 1.48 39.05 -10.31
CA GLN F 334 2.80 39.06 -10.91
C GLN F 334 3.30 37.62 -11.02
N VAL F 335 4.26 37.42 -11.91
CA VAL F 335 4.88 36.11 -12.06
C VAL F 335 6.26 36.30 -12.67
N GLU F 336 7.15 35.36 -12.40
CA GLU F 336 8.51 35.37 -12.88
C GLU F 336 8.83 34.03 -13.52
N PRO F 337 9.77 34.00 -14.48
CA PRO F 337 10.10 32.73 -15.14
C PRO F 337 10.62 31.70 -14.17
N VAL F 338 10.36 30.43 -14.49
CA VAL F 338 10.69 29.34 -13.58
C VAL F 338 12.20 29.23 -13.42
N THR F 339 12.62 28.70 -12.26
CA THR F 339 14.02 28.47 -11.96
C THR F 339 14.17 27.03 -11.50
N GLU F 340 15.00 26.26 -12.21
CA GLU F 340 15.22 24.87 -11.85
C GLU F 340 16.10 24.77 -10.61
N PRO F 341 15.89 23.75 -9.78
CA PRO F 341 16.72 23.57 -8.58
C PRO F 341 18.03 22.87 -8.90
N GLN F 342 18.70 23.31 -9.97
CA GLN F 342 19.97 22.75 -10.39
C GLN F 342 20.93 23.86 -10.79
N ALA F 343 20.60 25.10 -10.46
CA ALA F 343 21.43 26.25 -10.67
C ALA F 343 21.96 26.75 -9.33
N PRO F 344 23.13 27.41 -9.31
CA PRO F 344 23.66 27.86 -8.02
C PRO F 344 22.77 28.86 -7.32
N ALA F 345 22.46 29.99 -7.95
CA ALA F 345 21.53 30.95 -7.35
C ALA F 345 20.59 31.54 -8.39
N GLY F 346 20.71 31.10 -9.65
CA GLY F 346 19.90 31.63 -10.71
C GLY F 346 20.08 33.13 -10.86
N LEU F 347 18.98 33.83 -11.09
CA LEU F 347 18.97 35.27 -11.18
C LEU F 347 17.86 35.85 -10.31
N GLU F 348 18.07 37.06 -9.82
CA GLU F 348 17.08 37.76 -9.02
C GLU F 348 16.10 38.48 -9.94
N VAL F 349 15.35 37.67 -10.70
CA VAL F 349 14.44 38.21 -11.69
C VAL F 349 13.25 38.85 -10.99
N GLU F 350 13.00 40.12 -11.31
CA GLU F 350 11.85 40.82 -10.78
C GLU F 350 10.58 40.28 -11.42
N PRO F 351 9.52 40.01 -10.65
CA PRO F 351 8.30 39.44 -11.24
C PRO F 351 7.72 40.31 -12.34
N PHE F 352 7.21 39.67 -13.39
CA PHE F 352 6.71 40.40 -14.55
C PHE F 352 5.30 40.90 -14.27
N PRO F 353 5.06 42.22 -14.33
CA PRO F 353 3.70 42.72 -14.10
C PRO F 353 2.71 42.17 -15.10
N ILE F 354 1.51 41.90 -14.61
CA ILE F 354 0.48 41.21 -15.38
C ILE F 354 -0.58 42.24 -15.76
N GLN F 355 -0.66 42.55 -17.06
CA GLN F 355 -1.69 43.43 -17.60
C GLN F 355 -2.65 42.67 -18.51
N MET F 356 -2.48 41.36 -18.64
CA MET F 356 -3.29 40.53 -19.50
C MET F 356 -4.70 40.36 -18.97
N GLN F 357 -5.61 40.00 -19.87
CA GLN F 357 -6.95 39.56 -19.53
C GLN F 357 -7.11 38.10 -19.92
N VAL F 358 -7.47 37.26 -18.96
CA VAL F 358 -7.57 35.83 -19.19
C VAL F 358 -8.97 35.51 -19.68
N ILE F 359 -9.06 34.75 -20.78
CA ILE F 359 -10.33 34.30 -21.31
C ILE F 359 -10.20 32.80 -21.53
N LEU F 360 -10.63 32.01 -20.55
CA LEU F 360 -10.61 30.57 -20.67
C LEU F 360 -11.66 30.09 -21.66
N VAL F 361 -11.39 28.95 -22.29
CA VAL F 361 -12.36 28.28 -23.15
C VAL F 361 -12.34 26.79 -22.82
N GLY F 362 -13.52 26.21 -22.65
CA GLY F 362 -13.60 24.80 -22.37
C GLY F 362 -15.04 24.33 -22.28
N THR F 363 -15.18 23.03 -22.17
CA THR F 363 -16.47 22.38 -22.02
C THR F 363 -16.94 22.52 -20.58
N PRO F 364 -18.25 22.35 -20.34
CA PRO F 364 -18.74 22.46 -18.95
C PRO F 364 -18.06 21.48 -18.00
N GLU F 365 -17.77 20.26 -18.45
CA GLU F 365 -17.09 19.30 -17.58
C GLU F 365 -15.68 19.75 -17.25
N ALA F 366 -15.05 20.53 -18.12
CA ALA F 366 -13.74 21.10 -17.81
C ALA F 366 -13.84 22.08 -16.65
N PHE F 367 -14.89 22.89 -16.62
CA PHE F 367 -15.11 23.85 -15.55
C PHE F 367 -15.73 23.21 -14.31
N GLU F 368 -16.18 21.96 -14.41
CA GLU F 368 -16.67 21.26 -13.24
C GLU F 368 -15.59 21.13 -12.18
N GLY F 369 -14.36 20.84 -12.59
CA GLY F 369 -13.27 20.68 -11.65
C GLY F 369 -12.66 21.97 -11.16
N LEU F 370 -13.01 23.11 -11.75
CA LEU F 370 -12.52 24.39 -11.30
C LEU F 370 -13.51 25.15 -10.44
N GLU F 371 -14.81 24.90 -10.58
CA GLU F 371 -15.83 25.64 -9.87
C GLU F 371 -15.86 25.35 -8.38
N GLU F 372 -15.25 24.25 -7.94
CA GLU F 372 -15.17 24.00 -6.50
C GLU F 372 -14.33 25.06 -5.80
N ASP F 373 -13.23 25.45 -6.42
CA ASP F 373 -12.35 26.45 -5.81
C ASP F 373 -13.03 27.81 -5.83
N PRO F 374 -13.24 28.43 -4.67
CA PRO F 374 -13.76 29.81 -4.65
C PRO F 374 -12.83 30.81 -5.31
N ALA F 375 -11.54 30.51 -5.44
CA ALA F 375 -10.63 31.39 -6.17
C ALA F 375 -11.00 31.48 -7.64
N PHE F 376 -11.43 30.36 -8.25
CA PHE F 376 -11.90 30.41 -9.63
C PHE F 376 -13.06 31.37 -9.77
N SER F 377 -13.99 31.31 -8.81
CA SER F 377 -15.13 32.26 -8.85
C SER F 377 -14.58 33.68 -8.78
N GLU F 378 -13.71 33.97 -7.81
CA GLU F 378 -13.24 35.37 -7.62
C GLU F 378 -12.54 35.91 -8.88
N LEU F 379 -11.72 35.09 -9.55
CA LEU F 379 -10.96 35.60 -10.71
C LEU F 379 -11.87 35.74 -11.94
N PHE F 380 -12.75 34.76 -12.19
CA PHE F 380 -13.55 34.77 -13.41
C PHE F 380 -15.01 34.95 -13.03
N ARG F 381 -15.51 36.19 -13.11
CA ARG F 381 -16.90 36.46 -12.78
C ARG F 381 -17.81 36.53 -14.00
N ILE F 382 -17.27 36.36 -15.20
CA ILE F 382 -18.08 36.33 -16.42
C ILE F 382 -18.07 34.93 -17.00
N ARG F 383 -19.26 34.37 -17.22
CA ARG F 383 -19.41 33.06 -17.85
C ARG F 383 -20.14 33.26 -19.18
N ALA F 384 -19.46 32.93 -20.28
CA ALA F 384 -20.02 33.06 -21.61
C ALA F 384 -20.47 31.69 -22.09
N GLU F 385 -21.72 31.37 -21.80
CA GLU F 385 -22.27 30.06 -22.15
C GLU F 385 -22.72 30.05 -23.61
N PHE F 386 -22.42 28.94 -24.30
CA PHE F 386 -22.80 28.75 -25.69
C PHE F 386 -23.90 27.71 -25.79
N SER F 387 -25.03 28.11 -26.36
CA SER F 387 -26.04 27.08 -26.58
C SER F 387 -25.63 26.16 -27.72
N PRO F 388 -25.91 24.88 -27.62
CA PRO F 388 -25.62 23.97 -28.74
C PRO F 388 -26.62 24.13 -29.87
N THR F 389 -27.62 24.99 -29.67
CA THR F 389 -28.60 25.28 -30.70
C THR F 389 -28.73 26.79 -30.86
N LEU F 390 -29.17 27.19 -32.04
CA LEU F 390 -29.38 28.59 -32.39
C LEU F 390 -30.79 28.73 -32.95
N PRO F 391 -31.41 29.89 -32.79
CA PRO F 391 -32.77 30.08 -33.32
C PRO F 391 -32.80 29.88 -34.83
N ALA F 392 -33.86 29.25 -35.29
CA ALA F 392 -34.05 28.99 -36.72
C ALA F 392 -34.74 30.22 -37.32
N SER F 393 -33.95 31.11 -37.88
CA SER F 393 -34.46 32.34 -38.45
C SER F 393 -33.75 32.61 -39.76
N PRO F 394 -34.39 33.33 -40.68
CA PRO F 394 -33.67 33.74 -41.90
C PRO F 394 -32.43 34.56 -41.61
N GLU F 395 -32.45 35.35 -40.53
CA GLU F 395 -31.26 36.11 -40.15
C GLU F 395 -30.10 35.17 -39.80
N ASN F 396 -30.39 34.13 -39.02
CA ASN F 396 -29.33 33.19 -38.64
C ASN F 396 -28.87 32.35 -39.83
N CYS F 397 -29.80 32.01 -40.74
CA CYS F 397 -29.39 31.32 -41.95
C CYS F 397 -28.47 32.20 -42.80
N THR F 398 -28.81 33.49 -42.91
CA THR F 398 -27.95 34.43 -43.62
C THR F 398 -26.60 34.55 -42.94
N ALA F 399 -26.58 34.56 -41.61
CA ALA F 399 -25.33 34.59 -40.87
C ALA F 399 -24.49 33.35 -41.16
N LEU F 400 -25.12 32.17 -41.20
CA LEU F 400 -24.39 30.96 -41.53
C LEU F 400 -23.82 31.02 -42.94
N GLY F 401 -24.61 31.52 -43.89
CA GLY F 401 -24.11 31.66 -45.24
C GLY F 401 -22.92 32.60 -45.33
N GLY F 402 -23.01 33.75 -44.67
CA GLY F 402 -21.90 34.68 -44.67
C GLY F 402 -20.66 34.10 -44.00
N TRP F 403 -20.85 33.38 -42.90
CA TRP F 403 -19.73 32.74 -42.22
C TRP F 403 -19.06 31.71 -43.13
N LEU F 404 -19.86 30.88 -43.80
CA LEU F 404 -19.28 29.88 -44.69
C LEU F 404 -18.56 30.54 -45.87
N LEU F 405 -19.12 31.62 -46.40
CA LEU F 405 -18.44 32.34 -47.47
C LEU F 405 -17.11 32.91 -46.99
N ALA F 406 -17.08 33.44 -45.77
CA ALA F 406 -15.82 33.91 -45.19
C ALA F 406 -14.85 32.77 -44.96
N GLN F 407 -15.36 31.55 -44.73
CA GLN F 407 -14.50 30.39 -44.57
C GLN F 407 -13.82 29.97 -45.86
N GLY F 408 -14.24 30.51 -47.01
CA GLY F 408 -13.61 30.18 -48.27
C GLY F 408 -14.42 29.18 -49.08
N PHE F 409 -15.73 29.34 -49.09
CA PHE F 409 -16.63 28.44 -49.79
C PHE F 409 -17.52 29.21 -50.77
N GLN F 410 -17.80 28.58 -51.90
CA GLN F 410 -18.71 29.12 -52.90
C GLN F 410 -20.10 28.54 -52.65
N LEU F 411 -21.04 29.39 -52.30
CA LEU F 411 -22.35 28.95 -51.85
C LEU F 411 -23.43 29.31 -52.85
N THR F 412 -24.50 28.51 -52.83
CA THR F 412 -25.71 28.79 -53.60
C THR F 412 -26.89 28.84 -52.64
N GLN F 413 -27.98 29.43 -53.11
CA GLN F 413 -29.17 29.55 -52.26
C GLN F 413 -29.70 28.18 -51.88
N GLY F 414 -29.81 27.27 -52.85
CA GLY F 414 -30.28 25.92 -52.56
C GLY F 414 -29.32 25.16 -51.66
N GLY F 415 -28.03 25.26 -51.94
CA GLY F 415 -27.05 24.60 -51.09
C GLY F 415 -27.06 25.14 -49.68
N LEU F 416 -27.18 26.46 -49.52
CA LEU F 416 -27.27 27.05 -48.20
C LEU F 416 -28.52 26.58 -47.47
N THR F 417 -29.65 26.50 -48.17
CA THR F 417 -30.88 26.04 -47.53
C THR F 417 -30.77 24.58 -47.11
N ARG F 418 -30.15 23.74 -47.95
CA ARG F 418 -29.96 22.35 -47.60
C ARG F 418 -29.03 22.21 -46.39
N LEU F 419 -27.97 23.01 -46.34
CA LEU F 419 -27.08 23.01 -45.18
C LEU F 419 -27.81 23.45 -43.92
N TYR F 420 -28.68 24.46 -44.05
CA TYR F 420 -29.46 24.92 -42.91
C TYR F 420 -30.40 23.81 -42.41
N ASP F 421 -31.06 23.11 -43.33
CA ASP F 421 -31.93 22.01 -42.93
C ASP F 421 -31.15 20.88 -42.27
N GLU F 422 -29.96 20.57 -42.79
CA GLU F 422 -29.15 19.53 -42.16
C GLU F 422 -28.63 19.98 -40.80
N ALA F 423 -28.36 21.28 -40.63
CA ALA F 423 -28.01 21.79 -39.32
C ALA F 423 -29.16 21.64 -38.34
N ARG F 424 -30.38 21.92 -38.79
CA ARG F 424 -31.55 21.67 -37.96
C ARG F 424 -31.66 20.19 -37.60
N ARG F 425 -31.36 19.32 -38.57
CA ARG F 425 -31.44 17.88 -38.31
C ARG F 425 -30.43 17.44 -37.25
N MET F 426 -29.17 17.84 -37.42
CA MET F 426 -28.14 17.42 -36.46
C MET F 426 -28.37 18.08 -35.10
N ALA F 427 -29.08 19.21 -35.08
CA ALA F 427 -29.53 19.78 -33.81
C ALA F 427 -30.63 18.95 -33.19
N GLU F 428 -31.29 18.08 -33.96
CA GLU F 428 -32.41 17.27 -33.49
C GLU F 428 -33.54 18.15 -32.94
N GLN F 429 -33.71 19.32 -33.52
CA GLN F 429 -34.77 20.24 -33.13
C GLN F 429 -35.41 20.81 -34.38
N ARG F 430 -36.74 20.83 -34.38
CA ARG F 430 -37.47 21.27 -35.58
C ARG F 430 -37.31 22.77 -35.79
N ASP F 431 -37.17 23.53 -34.70
CA ASP F 431 -37.11 24.99 -34.79
C ASP F 431 -35.78 25.55 -34.30
N ARG F 432 -34.74 24.73 -34.18
CA ARG F 432 -33.43 25.19 -33.76
C ARG F 432 -32.37 24.54 -34.63
N MET F 433 -31.42 25.35 -35.12
CA MET F 433 -30.31 24.83 -35.90
C MET F 433 -29.15 24.50 -34.98
N ASP F 434 -28.26 23.63 -35.47
CA ASP F 434 -27.09 23.25 -34.68
C ASP F 434 -26.09 24.40 -34.63
N ALA F 435 -25.48 24.61 -33.47
CA ALA F 435 -24.46 25.62 -33.30
C ALA F 435 -23.05 25.10 -33.50
N ARG F 436 -22.89 23.80 -33.76
CA ARG F 436 -21.56 23.25 -33.97
C ARG F 436 -21.01 23.72 -35.31
N LEU F 437 -20.18 24.77 -35.28
CA LEU F 437 -19.64 25.31 -36.52
C LEU F 437 -18.65 24.34 -37.16
N VAL F 438 -17.95 23.57 -36.34
CA VAL F 438 -16.94 22.65 -36.87
C VAL F 438 -17.58 21.58 -37.74
N GLU F 439 -18.67 20.98 -37.26
CA GLU F 439 -19.31 19.92 -38.03
C GLU F 439 -19.95 20.47 -39.30
N ILE F 440 -20.56 21.65 -39.24
CA ILE F 440 -21.13 22.24 -40.45
C ILE F 440 -20.04 22.59 -41.45
N ARG F 441 -18.88 23.05 -40.95
CA ARG F 441 -17.76 23.31 -41.84
C ARG F 441 -17.24 22.03 -42.48
N ALA F 442 -17.18 20.94 -41.71
CA ALA F 442 -16.77 19.66 -42.27
C ALA F 442 -17.75 19.18 -43.34
N LEU F 443 -19.04 19.34 -43.09
CA LEU F 443 -20.05 18.99 -44.08
C LEU F 443 -19.93 19.86 -45.33
N ALA F 444 -19.63 21.15 -45.15
CA ALA F 444 -19.41 22.03 -46.29
C ALA F 444 -18.20 21.57 -47.11
N GLU F 445 -17.12 21.18 -46.43
CA GLU F 445 -15.95 20.66 -47.14
C GLU F 445 -16.30 19.39 -47.92
N GLU F 446 -17.05 18.48 -47.29
CA GLU F 446 -17.44 17.25 -47.96
C GLU F 446 -18.32 17.52 -49.17
N ALA F 447 -19.25 18.47 -49.06
CA ALA F 447 -20.08 18.84 -50.21
C ALA F 447 -19.24 19.48 -51.31
N ALA F 448 -18.26 20.31 -50.95
CA ALA F 448 -17.40 20.93 -51.96
C ALA F 448 -16.58 19.88 -52.69
N VAL F 449 -16.09 18.87 -51.96
CA VAL F 449 -15.33 17.80 -52.61
C VAL F 449 -16.21 17.07 -53.62
N LEU F 450 -17.46 16.77 -53.23
CA LEU F 450 -18.40 16.15 -54.15
C LEU F 450 -19.07 17.16 -55.07
N GLY F 451 -18.83 18.45 -54.89
CA GLY F 451 -19.39 19.46 -55.76
C GLY F 451 -18.34 20.18 -56.56
N GLY F 452 -17.07 19.87 -56.30
CA GLY F 452 -15.96 20.43 -57.04
C GLY F 452 -15.49 21.79 -56.54
N GLY F 453 -16.16 22.37 -55.55
CA GLY F 453 -15.79 23.67 -55.04
C GLY F 453 -17.00 24.58 -54.89
N LEU F 454 -18.04 24.31 -55.67
CA LEU F 454 -19.30 25.04 -55.58
C LEU F 454 -20.28 24.22 -54.74
N LEU F 455 -20.83 24.85 -53.71
CA LEU F 455 -21.70 24.17 -52.75
C LEU F 455 -23.15 24.39 -53.19
N THR F 456 -23.61 23.56 -54.11
CA THR F 456 -24.99 23.58 -54.55
C THR F 456 -25.84 22.65 -53.68
N ALA F 457 -27.15 22.69 -53.92
CA ALA F 457 -28.05 21.82 -53.18
C ALA F 457 -27.75 20.35 -53.47
N GLU F 458 -27.46 20.03 -54.73
CA GLU F 458 -27.12 18.65 -55.09
C GLU F 458 -25.85 18.20 -54.39
N SER F 459 -24.84 19.08 -54.32
CA SER F 459 -23.60 18.72 -53.65
C SER F 459 -23.81 18.43 -52.18
N VAL F 460 -24.60 19.28 -51.50
CA VAL F 460 -24.87 19.06 -50.08
C VAL F 460 -25.67 17.77 -49.88
N GLU F 461 -26.65 17.53 -50.75
CA GLU F 461 -27.44 16.31 -50.64
C GLU F 461 -26.57 15.08 -50.84
N GLN F 462 -25.65 15.14 -51.80
CA GLN F 462 -24.74 14.02 -52.03
C GLN F 462 -23.79 13.83 -50.85
N ALA F 463 -23.33 14.92 -50.24
CA ALA F 463 -22.50 14.80 -49.05
C ALA F 463 -23.25 14.13 -47.91
N ILE F 464 -24.51 14.52 -47.71
CA ILE F 464 -25.32 13.91 -46.67
C ILE F 464 -25.56 12.43 -46.96
N ALA F 465 -25.85 12.10 -48.22
CA ALA F 465 -26.04 10.70 -48.59
C ALA F 465 -24.77 9.89 -48.37
N ALA F 466 -23.61 10.45 -48.68
CA ALA F 466 -22.35 9.77 -48.42
C ALA F 466 -22.14 9.57 -46.93
N ARG F 467 -22.49 10.57 -46.12
CA ARG F 467 -22.40 10.41 -44.67
C ARG F 467 -23.30 9.29 -44.17
N GLU F 468 -24.52 9.20 -44.71
CA GLU F 468 -25.46 8.17 -44.27
C GLU F 468 -25.01 6.78 -44.72
N HIS F 469 -24.50 6.65 -45.93
CA HIS F 469 -24.14 5.34 -46.47
C HIS F 469 -22.85 4.80 -45.86
N ARG F 470 -21.92 5.67 -45.50
CA ARG F 470 -20.62 5.22 -44.99
C ARG F 470 -20.73 4.44 -43.69
N SER F 471 -21.83 4.59 -42.96
CA SER F 471 -22.06 3.83 -41.74
C SER F 471 -23.18 2.80 -41.88
N PHE F 472 -23.73 2.64 -43.08
CA PHE F 472 -24.88 1.77 -43.31
C PHE F 472 -24.50 0.29 -43.26
N LEU F 473 -23.21 -0.03 -43.13
CA LEU F 473 -22.77 -1.42 -43.17
C LEU F 473 -23.42 -2.25 -42.06
N SER F 474 -23.46 -1.71 -40.83
CA SER F 474 -24.09 -2.42 -39.73
C SER F 474 -25.58 -2.63 -39.99
N GLU F 475 -26.27 -1.59 -40.45
CA GLU F 475 -27.68 -1.73 -40.77
C GLU F 475 -27.90 -2.68 -41.94
N GLU F 476 -26.98 -2.68 -42.92
CA GLU F 476 -27.09 -3.63 -44.03
C GLU F 476 -26.98 -5.07 -43.53
N GLU F 477 -26.02 -5.33 -42.64
CA GLU F 477 -25.88 -6.67 -42.07
C GLU F 477 -27.12 -7.06 -41.27
N PHE F 478 -27.66 -6.11 -40.48
CA PHE F 478 -28.86 -6.40 -39.71
C PHE F 478 -30.05 -6.71 -40.62
N LEU F 479 -30.22 -5.93 -41.69
CA LEU F 479 -31.32 -6.16 -42.60
C LEU F 479 -31.17 -7.51 -43.31
N ARG F 480 -29.95 -7.85 -43.72
CA ARG F 480 -29.72 -9.15 -44.36
C ARG F 480 -30.04 -10.29 -43.40
N ALA F 481 -29.61 -10.16 -42.14
CA ALA F 481 -29.91 -11.21 -41.16
C ALA F 481 -31.40 -11.34 -40.91
N VAL F 482 -32.11 -10.20 -40.83
CA VAL F 482 -33.55 -10.25 -40.60
C VAL F 482 -34.26 -10.89 -41.79
N GLN F 483 -33.85 -10.53 -43.01
CA GLN F 483 -34.45 -11.11 -44.20
C GLN F 483 -34.18 -12.61 -44.30
N GLU F 484 -32.97 -13.05 -43.93
CA GLU F 484 -32.67 -14.47 -43.93
C GLU F 484 -33.51 -15.22 -42.90
N GLY F 485 -33.80 -14.59 -41.77
CA GLY F 485 -34.58 -15.21 -40.72
C GLY F 485 -33.84 -15.43 -39.42
N VAL F 486 -32.65 -14.87 -39.25
CA VAL F 486 -31.91 -15.02 -37.99
C VAL F 486 -32.69 -14.35 -36.86
N ILE F 487 -33.20 -13.15 -37.11
CA ILE F 487 -33.97 -12.39 -36.12
C ILE F 487 -35.45 -12.50 -36.49
N ARG F 488 -36.27 -12.84 -35.51
CA ARG F 488 -37.71 -13.00 -35.72
C ARG F 488 -38.37 -11.63 -35.66
N LEU F 489 -38.86 -11.16 -36.81
CA LEU F 489 -39.55 -9.89 -36.89
C LEU F 489 -40.67 -9.99 -37.91
N ARG F 490 -41.71 -9.19 -37.70
CA ARG F 490 -42.84 -9.15 -38.61
C ARG F 490 -43.22 -7.70 -38.87
N THR F 491 -43.64 -7.43 -40.12
CA THR F 491 -44.18 -6.13 -40.47
C THR F 491 -45.61 -6.23 -40.96
N THR F 492 -46.17 -7.44 -41.04
CA THR F 492 -47.55 -7.64 -41.43
C THR F 492 -48.18 -8.66 -40.49
N GLY F 493 -49.41 -8.39 -40.08
CA GLY F 493 -50.11 -9.26 -39.17
C GLY F 493 -50.00 -8.82 -37.72
N ARG F 494 -50.63 -9.61 -36.85
CA ARG F 494 -50.71 -9.30 -35.43
C ARG F 494 -50.20 -10.48 -34.61
N ALA F 495 -49.74 -10.18 -33.40
CA ALA F 495 -49.29 -11.19 -32.47
C ALA F 495 -49.66 -10.76 -31.05
N VAL F 496 -50.13 -11.71 -30.25
CA VAL F 496 -50.56 -11.41 -28.88
C VAL F 496 -49.34 -11.50 -27.97
N GLY F 497 -49.07 -10.43 -27.23
CA GLY F 497 -47.93 -10.43 -26.34
C GLY F 497 -46.62 -10.14 -26.99
N GLU F 498 -46.61 -9.91 -28.30
CA GLU F 498 -45.40 -9.62 -29.05
C GLU F 498 -45.48 -8.21 -29.62
N VAL F 499 -44.43 -7.42 -29.39
CA VAL F 499 -44.39 -6.04 -29.87
C VAL F 499 -42.99 -5.78 -30.43
N ASN F 500 -42.88 -4.75 -31.27
CA ASN F 500 -41.64 -4.39 -31.93
C ASN F 500 -41.17 -3.06 -31.34
N SER F 501 -40.38 -3.14 -30.28
CA SER F 501 -39.83 -1.94 -29.67
C SER F 501 -38.71 -1.38 -30.52
N LEU F 502 -38.41 -0.09 -30.32
CA LEU F 502 -37.33 0.58 -31.02
C LEU F 502 -36.24 0.94 -30.03
N VAL F 503 -35.11 0.26 -30.09
CA VAL F 503 -34.05 0.45 -29.12
C VAL F 503 -32.75 0.74 -29.85
N VAL F 504 -31.82 1.38 -29.13
CA VAL F 504 -30.50 1.69 -29.64
C VAL F 504 -29.52 0.74 -28.98
N VAL F 505 -28.83 -0.05 -29.80
CA VAL F 505 -27.91 -1.04 -29.31
C VAL F 505 -26.49 -0.48 -29.38
N GLU F 506 -25.56 -1.15 -28.70
CA GLU F 506 -24.16 -0.72 -28.67
C GLU F 506 -23.37 -1.23 -29.87
N ALA F 507 -23.99 -2.00 -30.74
CA ALA F 507 -23.39 -2.39 -32.01
C ALA F 507 -23.53 -1.28 -33.06
N ALA F 508 -24.40 -0.31 -32.82
CA ALA F 508 -24.59 0.86 -33.68
C ALA F 508 -25.29 1.93 -32.85
N PRO F 509 -24.56 2.63 -31.98
CA PRO F 509 -25.23 3.54 -31.03
C PRO F 509 -25.73 4.82 -31.67
N TYR F 510 -25.61 4.94 -32.99
CA TYR F 510 -26.07 6.12 -33.71
C TYR F 510 -27.32 5.86 -34.54
N TRP F 511 -27.97 4.71 -34.38
CA TRP F 511 -29.29 4.50 -34.93
C TRP F 511 -30.13 3.69 -33.96
N GLY F 512 -31.44 3.74 -34.15
CA GLY F 512 -32.36 2.88 -33.46
C GLY F 512 -32.87 1.79 -34.39
N ARG F 513 -33.03 0.59 -33.84
CA ARG F 513 -33.46 -0.57 -34.62
C ARG F 513 -34.53 -1.30 -33.84
N PRO F 514 -35.39 -2.05 -34.50
CA PRO F 514 -36.44 -2.79 -33.80
C PRO F 514 -35.91 -4.02 -33.08
N ALA F 515 -36.66 -4.41 -32.05
CA ALA F 515 -36.36 -5.59 -31.25
C ALA F 515 -37.68 -6.19 -30.79
N ARG F 516 -37.76 -7.51 -30.76
CA ARG F 516 -39.02 -8.19 -30.45
C ARG F 516 -39.13 -8.37 -28.94
N LEU F 517 -40.12 -7.71 -28.35
CA LEU F 517 -40.45 -7.89 -26.94
C LEU F 517 -41.61 -8.85 -26.81
N THR F 518 -41.45 -9.84 -25.93
CA THR F 518 -42.46 -10.83 -25.64
C THR F 518 -42.91 -10.69 -24.19
N ALA F 519 -44.23 -10.77 -23.98
CA ALA F 519 -44.82 -10.68 -22.65
C ALA F 519 -45.55 -11.97 -22.35
N ARG F 520 -45.19 -12.59 -21.23
CA ARG F 520 -45.82 -13.84 -20.80
C ARG F 520 -46.48 -13.62 -19.45
N ALA F 521 -47.78 -13.82 -19.38
CA ALA F 521 -48.54 -13.65 -18.14
C ALA F 521 -48.73 -15.00 -17.47
N ALA F 522 -48.42 -15.08 -16.19
CA ALA F 522 -48.54 -16.30 -15.43
C ALA F 522 -49.18 -16.04 -14.08
N PRO F 523 -49.87 -17.02 -13.51
CA PRO F 523 -50.36 -16.86 -12.13
C PRO F 523 -49.18 -16.75 -11.16
N GLY F 524 -49.19 -15.69 -10.38
CA GLY F 524 -48.12 -15.43 -9.44
C GLY F 524 -48.50 -14.36 -8.46
N ARG F 525 -47.53 -13.52 -8.11
CA ARG F 525 -47.72 -12.45 -7.14
C ARG F 525 -47.72 -11.10 -7.86
N ASP F 526 -47.90 -10.03 -7.08
CA ASP F 526 -47.97 -8.69 -7.63
C ASP F 526 -46.62 -8.19 -8.16
N HIS F 527 -45.53 -8.83 -7.77
CA HIS F 527 -44.20 -8.41 -8.21
C HIS F 527 -44.03 -8.67 -9.70
N LEU F 528 -43.38 -7.73 -10.38
CA LEU F 528 -43.15 -7.79 -11.81
C LEU F 528 -41.68 -8.15 -12.05
N ILE F 529 -41.45 -9.13 -12.91
CA ILE F 529 -40.11 -9.64 -13.16
C ILE F 529 -39.65 -9.23 -14.55
N SER F 530 -38.41 -8.77 -14.65
CA SER F 530 -37.79 -8.44 -15.92
C SER F 530 -36.62 -9.41 -16.13
N ILE F 531 -36.84 -10.40 -17.00
CA ILE F 531 -35.83 -11.44 -17.20
C ILE F 531 -34.52 -10.84 -17.68
N ASP F 532 -34.59 -9.87 -18.59
CA ASP F 532 -33.39 -9.21 -19.09
C ASP F 532 -32.71 -8.39 -18.01
N ARG F 533 -33.44 -7.99 -16.97
CA ARG F 533 -32.86 -7.27 -15.83
C ARG F 533 -32.63 -8.17 -14.63
N GLU F 534 -33.22 -9.37 -14.60
CA GLU F 534 -32.98 -10.33 -13.54
C GLU F 534 -31.96 -11.39 -13.95
N ALA F 535 -31.33 -11.23 -15.11
CA ALA F 535 -30.32 -12.15 -15.60
C ALA F 535 -29.31 -11.35 -16.40
N GLY F 536 -28.22 -12.02 -16.80
CA GLY F 536 -27.17 -11.34 -17.52
C GLY F 536 -26.46 -10.28 -16.72
N LEU F 537 -26.05 -10.59 -15.48
CA LEU F 537 -25.41 -9.63 -14.58
C LEU F 537 -26.37 -8.49 -14.21
N GLY F 538 -27.65 -8.84 -14.06
CA GLY F 538 -28.64 -7.90 -13.58
C GLY F 538 -28.93 -8.11 -12.11
N GLY F 539 -29.02 -9.38 -11.70
CA GLY F 539 -29.20 -9.72 -10.31
C GLY F 539 -30.56 -9.32 -9.76
N GLN F 540 -30.65 -9.43 -8.44
CA GLN F 540 -31.85 -9.04 -7.70
C GLN F 540 -31.86 -7.56 -7.34
N ILE F 541 -31.11 -6.74 -8.07
CA ILE F 541 -31.09 -5.31 -7.81
C ILE F 541 -32.43 -4.69 -8.16
N PHE F 542 -32.92 -3.82 -7.26
CA PHE F 542 -34.17 -3.13 -7.51
C PHE F 542 -34.03 -2.18 -8.70
N HIS F 543 -35.06 -2.16 -9.55
CA HIS F 543 -35.04 -1.42 -10.80
C HIS F 543 -36.21 -0.45 -10.80
N LYS F 544 -35.95 0.80 -11.18
CA LYS F 544 -36.99 1.82 -11.07
C LYS F 544 -38.08 1.64 -12.11
N ALA F 545 -37.72 1.22 -13.33
CA ALA F 545 -38.72 1.12 -14.40
C ALA F 545 -39.72 0.00 -14.12
N VAL F 546 -39.24 -1.13 -13.61
CA VAL F 546 -40.15 -2.22 -13.29
C VAL F 546 -41.07 -1.82 -12.14
N LEU F 547 -40.55 -1.04 -11.19
CA LEU F 547 -41.40 -0.50 -10.13
C LEU F 547 -42.45 0.44 -10.70
N THR F 548 -42.07 1.25 -11.70
CA THR F 548 -43.02 2.15 -12.35
C THR F 548 -44.14 1.35 -13.02
N LEU F 549 -43.77 0.30 -13.76
CA LEU F 549 -44.78 -0.53 -14.40
C LEU F 549 -45.69 -1.20 -13.38
N ALA F 550 -45.11 -1.74 -12.31
CA ALA F 550 -45.91 -2.38 -11.28
C ALA F 550 -46.87 -1.39 -10.64
N GLY F 551 -46.40 -0.19 -10.34
CA GLY F 551 -47.27 0.82 -9.76
C GLY F 551 -48.41 1.21 -10.69
N TYR F 552 -48.10 1.38 -11.98
CA TYR F 552 -49.14 1.68 -12.96
C TYR F 552 -50.20 0.60 -12.98
N LEU F 553 -49.78 -0.66 -13.13
CA LEU F 553 -50.73 -1.75 -13.25
C LEU F 553 -51.54 -1.93 -11.98
N ARG F 554 -50.88 -1.82 -10.82
CA ARG F 554 -51.57 -2.02 -9.55
C ARG F 554 -52.49 -0.84 -9.22
N SER F 555 -52.21 0.33 -9.79
CA SER F 555 -52.99 1.51 -9.43
C SER F 555 -54.21 1.69 -10.33
N ARG F 556 -54.06 1.45 -11.63
CA ARG F 556 -55.19 1.70 -12.52
C ARG F 556 -56.26 0.62 -12.44
N TYR F 557 -55.86 -0.64 -12.29
CA TYR F 557 -56.79 -1.75 -12.28
C TYR F 557 -57.04 -2.17 -10.84
N ILE F 558 -58.25 -1.91 -10.34
CA ILE F 558 -58.60 -2.09 -8.94
C ILE F 558 -59.85 -2.96 -8.87
N GLU F 559 -59.67 -4.27 -8.75
CA GLU F 559 -60.79 -5.15 -8.49
C GLU F 559 -60.40 -6.20 -7.46
N HIS F 560 -59.15 -6.16 -7.01
CA HIS F 560 -58.66 -7.12 -6.03
C HIS F 560 -57.82 -6.42 -4.97
N GLY F 561 -57.38 -7.16 -3.96
CA GLY F 561 -56.53 -6.60 -2.92
C GLY F 561 -55.06 -6.60 -3.33
N SER F 562 -54.73 -7.41 -4.32
CA SER F 562 -53.37 -7.51 -4.84
C SER F 562 -53.42 -8.01 -6.27
N LEU F 563 -52.32 -7.80 -6.99
CA LEU F 563 -52.20 -8.30 -8.35
C LEU F 563 -51.87 -9.79 -8.29
N PRO F 564 -52.72 -10.67 -8.84
CA PRO F 564 -52.46 -12.10 -8.73
C PRO F 564 -51.68 -12.67 -9.90
N VAL F 565 -51.10 -11.80 -10.74
CA VAL F 565 -50.45 -12.20 -11.98
C VAL F 565 -49.05 -11.60 -12.04
N THR F 566 -48.10 -12.38 -12.53
CA THR F 566 -46.75 -11.91 -12.80
C THR F 566 -46.50 -11.95 -14.30
N ILE F 567 -45.87 -10.90 -14.82
CA ILE F 567 -45.65 -10.75 -16.26
C ILE F 567 -44.14 -10.75 -16.51
N SER F 568 -43.69 -11.70 -17.30
CA SER F 568 -42.30 -11.80 -17.73
C SER F 568 -42.16 -11.07 -19.07
N LEU F 569 -41.34 -10.02 -19.07
CA LEU F 569 -41.05 -9.25 -20.27
C LEU F 569 -39.63 -9.60 -20.73
N ALA F 570 -39.51 -10.08 -21.96
CA ALA F 570 -38.21 -10.50 -22.47
C ALA F 570 -37.97 -9.92 -23.85
N PHE F 571 -36.76 -9.42 -24.08
CA PHE F 571 -36.33 -8.93 -25.38
C PHE F 571 -35.72 -10.10 -26.14
N GLU F 572 -36.39 -10.52 -27.21
CA GLU F 572 -35.88 -11.63 -28.01
C GLU F 572 -34.57 -11.24 -28.67
N GLN F 573 -33.72 -12.25 -28.92
CA GLN F 573 -32.37 -12.08 -29.43
C GLN F 573 -31.47 -11.49 -28.35
N ASN F 574 -30.15 -11.54 -28.56
CA ASN F 574 -29.20 -11.14 -27.53
C ASN F 574 -28.48 -9.83 -27.84
N TYR F 575 -28.87 -9.11 -28.91
CA TYR F 575 -28.25 -7.83 -29.22
C TYR F 575 -28.94 -6.67 -28.54
N VAL F 576 -29.97 -6.93 -27.74
CA VAL F 576 -30.79 -5.86 -27.17
C VAL F 576 -30.01 -5.13 -26.08
N SER F 577 -30.20 -3.82 -26.00
CA SER F 577 -29.62 -2.99 -24.95
C SER F 577 -30.55 -1.80 -24.73
N ILE F 578 -31.25 -1.79 -23.61
CA ILE F 578 -32.21 -0.73 -23.28
C ILE F 578 -31.74 -0.02 -22.02
N GLU F 579 -32.17 1.24 -21.87
CA GLU F 579 -31.79 2.02 -20.71
C GLU F 579 -32.48 1.48 -19.45
N GLY F 580 -31.77 1.59 -18.32
CA GLY F 580 -32.30 1.10 -17.06
C GLY F 580 -32.96 2.17 -16.22
N ASP F 581 -32.80 3.43 -16.61
CA ASP F 581 -33.40 4.53 -15.87
C ASP F 581 -34.78 4.90 -16.39
N SER F 582 -35.22 4.33 -17.50
CA SER F 582 -36.47 4.71 -18.14
C SER F 582 -37.32 3.47 -18.40
N ALA F 583 -38.63 3.70 -18.47
CA ALA F 583 -39.59 2.64 -18.74
C ALA F 583 -40.19 2.86 -20.13
N GLY F 584 -39.90 1.96 -21.05
CA GLY F 584 -40.39 2.11 -22.41
C GLY F 584 -41.87 1.79 -22.52
N LEU F 585 -42.54 2.48 -23.45
CA LEU F 585 -43.96 2.26 -23.65
C LEU F 585 -44.24 0.86 -24.19
N ALA F 586 -43.26 0.27 -24.89
CA ALA F 586 -43.43 -1.07 -25.44
C ALA F 586 -43.68 -2.08 -24.33
N GLU F 587 -42.95 -1.97 -23.22
CA GLU F 587 -43.15 -2.90 -22.11
C GLU F 587 -44.55 -2.78 -21.55
N LEU F 588 -45.04 -1.54 -21.39
CA LEU F 588 -46.37 -1.34 -20.83
C LEU F 588 -47.45 -1.89 -21.74
N VAL F 589 -47.35 -1.62 -23.05
CA VAL F 589 -48.36 -2.11 -23.97
C VAL F 589 -48.30 -3.63 -24.07
N ALA F 590 -47.09 -4.20 -24.01
CA ALA F 590 -46.97 -5.65 -24.02
C ALA F 590 -47.60 -6.28 -22.79
N ALA F 591 -47.37 -5.68 -21.61
CA ALA F 591 -47.98 -6.20 -20.40
C ALA F 591 -49.50 -6.09 -20.46
N LEU F 592 -50.01 -4.98 -20.97
CA LEU F 592 -51.46 -4.81 -21.08
C LEU F 592 -52.06 -5.83 -22.04
N SER F 593 -51.39 -6.09 -23.16
CA SER F 593 -51.87 -7.12 -24.08
C SER F 593 -51.82 -8.50 -23.44
N ALA F 594 -50.74 -8.80 -22.72
CA ALA F 594 -50.62 -10.11 -22.09
C ALA F 594 -51.71 -10.33 -21.05
N ILE F 595 -51.98 -9.32 -20.22
CA ILE F 595 -53.03 -9.47 -19.21
C ILE F 595 -54.41 -9.49 -19.86
N GLY F 596 -54.55 -8.82 -21.01
CA GLY F 596 -55.82 -8.79 -21.69
C GLY F 596 -55.98 -9.76 -22.83
N ASN F 597 -54.93 -10.48 -23.20
CA ASN F 597 -54.93 -11.39 -24.35
C ASN F 597 -55.41 -10.64 -25.61
N LEU F 598 -54.75 -9.51 -25.86
CA LEU F 598 -55.12 -8.66 -26.99
C LEU F 598 -54.12 -8.82 -28.14
N PRO F 599 -54.61 -8.71 -29.37
CA PRO F 599 -53.70 -8.83 -30.53
C PRO F 599 -52.92 -7.55 -30.78
N LEU F 600 -51.60 -7.59 -30.56
CA LEU F 600 -50.76 -6.44 -30.87
C LEU F 600 -50.40 -6.43 -32.34
N ARG F 601 -50.58 -5.29 -32.98
CA ARG F 601 -50.17 -5.14 -34.37
C ARG F 601 -48.65 -5.14 -34.46
N GLN F 602 -48.11 -6.02 -35.31
CA GLN F 602 -46.69 -6.01 -35.62
C GLN F 602 -46.35 -4.97 -36.68
N ASP F 603 -47.37 -4.31 -37.24
CA ASP F 603 -47.14 -3.32 -38.28
C ASP F 603 -46.49 -2.07 -37.72
N LEU F 604 -46.95 -1.61 -36.55
CA LEU F 604 -46.53 -0.34 -35.99
C LEU F 604 -45.56 -0.59 -34.83
N ALA F 605 -44.40 0.07 -34.90
CA ALA F 605 -43.44 0.01 -33.81
C ALA F 605 -43.81 1.01 -32.71
N VAL F 606 -43.42 0.68 -31.49
CA VAL F 606 -43.70 1.49 -30.32
C VAL F 606 -42.37 1.95 -29.73
N THR F 607 -42.26 3.25 -29.48
CA THR F 607 -41.04 3.83 -28.94
C THR F 607 -41.40 4.94 -27.97
N GLY F 608 -40.43 5.30 -27.14
CA GLY F 608 -40.62 6.35 -26.16
C GLY F 608 -40.80 5.81 -24.76
N ALA F 609 -40.48 6.64 -23.77
CA ALA F 609 -40.60 6.24 -22.37
C ALA F 609 -41.98 6.62 -21.83
N VAL F 610 -42.28 6.13 -20.64
CA VAL F 610 -43.56 6.42 -19.99
C VAL F 610 -43.39 6.21 -18.49
N ASP F 611 -44.10 7.00 -17.70
CA ASP F 611 -44.09 6.92 -16.25
C ASP F 611 -45.37 6.22 -15.77
N GLN F 612 -45.55 6.16 -14.45
CA GLN F 612 -46.70 5.50 -13.86
C GLN F 612 -47.98 6.31 -14.01
N THR F 613 -47.88 7.57 -14.45
CA THR F 613 -49.06 8.34 -14.82
C THR F 613 -49.72 7.79 -16.06
N GLY F 614 -48.96 7.09 -16.90
CA GLY F 614 -49.41 6.72 -18.22
C GLY F 614 -49.12 7.76 -19.28
N LYS F 615 -48.35 8.80 -18.95
CA LYS F 615 -48.01 9.87 -19.87
C LYS F 615 -46.71 9.50 -20.58
N VAL F 616 -46.76 9.41 -21.90
CA VAL F 616 -45.63 8.94 -22.68
C VAL F 616 -44.54 10.01 -22.67
N LEU F 617 -43.31 9.60 -22.39
CA LEU F 617 -42.18 10.51 -22.24
C LEU F 617 -41.32 10.53 -23.50
N ALA F 618 -40.84 11.72 -23.84
CA ALA F 618 -40.00 11.88 -25.02
C ALA F 618 -38.66 11.18 -24.84
N VAL F 619 -38.09 10.73 -25.95
CA VAL F 619 -36.80 10.07 -25.96
C VAL F 619 -35.96 10.69 -27.07
N GLY F 620 -34.64 10.72 -26.87
CA GLY F 620 -33.75 11.27 -27.88
C GLY F 620 -33.54 10.31 -29.04
N ALA F 621 -32.99 10.84 -30.12
CA ALA F 621 -32.68 10.07 -31.33
C ALA F 621 -33.92 9.36 -31.87
N ILE F 622 -35.05 10.07 -31.86
CA ILE F 622 -36.29 9.50 -32.36
C ILE F 622 -36.21 9.28 -33.86
N ASN F 623 -35.57 10.20 -34.59
CA ASN F 623 -35.43 10.04 -36.02
C ASN F 623 -34.60 8.80 -36.36
N ALA F 624 -33.60 8.49 -35.55
CA ALA F 624 -32.80 7.30 -35.79
C ALA F 624 -33.64 6.04 -35.70
N LYS F 625 -34.48 5.92 -34.67
CA LYS F 625 -35.33 4.75 -34.53
C LYS F 625 -36.36 4.68 -35.65
N VAL F 626 -36.94 5.83 -36.03
CA VAL F 626 -37.91 5.83 -37.12
C VAL F 626 -37.26 5.37 -38.42
N GLU F 627 -36.06 5.87 -38.70
CA GLU F 627 -35.35 5.48 -39.91
C GLU F 627 -34.96 4.00 -39.89
N GLY F 628 -34.55 3.49 -38.73
CA GLY F 628 -34.23 2.08 -38.62
C GLY F 628 -35.44 1.20 -38.88
N PHE F 629 -36.59 1.56 -38.29
CA PHE F 629 -37.80 0.79 -38.54
C PHE F 629 -38.23 0.90 -40.00
N PHE F 630 -38.04 2.07 -40.61
CA PHE F 630 -38.36 2.22 -42.03
C PHE F 630 -37.47 1.32 -42.88
N ARG F 631 -36.19 1.25 -42.55
CA ARG F 631 -35.29 0.36 -43.28
C ARG F 631 -35.71 -1.09 -43.13
N VAL F 632 -36.10 -1.49 -41.92
CA VAL F 632 -36.56 -2.86 -41.70
C VAL F 632 -37.82 -3.15 -42.51
N CYS F 633 -38.77 -2.21 -42.51
CA CYS F 633 -40.00 -2.41 -43.27
C CYS F 633 -39.72 -2.50 -44.77
N LYS F 634 -38.79 -1.68 -45.28
CA LYS F 634 -38.41 -1.79 -46.68
C LYS F 634 -37.75 -3.13 -46.97
N ALA F 635 -36.90 -3.62 -46.06
CA ALA F 635 -36.27 -4.91 -46.27
C ALA F 635 -37.31 -6.03 -46.31
N LEU F 636 -38.31 -5.96 -45.44
CA LEU F 636 -39.39 -6.94 -45.42
C LEU F 636 -40.57 -6.55 -46.31
N GLY F 637 -40.49 -5.41 -47.00
CA GLY F 637 -41.54 -5.00 -47.92
C GLY F 637 -42.64 -4.21 -47.26
N LEU F 638 -43.11 -3.16 -47.93
CA LEU F 638 -44.17 -2.32 -47.41
C LEU F 638 -45.54 -2.84 -47.85
N SER F 639 -46.56 -2.47 -47.08
CA SER F 639 -47.93 -2.88 -47.38
C SER F 639 -48.89 -1.72 -47.16
N GLY F 640 -48.36 -0.52 -46.96
CA GLY F 640 -49.21 0.63 -46.69
C GLY F 640 -49.81 0.62 -45.30
N THR F 641 -49.25 -0.17 -44.39
CA THR F 641 -49.77 -0.27 -43.02
C THR F 641 -48.71 -0.06 -41.94
N GLN F 642 -47.44 -0.35 -42.20
CA GLN F 642 -46.41 -0.20 -41.18
C GLN F 642 -46.24 1.26 -40.80
N GLY F 643 -45.87 1.47 -39.54
CA GLY F 643 -45.72 2.82 -39.02
C GLY F 643 -44.98 2.80 -37.71
N VAL F 644 -44.82 3.99 -37.13
CA VAL F 644 -44.11 4.16 -35.87
C VAL F 644 -45.01 4.93 -34.91
N ILE F 645 -45.14 4.43 -33.69
CA ILE F 645 -45.88 5.12 -32.64
C ILE F 645 -44.85 5.76 -31.71
N LEU F 646 -44.83 7.08 -31.68
CA LEU F 646 -43.82 7.84 -30.95
C LEU F 646 -44.53 8.84 -30.05
N PRO F 647 -43.87 9.29 -28.98
CA PRO F 647 -44.48 10.27 -28.08
C PRO F 647 -44.83 11.56 -28.82
N GLU F 648 -45.97 12.15 -28.43
CA GLU F 648 -46.32 13.47 -28.94
C GLU F 648 -45.33 14.53 -28.50
N ALA F 649 -44.58 14.28 -27.44
CA ALA F 649 -43.59 15.24 -26.97
C ALA F 649 -42.45 15.41 -27.97
N ASN F 650 -42.26 14.44 -28.86
CA ASN F 650 -41.21 14.50 -29.85
C ASN F 650 -41.62 15.24 -31.12
N LEU F 651 -42.85 15.77 -31.16
CA LEU F 651 -43.37 16.45 -32.34
C LEU F 651 -42.61 17.73 -32.67
N ALA F 652 -41.84 18.27 -31.72
CA ALA F 652 -41.01 19.43 -31.99
C ALA F 652 -39.54 19.09 -32.15
N ASN F 653 -39.17 17.80 -32.08
CA ASN F 653 -37.79 17.39 -32.29
C ASN F 653 -37.65 16.41 -33.45
N LEU F 654 -38.62 16.40 -34.38
CA LEU F 654 -38.55 15.51 -35.53
C LEU F 654 -37.92 16.22 -36.72
N THR F 655 -36.88 15.59 -37.28
CA THR F 655 -36.18 16.12 -38.45
C THR F 655 -36.02 14.99 -39.47
N LEU F 656 -37.13 14.31 -39.74
CA LEU F 656 -37.12 13.10 -40.54
C LEU F 656 -36.59 13.36 -41.95
N ARG F 657 -36.18 12.26 -42.60
CA ARG F 657 -35.60 12.31 -43.93
C ARG F 657 -36.67 12.53 -44.99
N ALA F 658 -36.22 12.75 -46.22
CA ALA F 658 -37.16 12.92 -47.33
C ALA F 658 -37.84 11.60 -47.68
N GLU F 659 -37.12 10.48 -47.56
CA GLU F 659 -37.67 9.20 -47.96
C GLU F 659 -38.86 8.80 -47.07
N VAL F 660 -38.74 9.02 -45.77
CA VAL F 660 -39.84 8.64 -44.87
C VAL F 660 -41.04 9.55 -45.09
N LEU F 661 -40.81 10.84 -45.34
CA LEU F 661 -41.92 11.74 -45.65
C LEU F 661 -42.61 11.33 -46.94
N GLU F 662 -41.83 10.93 -47.95
CA GLU F 662 -42.40 10.46 -49.20
C GLU F 662 -43.24 9.20 -48.97
N ALA F 663 -42.73 8.29 -48.14
CA ALA F 663 -43.49 7.07 -47.82
C ALA F 663 -44.80 7.40 -47.11
N VAL F 664 -44.76 8.35 -46.17
CA VAL F 664 -45.98 8.72 -45.46
C VAL F 664 -46.98 9.37 -46.42
N ARG F 665 -46.50 10.28 -47.27
CA ARG F 665 -47.38 10.95 -48.21
C ARG F 665 -48.00 9.97 -49.19
N ALA F 666 -47.22 9.01 -49.69
CA ALA F 666 -47.73 7.99 -50.59
C ALA F 666 -48.64 6.99 -49.90
N GLY F 667 -48.73 7.02 -48.57
CA GLY F 667 -49.57 6.09 -47.86
C GLY F 667 -48.94 4.74 -47.60
N GLN F 668 -47.68 4.56 -47.97
CA GLN F 668 -46.97 3.31 -47.71
C GLN F 668 -46.39 3.24 -46.31
N PHE F 669 -46.49 4.32 -45.54
CA PHE F 669 -46.00 4.33 -44.17
C PHE F 669 -46.84 5.31 -43.36
N HIS F 670 -46.85 5.12 -42.05
CA HIS F 670 -47.67 5.94 -41.16
C HIS F 670 -46.85 6.43 -39.98
N ILE F 671 -47.29 7.53 -39.38
CA ILE F 671 -46.70 8.07 -38.16
C ILE F 671 -47.81 8.34 -37.18
N TYR F 672 -47.76 7.67 -36.02
CA TYR F 672 -48.76 7.81 -34.97
C TYR F 672 -48.11 8.49 -33.77
N ALA F 673 -48.69 9.61 -33.35
CA ALA F 673 -48.20 10.35 -32.20
C ALA F 673 -49.17 10.15 -31.04
N VAL F 674 -48.65 9.71 -29.91
CA VAL F 674 -49.47 9.44 -28.73
C VAL F 674 -48.88 10.18 -27.53
N GLU F 675 -49.74 10.51 -26.58
CA GLU F 675 -49.34 11.10 -25.31
C GLU F 675 -49.66 10.21 -24.12
N THR F 676 -50.64 9.33 -24.24
CA THR F 676 -51.03 8.43 -23.16
C THR F 676 -50.90 7.00 -23.64
N ALA F 677 -50.56 6.09 -22.72
CA ALA F 677 -50.42 4.69 -23.08
C ALA F 677 -51.73 4.10 -23.58
N GLU F 678 -52.86 4.64 -23.12
CA GLU F 678 -54.15 4.12 -23.56
C GLU F 678 -54.34 4.32 -25.06
N GLN F 679 -53.92 5.47 -25.58
CA GLN F 679 -53.99 5.72 -27.02
C GLN F 679 -53.13 4.71 -27.78
N ALA F 680 -51.92 4.45 -27.29
CA ALA F 680 -51.06 3.48 -27.94
C ALA F 680 -51.68 2.08 -27.94
N LEU F 681 -52.29 1.69 -26.82
CA LEU F 681 -52.94 0.39 -26.77
C LEU F 681 -54.12 0.33 -27.73
N GLU F 682 -54.90 1.42 -27.81
CA GLU F 682 -56.03 1.45 -28.74
C GLU F 682 -55.56 1.30 -30.18
N ILE F 683 -54.48 1.99 -30.54
CA ILE F 683 -53.97 1.89 -31.91
C ILE F 683 -53.42 0.48 -32.17
N LEU F 684 -52.71 -0.09 -31.19
CA LEU F 684 -52.11 -1.40 -31.39
C LEU F 684 -53.17 -2.49 -31.52
N ALA F 685 -54.20 -2.46 -30.68
CA ALA F 685 -55.22 -3.49 -30.73
C ALA F 685 -56.37 -3.16 -31.68
N GLY F 686 -56.43 -1.93 -32.19
CA GLY F 686 -57.48 -1.57 -33.11
C GLY F 686 -58.86 -1.45 -32.50
N ALA F 687 -58.95 -1.22 -31.19
CA ALA F 687 -60.23 -1.11 -30.51
C ALA F 687 -60.11 -0.09 -29.38
N ARG F 688 -61.24 0.44 -28.96
CA ARG F 688 -61.27 1.46 -27.92
C ARG F 688 -61.20 0.83 -26.54
N MET F 689 -60.70 1.60 -25.58
CA MET F 689 -60.73 1.19 -24.19
C MET F 689 -62.18 1.04 -23.70
N GLU F 690 -63.03 2.01 -24.02
CA GLU F 690 -64.39 2.04 -23.51
C GLU F 690 -65.29 1.14 -24.36
N GLY F 691 -66.57 1.14 -24.03
CA GLY F 691 -67.54 0.34 -24.74
C GLY F 691 -67.73 -1.02 -24.10
N PHE F 692 -68.86 -1.65 -24.42
CA PHE F 692 -69.17 -2.98 -23.91
C PHE F 692 -68.19 -3.99 -24.50
N ARG F 693 -67.75 -4.94 -23.67
CA ARG F 693 -66.76 -5.93 -24.06
C ARG F 693 -65.50 -5.25 -24.60
N GLY F 694 -65.06 -4.19 -23.95
CA GLY F 694 -63.90 -3.45 -24.38
C GLY F 694 -62.61 -4.15 -24.01
N LEU F 695 -61.50 -3.52 -24.39
CA LEU F 695 -60.19 -4.09 -24.10
C LEU F 695 -59.89 -4.04 -22.60
N GLN F 696 -60.35 -2.99 -21.91
CA GLN F 696 -60.23 -2.97 -20.46
C GLN F 696 -61.12 -4.04 -19.84
N GLU F 697 -62.27 -4.32 -20.46
CA GLU F 697 -63.08 -5.45 -20.01
C GLU F 697 -62.33 -6.76 -20.15
N LYS F 698 -61.61 -6.94 -21.25
CA LYS F 698 -60.81 -8.16 -21.44
C LYS F 698 -59.68 -8.23 -20.43
N ILE F 699 -59.06 -7.10 -20.11
CA ILE F 699 -58.00 -7.10 -19.11
C ILE F 699 -58.57 -7.48 -17.74
N ARG F 700 -59.72 -6.93 -17.38
CA ARG F 700 -60.37 -7.29 -16.13
C ARG F 700 -60.73 -8.77 -16.11
N ALA F 701 -61.22 -9.30 -17.23
CA ALA F 701 -61.54 -10.71 -17.31
C ALA F 701 -60.31 -11.58 -17.13
N GLY F 702 -59.18 -11.17 -17.73
CA GLY F 702 -57.94 -11.91 -17.53
C GLY F 702 -57.47 -11.86 -16.09
N LEU F 703 -57.59 -10.71 -15.44
CA LEU F 703 -57.25 -10.60 -14.03
C LEU F 703 -58.14 -11.52 -13.19
N GLU F 704 -59.44 -11.56 -13.49
CA GLU F 704 -60.34 -12.45 -12.77
C GLU F 704 -60.00 -13.91 -13.01
N ALA F 705 -59.61 -14.25 -14.23
CA ALA F 705 -59.22 -15.63 -14.54
C ALA F 705 -57.97 -16.03 -13.77
N PHE F 706 -56.98 -15.14 -13.71
CA PHE F 706 -55.77 -15.45 -12.93
C PHE F 706 -56.08 -15.51 -11.45
N ALA F 707 -57.00 -14.67 -10.96
CA ALA F 707 -57.42 -14.76 -9.57
C ALA F 707 -58.11 -16.09 -9.28
N ARG F 708 -58.94 -16.56 -10.21
CA ARG F 708 -59.59 -17.86 -10.03
C ARG F 708 -58.57 -19.00 -10.07
N LEU F 709 -57.56 -18.89 -10.93
CA LEU F 709 -56.49 -19.88 -10.93
C LEU F 709 -55.76 -19.90 -9.60
N GLU F 710 -55.47 -18.71 -9.05
CA GLU F 710 -54.82 -18.63 -7.75
C GLU F 710 -55.70 -19.20 -6.64
N GLU F 711 -57.01 -18.94 -6.69
CA GLU F 711 -57.92 -19.50 -5.71
C GLU F 711 -57.97 -21.02 -5.79
N GLY F 712 -57.97 -21.56 -7.02
CA GLY F 712 -57.94 -23.01 -7.18
C GLY F 712 -56.65 -23.61 -6.64
N HIS F 713 -55.53 -22.95 -6.91
CA HIS F 713 -54.26 -23.42 -6.35
C HIS F 713 -54.28 -23.38 -4.83
N ASP F 714 -54.84 -22.31 -4.25
CA ASP F 714 -54.91 -22.20 -2.80
C ASP F 714 -55.79 -23.28 -2.20
N LYS F 715 -56.94 -23.58 -2.82
CA LYS F 715 -57.81 -24.62 -2.29
C LYS F 715 -57.22 -26.01 -2.48
N GLU F 716 -56.45 -26.23 -3.56
CA GLU F 716 -55.71 -27.48 -3.68
C GLU F 716 -54.64 -27.59 -2.59
N ASP F 717 -53.98 -26.48 -2.27
CA ASP F 717 -53.00 -26.48 -1.19
C ASP F 717 -53.64 -26.78 0.16
N ARG F 718 -54.82 -26.21 0.42
CA ARG F 718 -55.49 -26.42 1.69
C ARG F 718 -56.12 -27.81 1.77
N GLU F 719 -57.06 -28.10 0.88
CA GLU F 719 -57.73 -29.40 0.88
C GLU F 719 -56.85 -30.46 0.23
P TS6 G . -4.10 -30.91 -26.83
O1P TS6 G . -5.46 -31.50 -27.11
S2P TS6 G . -4.06 -29.49 -25.51
O3P TS6 G . -3.41 -30.61 -28.13
O4P TS6 G . -3.27 -32.18 -26.30
P TS6 H . 9.08 -36.44 4.55
O1P TS6 H . 8.02 -37.50 4.54
S2P TS6 H . 8.45 -34.64 4.15
O3P TS6 H . 10.28 -36.89 3.77
O4P TS6 H . 9.63 -36.50 6.07
P TS6 I . 9.61 -13.78 30.51
O1P TS6 I . 8.78 -14.90 31.03
S2P TS6 I . 9.11 -13.12 28.75
O3P TS6 I . 9.79 -12.72 31.57
O4P TS6 I . 11.08 -14.45 30.47
P TS6 J . -0.43 19.13 29.36
O1P TS6 J . -1.32 18.40 30.33
S2P TS6 J . -0.26 18.30 27.61
O3P TS6 J . -0.77 20.60 29.35
O4P TS6 J . 0.98 19.13 30.13
P TS6 K . -11.93 36.13 1.72
O1P TS6 K . -13.08 36.15 2.69
S2P TS6 K . -11.10 34.40 1.44
O3P TS6 K . -12.32 36.87 0.46
O4P TS6 K . -10.89 37.14 2.40
#